data_8FLJ
#
_entry.id   8FLJ
#
_cell.length_a   1.00
_cell.length_b   1.00
_cell.length_c   1.00
_cell.angle_alpha   90.00
_cell.angle_beta   90.00
_cell.angle_gamma   90.00
#
_symmetry.space_group_name_H-M   'P 1'
#
loop_
_entity.id
_entity.type
_entity.pdbx_description
1 polymer 'CRISPR-associated endonuclease Cas1'
2 polymer 'Integration host factor subunit alpha'
3 polymer 'Integration host factor subunit beta'
4 polymer 'CRISPR leader, sense strand of DNA'
5 polymer 'CRISPR leader and repeat, anti-sense strand of DNA'
6 polymer 'CRISPR repeat and prespacer, sense strand of DNA'
7 polymer 'Prespacer, anti-sense strand of DNA'
8 polymer 'CRISPR-associated nuclease/helicase Cas3 subtype I-F/YPEST'
#
loop_
_entity_poly.entity_id
_entity_poly.type
_entity_poly.pdbx_seq_one_letter_code
_entity_poly.pdbx_strand_id
1 'polypeptide(L)'
;MWSHPQFEKENLYFQGSMDDISPSELKTILHSKRANLYYLQHCRVLVNGGRVEYVTDEGRHSHYWNIPIANTTSLLLGTG
TSITQAAMRELARAGVLVGFCGGGGTPLFSANEVDVEVSWLTPQSEYRPTEYLQRWVGFWFDEEKRLVAARHFQRARLER
IRHSWLEDRVLRDAGFAVDATALAVAVEDSARALEQAPNHEHLLTEEARLSKRLFKLAAQATRYGEFVRAKRGSGGDPAN
RFLDHGNYLAYGLAATATWVLGIPHGLAVLHGKTRRGGLVFDVADLIKDSLILPQAFLSAMRGDEEQDFRQACLDNLSRA
QALDFMIDTLKDVAQRSTVSA
;
A,B,C,D
2 'polypeptide(L)'
;GPMGALTKAEIAERLYEELGLNKREAKELVELFFEEIRQALEHNEQVKLSGFGNFDLRDKRQRPGRNPKTGEEIPITARR
VVTFRPGQKLKARVEAYAGTKS
;
E,G
3 'polypeptide(L)'
;GPMTKSELIERIVTHQGQLSAKDVELAIKTMLEQMSQALATGDRIEIRGFGSFSLHYRAPRVGRNPKTGESVRLDGKFVP
HFKPGKELRDRVNEPE
;
F,H
4 'polydeoxyribonucleotide'
;(DA)(DA)(DG)(DC)(DT)(DT)(DC)(DC)(DG)(DA)(DC)(DC)(DC)(DT)(DT)(DT)(DT)(DT)(DT)(DC)
(DG)(DG)(DA)(DC)(DG)(DA)(DT)(DT)(DT)(DA)(DA)(DA)(DA)(DA)(DA)(DC)(DC)(DC)(DT)(DT)
(DA)(DT)(DA)(DA)(DA)(DT)(DC)(DA)(DG)(DC)(DA)(DA)(DG)(DT)(DT)(DA)(DC)(DG)(DA)(DG)
(DA)(DC)(DC)(DT)(DC)(DG)(DA)(DA)(DA)(DA)(DA)(DA)(DG)(DA)(DG)(DG)(DG)(DT)(DT)(DT)
(DC)(DT)(DG)(DG)(DC)(DG)(DG)(DG)(DA)(DA)(DA)(DA)(DA)(DC)(DT)(DC)(DA)(DA)(DA)(DA)
(DA)(DA)(DC)(DG)(DC)(DT)(DT)(DC)(DG)(DA)(DA)(DA)(DT)(DC)(DA)(DA)(DC)(DC)(DG)(DG)
(DT)(DT)(DA)(DT)(DA)(DG)(DG)(DT)(DT)(DT)(DT)(DC)(DG)(DG)(DA)(DG)(DC)(DT)(DA)
;
I
5 'polydeoxyribonucleotide'
;(DT)(DG)(DA)(DT)(DT)(DT)(DT)(DC)(DT)(DT)(DA)(DG)(DC)(DT)(DG)(DC)(DC)(DT)(DA)(DC)
(DA)(DC)(DG)(DG)(DC)(DA)(DG)(DT)(DG)(DA)(DA)(DC)(DT)(DA)(DG)(DC)(DT)(DC)(DC)(DG)
(DA)(DA)(DA)(DA)(DC)(DC)(DT)(DA)(DT)(DA)(DA)(DC)(DC)(DG)(DG)(DT)(DT)(DG)(DA)(DT)
(DT)(DT)(DC)(DG)(DA)(DA)(DG)(DC)(DG)(DT)(DT)(DT)(DT)(DT)(DT)(DG)(DA)(DG)(DT)(DT)
(DT)(DT)(DT)(DC)(DC)(DC)(DG)(DC)(DC)(DA)(DG)(DA)(DA)(DA)(DC)(DC)(DC)(DT)(DC)(DT)
(DT)(DT)(DT)(DT)(DT)(DC)(DG)(DA)(DG)(DG)(DT)(DC)(DT)(DC)(DG)(DT)(DA)(DA)(DC)(DT)
(DT)(DG)(DC)(DT)(DG)(DA)(DT)(DT)(DT)(DA)(DT)(DA)(DA)(DG)(DG)(DG)(DT)(DT)(DT)(DT)
(DT)(DT)(DA)(DA)(DA)(DT)(DC)(DG)(DT)(DC)(DC)(DG)(DA)(DA)(DA)(DA)(DA)(DA)(DG)(DG)
(DG)(DT)(DC)(DG)(DG)(DA)(DA)(DG)(DC)(DT)(DT)
;
J
6 'polydeoxyribonucleotide'
;(DG)(DT)(DG)(DC)(DA)(DA)(DG)(DT)(DC)(DG)(DT)(DT)(DT)(DT)(DG)(DC)(DT)(DA)(DG)(DA)
(DG)(DC)(DT)(DA)(DC)(DA)(DT)(DG)(DT)(DT)(DC)(DA)(DC)(DT)(DG)(DC)(DC)(DG)(DT)(DG)
(DT)(DA)(DG)(DG)(DC)(DA)(DG)(DC)(DT)(DA)(DA)(DG)(DA)(DA)(DA)(DA)(DT)(DC)(DA)
;
K
7 'polydeoxyribonucleotide'
;(DG)(DC)(DT)(DC)(DT)(DA)(DG)(DC)(DA)(DA)(DA)(DA)(DC)(DG)(DA)(DC)(DT)(DT)(DG)(DC)
(DA)(DC)(DA)(DA)(DC)(DG)(DA)
;
L
8 'polypeptide(L)'
;MNILLVSQCEKRALSETRRILDQFAERRGERTWQTPITQAGLDTLRRLLKKSARRNTAVACHWIRGRDHSELLWIVGDAS
RFNAQGAVPTNRTCRDILRKEDENDWHSAEDIRLLTVMAALFHDIGKASQAFQAKLRNRGKPMADAYRHEWVSLRLFEAF
VGPGSSDEDWLRRLADKRETGDAWLSQLARDDRQSAPPGPFQKSRLPPLAQAVGWLIVSHHRLPNGDHRGSASLARLPAP
IQSQWCGARDADAKEKAACWQFPHGLPFASAHWRARTALCAQSMLERPGLLARGPALLHDSYVMHVSRLILMLADHHYSS
LPADSRLGDPNFPLHANTDRDSGKLKQRLDEHLLGVALHSRKLAGTLPRLERQLPRLARHKGFTRRVEQPRFRWQDKAYD
CAMACREQAMEHGFFGLNLASTGCGKTLANGRILYALADPQRGARFSIALGLRSLTLQTGQAYRERLGLGDDDLAILVGG
SAARELFEKQQERLERSGSESAQELLAENSHVHFAGTLEDGPLREWLGRNSAGNRLLQAPILACTIDHLMPASESLRGGH
QIAPLLRLMTSDLVLDEVDDFDIDDLPALSRLVHWAGLFGSRVLLSSATLPPALVQGLFEAYRSGREIFQRHRGAPGRAT
EIRCAWFDEFSSQSSAHGAVTSFSEAHATFVAQRLAKLEQLPPRRQAQLCTVHAAGEARPALCRELAGQMNTWMADLHRC
HHTEHQGRRISFGLLRLANIEPLIELAQAILAQGAPEGLHVHLCVYHSRHPLLVRSAIERQLDELLKRSDDDAAALFARP
TLAKALQASTERDHLFVVLASPVAEVGRDHDYDWAIVEPSSMRSIIQLAGRIRRHRSGFSGEANLYLLSRNIRSLEGQNP
AFQRPGFETPDFPLDSHDLHDLLDPALLARIDASPRIVEPFPLFPRSRLVDLEHRRLRALMLADDPPSSLLGVPLWWQTP
ASLSGALQTSQPFRAGAKERCYALLPDEDDEERLHFSRYEEGTWSNQDNLLRNLDLTYGPRIQTWGTVNYREELVAMAGR
EDLDLRQCAMRYGEVRLRENTQGWSYHPYLGFKKYN
;
M,N
#
loop_
_chem_comp.id
_chem_comp.type
_chem_comp.name
_chem_comp.formula
DA DNA linking 2'-DEOXYADENOSINE-5'-MONOPHOSPHATE 'C10 H14 N5 O6 P'
DC DNA linking 2'-DEOXYCYTIDINE-5'-MONOPHOSPHATE 'C9 H14 N3 O7 P'
DG DNA linking 2'-DEOXYGUANOSINE-5'-MONOPHOSPHATE 'C10 H14 N5 O7 P'
DT DNA linking THYMIDINE-5'-MONOPHOSPHATE 'C10 H15 N2 O8 P'
#
# COMPACT_ATOMS: atom_id res chain seq x y z
N ILE A 29 34.08 23.45 -26.59
CA ILE A 29 33.07 23.48 -25.55
C ILE A 29 32.50 24.89 -25.39
N LEU A 30 33.18 25.88 -25.95
CA LEU A 30 32.69 27.26 -25.89
C LEU A 30 31.43 27.34 -26.76
N HIS A 31 30.28 27.36 -26.11
CA HIS A 31 29.02 27.20 -26.82
C HIS A 31 28.62 28.44 -27.60
N SER A 32 29.08 29.62 -27.18
CA SER A 32 28.75 30.85 -27.90
C SER A 32 29.87 31.87 -27.65
N LYS A 33 30.70 32.09 -28.66
CA LYS A 33 31.80 33.04 -28.51
C LYS A 33 31.30 34.45 -28.27
N ARG A 34 30.05 34.76 -28.64
CA ARG A 34 29.51 36.08 -28.38
C ARG A 34 29.09 36.27 -26.92
N ALA A 35 28.80 35.20 -26.20
CA ALA A 35 28.26 35.28 -24.86
C ALA A 35 29.18 34.74 -23.78
N ASN A 36 30.34 34.19 -24.16
CA ASN A 36 31.23 33.55 -23.20
C ASN A 36 30.48 32.50 -22.40
N LEU A 37 29.97 31.52 -23.12
CA LEU A 37 29.05 30.52 -22.59
C LEU A 37 29.66 29.15 -22.79
N TYR A 38 29.77 28.37 -21.70
CA TYR A 38 30.49 27.11 -21.71
C TYR A 38 29.58 25.95 -21.30
N TYR A 39 29.82 24.79 -21.90
CA TYR A 39 29.03 23.59 -21.68
C TYR A 39 29.88 22.56 -20.96
N LEU A 40 29.40 22.11 -19.80
CA LEU A 40 30.11 21.16 -18.95
C LEU A 40 29.34 19.86 -18.90
N GLN A 41 30.02 18.74 -19.13
CA GLN A 41 29.38 17.43 -19.10
C GLN A 41 30.34 16.42 -18.48
N HIS A 42 29.76 15.35 -17.97
CA HIS A 42 30.53 14.25 -17.38
C HIS A 42 31.55 14.76 -16.37
N CYS A 43 31.08 15.57 -15.41
CA CYS A 43 32.00 16.07 -14.39
C CYS A 43 31.21 16.62 -13.22
N ARG A 44 31.84 16.58 -12.04
CA ARG A 44 31.31 17.18 -10.83
C ARG A 44 32.01 18.51 -10.59
N VAL A 45 31.24 19.51 -10.18
CA VAL A 45 31.77 20.82 -9.82
C VAL A 45 31.74 20.95 -8.30
N LEU A 46 32.89 21.13 -7.69
CA LEU A 46 32.98 21.24 -6.24
C LEU A 46 34.08 22.22 -5.87
N VAL A 47 34.12 22.58 -4.58
CA VAL A 47 35.07 23.54 -4.05
C VAL A 47 36.01 22.82 -3.10
N ASN A 48 37.29 22.76 -3.44
CA ASN A 48 38.25 22.21 -2.50
C ASN A 48 39.35 23.25 -2.33
N GLY A 49 39.74 23.51 -1.10
CA GLY A 49 40.75 24.51 -0.80
C GLY A 49 40.36 25.92 -1.19
N GLY A 50 39.07 26.21 -1.27
CA GLY A 50 38.58 27.54 -1.59
C GLY A 50 38.56 27.88 -3.05
N ARG A 51 38.91 26.95 -3.92
CA ARG A 51 38.83 27.13 -5.36
C ARG A 51 37.84 26.13 -5.93
N VAL A 52 37.06 26.55 -6.90
CA VAL A 52 36.10 25.66 -7.53
C VAL A 52 36.85 24.72 -8.47
N GLU A 53 36.65 23.43 -8.30
CA GLU A 53 37.40 22.41 -9.01
C GLU A 53 36.45 21.45 -9.69
N TYR A 54 36.91 20.87 -10.80
CA TYR A 54 36.12 19.93 -11.59
C TYR A 54 36.72 18.54 -11.43
N VAL A 55 35.94 17.61 -10.91
CA VAL A 55 36.36 16.22 -10.79
C VAL A 55 35.93 15.51 -12.06
N THR A 56 36.89 15.19 -12.91
CA THR A 56 36.62 14.69 -14.25
C THR A 56 37.52 13.51 -14.53
N ASP A 57 37.10 12.69 -15.51
CA ASP A 57 37.89 11.53 -15.86
C ASP A 57 39.26 11.90 -16.41
N GLU A 58 39.44 13.13 -16.87
CA GLU A 58 40.72 13.58 -17.39
C GLU A 58 41.59 14.24 -16.34
N GLY A 59 41.09 14.42 -15.12
CA GLY A 59 41.91 14.98 -14.06
C GLY A 59 42.46 16.34 -14.45
N ARG A 60 43.77 16.52 -14.21
CA ARG A 60 44.39 17.82 -14.42
C ARG A 60 44.30 18.28 -15.86
N HIS A 61 44.15 17.36 -16.81
CA HIS A 61 44.30 17.69 -18.22
C HIS A 61 42.99 18.11 -18.89
N SER A 62 41.88 18.10 -18.17
CA SER A 62 40.62 18.50 -18.77
C SER A 62 40.66 19.97 -19.17
N HIS A 63 39.97 20.31 -20.26
CA HIS A 63 39.94 21.69 -20.70
C HIS A 63 39.15 22.59 -19.76
N TYR A 64 38.32 22.00 -18.88
CA TYR A 64 37.54 22.83 -17.97
C TYR A 64 38.43 23.73 -17.13
N TRP A 65 39.67 23.33 -16.87
CA TRP A 65 40.56 24.14 -16.06
C TRP A 65 40.86 25.48 -16.72
N ASN A 66 40.68 25.58 -18.03
CA ASN A 66 40.92 26.83 -18.73
C ASN A 66 39.72 27.76 -18.71
N ILE A 67 38.64 27.37 -18.02
CA ILE A 67 37.47 28.22 -17.90
C ILE A 67 37.85 29.49 -17.16
N PRO A 68 37.66 30.67 -17.74
CA PRO A 68 37.87 31.90 -16.96
C PRO A 68 36.67 32.14 -16.06
N ILE A 69 36.95 32.45 -14.80
CA ILE A 69 35.91 32.73 -13.82
C ILE A 69 35.92 34.22 -13.56
N ALA A 70 34.91 34.91 -14.06
CA ALA A 70 34.80 36.35 -13.98
C ALA A 70 33.35 36.71 -14.21
N ASN A 71 33.02 37.98 -13.97
CA ASN A 71 31.64 38.37 -14.15
C ASN A 71 31.18 38.31 -15.59
N THR A 72 32.08 38.01 -16.54
CA THR A 72 31.71 37.87 -17.94
C THR A 72 31.31 36.45 -18.33
N THR A 73 31.63 35.47 -17.51
CA THR A 73 31.41 34.07 -17.87
C THR A 73 30.02 33.62 -17.45
N SER A 74 29.49 32.62 -18.14
CA SER A 74 28.21 32.03 -17.81
C SER A 74 28.28 30.55 -18.11
N LEU A 75 27.89 29.73 -17.14
CA LEU A 75 28.02 28.27 -17.23
C LEU A 75 26.72 27.65 -17.69
N LEU A 76 26.83 26.46 -18.30
CA LEU A 76 25.69 25.66 -18.71
C LEU A 76 25.99 24.22 -18.35
N LEU A 77 25.56 23.80 -17.16
CA LEU A 77 25.77 22.43 -16.75
C LEU A 77 24.98 21.50 -17.66
N GLY A 78 25.64 20.47 -18.17
CA GLY A 78 25.10 19.57 -19.16
C GLY A 78 24.65 18.25 -18.59
N THR A 79 24.71 17.21 -19.41
CA THR A 79 24.32 15.89 -18.97
C THR A 79 25.33 15.31 -18.01
N GLY A 80 24.85 14.48 -17.09
CA GLY A 80 25.72 13.83 -16.13
C GLY A 80 26.65 14.77 -15.41
N THR A 81 26.10 15.64 -14.57
CA THR A 81 26.92 16.59 -13.82
C THR A 81 26.19 16.97 -12.55
N SER A 82 26.96 17.43 -11.57
CA SER A 82 26.39 17.86 -10.31
C SER A 82 27.26 18.95 -9.73
N ILE A 83 26.64 19.79 -8.90
CA ILE A 83 27.30 20.96 -8.34
C ILE A 83 26.97 21.07 -6.86
N THR A 84 27.95 21.50 -6.08
CA THR A 84 27.83 21.67 -4.64
C THR A 84 27.45 23.10 -4.29
N GLN A 85 26.71 23.24 -3.19
CA GLN A 85 26.35 24.56 -2.71
C GLN A 85 27.59 25.43 -2.52
N ALA A 86 28.70 24.84 -2.09
CA ALA A 86 29.91 25.62 -1.93
C ALA A 86 30.33 26.26 -3.24
N ALA A 87 30.23 25.49 -4.32
CA ALA A 87 30.55 26.05 -5.63
C ALA A 87 29.64 27.22 -5.96
N MET A 88 28.35 27.09 -5.65
CA MET A 88 27.39 28.14 -5.93
C MET A 88 27.87 29.39 -5.19
N ARG A 89 28.36 29.21 -3.97
CA ARG A 89 28.90 30.34 -3.21
C ARG A 89 30.05 30.99 -3.94
N GLU A 90 31.04 30.21 -4.35
CA GLU A 90 32.21 30.79 -5.00
C GLU A 90 31.83 31.48 -6.31
N LEU A 91 30.96 30.84 -7.10
CA LEU A 91 30.50 31.47 -8.33
C LEU A 91 29.78 32.77 -8.05
N ALA A 92 28.92 32.79 -7.03
CA ALA A 92 28.25 34.03 -6.67
C ALA A 92 29.26 35.09 -6.27
N ARG A 93 30.28 34.70 -5.50
CA ARG A 93 31.36 35.62 -5.20
C ARG A 93 31.91 36.22 -6.48
N ALA A 94 32.16 35.38 -7.47
CA ALA A 94 32.69 35.86 -8.74
C ALA A 94 31.61 36.36 -9.68
N GLY A 95 30.35 36.11 -9.39
CA GLY A 95 29.27 36.61 -10.22
C GLY A 95 29.19 35.90 -11.56
N VAL A 96 28.96 34.59 -11.52
CA VAL A 96 28.89 33.77 -12.73
C VAL A 96 27.51 33.15 -12.79
N LEU A 97 26.79 33.41 -13.88
CA LEU A 97 25.47 32.82 -14.07
C LEU A 97 25.60 31.32 -14.27
N VAL A 98 24.59 30.59 -13.80
CA VAL A 98 24.58 29.14 -13.89
C VAL A 98 23.25 28.70 -14.46
N GLY A 99 23.27 27.65 -15.27
CA GLY A 99 22.06 27.12 -15.85
C GLY A 99 22.23 25.66 -16.22
N PHE A 100 21.15 24.90 -16.07
CA PHE A 100 21.16 23.47 -16.36
C PHE A 100 20.47 23.22 -17.68
N CYS A 101 21.15 22.51 -18.58
CA CYS A 101 20.61 22.18 -19.88
C CYS A 101 20.87 20.71 -20.18
N GLY A 102 20.03 20.12 -21.02
CA GLY A 102 20.13 18.73 -21.37
C GLY A 102 21.22 18.48 -22.40
N GLY A 103 21.19 17.28 -22.95
CA GLY A 103 22.19 16.84 -23.91
C GLY A 103 22.53 17.89 -24.94
N GLY A 104 23.81 18.16 -25.12
CA GLY A 104 24.27 19.10 -26.11
C GLY A 104 23.95 20.55 -25.84
N GLY A 105 23.08 20.83 -24.87
CA GLY A 105 22.80 22.19 -24.47
C GLY A 105 21.55 22.81 -25.04
N THR A 106 20.70 22.03 -25.72
CA THR A 106 19.54 22.65 -26.33
C THR A 106 18.41 22.89 -25.33
N PRO A 107 17.92 21.88 -24.61
CA PRO A 107 16.80 22.13 -23.69
C PRO A 107 17.31 22.78 -22.41
N LEU A 108 16.99 24.05 -22.23
CA LEU A 108 17.42 24.80 -21.04
C LEU A 108 16.37 24.65 -19.96
N PHE A 109 16.72 23.96 -18.87
CA PHE A 109 15.77 23.69 -17.81
C PHE A 109 15.65 24.87 -16.85
N SER A 110 16.74 25.18 -16.15
CA SER A 110 16.71 26.20 -15.10
C SER A 110 17.98 27.02 -15.14
N ALA A 111 17.88 28.26 -14.68
CA ALA A 111 19.02 29.16 -14.72
C ALA A 111 18.78 30.29 -13.73
N ASN A 112 19.84 31.05 -13.48
CA ASN A 112 19.72 32.26 -12.68
C ASN A 112 19.09 33.37 -13.49
N GLU A 113 18.21 34.13 -12.85
CA GLU A 113 17.69 35.34 -13.47
C GLU A 113 18.81 36.37 -13.56
N VAL A 114 18.82 37.13 -14.65
CA VAL A 114 19.83 38.13 -14.88
C VAL A 114 19.25 39.51 -14.62
N ASP A 115 20.06 40.39 -14.05
CA ASP A 115 19.59 41.67 -13.56
C ASP A 115 19.22 42.60 -14.72
N VAL A 116 18.63 43.74 -14.36
CA VAL A 116 18.23 44.77 -15.32
C VAL A 116 18.96 46.05 -14.96
N GLU A 117 19.54 46.70 -15.97
CA GLU A 117 20.36 47.88 -15.75
C GLU A 117 19.50 49.12 -15.90
N VAL A 118 19.23 49.80 -14.78
CA VAL A 118 18.52 51.06 -14.75
C VAL A 118 19.06 51.89 -13.60
N SER A 119 18.66 53.16 -13.56
CA SER A 119 19.24 54.09 -12.60
C SER A 119 18.69 53.92 -11.20
N TRP A 120 17.52 53.29 -11.03
CA TRP A 120 16.97 53.19 -9.68
C TRP A 120 17.37 51.90 -8.96
N LEU A 121 17.55 50.76 -9.63
CA LEU A 121 18.26 49.71 -8.94
C LEU A 121 19.73 50.09 -8.86
N THR A 122 20.40 49.67 -7.80
CA THR A 122 21.84 49.79 -7.80
C THR A 122 22.49 48.95 -6.70
N PRO A 123 22.34 47.63 -6.74
CA PRO A 123 23.13 46.79 -5.84
C PRO A 123 24.55 46.62 -6.37
N GLN A 124 25.48 46.39 -5.43
CA GLN A 124 26.89 46.26 -5.76
C GLN A 124 27.31 44.80 -5.84
N SER A 125 26.45 43.93 -6.35
CA SER A 125 26.67 42.49 -6.24
C SER A 125 27.62 41.94 -7.30
N GLU A 126 28.15 42.77 -8.20
CA GLU A 126 29.12 42.30 -9.19
C GLU A 126 28.53 41.21 -10.07
N TYR A 127 27.51 41.60 -10.85
CA TYR A 127 26.75 40.63 -11.64
C TYR A 127 26.45 41.06 -13.07
N ARG A 128 27.05 42.15 -13.56
CA ARG A 128 26.84 42.55 -14.94
C ARG A 128 25.35 42.66 -15.28
N PRO A 129 24.65 43.68 -14.81
CA PRO A 129 23.28 43.89 -15.28
C PRO A 129 23.27 44.17 -16.77
N THR A 130 22.20 43.75 -17.43
CA THR A 130 22.06 43.90 -18.87
C THR A 130 20.87 44.79 -19.20
N GLU A 131 21.08 45.71 -20.14
CA GLU A 131 20.21 46.83 -20.40
C GLU A 131 19.21 46.57 -21.52
N TYR A 132 19.17 45.36 -22.07
CA TYR A 132 18.36 45.14 -23.27
C TYR A 132 16.87 45.13 -22.97
N LEU A 133 16.47 44.77 -21.75
CA LEU A 133 15.05 44.77 -21.43
C LEU A 133 14.46 46.17 -21.55
N GLN A 134 15.17 47.18 -21.05
CA GLN A 134 14.68 48.54 -21.17
C GLN A 134 14.53 48.95 -22.63
N ARG A 135 15.51 48.62 -23.47
CA ARG A 135 15.40 48.92 -24.88
C ARG A 135 14.19 48.23 -25.49
N TRP A 136 14.01 46.96 -25.16
CA TRP A 136 12.88 46.20 -25.71
C TRP A 136 11.57 46.85 -25.34
N VAL A 137 11.36 47.11 -24.06
CA VAL A 137 10.09 47.67 -23.62
C VAL A 137 9.93 49.08 -24.15
N GLY A 138 11.03 49.78 -24.43
CA GLY A 138 10.92 51.14 -24.90
C GLY A 138 10.13 51.28 -26.17
N PHE A 139 10.00 50.19 -26.93
CA PHE A 139 9.23 50.22 -28.17
C PHE A 139 8.16 49.15 -28.23
N TRP A 140 8.15 48.16 -27.33
CA TRP A 140 7.27 47.02 -27.52
C TRP A 140 5.81 47.43 -27.58
N PHE A 141 5.43 48.52 -26.91
CA PHE A 141 4.04 48.93 -26.88
C PHE A 141 3.61 49.75 -28.09
N ASP A 142 4.54 50.22 -28.90
CA ASP A 142 4.23 51.03 -30.07
C ASP A 142 4.08 50.09 -31.27
N GLU A 143 2.84 49.89 -31.71
CA GLU A 143 2.57 48.83 -32.68
C GLU A 143 3.37 49.00 -33.95
N GLU A 144 3.45 50.22 -34.48
CA GLU A 144 4.21 50.44 -35.70
C GLU A 144 5.65 49.94 -35.56
N LYS A 145 6.30 50.32 -34.48
CA LYS A 145 7.67 49.85 -34.24
C LYS A 145 7.71 48.34 -34.08
N ARG A 146 6.71 47.76 -33.40
CA ARG A 146 6.64 46.31 -33.28
C ARG A 146 6.57 45.64 -34.65
N LEU A 147 5.77 46.20 -35.55
CA LEU A 147 5.72 45.68 -36.91
C LEU A 147 7.07 45.79 -37.59
N VAL A 148 7.73 46.93 -37.41
CA VAL A 148 9.05 47.11 -38.04
C VAL A 148 10.00 46.02 -37.56
N ALA A 149 9.91 45.68 -36.27
CA ALA A 149 10.73 44.59 -35.74
C ALA A 149 10.37 43.28 -36.43
N ALA A 150 9.09 43.01 -36.61
CA ALA A 150 8.69 41.76 -37.25
C ALA A 150 9.29 41.66 -38.64
N ARG A 151 9.17 42.73 -39.43
CA ARG A 151 9.81 42.76 -40.74
C ARG A 151 11.29 42.43 -40.62
N HIS A 152 11.97 43.05 -39.65
CA HIS A 152 13.40 42.81 -39.52
C HIS A 152 13.70 41.34 -39.24
N PHE A 153 12.87 40.72 -38.40
CA PHE A 153 13.03 39.30 -38.11
C PHE A 153 12.94 38.50 -39.39
N GLN A 154 11.95 38.79 -40.22
CA GLN A 154 11.73 37.95 -41.39
C GLN A 154 12.82 38.17 -42.43
N ARG A 155 13.28 39.41 -42.60
CA ARG A 155 14.41 39.66 -43.48
C ARG A 155 15.57 38.75 -43.11
N ALA A 156 15.89 38.71 -41.81
CA ALA A 156 16.97 37.85 -41.37
C ALA A 156 16.68 36.38 -41.69
N ARG A 157 15.46 35.95 -41.41
CA ARG A 157 15.13 34.54 -41.64
C ARG A 157 15.34 34.16 -43.09
N LEU A 158 14.75 34.91 -44.01
CA LEU A 158 14.90 34.56 -45.41
C LEU A 158 16.36 34.53 -45.82
N GLU A 159 17.11 35.56 -45.44
CA GLU A 159 18.51 35.57 -45.84
C GLU A 159 19.27 34.37 -45.29
N ARG A 160 18.82 33.82 -44.16
CA ARG A 160 19.45 32.60 -43.68
C ARG A 160 18.99 31.36 -44.44
N ILE A 161 17.82 31.43 -45.07
CA ILE A 161 17.42 30.33 -45.95
C ILE A 161 18.28 30.34 -47.19
N ARG A 162 18.35 31.49 -47.87
CA ARG A 162 19.13 31.54 -49.08
C ARG A 162 20.57 31.11 -48.80
N HIS A 163 21.10 31.46 -47.63
CA HIS A 163 22.48 31.12 -47.33
C HIS A 163 22.64 29.61 -47.20
N SER A 164 21.84 28.97 -46.37
CA SER A 164 22.11 27.57 -46.07
C SER A 164 21.69 26.65 -47.21
N TRP A 165 20.66 27.02 -47.97
CA TRP A 165 20.22 26.14 -49.05
C TRP A 165 21.06 26.29 -50.30
N LEU A 166 21.68 27.45 -50.54
CA LEU A 166 22.40 27.66 -51.79
C LEU A 166 23.88 27.93 -51.59
N GLU A 167 24.23 28.90 -50.76
CA GLU A 167 25.61 29.38 -50.74
C GLU A 167 26.58 28.30 -50.27
N ASP A 168 26.20 27.53 -49.25
CA ASP A 168 27.06 26.48 -48.72
C ASP A 168 26.60 25.13 -49.27
N ARG A 169 27.56 24.34 -49.76
CA ARG A 169 27.28 23.08 -50.43
C ARG A 169 27.39 21.86 -49.51
N VAL A 170 27.57 22.06 -48.21
CA VAL A 170 27.64 20.92 -47.30
C VAL A 170 26.39 20.07 -47.43
N LEU A 171 25.22 20.71 -47.46
CA LEU A 171 23.98 19.98 -47.66
C LEU A 171 23.97 19.31 -49.02
N ARG A 172 24.49 20.00 -50.05
CA ARG A 172 24.57 19.40 -51.37
C ARG A 172 25.29 18.06 -51.31
N ASP A 173 26.47 18.05 -50.69
CA ASP A 173 27.23 16.80 -50.58
C ASP A 173 26.48 15.78 -49.76
N ALA A 174 25.84 16.21 -48.66
CA ALA A 174 25.14 15.27 -47.80
C ALA A 174 24.01 14.57 -48.53
N GLY A 175 23.52 15.13 -49.64
CA GLY A 175 22.45 14.53 -50.42
C GLY A 175 21.23 15.40 -50.60
N PHE A 176 21.21 16.62 -50.07
CA PHE A 176 20.05 17.51 -50.20
C PHE A 176 20.10 18.31 -51.49
N ALA A 177 20.27 17.62 -52.61
CA ALA A 177 20.33 18.30 -53.91
C ALA A 177 18.94 18.78 -54.29
N VAL A 178 18.80 20.11 -54.44
CA VAL A 178 17.52 20.72 -54.76
C VAL A 178 17.73 21.77 -55.84
N ASP A 179 16.67 22.07 -56.58
CA ASP A 179 16.74 23.10 -57.60
C ASP A 179 16.98 24.45 -56.95
N ALA A 180 17.68 25.32 -57.68
CA ALA A 180 18.01 26.66 -57.20
C ALA A 180 17.07 27.72 -57.77
N THR A 181 16.82 27.69 -59.07
CA THR A 181 16.08 28.78 -59.70
C THR A 181 14.69 28.93 -59.09
N ALA A 182 14.00 27.81 -58.85
CA ALA A 182 12.68 27.91 -58.23
C ALA A 182 12.80 28.45 -56.81
N LEU A 183 13.75 27.94 -56.04
CA LEU A 183 13.94 28.42 -54.68
C LEU A 183 14.28 29.90 -54.67
N ALA A 184 15.23 30.30 -55.52
CA ALA A 184 15.62 31.71 -55.55
C ALA A 184 14.45 32.59 -55.94
N VAL A 185 13.65 32.16 -56.92
CA VAL A 185 12.48 32.94 -57.32
C VAL A 185 11.50 33.08 -56.17
N ALA A 186 11.21 31.97 -55.50
CA ALA A 186 10.26 32.01 -54.39
C ALA A 186 10.75 32.93 -53.28
N VAL A 187 12.01 32.78 -52.89
CA VAL A 187 12.57 33.62 -51.83
C VAL A 187 12.56 35.09 -52.24
N GLU A 188 12.98 35.37 -53.48
CA GLU A 188 12.95 36.75 -53.96
C GLU A 188 11.54 37.31 -53.85
N ASP A 189 10.54 36.54 -54.26
CA ASP A 189 9.17 37.03 -54.26
C ASP A 189 8.70 37.29 -52.83
N SER A 190 8.97 36.35 -51.92
CA SER A 190 8.56 36.56 -50.54
C SER A 190 9.24 37.77 -49.94
N ALA A 191 10.54 37.94 -50.20
CA ALA A 191 11.24 39.14 -49.75
C ALA A 191 10.58 40.40 -50.29
N ARG A 192 10.19 40.37 -51.57
CA ARG A 192 9.46 41.50 -52.14
C ARG A 192 8.14 41.73 -51.43
N ALA A 193 7.50 40.66 -50.95
CA ALA A 193 6.24 40.80 -50.25
C ALA A 193 6.43 41.34 -48.83
N LEU A 194 7.51 40.94 -48.17
CA LEU A 194 7.82 41.42 -46.82
C LEU A 194 7.78 42.94 -46.75
N GLU A 195 8.29 43.61 -47.75
CA GLU A 195 8.35 45.07 -47.67
C GLU A 195 6.99 45.72 -47.83
N GLN A 196 5.91 44.94 -47.78
CA GLN A 196 4.57 45.44 -48.05
C GLN A 196 3.63 44.85 -47.00
N ALA A 197 2.34 45.08 -47.21
CA ALA A 197 1.26 44.56 -46.36
C ALA A 197 1.23 45.33 -45.04
N PRO A 198 0.04 45.55 -44.46
CA PRO A 198 -0.10 46.56 -43.42
C PRO A 198 0.14 46.09 -41.99
N ASN A 199 -0.06 44.80 -41.70
CA ASN A 199 -0.15 44.37 -40.32
C ASN A 199 0.43 42.98 -40.15
N HIS A 200 0.68 42.62 -38.89
CA HIS A 200 1.14 41.28 -38.56
C HIS A 200 0.33 40.23 -39.31
N GLU A 201 -0.97 40.47 -39.41
CA GLU A 201 -1.88 39.42 -39.87
C GLU A 201 -1.47 38.93 -41.25
N HIS A 202 -0.97 39.83 -42.10
CA HIS A 202 -0.46 39.41 -43.40
C HIS A 202 0.88 38.71 -43.28
N LEU A 203 1.78 39.25 -42.46
CA LEU A 203 3.12 38.69 -42.39
C LEU A 203 3.09 37.23 -42.00
N LEU A 204 2.30 36.91 -41.00
CA LEU A 204 2.13 35.53 -40.58
C LEU A 204 1.74 34.66 -41.79
N THR A 205 0.75 35.11 -42.55
CA THR A 205 0.21 34.32 -43.66
C THR A 205 1.19 34.21 -44.81
N GLU A 206 1.92 35.29 -45.09
CA GLU A 206 2.94 35.24 -46.14
C GLU A 206 4.01 34.23 -45.77
N GLU A 207 4.43 34.24 -44.52
CA GLU A 207 5.40 33.24 -44.08
C GLU A 207 4.82 31.85 -44.26
N ALA A 208 3.55 31.67 -43.91
CA ALA A 208 2.94 30.35 -44.02
C ALA A 208 2.97 29.82 -45.45
N ARG A 209 2.66 30.70 -46.42
CA ARG A 209 2.74 30.30 -47.82
C ARG A 209 4.16 29.93 -48.21
N LEU A 210 5.14 30.72 -47.77
CA LEU A 210 6.52 30.38 -48.05
C LEU A 210 6.88 29.03 -47.42
N SER A 211 6.40 28.79 -46.21
CA SER A 211 6.63 27.51 -45.55
C SER A 211 6.14 26.36 -46.42
N LYS A 212 4.91 26.49 -46.94
CA LYS A 212 4.35 25.40 -47.72
C LYS A 212 5.22 25.12 -48.93
N ARG A 213 5.60 26.17 -49.65
CA ARG A 213 6.43 25.95 -50.83
C ARG A 213 7.77 25.32 -50.46
N LEU A 214 8.36 25.75 -49.34
CA LEU A 214 9.63 25.16 -48.92
C LEU A 214 9.47 23.68 -48.61
N PHE A 215 8.38 23.31 -47.95
CA PHE A 215 8.12 21.89 -47.71
C PHE A 215 8.06 21.13 -49.02
N LYS A 216 7.32 21.66 -49.99
CA LYS A 216 7.21 20.96 -51.27
C LYS A 216 8.57 20.80 -51.92
N LEU A 217 9.37 21.88 -51.93
CA LEU A 217 10.69 21.81 -52.54
C LEU A 217 11.56 20.77 -51.85
N ALA A 218 11.54 20.75 -50.52
CA ALA A 218 12.37 19.80 -49.79
C ALA A 218 11.95 18.37 -50.10
N ALA A 219 10.64 18.11 -50.09
CA ALA A 219 10.16 16.76 -50.39
C ALA A 219 10.58 16.33 -51.79
N GLN A 220 10.46 17.23 -52.76
CA GLN A 220 10.88 16.91 -54.12
C GLN A 220 12.37 16.60 -54.16
N ALA A 221 13.20 17.42 -53.50
CA ALA A 221 14.64 17.18 -53.51
C ALA A 221 14.98 15.85 -52.85
N THR A 222 14.29 15.52 -51.77
CA THR A 222 14.57 14.31 -51.03
C THR A 222 13.97 13.06 -51.66
N ARG A 223 13.09 13.21 -52.65
CA ARG A 223 12.33 12.09 -53.18
C ARG A 223 11.60 11.36 -52.07
N TYR A 224 11.11 12.13 -51.10
CA TYR A 224 10.30 11.61 -50.01
C TYR A 224 8.88 11.33 -50.44
N GLY A 225 8.47 11.79 -51.62
CA GLY A 225 7.09 11.69 -52.04
C GLY A 225 6.25 12.85 -51.51
N GLU A 226 4.94 12.66 -51.58
CA GLU A 226 4.03 13.66 -51.05
C GLU A 226 4.27 13.87 -49.57
N PHE A 227 4.15 15.13 -49.13
CA PHE A 227 4.30 15.46 -47.72
C PHE A 227 3.18 16.40 -47.29
N VAL A 228 2.60 16.12 -46.12
CA VAL A 228 1.63 17.00 -45.49
C VAL A 228 2.06 17.20 -44.05
N ARG A 229 2.09 18.46 -43.62
CA ARG A 229 2.60 18.82 -42.29
C ARG A 229 1.46 18.75 -41.30
N ALA A 230 1.39 17.66 -40.55
CA ALA A 230 0.50 17.58 -39.40
C ALA A 230 1.12 18.30 -38.22
N LYS A 231 0.26 18.79 -37.33
CA LYS A 231 0.73 19.52 -36.15
C LYS A 231 0.11 18.94 -34.89
N ARG A 232 0.62 19.40 -33.75
CA ARG A 232 0.34 18.81 -32.45
C ARG A 232 0.67 17.32 -32.46
N GLY A 233 1.77 16.98 -33.14
CA GLY A 233 2.33 15.64 -33.05
C GLY A 233 1.39 14.54 -33.44
N SER A 234 0.47 14.78 -34.36
CA SER A 234 -0.43 13.74 -34.83
C SER A 234 0.16 12.90 -35.95
N GLY A 235 1.29 13.33 -36.53
CA GLY A 235 1.89 12.57 -37.60
C GLY A 235 2.53 11.28 -37.12
N GLY A 236 2.72 10.36 -38.06
CA GLY A 236 3.34 9.09 -37.78
C GLY A 236 4.57 8.81 -38.60
N ASP A 237 4.65 9.41 -39.79
CA ASP A 237 5.79 9.16 -40.66
C ASP A 237 7.05 9.80 -40.10
N PRO A 238 8.22 9.30 -40.49
CA PRO A 238 9.46 9.80 -39.87
C PRO A 238 9.67 11.30 -40.02
N ALA A 239 9.31 11.86 -41.18
CA ALA A 239 9.58 13.27 -41.40
C ALA A 239 8.93 14.13 -40.32
N ASN A 240 7.70 13.82 -39.97
CA ASN A 240 6.95 14.61 -39.00
C ASN A 240 7.62 14.54 -37.63
N ARG A 241 7.97 13.33 -37.19
CA ARG A 241 8.60 13.16 -35.89
C ARG A 241 9.92 13.90 -35.83
N PHE A 242 10.74 13.76 -36.88
CA PHE A 242 12.03 14.44 -36.88
C PHE A 242 11.85 15.94 -36.89
N LEU A 243 10.82 16.44 -37.57
CA LEU A 243 10.55 17.87 -37.53
C LEU A 243 10.23 18.31 -36.12
N ASP A 244 9.40 17.54 -35.42
CA ASP A 244 9.05 17.91 -34.05
C ASP A 244 10.29 17.95 -33.16
N HIS A 245 11.12 16.91 -33.22
CA HIS A 245 12.35 16.91 -32.42
C HIS A 245 13.23 18.11 -32.76
N GLY A 246 13.43 18.35 -34.05
CA GLY A 246 14.26 19.48 -34.45
C GLY A 246 13.72 20.79 -33.93
N ASN A 247 12.42 21.00 -34.04
CA ASN A 247 11.83 22.23 -33.52
C ASN A 247 12.00 22.32 -32.01
N TYR A 248 11.86 21.20 -31.32
CA TYR A 248 12.04 21.22 -29.87
C TYR A 248 13.44 21.70 -29.50
N LEU A 249 14.44 21.19 -30.20
CA LEU A 249 15.81 21.64 -29.94
C LEU A 249 15.96 23.12 -30.27
N ALA A 250 15.38 23.55 -31.39
CA ALA A 250 15.50 24.95 -31.77
C ALA A 250 14.92 25.86 -30.70
N TYR A 251 13.73 25.50 -30.20
CA TYR A 251 13.13 26.27 -29.12
C TYR A 251 14.07 26.35 -27.93
N GLY A 252 14.66 25.23 -27.54
CA GLY A 252 15.60 25.26 -26.43
C GLY A 252 16.74 26.23 -26.67
N LEU A 253 17.31 26.19 -27.87
CA LEU A 253 18.42 27.09 -28.18
C LEU A 253 17.98 28.55 -28.09
N ALA A 254 16.80 28.86 -28.60
CA ALA A 254 16.29 30.22 -28.51
C ALA A 254 16.11 30.63 -27.05
N ALA A 255 15.56 29.73 -26.24
CA ALA A 255 15.41 30.04 -24.82
C ALA A 255 16.74 30.41 -24.21
N THR A 256 17.81 29.69 -24.59
CA THR A 256 19.13 30.05 -24.09
C THR A 256 19.52 31.46 -24.53
N ALA A 257 19.21 31.79 -25.78
CA ALA A 257 19.57 33.12 -26.27
C ALA A 257 18.87 34.21 -25.47
N THR A 258 17.57 34.06 -25.28
CA THR A 258 16.82 35.07 -24.54
C THR A 258 17.34 35.16 -23.11
N TRP A 259 17.61 34.02 -22.47
CA TRP A 259 18.10 34.07 -21.10
C TRP A 259 19.41 34.82 -21.01
N VAL A 260 20.30 34.61 -21.98
CA VAL A 260 21.54 35.38 -21.99
C VAL A 260 21.24 36.86 -22.13
N LEU A 261 20.19 37.21 -22.87
CA LEU A 261 19.83 38.61 -23.02
C LEU A 261 18.94 39.11 -21.89
N GLY A 262 18.34 38.22 -21.12
CA GLY A 262 17.50 38.62 -20.02
C GLY A 262 16.09 39.04 -20.42
N ILE A 263 15.77 39.03 -21.71
CA ILE A 263 14.42 39.44 -22.12
C ILE A 263 13.42 38.37 -21.71
N PRO A 264 12.33 38.72 -21.03
CA PRO A 264 11.33 37.70 -20.70
C PRO A 264 10.71 37.12 -21.96
N HIS A 265 10.19 35.90 -21.82
CA HIS A 265 9.67 35.17 -22.97
C HIS A 265 8.37 35.76 -23.50
N GLY A 266 7.66 36.56 -22.71
CA GLY A 266 6.33 36.99 -23.09
C GLY A 266 6.27 38.16 -24.06
N LEU A 267 7.39 38.86 -24.27
CA LEU A 267 7.38 40.07 -25.10
C LEU A 267 7.68 39.72 -26.55
N ALA A 268 6.73 39.03 -27.16
CA ALA A 268 6.90 38.60 -28.54
C ALA A 268 6.85 39.76 -29.50
N VAL A 269 7.49 39.59 -30.65
CA VAL A 269 7.51 40.60 -31.70
C VAL A 269 6.54 40.26 -32.82
N LEU A 270 6.49 38.99 -33.22
CA LEU A 270 5.73 38.57 -34.37
C LEU A 270 4.60 37.61 -34.04
N HIS A 271 4.74 36.81 -32.98
CA HIS A 271 3.63 36.01 -32.50
C HIS A 271 2.67 36.87 -31.70
N GLY A 272 1.51 36.30 -31.38
CA GLY A 272 0.47 37.06 -30.73
C GLY A 272 0.85 37.46 -29.31
N LYS A 273 0.33 38.60 -28.89
CA LYS A 273 0.64 39.13 -27.57
C LYS A 273 0.11 38.27 -26.44
N THR A 274 -0.78 37.31 -26.73
CA THR A 274 -1.33 36.43 -25.72
C THR A 274 -0.70 35.04 -25.74
N ARG A 275 0.30 34.82 -26.58
CA ARG A 275 0.87 33.49 -26.77
C ARG A 275 1.87 33.21 -25.66
N ARG A 276 1.58 32.24 -24.81
CA ARG A 276 2.52 31.86 -23.76
C ARG A 276 3.84 31.45 -24.39
N GLY A 277 4.93 32.06 -23.92
CA GLY A 277 6.23 31.79 -24.50
C GLY A 277 6.35 32.19 -25.95
N GLY A 278 5.77 33.33 -26.33
CA GLY A 278 5.79 33.74 -27.72
C GLY A 278 7.18 34.08 -28.21
N LEU A 279 7.94 34.83 -27.42
CA LEU A 279 9.18 35.38 -27.93
C LEU A 279 10.13 34.28 -28.38
N VAL A 280 10.22 33.21 -27.60
CA VAL A 280 11.14 32.14 -27.96
C VAL A 280 10.78 31.58 -29.32
N PHE A 281 9.48 31.45 -29.60
CA PHE A 281 9.07 30.98 -30.91
C PHE A 281 9.45 31.97 -32.00
N ASP A 282 9.33 33.26 -31.71
CA ASP A 282 9.79 34.25 -32.68
C ASP A 282 11.26 34.05 -32.99
N VAL A 283 12.08 33.86 -31.94
CA VAL A 283 13.51 33.68 -32.13
C VAL A 283 13.81 32.33 -32.77
N ALA A 284 13.11 31.28 -32.33
CA ALA A 284 13.33 29.98 -32.93
C ALA A 284 13.07 29.98 -34.43
N ASP A 285 12.27 30.92 -34.91
CA ASP A 285 11.86 30.90 -36.31
C ASP A 285 13.07 31.08 -37.22
N LEU A 286 14.07 31.85 -36.79
CA LEU A 286 15.19 32.13 -37.69
C LEU A 286 16.10 30.95 -37.92
N ILE A 287 15.83 29.73 -37.47
CA ILE A 287 16.63 28.59 -37.91
C ILE A 287 15.79 27.41 -38.37
N LYS A 288 14.53 27.27 -37.97
CA LYS A 288 13.76 26.09 -38.32
C LYS A 288 13.96 25.68 -39.77
N ASP A 289 13.54 26.56 -40.68
CA ASP A 289 13.62 26.26 -42.10
C ASP A 289 15.03 26.39 -42.65
N SER A 290 15.94 27.01 -41.91
CA SER A 290 17.31 27.15 -42.41
C SER A 290 18.14 25.91 -42.12
N LEU A 291 17.98 25.33 -40.94
CA LEU A 291 18.87 24.27 -40.50
C LEU A 291 18.15 23.01 -40.07
N ILE A 292 16.97 23.11 -39.47
CA ILE A 292 16.27 21.91 -39.01
C ILE A 292 15.62 21.17 -40.17
N LEU A 293 14.85 21.88 -40.99
CA LEU A 293 14.01 21.21 -41.98
C LEU A 293 14.81 20.33 -42.92
N PRO A 294 15.86 20.80 -43.57
CA PRO A 294 16.61 19.91 -44.46
C PRO A 294 17.12 18.69 -43.73
N GLN A 295 17.63 18.87 -42.52
CA GLN A 295 18.17 17.72 -41.80
C GLN A 295 17.08 16.72 -41.46
N ALA A 296 15.88 17.21 -41.16
CA ALA A 296 14.79 16.30 -40.86
C ALA A 296 14.48 15.42 -42.05
N PHE A 297 14.40 16.02 -43.24
CA PHE A 297 14.12 15.21 -44.42
C PHE A 297 15.30 14.29 -44.75
N LEU A 298 16.52 14.82 -44.68
CA LEU A 298 17.69 14.00 -44.97
C LEU A 298 17.72 12.76 -44.07
N SER A 299 17.60 12.97 -42.76
CA SER A 299 17.70 11.85 -41.83
C SER A 299 16.54 10.88 -42.04
N ALA A 300 15.35 11.40 -42.31
CA ALA A 300 14.22 10.50 -42.55
C ALA A 300 14.48 9.61 -43.75
N MET A 301 14.97 10.20 -44.84
CA MET A 301 15.24 9.44 -46.06
C MET A 301 16.38 8.45 -45.84
N ARG A 302 17.40 8.89 -45.10
CA ARG A 302 18.54 8.03 -44.80
C ARG A 302 18.18 6.90 -43.85
N GLY A 303 17.03 6.99 -43.18
CA GLY A 303 16.63 5.94 -42.27
C GLY A 303 17.35 5.96 -40.93
N ASP A 304 17.75 7.13 -40.46
CA ASP A 304 18.55 7.21 -39.24
C ASP A 304 17.71 6.91 -38.00
N GLU A 305 18.41 6.63 -36.91
CA GLU A 305 17.80 6.54 -35.60
C GLU A 305 17.44 7.94 -35.11
N GLU A 306 16.55 8.00 -34.12
CA GLU A 306 16.26 9.29 -33.50
C GLU A 306 17.52 9.87 -32.87
N GLN A 307 18.31 9.03 -32.20
CA GLN A 307 19.54 9.52 -31.59
C GLN A 307 20.47 10.09 -32.65
N ASP A 308 20.60 9.41 -33.78
CA ASP A 308 21.44 9.93 -34.86
C ASP A 308 20.92 11.27 -35.34
N PHE A 309 19.60 11.40 -35.48
CA PHE A 309 19.03 12.67 -35.87
C PHE A 309 19.41 13.77 -34.89
N ARG A 310 19.23 13.51 -33.61
CA ARG A 310 19.55 14.50 -32.59
C ARG A 310 21.00 14.94 -32.70
N GLN A 311 21.92 13.97 -32.80
CA GLN A 311 23.33 14.30 -32.91
C GLN A 311 23.60 15.13 -34.17
N ALA A 312 22.97 14.76 -35.28
CA ALA A 312 23.17 15.51 -36.52
C ALA A 312 22.68 16.94 -36.37
N CYS A 313 21.50 17.12 -35.78
CA CYS A 313 20.97 18.46 -35.59
C CYS A 313 21.94 19.31 -34.78
N LEU A 314 22.38 18.78 -33.63
CA LEU A 314 23.30 19.54 -32.80
C LEU A 314 24.57 19.88 -33.56
N ASP A 315 25.08 18.94 -34.35
CA ASP A 315 26.25 19.23 -35.17
C ASP A 315 25.98 20.36 -36.14
N ASN A 316 24.82 20.35 -36.79
CA ASN A 316 24.47 21.43 -37.71
C ASN A 316 24.39 22.76 -36.99
N LEU A 317 23.74 22.77 -35.83
CA LEU A 317 23.61 24.01 -35.07
C LEU A 317 24.98 24.55 -34.68
N SER A 318 25.88 23.66 -34.25
CA SER A 318 27.23 24.09 -33.91
C SER A 318 27.94 24.65 -35.12
N ARG A 319 27.81 23.98 -36.27
CA ARG A 319 28.52 24.43 -37.46
C ARG A 319 28.04 25.79 -37.93
N ALA A 320 26.76 26.09 -37.76
CA ALA A 320 26.18 27.32 -38.27
C ALA A 320 26.31 28.50 -37.32
N GLN A 321 26.87 28.30 -36.13
CA GLN A 321 26.93 29.36 -35.12
C GLN A 321 25.53 29.91 -34.82
N ALA A 322 24.56 29.01 -34.72
CA ALA A 322 23.17 29.43 -34.62
C ALA A 322 22.95 30.35 -33.43
N LEU A 323 23.37 29.92 -32.24
CA LEU A 323 23.09 30.70 -31.05
C LEU A 323 23.67 32.10 -31.17
N ASP A 324 24.88 32.21 -31.71
CA ASP A 324 25.49 33.52 -31.87
C ASP A 324 24.68 34.38 -32.83
N PHE A 325 24.17 33.77 -33.90
CA PHE A 325 23.37 34.53 -34.84
C PHE A 325 22.11 35.08 -34.18
N MET A 326 21.47 34.28 -33.34
CA MET A 326 20.20 34.68 -32.75
C MET A 326 20.42 35.72 -31.65
N ILE A 327 21.61 35.68 -31.07
CA ILE A 327 22.03 36.75 -30.17
C ILE A 327 22.26 38.03 -30.96
N ASP A 328 23.00 37.93 -32.06
CA ASP A 328 23.30 39.12 -32.84
C ASP A 328 22.02 39.75 -33.35
N THR A 329 21.07 38.93 -33.79
CA THR A 329 19.81 39.46 -34.30
C THR A 329 19.08 40.24 -33.22
N LEU A 330 18.92 39.64 -32.04
CA LEU A 330 18.18 40.35 -30.99
C LEU A 330 18.86 41.66 -30.63
N LYS A 331 20.20 41.66 -30.55
CA LYS A 331 20.90 42.91 -30.29
C LYS A 331 20.71 43.90 -31.43
N ASP A 332 20.73 43.42 -32.68
CA ASP A 332 20.60 44.32 -33.82
C ASP A 332 19.23 44.98 -33.81
N VAL A 333 18.18 44.21 -33.55
CA VAL A 333 16.84 44.80 -33.57
C VAL A 333 16.70 45.80 -32.44
N ALA A 334 17.27 45.50 -31.28
CA ALA A 334 17.22 46.46 -30.18
C ALA A 334 17.85 47.79 -30.59
N GLN A 335 19.08 47.74 -31.10
CA GLN A 335 19.74 48.97 -31.52
C GLN A 335 19.00 49.68 -32.64
N ARG A 336 18.46 48.91 -33.60
CA ARG A 336 17.78 49.50 -34.74
C ARG A 336 16.47 50.16 -34.34
N SER A 337 15.85 49.69 -33.26
CA SER A 337 14.52 50.20 -32.93
C SER A 337 14.55 51.62 -32.39
N THR A 338 15.69 52.09 -31.91
CA THR A 338 15.77 53.44 -31.37
C THR A 338 15.36 54.47 -32.42
N SER B 22 4.75 13.44 -17.58
CA SER B 22 4.90 14.44 -18.63
C SER B 22 4.92 15.84 -18.05
N PRO B 23 5.45 16.80 -18.81
CA PRO B 23 5.42 18.20 -18.33
C PRO B 23 4.02 18.65 -17.99
N SER B 24 3.03 18.26 -18.79
CA SER B 24 1.65 18.36 -18.36
C SER B 24 1.30 17.11 -17.56
N GLU B 25 0.14 17.13 -16.92
CA GLU B 25 -0.29 16.10 -15.98
C GLU B 25 0.58 16.10 -14.72
N LEU B 26 1.52 17.02 -14.61
CA LEU B 26 2.35 17.17 -13.43
C LEU B 26 2.14 18.51 -12.76
N LYS B 27 2.09 19.59 -13.54
CA LYS B 27 1.72 20.91 -13.03
C LYS B 27 0.20 21.06 -13.02
N THR B 28 -0.46 20.15 -12.32
CA THR B 28 -1.90 20.20 -12.13
C THR B 28 -2.29 20.77 -10.78
N ILE B 29 -1.56 20.41 -9.73
CA ILE B 29 -1.72 21.09 -8.45
C ILE B 29 -1.46 22.57 -8.66
N LEU B 30 -2.48 23.39 -8.43
CA LEU B 30 -2.26 24.83 -8.54
C LEU B 30 -1.14 25.25 -7.60
N HIS B 31 -0.20 26.03 -8.13
CA HIS B 31 0.99 26.37 -7.35
C HIS B 31 0.60 27.00 -6.03
N SER B 32 -0.51 27.72 -5.98
CA SER B 32 -0.97 28.37 -4.77
C SER B 32 -1.57 27.40 -3.77
N LYS B 33 -1.54 26.10 -4.03
CA LYS B 33 -2.12 25.12 -3.13
C LYS B 33 -1.22 23.92 -2.86
N ARG B 34 -0.04 23.87 -3.44
CA ARG B 34 0.92 22.83 -3.06
C ARG B 34 1.27 23.00 -1.60
N ALA B 35 1.45 21.87 -0.91
CA ALA B 35 1.50 21.84 0.54
C ALA B 35 2.84 21.37 1.07
N ASN B 36 3.94 21.85 0.49
CA ASN B 36 5.26 21.56 1.03
C ASN B 36 6.22 22.67 0.66
N LEU B 37 7.29 22.76 1.42
CA LEU B 37 8.40 23.66 1.11
C LEU B 37 9.59 23.18 1.90
N TYR B 38 10.64 22.73 1.20
CA TYR B 38 11.68 21.92 1.81
C TYR B 38 12.92 22.74 2.13
N TYR B 39 13.52 22.46 3.28
CA TYR B 39 14.81 23.01 3.67
C TYR B 39 15.73 21.85 4.00
N LEU B 40 16.86 21.77 3.29
CA LEU B 40 17.73 20.60 3.34
C LEU B 40 19.16 21.01 3.63
N GLN B 41 19.85 20.17 4.41
CA GLN B 41 21.25 20.39 4.74
C GLN B 41 21.95 19.05 4.83
N HIS B 42 23.21 19.02 4.43
CA HIS B 42 24.03 17.82 4.49
C HIS B 42 23.36 16.66 3.76
N CYS B 43 23.20 16.83 2.45
CA CYS B 43 22.59 15.79 1.64
C CYS B 43 22.88 16.08 0.17
N ARG B 44 22.64 15.06 -0.66
CA ARG B 44 22.79 15.16 -2.10
C ARG B 44 21.45 14.92 -2.75
N VAL B 45 21.01 15.87 -3.58
CA VAL B 45 19.72 15.77 -4.24
C VAL B 45 19.94 15.12 -5.61
N LEU B 46 19.45 13.91 -5.78
CA LEU B 46 19.68 13.16 -7.00
C LEU B 46 18.38 12.57 -7.54
N VAL B 47 18.49 11.74 -8.58
CA VAL B 47 17.35 11.03 -9.15
C VAL B 47 17.61 9.54 -9.01
N ASN B 48 16.57 8.79 -8.65
CA ASN B 48 16.72 7.36 -8.42
C ASN B 48 15.43 6.67 -8.81
N GLY B 49 15.51 5.77 -9.78
CA GLY B 49 14.33 5.04 -10.21
C GLY B 49 13.23 5.94 -10.72
N GLY B 50 13.59 7.00 -11.44
CA GLY B 50 12.61 7.92 -11.97
C GLY B 50 12.06 8.91 -10.97
N ARG B 51 12.43 8.80 -9.70
CA ARG B 51 11.97 9.70 -8.66
C ARG B 51 13.10 10.62 -8.23
N VAL B 52 12.73 11.82 -7.80
CA VAL B 52 13.69 12.80 -7.31
C VAL B 52 13.81 12.62 -5.81
N GLU B 53 15.02 12.32 -5.34
CA GLU B 53 15.24 11.99 -3.94
C GLU B 53 16.48 12.73 -3.45
N TYR B 54 16.57 12.89 -2.13
CA TYR B 54 17.75 13.46 -1.50
C TYR B 54 18.28 12.46 -0.48
N VAL B 55 19.59 12.26 -0.47
CA VAL B 55 20.24 11.22 0.31
C VAL B 55 21.04 11.86 1.43
N THR B 56 20.98 11.26 2.61
CA THR B 56 21.68 11.75 3.78
C THR B 56 22.54 10.64 4.38
N ASP B 57 23.75 11.00 4.81
CA ASP B 57 24.62 10.05 5.47
C ASP B 57 24.13 9.78 6.88
N GLU B 58 24.05 8.51 7.24
CA GLU B 58 23.49 8.11 8.52
C GLU B 58 24.44 7.20 9.31
N GLY B 59 25.69 7.08 8.88
CA GLY B 59 26.63 6.22 9.56
C GLY B 59 26.51 4.77 9.13
N ARG B 60 25.44 4.11 9.57
CA ARG B 60 25.19 2.73 9.12
C ARG B 60 25.13 2.67 7.61
N HIS B 61 24.33 3.55 7.02
CA HIS B 61 24.00 3.47 5.61
C HIS B 61 23.78 4.88 5.09
N SER B 62 23.61 4.99 3.77
CA SER B 62 23.03 6.17 3.16
C SER B 62 21.54 5.95 3.01
N HIS B 63 20.74 6.91 3.45
CA HIS B 63 19.30 6.81 3.41
C HIS B 63 18.74 7.70 2.30
N TYR B 64 17.96 7.11 1.41
CA TYR B 64 17.27 7.86 0.38
C TYR B 64 15.94 8.37 0.92
N TRP B 65 15.68 9.65 0.74
CA TRP B 65 14.43 10.26 1.16
C TRP B 65 13.68 10.82 -0.03
N ASN B 66 12.37 10.70 0.01
CA ASN B 66 11.52 11.04 -1.13
C ASN B 66 11.21 12.54 -1.16
N ILE B 67 11.03 13.06 -2.37
CA ILE B 67 10.62 14.45 -2.55
C ILE B 67 9.42 14.49 -3.49
N PRO B 68 8.23 14.86 -3.03
CA PRO B 68 7.08 14.91 -3.94
C PRO B 68 7.05 16.18 -4.76
N ILE B 69 7.74 16.17 -5.90
CA ILE B 69 7.89 17.39 -6.68
C ILE B 69 6.53 17.99 -7.03
N ALA B 70 5.51 17.15 -7.23
CA ALA B 70 4.20 17.68 -7.59
C ALA B 70 3.65 18.57 -6.48
N ASN B 71 3.75 18.12 -5.23
CA ASN B 71 3.28 18.89 -4.09
C ASN B 71 4.44 19.64 -3.44
N THR B 72 5.10 20.48 -4.22
CA THR B 72 6.24 21.21 -3.70
C THR B 72 6.30 22.60 -4.33
N THR B 73 6.56 23.60 -3.49
CA THR B 73 6.73 24.95 -3.97
C THR B 73 8.18 25.25 -4.32
N SER B 74 9.13 24.82 -3.49
CA SER B 74 10.53 25.15 -3.74
C SER B 74 11.40 24.33 -2.81
N LEU B 75 12.68 24.26 -3.16
CA LEU B 75 13.71 23.67 -2.33
C LEU B 75 14.68 24.75 -1.88
N LEU B 76 15.07 24.70 -0.62
CA LEU B 76 16.16 25.52 -0.11
C LEU B 76 17.29 24.60 0.32
N LEU B 77 18.47 24.81 -0.24
CA LEU B 77 19.62 23.95 -0.02
C LEU B 77 20.67 24.72 0.76
N GLY B 78 21.14 24.13 1.85
CA GLY B 78 22.04 24.78 2.78
C GLY B 78 23.47 24.32 2.62
N THR B 79 24.15 24.15 3.75
CA THR B 79 25.56 23.83 3.75
C THR B 79 25.79 22.37 3.42
N GLY B 80 26.93 22.10 2.79
CA GLY B 80 27.29 20.73 2.48
C GLY B 80 26.23 20.01 1.68
N THR B 81 25.67 20.69 0.68
CA THR B 81 24.58 20.15 -0.12
C THR B 81 24.94 20.26 -1.58
N SER B 82 24.54 19.25 -2.35
CA SER B 82 24.85 19.21 -3.77
C SER B 82 23.67 18.63 -4.53
N ILE B 83 23.56 19.01 -5.80
CA ILE B 83 22.46 18.59 -6.65
C ILE B 83 23.00 18.16 -8.00
N THR B 84 22.26 17.26 -8.65
CA THR B 84 22.64 16.69 -9.93
C THR B 84 21.69 17.16 -11.02
N GLN B 85 22.20 17.15 -12.26
CA GLN B 85 21.46 17.73 -13.37
C GLN B 85 20.10 17.05 -13.57
N ALA B 86 20.07 15.73 -13.53
CA ALA B 86 18.81 15.03 -13.80
C ALA B 86 17.72 15.51 -12.84
N ALA B 87 18.09 15.78 -11.59
CA ALA B 87 17.11 16.30 -10.65
C ALA B 87 16.60 17.65 -11.12
N MET B 88 17.46 18.48 -11.67
CA MET B 88 17.05 19.78 -12.18
C MET B 88 16.05 19.58 -13.30
N ARG B 89 16.32 18.63 -14.20
CA ARG B 89 15.37 18.37 -15.27
C ARG B 89 13.98 18.07 -14.71
N GLU B 90 13.93 17.19 -13.71
CA GLU B 90 12.63 16.84 -13.13
C GLU B 90 11.98 18.03 -12.42
N LEU B 91 12.75 18.71 -11.58
CA LEU B 91 12.19 19.83 -10.82
C LEU B 91 11.70 20.92 -11.76
N ALA B 92 12.47 21.22 -12.81
CA ALA B 92 12.02 22.21 -13.79
C ALA B 92 10.72 21.77 -14.42
N ARG B 93 10.62 20.49 -14.79
CA ARG B 93 9.37 20.02 -15.37
C ARG B 93 8.21 20.27 -14.43
N ALA B 94 8.39 19.96 -13.14
CA ALA B 94 7.32 20.14 -12.18
C ALA B 94 7.12 21.59 -11.79
N GLY B 95 7.97 22.51 -12.26
CA GLY B 95 7.81 23.90 -11.92
C GLY B 95 8.21 24.25 -10.50
N VAL B 96 9.17 23.53 -9.95
CA VAL B 96 9.64 23.75 -8.58
C VAL B 96 10.86 24.66 -8.63
N LEU B 97 10.89 25.65 -7.76
CA LEU B 97 12.07 26.49 -7.63
C LEU B 97 13.13 25.78 -6.82
N VAL B 98 14.38 26.07 -7.14
CA VAL B 98 15.53 25.61 -6.38
C VAL B 98 16.33 26.82 -5.95
N GLY B 99 16.63 26.92 -4.66
CA GLY B 99 17.40 28.03 -4.14
C GLY B 99 18.55 27.58 -3.28
N PHE B 100 19.74 28.12 -3.55
CA PHE B 100 20.91 27.86 -2.73
C PHE B 100 21.07 29.00 -1.76
N CYS B 101 21.19 28.67 -0.47
CA CYS B 101 21.17 29.66 0.59
C CYS B 101 22.28 29.36 1.58
N GLY B 102 22.50 30.29 2.49
CA GLY B 102 23.45 30.08 3.56
C GLY B 102 22.92 29.12 4.60
N GLY B 103 23.80 28.74 5.51
CA GLY B 103 23.45 27.75 6.51
C GLY B 103 22.45 28.24 7.54
N GLY B 104 21.24 27.69 7.51
CA GLY B 104 20.28 27.88 8.56
C GLY B 104 20.17 29.30 9.10
N GLY B 105 19.91 30.25 8.21
CA GLY B 105 19.65 31.62 8.62
C GLY B 105 20.76 32.61 8.39
N THR B 106 21.67 32.34 7.47
CA THR B 106 22.73 33.27 7.11
C THR B 106 22.76 33.43 5.60
N PRO B 107 23.26 34.55 5.09
CA PRO B 107 23.35 34.71 3.65
C PRO B 107 24.26 33.66 3.03
N LEU B 108 23.89 33.22 1.83
CA LEU B 108 24.81 32.39 1.05
C LEU B 108 26.13 33.09 0.86
N PHE B 109 26.08 34.37 0.49
CA PHE B 109 27.23 35.23 0.35
C PHE B 109 27.04 36.54 1.07
N SER B 110 28.16 37.05 1.60
CA SER B 110 28.19 38.38 2.19
C SER B 110 29.65 38.78 2.42
N ALA B 111 30.01 39.96 1.94
CA ALA B 111 31.34 40.50 2.17
C ALA B 111 31.25 42.02 2.10
N ASN B 112 31.99 42.68 2.99
CA ASN B 112 31.96 44.13 3.13
C ASN B 112 30.50 44.55 3.25
N GLU B 113 29.94 45.39 2.36
CA GLU B 113 28.53 45.76 2.52
C GLU B 113 27.75 45.10 1.39
N VAL B 114 28.14 43.88 0.99
CA VAL B 114 27.45 43.14 -0.03
C VAL B 114 26.79 41.95 0.65
N ASP B 115 25.58 41.65 0.21
CA ASP B 115 24.85 40.47 0.62
C ASP B 115 24.14 39.83 -0.56
N VAL B 116 24.13 38.51 -0.57
CA VAL B 116 23.36 37.73 -1.53
C VAL B 116 22.67 36.65 -0.71
N GLU B 117 21.42 36.91 -0.31
CA GLU B 117 20.74 36.01 0.60
C GLU B 117 20.55 34.64 -0.05
N VAL B 118 20.00 34.60 -1.25
CA VAL B 118 19.69 33.35 -1.92
C VAL B 118 20.01 33.49 -3.40
N SER B 119 20.51 32.41 -3.99
CA SER B 119 20.73 32.32 -5.42
C SER B 119 19.69 31.39 -6.00
N TRP B 120 18.83 31.90 -6.88
CA TRP B 120 17.66 31.19 -7.34
C TRP B 120 17.90 30.59 -8.71
N LEU B 121 17.38 29.38 -8.92
CA LEU B 121 17.37 28.72 -10.21
C LEU B 121 15.91 28.61 -10.65
N THR B 122 15.48 29.54 -11.49
CA THR B 122 14.08 29.49 -11.93
C THR B 122 13.94 28.57 -13.14
N PRO B 123 12.85 27.83 -13.24
CA PRO B 123 12.60 27.07 -14.48
C PRO B 123 12.50 28.01 -15.66
N GLN B 124 12.99 27.54 -16.81
CA GLN B 124 12.92 28.31 -18.04
C GLN B 124 12.20 27.59 -19.16
N SER B 125 11.91 26.30 -19.01
CA SER B 125 11.25 25.53 -20.05
C SER B 125 9.74 25.45 -19.87
N GLU B 126 9.19 26.09 -18.86
CA GLU B 126 7.75 26.08 -18.60
C GLU B 126 7.24 27.50 -18.83
N TYR B 127 6.72 27.74 -20.02
CA TYR B 127 6.32 29.09 -20.39
C TYR B 127 5.19 29.57 -19.50
N ARG B 128 5.22 30.85 -19.16
CA ARG B 128 4.34 31.44 -18.16
C ARG B 128 3.45 32.50 -18.80
N PRO B 129 2.31 32.80 -18.16
CA PRO B 129 1.37 33.78 -18.75
C PRO B 129 2.04 35.05 -19.20
N THR B 130 1.37 35.81 -20.09
CA THR B 130 1.99 36.93 -20.77
C THR B 130 1.29 38.25 -20.50
N GLU B 131 0.38 38.30 -19.52
CA GLU B 131 -0.40 39.51 -19.27
C GLU B 131 0.14 40.27 -18.06
N TYR B 132 0.24 39.60 -16.91
CA TYR B 132 0.75 40.29 -15.72
C TYR B 132 2.12 40.89 -16.02
N LEU B 133 2.97 40.15 -16.70
CA LEU B 133 4.27 40.68 -17.08
C LEU B 133 4.12 41.96 -17.89
N GLN B 134 3.23 41.95 -18.88
CA GLN B 134 3.09 43.13 -19.74
C GLN B 134 2.58 44.33 -18.96
N ARG B 135 1.63 44.13 -18.05
CA ARG B 135 1.21 45.22 -17.19
C ARG B 135 2.36 45.73 -16.35
N TRP B 136 3.04 44.82 -15.67
CA TRP B 136 4.11 45.19 -14.76
C TRP B 136 5.17 46.00 -15.49
N VAL B 137 5.68 45.45 -16.59
CA VAL B 137 6.71 46.16 -17.32
C VAL B 137 6.13 47.41 -17.96
N GLY B 138 4.81 47.48 -18.10
CA GLY B 138 4.21 48.68 -18.65
C GLY B 138 4.36 49.85 -17.72
N PHE B 139 4.23 49.62 -16.41
CA PHE B 139 4.32 50.72 -15.46
C PHE B 139 5.65 50.80 -14.72
N TRP B 140 6.50 49.78 -14.82
CA TRP B 140 7.70 49.73 -13.99
C TRP B 140 8.71 50.81 -14.32
N PHE B 141 8.58 51.51 -15.44
CA PHE B 141 9.58 52.48 -15.89
C PHE B 141 9.13 53.92 -15.68
N ASP B 142 8.45 54.18 -14.56
CA ASP B 142 8.07 55.55 -14.20
C ASP B 142 7.95 55.60 -12.68
N GLU B 143 8.88 56.32 -12.05
CA GLU B 143 9.03 56.24 -10.60
C GLU B 143 7.72 56.51 -9.87
N GLU B 144 6.94 57.49 -10.32
CA GLU B 144 5.70 57.81 -9.62
C GLU B 144 4.76 56.62 -9.57
N LYS B 145 4.65 55.91 -10.69
CA LYS B 145 3.75 54.77 -10.77
C LYS B 145 4.25 53.67 -9.83
N ARG B 146 5.57 53.49 -9.76
CA ARG B 146 6.16 52.55 -8.81
C ARG B 146 5.79 52.95 -7.39
N LEU B 147 5.95 54.23 -7.06
CA LEU B 147 5.64 54.69 -5.72
C LEU B 147 4.20 54.34 -5.36
N VAL B 148 3.28 54.51 -6.31
CA VAL B 148 1.90 54.14 -6.05
C VAL B 148 1.80 52.65 -5.76
N ALA B 149 2.54 51.84 -6.51
CA ALA B 149 2.55 50.40 -6.24
C ALA B 149 3.06 50.12 -4.82
N ALA B 150 4.13 50.79 -4.42
CA ALA B 150 4.67 50.58 -3.09
C ALA B 150 3.65 50.92 -2.03
N ARG B 151 2.96 52.04 -2.20
CA ARG B 151 1.88 52.40 -1.28
C ARG B 151 0.88 51.27 -1.17
N HIS B 152 0.49 50.68 -2.31
CA HIS B 152 -0.47 49.59 -2.27
C HIS B 152 0.09 48.40 -1.50
N PHE B 153 1.37 48.09 -1.72
CA PHE B 153 1.99 47.01 -0.98
C PHE B 153 1.85 47.24 0.52
N GLN B 154 2.22 48.42 0.98
CA GLN B 154 2.18 48.68 2.41
C GLN B 154 0.76 48.63 2.96
N ARG B 155 -0.18 49.26 2.26
CA ARG B 155 -1.55 49.23 2.75
C ARG B 155 -2.05 47.80 2.90
N ALA B 156 -1.68 46.93 1.95
CA ALA B 156 -2.01 45.52 2.08
C ALA B 156 -1.33 44.92 3.31
N ARG B 157 -0.08 45.29 3.54
CA ARG B 157 0.65 44.74 4.68
C ARG B 157 -0.02 45.11 5.99
N LEU B 158 -0.32 46.39 6.15
CA LEU B 158 -1.07 46.87 7.31
C LEU B 158 -2.36 46.08 7.50
N GLU B 159 -3.12 45.93 6.41
CA GLU B 159 -4.37 45.18 6.48
C GLU B 159 -4.14 43.76 6.97
N ARG B 160 -3.13 43.09 6.45
CA ARG B 160 -2.82 41.74 6.88
C ARG B 160 -2.43 41.73 8.35
N ILE B 161 -1.64 42.72 8.77
CA ILE B 161 -1.22 42.78 10.17
C ILE B 161 -2.45 42.81 11.07
N ARG B 162 -3.37 43.73 10.78
CA ARG B 162 -4.54 43.85 11.62
C ARG B 162 -5.34 42.55 11.63
N HIS B 163 -5.59 41.99 10.45
CA HIS B 163 -6.46 40.82 10.38
C HIS B 163 -5.86 39.67 11.16
N SER B 164 -4.57 39.47 11.02
CA SER B 164 -3.90 38.31 11.59
C SER B 164 -3.72 38.48 13.09
N TRP B 165 -3.22 39.61 13.54
CA TRP B 165 -2.93 39.73 14.96
C TRP B 165 -4.22 39.80 15.78
N LEU B 166 -5.21 40.57 15.31
CA LEU B 166 -6.38 40.87 16.12
C LEU B 166 -7.58 39.98 15.83
N GLU B 167 -7.57 39.17 14.77
CA GLU B 167 -8.75 38.40 14.41
C GLU B 167 -8.46 36.92 14.22
N ASP B 168 -7.31 36.44 14.67
CA ASP B 168 -6.96 35.03 14.57
C ASP B 168 -7.11 34.39 15.95
N ARG B 169 -7.93 33.36 16.03
CA ARG B 169 -8.10 32.65 17.29
C ARG B 169 -6.92 31.74 17.59
N VAL B 170 -6.24 31.24 16.56
CA VAL B 170 -5.14 30.30 16.79
C VAL B 170 -4.00 31.00 17.53
N LEU B 171 -3.55 32.15 17.02
CA LEU B 171 -2.45 32.86 17.67
C LEU B 171 -2.82 33.26 19.09
N ARG B 172 -4.03 33.76 19.28
CA ARG B 172 -4.47 34.13 20.62
C ARG B 172 -4.41 32.93 21.56
N ASP B 173 -5.04 31.82 21.15
CA ASP B 173 -5.07 30.64 22.00
C ASP B 173 -3.67 30.12 22.28
N ALA B 174 -2.76 30.25 21.32
CA ALA B 174 -1.39 29.81 21.53
C ALA B 174 -0.70 30.63 22.61
N GLY B 175 -1.22 31.81 22.94
CA GLY B 175 -0.65 32.62 24.00
C GLY B 175 -0.14 33.96 23.52
N PHE B 176 -0.56 34.39 22.35
CA PHE B 176 -0.12 35.67 21.78
C PHE B 176 -1.15 36.75 22.09
N ALA B 177 -1.26 37.07 23.37
CA ALA B 177 -2.18 38.11 23.82
C ALA B 177 -1.54 39.47 23.61
N VAL B 178 -2.17 40.31 22.78
CA VAL B 178 -1.60 41.58 22.37
C VAL B 178 -2.52 42.72 22.81
N ASP B 179 -1.91 43.88 23.01
CA ASP B 179 -2.66 45.09 23.39
C ASP B 179 -3.34 45.66 22.15
N ALA B 180 -4.65 45.49 22.06
CA ALA B 180 -5.38 45.91 20.87
C ALA B 180 -5.24 47.40 20.65
N THR B 181 -5.46 48.20 21.69
CA THR B 181 -5.49 49.66 21.51
C THR B 181 -4.16 50.18 20.99
N ALA B 182 -3.06 49.75 21.62
CA ALA B 182 -1.75 50.24 21.19
C ALA B 182 -1.48 49.85 19.74
N LEU B 183 -1.80 48.61 19.38
CA LEU B 183 -1.60 48.18 18.00
C LEU B 183 -2.43 49.02 17.05
N ALA B 184 -3.67 49.30 17.42
CA ALA B 184 -4.56 50.06 16.53
C ALA B 184 -3.99 51.45 16.27
N VAL B 185 -3.55 52.13 17.34
CA VAL B 185 -3.02 53.47 17.15
C VAL B 185 -1.72 53.42 16.35
N ALA B 186 -0.89 52.41 16.57
CA ALA B 186 0.33 52.28 15.78
C ALA B 186 0.01 52.10 14.30
N VAL B 187 -0.97 51.26 14.01
CA VAL B 187 -1.39 51.03 12.62
C VAL B 187 -1.92 52.33 12.01
N GLU B 188 -2.81 53.02 12.72
CA GLU B 188 -3.36 54.26 12.17
C GLU B 188 -2.27 55.30 11.96
N ASP B 189 -1.37 55.45 12.93
CA ASP B 189 -0.29 56.42 12.81
C ASP B 189 0.57 56.12 11.59
N SER B 190 0.98 54.86 11.45
CA SER B 190 1.82 54.49 10.32
C SER B 190 1.07 54.72 9.02
N ALA B 191 -0.18 54.29 8.95
CA ALA B 191 -0.93 54.41 7.70
C ALA B 191 -0.99 55.88 7.25
N ARG B 192 -1.28 56.78 8.19
CA ARG B 192 -1.29 58.20 7.84
C ARG B 192 0.08 58.62 7.32
N ALA B 193 1.15 58.18 7.99
CA ALA B 193 2.48 58.55 7.52
C ALA B 193 2.74 58.01 6.11
N LEU B 194 2.30 56.78 5.84
CA LEU B 194 2.41 56.21 4.50
C LEU B 194 1.75 57.13 3.48
N GLU B 195 0.57 57.64 3.80
CA GLU B 195 -0.09 58.55 2.88
C GLU B 195 0.74 59.81 2.71
N GLN B 196 1.36 60.30 3.77
CA GLN B 196 2.19 61.50 3.68
C GLN B 196 3.47 61.27 2.89
N ALA B 197 3.91 60.02 2.75
CA ALA B 197 5.20 59.70 2.15
C ALA B 197 5.39 60.41 0.81
N PRO B 198 6.33 61.35 0.70
CA PRO B 198 6.53 62.04 -0.59
C PRO B 198 7.47 61.32 -1.55
N ASN B 199 8.38 60.50 -1.03
CA ASN B 199 9.33 59.80 -1.88
C ASN B 199 9.88 58.59 -1.12
N HIS B 200 10.76 57.85 -1.78
CA HIS B 200 11.14 56.53 -1.28
C HIS B 200 11.81 56.62 0.09
N GLU B 201 12.75 57.54 0.27
CA GLU B 201 13.51 57.58 1.51
C GLU B 201 12.58 57.71 2.72
N HIS B 202 11.61 58.63 2.64
CA HIS B 202 10.64 58.75 3.71
C HIS B 202 9.85 57.45 3.89
N LEU B 203 9.53 56.80 2.77
CA LEU B 203 8.79 55.54 2.84
C LEU B 203 9.59 54.49 3.62
N LEU B 204 10.88 54.39 3.33
CA LEU B 204 11.72 53.41 4.02
C LEU B 204 11.84 53.75 5.50
N THR B 205 11.96 55.04 5.83
CA THR B 205 12.02 55.42 7.23
C THR B 205 10.76 55.00 7.96
N GLU B 206 9.59 55.23 7.33
CA GLU B 206 8.35 54.75 7.92
C GLU B 206 8.36 53.25 8.07
N GLU B 207 8.86 52.54 7.06
CA GLU B 207 9.01 51.09 7.17
C GLU B 207 9.82 50.71 8.41
N ALA B 208 10.95 51.38 8.62
CA ALA B 208 11.78 51.10 9.79
C ALA B 208 11.03 51.35 11.09
N ARG B 209 10.38 52.51 11.19
CA ARG B 209 9.66 52.84 12.42
C ARG B 209 8.53 51.85 12.67
N LEU B 210 7.76 51.55 11.63
CA LEU B 210 6.74 50.52 11.70
C LEU B 210 7.34 49.24 12.24
N SER B 211 8.46 48.83 11.65
CA SER B 211 8.99 47.51 11.93
C SER B 211 9.30 47.41 13.41
N LYS B 212 10.02 48.40 13.95
CA LYS B 212 10.47 48.08 15.29
C LYS B 212 9.31 48.23 16.25
N ARG B 213 8.42 49.20 16.02
CA ARG B 213 7.27 49.28 16.91
C ARG B 213 6.51 47.96 16.96
N LEU B 214 6.46 47.25 15.81
CA LEU B 214 5.92 45.90 15.82
C LEU B 214 6.76 44.96 16.68
N PHE B 215 8.08 45.04 16.58
CA PHE B 215 8.90 44.22 17.47
C PHE B 215 8.59 44.50 18.92
N LYS B 216 8.55 45.78 19.29
CA LYS B 216 8.27 46.18 20.66
C LYS B 216 6.95 45.60 21.14
N LEU B 217 5.89 45.78 20.34
CA LEU B 217 4.58 45.26 20.74
C LEU B 217 4.61 43.75 20.88
N ALA B 218 5.19 43.06 19.89
CA ALA B 218 5.25 41.61 19.93
C ALA B 218 5.96 41.13 21.18
N ALA B 219 7.12 41.71 21.49
CA ALA B 219 7.93 41.20 22.59
C ALA B 219 7.17 41.29 23.91
N GLN B 220 6.70 42.47 24.27
CA GLN B 220 6.22 42.63 25.64
C GLN B 220 4.81 42.09 25.78
N ALA B 221 4.13 41.85 24.66
CA ALA B 221 2.91 41.05 24.67
C ALA B 221 3.18 39.58 24.86
N THR B 222 4.44 39.14 24.71
CA THR B 222 4.81 37.74 24.82
C THR B 222 5.67 37.46 26.05
N ARG B 223 5.73 38.40 27.00
CA ARG B 223 6.53 38.26 28.21
C ARG B 223 8.02 38.10 27.92
N TYR B 224 8.46 38.36 26.68
CA TYR B 224 9.86 38.23 26.36
C TYR B 224 10.72 39.26 27.06
N GLY B 225 10.12 40.37 27.50
CA GLY B 225 10.90 41.46 28.03
C GLY B 225 11.52 42.30 26.93
N GLU B 226 12.50 43.10 27.32
CA GLU B 226 13.21 43.95 26.37
C GLU B 226 13.89 43.12 25.29
N PHE B 227 13.92 43.68 24.08
CA PHE B 227 14.47 42.98 22.92
C PHE B 227 15.04 44.02 21.96
N VAL B 228 15.97 43.56 21.12
CA VAL B 228 16.53 44.39 20.07
C VAL B 228 16.82 43.51 18.87
N ARG B 229 16.62 44.07 17.68
CA ARG B 229 16.82 43.32 16.44
C ARG B 229 18.29 43.39 16.04
N ALA B 230 18.89 42.23 15.81
CA ALA B 230 20.29 42.17 15.43
C ALA B 230 20.47 42.56 13.97
N LYS B 231 21.73 42.64 13.56
CA LYS B 231 22.11 43.17 12.26
C LYS B 231 22.70 42.05 11.41
N ARG B 232 22.25 41.96 10.16
CA ARG B 232 22.80 41.05 9.17
C ARG B 232 23.00 39.65 9.74
N GLY B 233 21.93 39.10 10.31
CA GLY B 233 21.93 37.71 10.73
C GLY B 233 22.97 37.36 11.77
N SER B 234 23.40 38.33 12.57
CA SER B 234 24.45 38.11 13.55
C SER B 234 23.92 37.91 14.96
N GLY B 235 22.62 37.76 15.12
CA GLY B 235 22.04 37.72 16.46
C GLY B 235 22.44 36.47 17.21
N GLY B 236 22.46 36.59 18.54
CA GLY B 236 22.78 35.48 19.41
C GLY B 236 21.57 34.85 20.08
N ASP B 237 20.66 35.69 20.57
CA ASP B 237 19.52 35.18 21.31
C ASP B 237 18.57 34.42 20.38
N PRO B 238 17.73 33.54 20.93
CA PRO B 238 16.87 32.73 20.07
C PRO B 238 15.96 33.54 19.16
N ALA B 239 15.42 34.65 19.64
CA ALA B 239 14.46 35.41 18.85
C ALA B 239 15.07 35.86 17.53
N ASN B 240 16.27 36.47 17.60
CA ASN B 240 16.89 36.95 16.37
C ASN B 240 17.21 35.80 15.42
N ARG B 241 17.71 34.69 15.96
CA ARG B 241 18.04 33.56 15.10
C ARG B 241 16.80 33.05 14.37
N PHE B 242 15.70 32.91 15.10
CA PHE B 242 14.47 32.45 14.45
C PHE B 242 13.99 33.44 13.41
N LEU B 243 14.03 34.74 13.71
CA LEU B 243 13.61 35.72 12.71
C LEU B 243 14.45 35.61 11.45
N ASP B 244 15.76 35.51 11.61
CA ASP B 244 16.64 35.37 10.46
C ASP B 244 16.30 34.12 9.66
N HIS B 245 16.02 33.02 10.35
CA HIS B 245 15.68 31.80 9.62
C HIS B 245 14.34 31.93 8.92
N GLY B 246 13.34 32.48 9.60
CA GLY B 246 12.03 32.61 8.99
C GLY B 246 12.05 33.44 7.74
N ASN B 247 12.93 34.44 7.69
CA ASN B 247 12.99 35.29 6.51
C ASN B 247 13.19 34.46 5.26
N TYR B 248 14.00 33.40 5.34
CA TYR B 248 14.24 32.58 4.16
C TYR B 248 12.99 31.84 3.71
N LEU B 249 12.19 31.33 4.65
CA LEU B 249 10.92 30.73 4.27
C LEU B 249 10.05 31.73 3.53
N ALA B 250 9.99 32.95 4.05
CA ALA B 250 9.23 33.98 3.35
C ALA B 250 9.81 34.25 1.97
N TYR B 251 11.14 34.33 1.86
CA TYR B 251 11.78 34.51 0.57
C TYR B 251 11.35 33.42 -0.40
N GLY B 252 11.36 32.17 0.06
CA GLY B 252 11.01 31.07 -0.83
C GLY B 252 9.60 31.22 -1.38
N LEU B 253 8.65 31.50 -0.48
CA LEU B 253 7.28 31.66 -0.95
C LEU B 253 7.14 32.86 -1.87
N ALA B 254 7.83 33.96 -1.57
CA ALA B 254 7.79 35.12 -2.44
C ALA B 254 8.37 34.80 -3.82
N ALA B 255 9.49 34.08 -3.85
CA ALA B 255 10.12 33.78 -5.12
C ALA B 255 9.19 32.97 -6.00
N THR B 256 8.54 31.96 -5.43
CA THR B 256 7.62 31.19 -6.25
C THR B 256 6.38 31.99 -6.62
N ALA B 257 5.93 32.87 -5.73
CA ALA B 257 4.77 33.68 -6.05
C ALA B 257 5.04 34.59 -7.24
N THR B 258 6.21 35.21 -7.27
CA THR B 258 6.51 36.11 -8.38
C THR B 258 6.85 35.34 -9.64
N TRP B 259 7.40 34.13 -9.53
CA TRP B 259 7.70 33.37 -10.73
C TRP B 259 6.42 32.91 -11.41
N VAL B 260 5.47 32.37 -10.64
CA VAL B 260 4.29 31.76 -11.24
C VAL B 260 3.50 32.77 -12.06
N LEU B 261 3.69 34.06 -11.82
CA LEU B 261 3.10 35.09 -12.66
C LEU B 261 4.02 35.54 -13.78
N GLY B 262 5.23 35.00 -13.86
CA GLY B 262 6.14 35.34 -14.92
C GLY B 262 6.92 36.62 -14.71
N ILE B 263 6.69 37.32 -13.61
CA ILE B 263 7.41 38.58 -13.37
C ILE B 263 8.85 38.28 -13.02
N PRO B 264 9.83 38.84 -13.70
CA PRO B 264 11.23 38.59 -13.31
C PRO B 264 11.51 39.15 -11.93
N HIS B 265 12.39 38.47 -11.21
CA HIS B 265 12.73 38.89 -9.85
C HIS B 265 13.30 40.30 -9.83
N GLY B 266 14.01 40.70 -10.88
CA GLY B 266 14.74 41.95 -10.84
C GLY B 266 13.86 43.17 -10.65
N LEU B 267 12.66 43.16 -11.22
CA LEU B 267 11.82 44.35 -11.29
C LEU B 267 11.21 44.62 -9.91
N ALA B 268 12.04 45.15 -9.02
CA ALA B 268 11.61 45.51 -7.68
C ALA B 268 10.93 46.87 -7.68
N VAL B 269 10.33 47.23 -6.54
CA VAL B 269 9.72 48.54 -6.42
C VAL B 269 10.21 49.31 -5.19
N LEU B 270 10.57 48.59 -4.13
CA LEU B 270 10.93 49.26 -2.88
C LEU B 270 12.36 48.93 -2.43
N HIS B 271 12.69 47.67 -2.24
CA HIS B 271 14.00 47.27 -1.73
C HIS B 271 15.02 47.10 -2.84
N GLY B 272 14.68 47.50 -4.06
CA GLY B 272 15.51 47.17 -5.20
C GLY B 272 16.93 47.72 -5.14
N LYS B 273 17.14 48.88 -4.54
CA LYS B 273 18.43 49.54 -4.67
C LYS B 273 19.35 49.28 -3.48
N THR B 274 19.21 48.11 -2.85
CA THR B 274 20.28 47.53 -2.05
C THR B 274 20.33 46.01 -2.18
N ARG B 275 19.55 45.43 -3.09
CA ARG B 275 19.34 43.98 -3.18
C ARG B 275 19.26 43.52 -4.64
N ARG B 276 19.80 42.35 -4.91
CA ARG B 276 19.59 41.68 -6.18
C ARG B 276 18.29 40.89 -6.12
N GLY B 277 17.53 40.93 -7.21
CA GLY B 277 16.22 40.29 -7.21
C GLY B 277 15.33 40.89 -6.15
N GLY B 278 15.29 42.22 -6.10
CA GLY B 278 14.63 42.89 -4.99
C GLY B 278 13.17 42.52 -4.83
N LEU B 279 12.46 42.33 -5.95
CA LEU B 279 11.02 42.15 -5.87
C LEU B 279 10.65 41.01 -4.94
N VAL B 280 11.52 40.02 -4.81
CA VAL B 280 11.25 38.94 -3.86
C VAL B 280 11.11 39.51 -2.46
N PHE B 281 12.04 40.36 -2.06
CA PHE B 281 11.99 40.94 -0.72
C PHE B 281 10.77 41.82 -0.54
N ASP B 282 10.46 42.65 -1.55
CA ASP B 282 9.28 43.50 -1.47
C ASP B 282 8.04 42.66 -1.24
N VAL B 283 7.91 41.56 -1.97
CA VAL B 283 6.77 40.68 -1.77
C VAL B 283 6.83 40.04 -0.39
N ALA B 284 8.01 39.59 0.03
CA ALA B 284 8.11 38.86 1.29
C ALA B 284 7.61 39.69 2.46
N ASP B 285 7.77 41.01 2.40
CA ASP B 285 7.33 41.83 3.52
C ASP B 285 5.85 41.66 3.80
N LEU B 286 5.07 41.29 2.79
CA LEU B 286 3.65 41.06 3.02
C LEU B 286 3.44 40.05 4.13
N ILE B 287 4.30 39.04 4.19
CA ILE B 287 4.11 37.93 5.12
C ILE B 287 5.17 37.91 6.22
N LYS B 288 6.25 38.68 6.08
CA LYS B 288 7.30 38.69 7.10
C LYS B 288 6.73 38.94 8.49
N ASP B 289 5.90 39.97 8.63
CA ASP B 289 5.45 40.42 9.94
C ASP B 289 4.09 39.88 10.32
N SER B 290 3.18 39.73 9.36
CA SER B 290 1.85 39.25 9.69
C SER B 290 1.90 37.85 10.26
N LEU B 291 2.77 37.00 9.72
CA LEU B 291 3.13 35.75 10.38
C LEU B 291 4.64 35.80 10.64
N ILE B 292 5.21 34.66 11.01
CA ILE B 292 6.64 34.58 11.31
C ILE B 292 6.91 35.31 12.60
N LEU B 293 6.82 36.64 12.56
CA LEU B 293 7.18 37.45 13.73
C LEU B 293 6.49 36.99 15.00
N PRO B 294 5.18 36.77 15.03
CA PRO B 294 4.59 36.21 16.25
C PRO B 294 5.13 34.83 16.56
N GLN B 295 5.20 33.96 15.56
CA GLN B 295 5.61 32.58 15.79
C GLN B 295 7.04 32.53 16.34
N ALA B 296 7.92 33.41 15.86
CA ALA B 296 9.30 33.38 16.32
C ALA B 296 9.38 33.60 17.83
N PHE B 297 8.73 34.64 18.33
CA PHE B 297 8.75 34.89 19.76
C PHE B 297 8.01 33.80 20.51
N LEU B 298 6.92 33.30 19.94
CA LEU B 298 6.17 32.24 20.60
C LEU B 298 7.05 31.01 20.81
N SER B 299 7.77 30.60 19.78
CA SER B 299 8.66 29.45 19.90
C SER B 299 9.75 29.74 20.91
N ALA B 300 10.32 30.95 20.87
CA ALA B 300 11.36 31.29 21.82
C ALA B 300 10.87 31.11 23.25
N MET B 301 9.64 31.49 23.52
CA MET B 301 9.04 31.31 24.84
C MET B 301 9.02 29.84 25.21
N ARG B 302 8.62 29.00 24.27
CA ARG B 302 8.53 27.57 24.52
C ARG B 302 9.90 26.92 24.63
N GLY B 303 10.98 27.65 24.36
CA GLY B 303 12.29 27.04 24.32
C GLY B 303 12.43 26.03 23.20
N ASP B 304 11.75 26.27 22.09
CA ASP B 304 11.75 25.34 20.98
C ASP B 304 13.12 25.26 20.34
N GLU B 305 13.22 24.39 19.34
CA GLU B 305 14.47 24.09 18.66
C GLU B 305 14.25 24.41 17.20
N GLU B 306 15.29 24.89 16.52
CA GLU B 306 15.11 25.45 15.19
C GLU B 306 14.27 24.53 14.30
N GLN B 307 14.44 23.23 14.47
CA GLN B 307 13.68 22.25 13.70
C GLN B 307 12.19 22.41 13.96
N ASP B 308 11.84 22.67 15.22
CA ASP B 308 10.43 22.83 15.56
C ASP B 308 9.90 24.15 15.03
N PHE B 309 10.66 25.23 15.25
CA PHE B 309 10.18 26.53 14.81
C PHE B 309 9.85 26.50 13.33
N ARG B 310 10.73 25.91 12.52
CA ARG B 310 10.45 25.80 11.09
C ARG B 310 9.18 25.00 10.84
N GLN B 311 9.00 23.89 11.54
CA GLN B 311 7.81 23.09 11.31
C GLN B 311 6.54 23.88 11.61
N ALA B 312 6.47 24.51 12.78
CA ALA B 312 5.30 25.28 13.14
C ALA B 312 5.08 26.44 12.17
N CYS B 313 6.16 27.11 11.79
CA CYS B 313 6.02 28.26 10.91
C CYS B 313 5.40 27.84 9.58
N LEU B 314 5.88 26.72 9.02
CA LEU B 314 5.29 26.28 7.76
C LEU B 314 3.83 25.90 7.95
N ASP B 315 3.47 25.39 9.12
CA ASP B 315 2.06 25.06 9.34
C ASP B 315 1.21 26.32 9.32
N ASN B 316 1.67 27.38 9.98
CA ASN B 316 0.92 28.63 9.96
C ASN B 316 0.82 29.16 8.54
N LEU B 317 1.92 29.15 7.80
CA LEU B 317 1.90 29.66 6.43
C LEU B 317 0.89 28.89 5.59
N SER B 318 0.79 27.58 5.80
CA SER B 318 -0.20 26.81 5.06
C SER B 318 -1.62 27.18 5.47
N ARG B 319 -1.87 27.30 6.77
CA ARG B 319 -3.23 27.59 7.23
C ARG B 319 -3.71 28.94 6.73
N ALA B 320 -2.83 29.95 6.76
CA ALA B 320 -3.23 31.30 6.39
C ALA B 320 -3.26 31.52 4.89
N GLN B 321 -2.90 30.52 4.08
CA GLN B 321 -2.86 30.67 2.63
C GLN B 321 -1.99 31.86 2.26
N ALA B 322 -0.78 31.90 2.81
CA ALA B 322 0.10 33.04 2.58
C ALA B 322 0.36 33.21 1.09
N LEU B 323 0.64 32.12 0.39
CA LEU B 323 0.95 32.21 -1.03
C LEU B 323 -0.21 32.81 -1.80
N ASP B 324 -1.43 32.38 -1.51
CA ASP B 324 -2.58 32.92 -2.22
C ASP B 324 -2.71 34.41 -2.00
N PHE B 325 -2.54 34.87 -0.77
CA PHE B 325 -2.58 36.30 -0.50
C PHE B 325 -1.50 37.03 -1.28
N MET B 326 -0.32 36.44 -1.36
CA MET B 326 0.80 37.03 -2.06
C MET B 326 0.51 37.17 -3.56
N ILE B 327 -0.08 36.12 -4.10
CA ILE B 327 -0.37 36.09 -5.53
C ILE B 327 -1.46 37.10 -5.85
N ASP B 328 -2.50 37.12 -5.03
CA ASP B 328 -3.58 38.06 -5.24
C ASP B 328 -3.04 39.48 -5.22
N THR B 329 -2.20 39.78 -4.24
CA THR B 329 -1.71 41.15 -4.12
C THR B 329 -0.93 41.56 -5.36
N LEU B 330 -0.08 40.67 -5.87
CA LEU B 330 0.65 41.01 -7.09
C LEU B 330 -0.30 41.28 -8.26
N LYS B 331 -1.28 40.39 -8.43
CA LYS B 331 -2.27 40.63 -9.48
C LYS B 331 -2.91 42.00 -9.32
N ASP B 332 -3.36 42.31 -8.10
CA ASP B 332 -4.09 43.54 -7.87
C ASP B 332 -3.22 44.74 -8.19
N VAL B 333 -1.98 44.77 -7.69
CA VAL B 333 -1.18 45.96 -7.85
C VAL B 333 -0.83 46.18 -9.32
N ALA B 334 -0.60 45.10 -10.06
CA ALA B 334 -0.44 45.25 -11.50
C ALA B 334 -1.72 45.79 -12.12
N GLN B 335 -2.81 45.05 -11.96
CA GLN B 335 -4.17 45.52 -12.21
C GLN B 335 -4.39 46.98 -11.84
N ARG B 336 -4.07 47.36 -10.60
CA ARG B 336 -4.40 48.70 -10.15
C ARG B 336 -3.59 49.79 -10.83
N SER B 337 -2.50 49.45 -11.51
CA SER B 337 -1.64 50.46 -12.09
C SER B 337 -2.14 50.97 -13.44
N THR B 338 -3.14 50.35 -14.03
CA THR B 338 -3.60 50.76 -15.35
C THR B 338 -4.08 52.22 -15.32
N ASN C 36 -31.32 -28.02 36.01
CA ASN C 36 -30.53 -29.03 35.31
C ASN C 36 -29.59 -28.36 34.33
N LEU C 37 -28.34 -28.81 34.29
CA LEU C 37 -27.29 -28.09 33.59
C LEU C 37 -26.19 -29.05 33.17
N TYR C 38 -25.50 -28.71 32.08
CA TYR C 38 -24.51 -29.60 31.48
C TYR C 38 -23.28 -28.81 31.03
N TYR C 39 -22.24 -29.56 30.66
CA TYR C 39 -20.95 -28.98 30.30
C TYR C 39 -20.39 -29.71 29.08
N LEU C 40 -19.75 -28.96 28.18
CA LEU C 40 -19.19 -29.51 26.95
C LEU C 40 -17.73 -29.11 26.82
N GLN C 41 -16.94 -30.00 26.21
CA GLN C 41 -15.56 -29.68 25.91
C GLN C 41 -15.10 -30.51 24.71
N HIS C 42 -14.06 -30.03 24.05
CA HIS C 42 -13.49 -30.68 22.88
C HIS C 42 -14.60 -31.16 21.94
N CYS C 43 -15.44 -30.22 21.52
CA CYS C 43 -16.64 -30.59 20.78
C CYS C 43 -17.14 -29.41 19.97
N ARG C 44 -17.54 -29.70 18.74
CA ARG C 44 -18.22 -28.73 17.88
C ARG C 44 -19.71 -28.95 17.98
N VAL C 45 -20.46 -27.87 18.11
CA VAL C 45 -21.92 -27.92 18.13
C VAL C 45 -22.40 -27.34 16.81
N LEU C 46 -23.04 -28.18 16.01
CA LEU C 46 -23.57 -27.78 14.71
C LEU C 46 -24.84 -28.59 14.49
N VAL C 47 -25.61 -28.18 13.49
CA VAL C 47 -26.93 -28.73 13.29
C VAL C 47 -26.95 -29.26 11.86
N ASN C 48 -27.47 -30.46 11.66
CA ASN C 48 -27.78 -30.85 10.30
C ASN C 48 -29.00 -31.75 10.30
N GLY C 49 -29.71 -31.75 9.18
CA GLY C 49 -30.97 -32.43 9.11
C GLY C 49 -32.00 -31.91 10.08
N GLY C 50 -31.80 -30.69 10.59
CA GLY C 50 -32.71 -30.13 11.56
C GLY C 50 -32.49 -30.57 12.98
N ARG C 51 -31.48 -31.41 13.23
CA ARG C 51 -31.13 -31.85 14.57
C ARG C 51 -29.78 -31.29 14.95
N VAL C 52 -29.67 -30.80 16.18
CA VAL C 52 -28.40 -30.26 16.68
C VAL C 52 -27.51 -31.44 17.06
N GLU C 53 -26.31 -31.48 16.48
CA GLU C 53 -25.45 -32.65 16.57
C GLU C 53 -24.06 -32.23 17.04
N TYR C 54 -23.38 -33.16 17.71
CA TYR C 54 -22.09 -32.90 18.32
C TYR C 54 -21.02 -33.65 17.54
N VAL C 55 -20.08 -32.90 16.96
CA VAL C 55 -18.94 -33.47 16.28
C VAL C 55 -17.84 -33.63 17.32
N THR C 56 -17.61 -34.87 17.75
CA THR C 56 -16.68 -35.16 18.82
C THR C 56 -15.89 -36.41 18.48
N ASP C 57 -14.73 -36.56 19.13
CA ASP C 57 -13.81 -37.64 18.78
C ASP C 57 -14.38 -39.02 19.10
N GLU C 58 -15.40 -39.09 19.96
CA GLU C 58 -16.03 -40.38 20.26
C GLU C 58 -17.22 -40.67 19.36
N GLY C 59 -17.55 -39.76 18.44
CA GLY C 59 -18.57 -40.05 17.45
C GLY C 59 -19.90 -40.42 18.08
N ARG C 60 -20.54 -41.42 17.50
CA ARG C 60 -21.88 -41.83 17.94
C ARG C 60 -21.89 -42.32 19.39
N HIS C 61 -20.74 -42.69 19.95
CA HIS C 61 -20.67 -43.22 21.30
C HIS C 61 -20.50 -42.15 22.37
N SER C 62 -20.33 -40.89 21.98
CA SER C 62 -20.06 -39.84 22.95
C SER C 62 -21.26 -39.65 23.88
N HIS C 63 -20.97 -39.22 25.11
CA HIS C 63 -22.03 -39.04 26.09
C HIS C 63 -22.96 -37.91 25.68
N TYR C 64 -22.47 -36.92 24.93
CA TYR C 64 -23.27 -35.73 24.67
C TYR C 64 -24.59 -36.06 24.00
N TRP C 65 -24.68 -37.18 23.30
CA TRP C 65 -25.92 -37.51 22.61
C TRP C 65 -27.08 -37.71 23.56
N ASN C 66 -26.80 -37.95 24.84
CA ASN C 66 -27.85 -38.20 25.82
C ASN C 66 -28.40 -36.93 26.45
N ILE C 67 -27.81 -35.77 26.19
CA ILE C 67 -28.32 -34.54 26.81
C ILE C 67 -29.77 -34.32 26.38
N PRO C 68 -30.70 -34.14 27.31
CA PRO C 68 -32.06 -33.75 26.91
C PRO C 68 -32.07 -32.30 26.45
N ILE C 69 -32.79 -32.05 25.36
CA ILE C 69 -32.92 -30.69 24.86
C ILE C 69 -34.35 -30.24 25.08
N ALA C 70 -34.58 -29.56 26.21
CA ALA C 70 -35.87 -29.01 26.56
C ALA C 70 -35.62 -27.82 27.46
N ASN C 71 -36.61 -26.94 27.57
CA ASN C 71 -36.39 -25.66 28.23
C ASN C 71 -35.99 -25.81 29.69
N THR C 72 -35.98 -27.03 30.22
CA THR C 72 -35.45 -27.27 31.55
C THR C 72 -33.92 -27.35 31.57
N THR C 73 -33.28 -27.34 30.41
CA THR C 73 -31.84 -27.52 30.31
C THR C 73 -31.14 -26.18 30.13
N SER C 74 -29.96 -26.06 30.74
CA SER C 74 -29.04 -24.98 30.49
C SER C 74 -27.69 -25.58 30.14
N LEU C 75 -27.01 -24.99 29.16
CA LEU C 75 -25.89 -25.64 28.50
C LEU C 75 -24.67 -24.74 28.56
N LEU C 76 -23.63 -25.19 29.26
CA LEU C 76 -22.40 -24.43 29.44
C LEU C 76 -21.34 -24.94 28.48
N LEU C 77 -20.98 -24.13 27.50
CA LEU C 77 -19.87 -24.47 26.64
C LEU C 77 -18.57 -24.32 27.41
N GLY C 78 -17.51 -24.93 26.89
CA GLY C 78 -16.25 -25.02 27.59
C GLY C 78 -15.05 -24.94 26.67
N THR C 79 -13.94 -25.54 27.11
CA THR C 79 -12.68 -25.42 26.38
C THR C 79 -12.80 -26.05 25.01
N GLY C 80 -12.20 -25.38 24.02
CA GLY C 80 -12.16 -25.90 22.67
C GLY C 80 -13.51 -26.35 22.17
N THR C 81 -14.43 -25.40 21.96
CA THR C 81 -15.74 -25.71 21.42
C THR C 81 -16.20 -24.56 20.55
N SER C 82 -17.13 -24.86 19.66
CA SER C 82 -17.71 -23.86 18.78
C SER C 82 -19.17 -24.17 18.55
N ILE C 83 -19.95 -23.13 18.26
CA ILE C 83 -21.37 -23.23 18.03
C ILE C 83 -21.71 -22.47 16.76
N THR C 84 -22.54 -23.07 15.91
CA THR C 84 -22.94 -22.42 14.67
C THR C 84 -24.24 -21.67 14.88
N GLN C 85 -24.41 -20.60 14.11
CA GLN C 85 -25.61 -19.80 14.22
C GLN C 85 -26.87 -20.65 14.09
N ALA C 86 -26.84 -21.65 13.21
CA ALA C 86 -27.99 -22.53 13.07
C ALA C 86 -28.28 -23.28 14.36
N ALA C 87 -27.24 -23.73 15.04
CA ALA C 87 -27.45 -24.38 16.32
C ALA C 87 -28.08 -23.42 17.31
N MET C 88 -27.65 -22.16 17.29
CA MET C 88 -28.22 -21.17 18.18
C MET C 88 -29.70 -21.06 17.90
N ARG C 89 -30.07 -21.07 16.62
CA ARG C 89 -31.48 -21.04 16.26
C ARG C 89 -32.22 -22.20 16.90
N GLU C 90 -31.73 -23.42 16.70
CA GLU C 90 -32.45 -24.59 17.19
C GLU C 90 -32.58 -24.56 18.71
N LEU C 91 -31.51 -24.18 19.41
CA LEU C 91 -31.60 -24.05 20.85
C LEU C 91 -32.60 -22.99 21.26
N ALA C 92 -32.62 -21.86 20.56
CA ALA C 92 -33.63 -20.84 20.82
C ALA C 92 -35.02 -21.40 20.62
N ARG C 93 -35.21 -22.23 19.60
CA ARG C 93 -36.49 -22.88 19.39
C ARG C 93 -36.84 -23.73 20.60
N ALA C 94 -35.86 -24.45 21.14
CA ALA C 94 -36.11 -25.34 22.25
C ALA C 94 -36.07 -24.64 23.60
N GLY C 95 -35.64 -23.39 23.64
CA GLY C 95 -35.58 -22.67 24.90
C GLY C 95 -34.45 -23.09 25.80
N VAL C 96 -33.33 -23.51 25.23
CA VAL C 96 -32.16 -23.90 26.02
C VAL C 96 -31.28 -22.68 26.22
N LEU C 97 -31.05 -22.32 27.47
CA LEU C 97 -30.10 -21.27 27.78
C LEU C 97 -28.68 -21.78 27.56
N VAL C 98 -27.85 -20.96 26.94
CA VAL C 98 -26.48 -21.35 26.61
C VAL C 98 -25.52 -20.28 27.09
N GLY C 99 -24.36 -20.71 27.58
CA GLY C 99 -23.33 -19.80 28.02
C GLY C 99 -21.97 -20.43 27.85
N PHE C 100 -20.95 -19.59 27.88
CA PHE C 100 -19.57 -20.01 27.64
C PHE C 100 -18.79 -19.94 28.94
N CYS C 101 -18.04 -21.00 29.23
CA CYS C 101 -17.21 -21.07 30.42
C CYS C 101 -15.75 -21.21 30.01
N GLY C 102 -14.89 -21.41 31.02
CA GLY C 102 -13.51 -21.69 30.82
C GLY C 102 -13.15 -23.11 31.22
N GLY C 103 -11.85 -23.32 31.44
CA GLY C 103 -11.39 -24.64 31.83
C GLY C 103 -12.13 -25.14 33.04
N GLY C 104 -12.68 -26.36 32.95
CA GLY C 104 -13.43 -26.94 34.04
C GLY C 104 -14.77 -26.29 34.30
N GLY C 105 -15.07 -25.17 33.67
CA GLY C 105 -16.37 -24.55 33.81
C GLY C 105 -16.49 -23.49 34.90
N THR C 106 -15.40 -23.11 35.54
CA THR C 106 -15.52 -22.19 36.66
C THR C 106 -15.63 -20.73 36.22
N PRO C 107 -14.79 -20.23 35.32
CA PRO C 107 -14.82 -18.78 35.07
C PRO C 107 -15.81 -18.38 33.98
N LEU C 108 -17.10 -18.33 34.35
CA LEU C 108 -18.12 -18.03 33.35
C LEU C 108 -17.86 -16.69 32.69
N PHE C 109 -18.00 -16.64 31.36
CA PHE C 109 -17.75 -15.42 30.60
C PHE C 109 -19.04 -14.73 30.20
N SER C 110 -19.92 -15.40 29.46
CA SER C 110 -21.13 -14.77 28.96
C SER C 110 -22.18 -15.86 28.73
N ALA C 111 -23.42 -15.42 28.66
CA ALA C 111 -24.55 -16.33 28.52
C ALA C 111 -25.78 -15.51 28.20
N ASN C 112 -26.89 -16.21 27.99
CA ASN C 112 -28.19 -15.57 27.93
C ASN C 112 -28.72 -15.33 29.34
N GLU C 113 -29.48 -14.26 29.50
CA GLU C 113 -30.12 -13.98 30.78
C GLU C 113 -31.58 -14.35 30.70
N VAL C 114 -32.12 -14.78 31.83
CA VAL C 114 -33.50 -15.22 31.94
C VAL C 114 -34.36 -14.07 32.40
N ASP C 115 -35.58 -14.00 31.88
CA ASP C 115 -36.52 -12.97 32.29
C ASP C 115 -37.13 -13.33 33.64
N VAL C 116 -38.00 -12.46 34.13
CA VAL C 116 -38.65 -12.63 35.42
C VAL C 116 -40.11 -12.99 35.21
N GLU C 117 -40.66 -13.77 36.14
CA GLU C 117 -42.03 -14.26 36.04
C GLU C 117 -42.98 -13.38 36.83
N VAL C 118 -43.20 -12.18 36.31
CA VAL C 118 -44.23 -11.29 36.83
C VAL C 118 -45.44 -11.35 35.93
N SER C 119 -46.56 -10.84 36.41
CA SER C 119 -47.82 -10.99 35.69
C SER C 119 -47.84 -10.18 34.41
N TRP C 120 -47.37 -8.93 34.45
CA TRP C 120 -47.52 -8.06 33.30
C TRP C 120 -46.59 -8.44 32.16
N LEU C 121 -45.53 -9.21 32.42
CA LEU C 121 -44.74 -9.81 31.36
C LEU C 121 -45.46 -11.02 30.79
N THR C 122 -45.38 -11.18 29.48
CA THR C 122 -46.00 -12.34 28.83
C THR C 122 -45.25 -12.67 27.55
N PRO C 123 -43.96 -13.01 27.62
CA PRO C 123 -43.28 -13.46 26.39
C PRO C 123 -43.87 -14.79 25.99
N GLN C 124 -44.10 -14.90 24.69
CA GLN C 124 -44.72 -16.12 24.20
C GLN C 124 -43.67 -17.21 23.95
N SER C 125 -42.39 -16.90 24.18
CA SER C 125 -41.23 -17.74 23.85
C SER C 125 -41.18 -19.02 24.70
N GLU C 126 -40.30 -19.93 24.26
CA GLU C 126 -40.19 -21.25 24.88
C GLU C 126 -39.41 -21.22 26.19
N TYR C 127 -38.59 -20.21 26.42
CA TYR C 127 -37.85 -20.12 27.66
C TYR C 127 -38.81 -20.05 28.85
N ARG C 128 -38.38 -20.58 29.98
CA ARG C 128 -39.15 -20.50 31.21
C ARG C 128 -38.51 -19.50 32.16
N PRO C 129 -39.25 -18.51 32.66
CA PRO C 129 -38.62 -17.48 33.50
C PRO C 129 -38.37 -17.95 34.92
N THR C 130 -37.91 -17.02 35.76
CA THR C 130 -37.60 -17.30 37.15
C THR C 130 -38.34 -16.29 38.03
N GLU C 131 -38.59 -16.68 39.28
CA GLU C 131 -39.28 -15.83 40.23
C GLU C 131 -38.36 -15.10 41.18
N TYR C 132 -37.10 -15.52 41.27
CA TYR C 132 -36.30 -15.16 42.43
C TYR C 132 -35.93 -13.69 42.47
N LEU C 133 -35.84 -13.02 41.32
CA LEU C 133 -35.52 -11.60 41.35
C LEU C 133 -36.61 -10.81 42.07
N GLN C 134 -37.88 -11.16 41.84
CA GLN C 134 -38.96 -10.47 42.51
C GLN C 134 -38.86 -10.62 44.03
N ARG C 135 -38.64 -11.84 44.51
CA ARG C 135 -38.49 -12.05 45.94
C ARG C 135 -37.29 -11.29 46.48
N TRP C 136 -36.16 -11.36 45.76
CA TRP C 136 -34.97 -10.67 46.19
C TRP C 136 -35.26 -9.18 46.38
N VAL C 137 -35.86 -8.55 45.38
CA VAL C 137 -36.18 -7.13 45.49
C VAL C 137 -37.14 -6.92 46.66
N GLY C 138 -38.10 -7.83 46.83
CA GLY C 138 -39.10 -7.64 47.86
C GLY C 138 -38.47 -7.51 49.23
N PHE C 139 -37.42 -8.28 49.50
CA PHE C 139 -36.80 -8.26 50.82
C PHE C 139 -35.52 -7.44 50.88
N TRP C 140 -35.02 -6.95 49.74
CA TRP C 140 -33.70 -6.33 49.73
C TRP C 140 -33.68 -4.93 50.32
N PHE C 141 -34.80 -4.20 50.26
CA PHE C 141 -34.77 -2.81 50.70
C PHE C 141 -34.98 -2.67 52.21
N ASP C 142 -35.65 -3.61 52.84
CA ASP C 142 -35.83 -3.58 54.29
C ASP C 142 -34.52 -3.95 54.97
N GLU C 143 -33.93 -3.00 55.69
CA GLU C 143 -32.60 -3.22 56.28
C GLU C 143 -32.59 -4.45 57.16
N GLU C 144 -33.61 -4.60 58.02
CA GLU C 144 -33.67 -5.75 58.91
C GLU C 144 -33.72 -7.05 58.13
N LYS C 145 -34.49 -7.07 57.05
CA LYS C 145 -34.59 -8.28 56.26
C LYS C 145 -33.23 -8.63 55.67
N ARG C 146 -32.50 -7.61 55.22
CA ARG C 146 -31.15 -7.86 54.72
C ARG C 146 -30.29 -8.51 55.81
N LEU C 147 -30.28 -7.98 57.04
CA LEU C 147 -29.49 -8.65 58.09
C LEU C 147 -29.92 -10.07 58.31
N VAL C 148 -31.23 -10.31 58.29
CA VAL C 148 -31.69 -11.68 58.45
C VAL C 148 -31.05 -12.56 57.39
N ALA C 149 -31.07 -12.10 56.14
CA ALA C 149 -30.41 -12.86 55.08
C ALA C 149 -28.91 -13.00 55.32
N ALA C 150 -28.24 -11.91 55.73
CA ALA C 150 -26.80 -11.97 55.99
C ALA C 150 -26.46 -12.96 57.08
N ARG C 151 -27.24 -12.94 58.17
CA ARG C 151 -27.09 -13.94 59.21
C ARG C 151 -27.27 -15.33 58.64
N HIS C 152 -28.26 -15.51 57.77
CA HIS C 152 -28.49 -16.82 57.17
C HIS C 152 -27.28 -17.25 56.34
N PHE C 153 -26.72 -16.30 55.58
CA PHE C 153 -25.54 -16.60 54.76
C PHE C 153 -24.41 -17.09 55.64
N GLN C 154 -24.07 -16.32 56.68
CA GLN C 154 -22.97 -16.72 57.53
C GLN C 154 -23.27 -18.05 58.22
N ARG C 155 -24.50 -18.20 58.72
CA ARG C 155 -24.87 -19.46 59.36
C ARG C 155 -24.54 -20.64 58.47
N ALA C 156 -24.87 -20.54 57.18
CA ALA C 156 -24.49 -21.59 56.24
C ALA C 156 -22.98 -21.69 56.12
N ARG C 157 -22.29 -20.55 56.12
CA ARG C 157 -20.84 -20.57 55.94
C ARG C 157 -20.17 -21.40 57.03
N LEU C 158 -20.51 -21.12 58.29
CA LEU C 158 -19.98 -21.94 59.38
C LEU C 158 -20.48 -23.37 59.28
N GLU C 159 -21.74 -23.58 58.91
CA GLU C 159 -22.24 -24.95 58.81
C GLU C 159 -21.36 -25.79 57.89
N ARG C 160 -20.99 -25.21 56.75
CA ARG C 160 -20.14 -25.93 55.82
C ARG C 160 -18.71 -26.08 56.34
N ILE C 161 -18.13 -25.02 56.90
CA ILE C 161 -16.75 -25.16 57.37
C ILE C 161 -16.67 -26.19 58.49
N ARG C 162 -17.70 -26.24 59.34
CA ARG C 162 -17.95 -27.35 60.23
C ARG C 162 -17.77 -28.66 59.50
N HIS C 163 -18.56 -28.84 58.45
CA HIS C 163 -18.57 -30.14 57.79
C HIS C 163 -17.22 -30.46 57.18
N SER C 164 -16.60 -29.48 56.51
CA SER C 164 -15.45 -29.76 55.68
C SER C 164 -14.21 -30.07 56.50
N TRP C 165 -13.94 -29.27 57.54
CA TRP C 165 -12.62 -29.35 58.15
C TRP C 165 -12.40 -30.64 58.92
N LEU C 166 -13.46 -31.25 59.46
CA LEU C 166 -13.35 -32.58 60.06
C LEU C 166 -14.00 -33.66 59.21
N GLU C 167 -15.28 -33.53 58.88
CA GLU C 167 -16.06 -34.68 58.42
C GLU C 167 -15.47 -35.32 57.18
N ASP C 168 -14.81 -34.54 56.32
CA ASP C 168 -14.22 -35.08 55.10
C ASP C 168 -12.91 -35.77 55.45
N ARG C 169 -12.93 -37.10 55.46
CA ARG C 169 -11.74 -37.84 55.85
C ARG C 169 -10.65 -37.73 54.79
N VAL C 170 -11.01 -37.86 53.52
CA VAL C 170 -10.00 -37.84 52.46
C VAL C 170 -9.30 -36.49 52.43
N LEU C 171 -10.04 -35.40 52.66
CA LEU C 171 -9.42 -34.09 52.74
C LEU C 171 -8.42 -34.02 53.88
N ARG C 172 -8.84 -34.48 55.07
CA ARG C 172 -7.91 -34.52 56.20
C ARG C 172 -6.77 -35.48 55.93
N ASP C 173 -7.06 -36.62 55.29
CA ASP C 173 -6.03 -37.60 55.02
C ASP C 173 -4.92 -37.04 54.13
N ALA C 174 -5.18 -35.95 53.42
CA ALA C 174 -4.13 -35.29 52.66
C ALA C 174 -3.07 -34.68 53.57
N GLY C 175 -3.37 -34.47 54.85
CA GLY C 175 -2.38 -34.02 55.81
C GLY C 175 -2.71 -32.70 56.47
N PHE C 176 -3.94 -32.23 56.31
CA PHE C 176 -4.35 -30.94 56.87
C PHE C 176 -4.98 -31.12 58.25
N ALA C 177 -4.24 -31.76 59.14
CA ALA C 177 -4.77 -32.08 60.47
C ALA C 177 -4.83 -30.83 61.34
N VAL C 178 -5.84 -30.77 62.21
CA VAL C 178 -6.09 -29.60 63.03
C VAL C 178 -6.98 -30.01 64.19
N ASP C 179 -6.98 -29.18 65.24
CA ASP C 179 -7.73 -29.47 66.45
C ASP C 179 -9.19 -29.04 66.31
N ALA C 180 -10.11 -29.93 66.70
CA ALA C 180 -11.54 -29.62 66.60
C ALA C 180 -11.96 -28.57 67.61
N THR C 181 -11.22 -28.40 68.71
CA THR C 181 -11.59 -27.40 69.70
C THR C 181 -11.68 -26.01 69.07
N ALA C 182 -10.80 -25.74 68.09
CA ALA C 182 -10.88 -24.45 67.39
C ALA C 182 -12.21 -24.31 66.68
N LEU C 183 -12.69 -25.37 66.02
CA LEU C 183 -13.99 -25.32 65.37
C LEU C 183 -15.11 -25.10 66.38
N ALA C 184 -15.04 -25.79 67.52
CA ALA C 184 -16.08 -25.64 68.53
C ALA C 184 -16.13 -24.21 69.03
N VAL C 185 -14.96 -23.63 69.34
CA VAL C 185 -14.93 -22.26 69.85
C VAL C 185 -15.38 -21.28 68.76
N ALA C 186 -15.04 -21.56 67.50
CA ALA C 186 -15.51 -20.71 66.42
C ALA C 186 -17.03 -20.69 66.36
N VAL C 187 -17.65 -21.87 66.46
CA VAL C 187 -19.11 -21.95 66.45
C VAL C 187 -19.69 -21.21 67.66
N GLU C 188 -19.08 -21.40 68.83
CA GLU C 188 -19.55 -20.71 70.02
C GLU C 188 -19.46 -19.20 69.84
N ASP C 189 -18.36 -18.71 69.24
CA ASP C 189 -18.23 -17.29 68.96
C ASP C 189 -19.32 -16.81 68.00
N SER C 190 -19.61 -17.61 66.98
CA SER C 190 -20.64 -17.25 66.02
C SER C 190 -22.00 -17.10 66.70
N ALA C 191 -22.38 -18.09 67.51
CA ALA C 191 -23.64 -18.01 68.23
C ALA C 191 -23.63 -16.90 69.27
N ARG C 192 -22.49 -16.66 69.92
CA ARG C 192 -22.42 -15.66 70.98
C ARG C 192 -22.55 -14.25 70.45
N ALA C 193 -21.84 -13.95 69.35
CA ALA C 193 -21.79 -12.60 68.80
C ALA C 193 -22.39 -12.51 67.41
N LEU C 194 -21.97 -13.37 66.49
CA LEU C 194 -22.39 -13.22 65.10
C LEU C 194 -23.90 -13.35 64.98
N GLU C 195 -24.50 -14.26 65.73
CA GLU C 195 -25.93 -14.49 65.64
C GLU C 195 -26.78 -13.38 66.24
N GLN C 196 -26.15 -12.39 66.88
CA GLN C 196 -26.90 -11.31 67.52
C GLN C 196 -26.29 -9.94 67.32
N ALA C 197 -25.28 -9.79 66.46
CA ALA C 197 -24.64 -8.49 66.32
C ALA C 197 -25.62 -7.47 65.73
N PRO C 198 -25.40 -6.18 66.00
CA PRO C 198 -26.42 -5.18 65.67
C PRO C 198 -26.54 -4.82 64.20
N ASN C 199 -25.40 -4.73 63.50
CA ASN C 199 -25.40 -4.19 62.15
C ASN C 199 -24.45 -4.99 61.28
N HIS C 200 -24.63 -4.83 59.97
CA HIS C 200 -23.74 -5.48 59.01
C HIS C 200 -22.28 -5.18 59.31
N GLU C 201 -21.98 -3.96 59.77
CA GLU C 201 -20.59 -3.58 60.03
C GLU C 201 -19.95 -4.49 61.07
N HIS C 202 -20.60 -4.66 62.22
CA HIS C 202 -20.14 -5.62 63.20
C HIS C 202 -20.06 -7.03 62.62
N LEU C 203 -21.08 -7.43 61.84
CA LEU C 203 -21.04 -8.73 61.19
C LEU C 203 -19.77 -8.89 60.36
N LEU C 204 -19.35 -7.82 59.69
CA LEU C 204 -18.20 -7.89 58.81
C LEU C 204 -16.91 -7.92 59.61
N THR C 205 -16.86 -7.16 60.69
CA THR C 205 -15.66 -7.19 61.52
C THR C 205 -15.47 -8.58 62.09
N GLU C 206 -16.55 -9.16 62.62
CA GLU C 206 -16.44 -10.47 63.26
C GLU C 206 -16.02 -11.52 62.25
N GLU C 207 -16.61 -11.53 61.05
CA GLU C 207 -16.19 -12.52 60.06
C GLU C 207 -14.76 -12.28 59.60
N ALA C 208 -14.32 -11.02 59.56
CA ALA C 208 -12.92 -10.74 59.25
C ALA C 208 -12.00 -11.36 60.30
N ARG C 209 -12.35 -11.19 61.58
CA ARG C 209 -11.59 -11.83 62.64
C ARG C 209 -11.63 -13.35 62.50
N LEU C 210 -12.79 -13.91 62.18
CA LEU C 210 -12.90 -15.35 61.98
C LEU C 210 -11.95 -15.83 60.90
N SER C 211 -11.96 -15.17 59.74
CA SER C 211 -11.01 -15.49 58.68
C SER C 211 -9.57 -15.33 59.16
N LYS C 212 -9.29 -14.27 59.91
CA LYS C 212 -7.93 -14.01 60.37
C LYS C 212 -7.43 -15.13 61.30
N ARG C 213 -8.32 -15.64 62.14
CA ARG C 213 -7.96 -16.78 62.99
C ARG C 213 -7.87 -18.06 62.17
N LEU C 214 -8.86 -18.29 61.29
CA LEU C 214 -8.82 -19.48 60.45
C LEU C 214 -7.52 -19.55 59.68
N PHE C 215 -6.93 -18.40 59.35
CA PHE C 215 -5.86 -18.46 58.36
C PHE C 215 -4.62 -19.02 59.05
N LYS C 216 -4.45 -18.60 60.31
CA LYS C 216 -3.37 -19.13 61.13
C LYS C 216 -3.63 -20.60 61.44
N LEU C 217 -4.84 -20.92 61.91
CA LEU C 217 -5.29 -22.30 62.01
C LEU C 217 -4.81 -23.16 60.86
N ALA C 218 -5.11 -22.75 59.63
CA ALA C 218 -4.70 -23.51 58.45
C ALA C 218 -3.19 -23.59 58.32
N ALA C 219 -2.50 -22.48 58.57
CA ALA C 219 -1.03 -22.50 58.47
C ALA C 219 -0.44 -23.51 59.45
N GLN C 220 -0.93 -23.51 60.69
CA GLN C 220 -0.46 -24.47 61.67
C GLN C 220 -0.83 -25.89 61.25
N ALA C 221 -2.06 -26.07 60.77
CA ALA C 221 -2.52 -27.41 60.39
C ALA C 221 -1.61 -28.00 59.33
N THR C 222 -1.04 -27.15 58.48
CA THR C 222 -0.12 -27.62 57.45
C THR C 222 1.34 -27.44 57.85
N ARG C 223 1.61 -26.88 59.03
CA ARG C 223 2.97 -26.74 59.53
C ARG C 223 3.80 -25.85 58.62
N TYR C 224 3.20 -24.75 58.16
CA TYR C 224 3.87 -23.79 57.29
C TYR C 224 4.27 -22.52 58.01
N GLY C 225 4.06 -22.44 59.32
CA GLY C 225 4.52 -21.31 60.08
C GLY C 225 3.71 -20.05 59.83
N GLU C 226 4.35 -18.91 60.06
CA GLU C 226 3.67 -17.63 60.01
C GLU C 226 3.19 -17.32 58.59
N PHE C 227 2.10 -16.56 58.53
CA PHE C 227 1.44 -16.19 57.28
C PHE C 227 1.04 -14.73 57.39
N VAL C 228 1.22 -13.98 56.30
CA VAL C 228 0.52 -12.71 56.12
C VAL C 228 -0.26 -12.76 54.82
N ARG C 229 -1.54 -12.43 54.89
CA ARG C 229 -2.43 -12.44 53.74
C ARG C 229 -2.13 -11.24 52.85
N ALA C 230 -1.63 -11.48 51.65
CA ALA C 230 -1.42 -10.40 50.68
C ALA C 230 -2.66 -9.53 50.61
N LYS C 231 -2.52 -8.30 50.11
CA LYS C 231 -3.62 -7.36 50.07
C LYS C 231 -4.24 -7.23 48.68
N ARG C 232 -3.43 -6.96 47.66
CA ARG C 232 -3.91 -6.79 46.29
C ARG C 232 -3.07 -7.64 45.34
N GLY C 233 -2.82 -8.89 45.73
CA GLY C 233 -2.04 -9.79 44.91
C GLY C 233 -0.55 -9.58 44.99
N SER C 234 -0.06 -8.85 45.99
CA SER C 234 1.36 -8.54 46.08
C SER C 234 2.19 -9.74 46.54
N GLY C 235 1.57 -10.72 47.19
CA GLY C 235 2.34 -11.81 47.78
C GLY C 235 2.98 -12.67 46.71
N GLY C 236 4.29 -12.91 46.86
CA GLY C 236 5.01 -13.81 45.99
C GLY C 236 5.11 -15.24 46.49
N ASP C 237 4.70 -15.47 47.73
CA ASP C 237 4.75 -16.83 48.28
C ASP C 237 3.72 -17.71 47.59
N PRO C 238 3.96 -19.02 47.54
CA PRO C 238 2.96 -19.91 46.93
C PRO C 238 1.60 -19.81 47.59
N ALA C 239 1.59 -19.63 48.91
CA ALA C 239 0.33 -19.65 49.64
C ALA C 239 -0.60 -18.56 49.16
N ASN C 240 -0.09 -17.32 49.13
CA ASN C 240 -0.92 -16.21 48.69
C ASN C 240 -1.34 -16.41 47.23
N ARG C 241 -0.40 -16.84 46.39
CA ARG C 241 -0.65 -17.00 44.95
C ARG C 241 -1.78 -17.98 44.69
N PHE C 242 -1.67 -19.17 45.26
CA PHE C 242 -2.69 -20.19 45.08
C PHE C 242 -4.00 -19.76 45.72
N LEU C 243 -3.93 -19.02 46.82
CA LEU C 243 -5.14 -18.52 47.46
C LEU C 243 -5.89 -17.58 46.52
N ASP C 244 -5.16 -16.64 45.91
CA ASP C 244 -5.76 -15.72 44.95
C ASP C 244 -6.40 -16.48 43.80
N HIS C 245 -5.67 -17.45 43.24
CA HIS C 245 -6.20 -18.22 42.12
C HIS C 245 -7.49 -18.92 42.54
N GLY C 246 -7.49 -19.53 43.71
CA GLY C 246 -8.69 -20.20 44.19
C GLY C 246 -9.85 -19.25 44.35
N ASN C 247 -9.61 -18.08 44.94
CA ASN C 247 -10.67 -17.10 45.09
C ASN C 247 -11.25 -16.71 43.73
N TYR C 248 -10.39 -16.58 42.72
CA TYR C 248 -10.88 -16.29 41.38
C TYR C 248 -11.81 -17.39 40.88
N LEU C 249 -11.42 -18.65 41.12
CA LEU C 249 -12.28 -19.76 40.73
C LEU C 249 -13.61 -19.69 41.45
N ALA C 250 -13.57 -19.40 42.75
CA ALA C 250 -14.79 -19.32 43.54
C ALA C 250 -15.72 -18.26 42.96
N TYR C 251 -15.17 -17.09 42.66
CA TYR C 251 -16.00 -16.03 42.12
C TYR C 251 -16.68 -16.49 40.84
N GLY C 252 -15.95 -17.19 39.98
CA GLY C 252 -16.59 -17.73 38.78
C GLY C 252 -17.75 -18.64 39.11
N LEU C 253 -17.54 -19.54 40.07
CA LEU C 253 -18.62 -20.45 40.46
C LEU C 253 -19.85 -19.67 40.93
N ALA C 254 -19.63 -18.67 41.78
CA ALA C 254 -20.76 -17.89 42.26
C ALA C 254 -21.48 -17.22 41.10
N ALA C 255 -20.73 -16.66 40.17
CA ALA C 255 -21.35 -16.04 39.00
C ALA C 255 -22.27 -17.03 38.32
N THR C 256 -21.81 -18.27 38.15
CA THR C 256 -22.68 -19.27 37.53
C THR C 256 -23.93 -19.49 38.37
N ALA C 257 -23.78 -19.53 39.69
CA ALA C 257 -24.94 -19.76 40.55
C ALA C 257 -25.99 -18.66 40.35
N THR C 258 -25.57 -17.40 40.43
CA THR C 258 -26.53 -16.32 40.23
C THR C 258 -27.13 -16.35 38.83
N TRP C 259 -26.31 -16.64 37.82
CA TRP C 259 -26.79 -16.61 36.45
C TRP C 259 -27.93 -17.59 36.24
N VAL C 260 -27.72 -18.85 36.60
CA VAL C 260 -28.78 -19.84 36.45
C VAL C 260 -29.97 -19.54 37.33
N LEU C 261 -29.82 -18.65 38.31
CA LEU C 261 -30.90 -18.31 39.22
C LEU C 261 -31.64 -17.05 38.83
N GLY C 262 -31.05 -16.20 38.01
CA GLY C 262 -31.68 -14.98 37.56
C GLY C 262 -31.40 -13.76 38.41
N ILE C 263 -30.48 -13.85 39.36
CA ILE C 263 -30.16 -12.73 40.23
C ILE C 263 -29.12 -11.84 39.57
N PRO C 264 -29.31 -10.52 39.52
CA PRO C 264 -28.22 -9.64 39.10
C PRO C 264 -27.11 -9.61 40.15
N HIS C 265 -25.93 -9.18 39.71
CA HIS C 265 -24.76 -9.20 40.57
C HIS C 265 -24.75 -8.09 41.61
N GLY C 266 -25.60 -7.06 41.46
CA GLY C 266 -25.47 -5.86 42.26
C GLY C 266 -26.26 -5.83 43.55
N LEU C 267 -27.23 -6.72 43.74
CA LEU C 267 -28.10 -6.67 44.92
C LEU C 267 -27.48 -7.46 46.08
N ALA C 268 -26.33 -6.98 46.54
CA ALA C 268 -25.56 -7.70 47.54
C ALA C 268 -26.33 -7.77 48.86
N VAL C 269 -25.95 -8.74 49.69
CA VAL C 269 -26.59 -8.96 50.98
C VAL C 269 -25.69 -8.55 52.14
N LEU C 270 -24.38 -8.75 52.02
CA LEU C 270 -23.47 -8.52 53.13
C LEU C 270 -22.40 -7.47 52.86
N HIS C 271 -21.96 -7.32 51.61
CA HIS C 271 -21.02 -6.26 51.27
C HIS C 271 -21.74 -4.90 51.25
N GLY C 272 -20.95 -3.84 51.05
CA GLY C 272 -21.50 -2.50 51.06
C GLY C 272 -22.59 -2.31 50.03
N LYS C 273 -23.45 -1.32 50.29
CA LYS C 273 -24.59 -1.08 49.41
C LYS C 273 -24.12 -0.91 47.97
N THR C 274 -22.95 -0.29 47.78
CA THR C 274 -22.48 0.15 46.47
C THR C 274 -21.56 -0.85 45.78
N ARG C 275 -20.74 -1.56 46.53
CA ARG C 275 -19.64 -2.32 45.94
C ARG C 275 -20.13 -3.16 44.76
N ARG C 276 -19.47 -3.00 43.63
CA ARG C 276 -20.02 -3.45 42.36
C ARG C 276 -19.40 -4.78 41.98
N GLY C 277 -20.27 -5.74 41.69
CA GLY C 277 -19.93 -7.15 41.75
C GLY C 277 -20.15 -7.76 43.11
N GLY C 278 -20.90 -7.08 43.99
CA GLY C 278 -21.03 -7.51 45.37
C GLY C 278 -21.64 -8.89 45.58
N LEU C 279 -22.85 -9.11 45.09
CA LEU C 279 -23.56 -10.34 45.42
C LEU C 279 -22.76 -11.57 45.03
N VAL C 280 -22.01 -11.49 43.93
CA VAL C 280 -21.16 -12.61 43.55
C VAL C 280 -20.10 -12.85 44.62
N PHE C 281 -19.47 -11.78 45.11
CA PHE C 281 -18.51 -11.94 46.19
C PHE C 281 -19.17 -12.56 47.42
N ASP C 282 -20.36 -12.10 47.77
CA ASP C 282 -21.06 -12.64 48.93
C ASP C 282 -21.32 -14.13 48.75
N VAL C 283 -21.85 -14.54 47.60
CA VAL C 283 -22.12 -15.94 47.36
C VAL C 283 -20.84 -16.75 47.34
N ALA C 284 -19.72 -16.11 46.97
CA ALA C 284 -18.45 -16.80 47.00
C ALA C 284 -17.92 -16.98 48.41
N ASP C 285 -18.19 -16.01 49.29
CA ASP C 285 -17.84 -16.17 50.70
C ASP C 285 -18.32 -17.51 51.23
N LEU C 286 -19.37 -18.04 50.65
CA LEU C 286 -20.02 -19.24 51.12
C LEU C 286 -19.31 -20.53 50.71
N ILE C 287 -18.22 -20.44 49.92
CA ILE C 287 -17.40 -21.61 49.57
C ILE C 287 -15.94 -21.41 49.95
N LYS C 288 -15.48 -20.15 50.00
CA LYS C 288 -14.05 -19.85 50.09
C LYS C 288 -13.35 -20.62 51.20
N ASP C 289 -13.76 -20.40 52.44
CA ASP C 289 -13.01 -20.99 53.54
C ASP C 289 -13.18 -22.50 53.59
N SER C 290 -14.31 -23.01 53.14
CA SER C 290 -14.62 -24.43 53.32
C SER C 290 -13.84 -25.33 52.39
N LEU C 291 -13.41 -24.83 51.23
CA LEU C 291 -12.76 -25.70 50.25
C LEU C 291 -11.45 -25.15 49.73
N ILE C 292 -11.29 -23.84 49.69
CA ILE C 292 -10.14 -23.26 48.99
C ILE C 292 -8.91 -23.27 49.88
N LEU C 293 -9.06 -22.83 51.13
CA LEU C 293 -7.90 -22.69 52.00
C LEU C 293 -7.12 -23.99 52.16
N PRO C 294 -7.75 -25.11 52.51
CA PRO C 294 -6.95 -26.34 52.71
C PRO C 294 -6.22 -26.77 51.45
N GLN C 295 -6.91 -26.76 50.31
CA GLN C 295 -6.24 -27.19 49.09
C GLN C 295 -5.10 -26.26 48.74
N ALA C 296 -5.26 -24.96 49.03
CA ALA C 296 -4.17 -24.03 48.77
C ALA C 296 -2.95 -24.39 49.59
N PHE C 297 -3.14 -24.73 50.86
CA PHE C 297 -1.99 -24.99 51.71
C PHE C 297 -1.34 -26.34 51.41
N LEU C 298 -2.15 -27.38 51.22
CA LEU C 298 -1.57 -28.66 50.81
C LEU C 298 -0.81 -28.53 49.52
N SER C 299 -1.37 -27.84 48.52
CA SER C 299 -0.63 -27.64 47.28
C SER C 299 0.64 -26.83 47.52
N ALA C 300 0.58 -25.85 48.42
CA ALA C 300 1.78 -25.06 48.73
C ALA C 300 2.90 -25.93 49.27
N MET C 301 2.57 -26.80 50.24
CA MET C 301 3.56 -27.72 50.77
C MET C 301 4.03 -28.76 49.75
N ARG C 302 3.09 -29.28 48.97
CA ARG C 302 3.42 -30.30 47.98
C ARG C 302 4.32 -29.77 46.88
N GLY C 303 4.49 -28.46 46.76
CA GLY C 303 5.23 -27.90 45.65
C GLY C 303 4.55 -28.14 44.32
N ASP C 304 3.22 -28.01 44.30
CA ASP C 304 2.44 -28.32 43.11
C ASP C 304 2.65 -27.27 42.02
N GLU C 305 2.40 -27.68 40.79
CA GLU C 305 2.27 -26.75 39.69
C GLU C 305 0.90 -26.06 39.74
N GLU C 306 0.83 -24.89 39.12
CA GLU C 306 -0.44 -24.16 39.11
C GLU C 306 -1.56 -25.02 38.55
N GLN C 307 -1.26 -25.81 37.53
CA GLN C 307 -2.27 -26.68 36.94
C GLN C 307 -2.74 -27.72 37.93
N ASP C 308 -1.81 -28.32 38.67
CA ASP C 308 -2.18 -29.34 39.65
C ASP C 308 -3.12 -28.76 40.70
N PHE C 309 -2.80 -27.57 41.22
CA PHE C 309 -3.68 -26.91 42.17
C PHE C 309 -5.05 -26.65 41.55
N ARG C 310 -5.07 -26.13 40.32
CA ARG C 310 -6.34 -25.86 39.65
C ARG C 310 -7.17 -27.12 39.53
N GLN C 311 -6.55 -28.20 39.06
CA GLN C 311 -7.26 -29.47 38.89
C GLN C 311 -7.77 -29.97 40.23
N ALA C 312 -6.97 -29.82 41.28
CA ALA C 312 -7.40 -30.25 42.60
C ALA C 312 -8.63 -29.46 43.04
N CYS C 313 -8.61 -28.15 42.81
CA CYS C 313 -9.75 -27.33 43.19
C CYS C 313 -11.00 -27.78 42.45
N LEU C 314 -10.88 -28.04 41.16
CA LEU C 314 -12.03 -28.52 40.40
C LEU C 314 -12.54 -29.84 40.95
N ASP C 315 -11.63 -30.76 41.27
CA ASP C 315 -12.05 -32.04 41.84
C ASP C 315 -12.79 -31.83 43.15
N ASN C 316 -12.25 -30.97 44.02
CA ASN C 316 -12.89 -30.72 45.31
C ASN C 316 -14.27 -30.11 45.10
N LEU C 317 -14.38 -29.11 44.23
CA LEU C 317 -15.66 -28.48 43.98
C LEU C 317 -16.68 -29.48 43.45
N SER C 318 -16.26 -30.34 42.52
CA SER C 318 -17.17 -31.35 41.98
C SER C 318 -17.59 -32.33 43.06
N ARG C 319 -16.65 -32.79 43.88
CA ARG C 319 -16.99 -33.74 44.93
C ARG C 319 -17.94 -33.12 45.94
N ALA C 320 -17.74 -31.85 46.27
CA ALA C 320 -18.54 -31.19 47.28
C ALA C 320 -19.93 -30.79 46.78
N GLN C 321 -20.22 -30.90 45.47
CA GLN C 321 -21.52 -30.43 44.97
C GLN C 321 -21.74 -28.98 45.36
N ALA C 322 -20.71 -28.16 45.14
CA ALA C 322 -20.78 -26.77 45.61
C ALA C 322 -21.95 -26.03 44.97
N LEU C 323 -22.13 -26.22 43.66
CA LEU C 323 -23.16 -25.47 42.95
C LEU C 323 -24.55 -25.80 43.50
N ASP C 324 -24.88 -27.09 43.60
CA ASP C 324 -26.22 -27.44 44.05
C ASP C 324 -26.46 -26.93 45.46
N PHE C 325 -25.45 -26.99 46.32
CA PHE C 325 -25.57 -26.41 47.66
C PHE C 325 -25.85 -24.92 47.56
N MET C 326 -25.29 -24.28 46.55
CA MET C 326 -25.16 -22.83 46.48
C MET C 326 -26.57 -22.36 46.11
N ILE C 327 -27.08 -23.03 45.08
CA ILE C 327 -28.42 -22.80 44.59
C ILE C 327 -29.44 -23.07 45.69
N ASP C 328 -29.28 -24.19 46.39
CA ASP C 328 -30.21 -24.51 47.48
C ASP C 328 -30.20 -23.41 48.52
N THR C 329 -29.02 -22.86 48.83
CA THR C 329 -28.95 -21.80 49.81
C THR C 329 -29.76 -20.59 49.36
N LEU C 330 -29.51 -20.12 48.14
CA LEU C 330 -30.20 -18.92 47.68
C LEU C 330 -31.70 -19.13 47.60
N LYS C 331 -32.13 -20.29 47.08
CA LYS C 331 -33.56 -20.58 47.04
C LYS C 331 -34.16 -20.61 48.44
N ASP C 332 -33.46 -21.22 49.39
CA ASP C 332 -33.94 -21.24 50.76
C ASP C 332 -34.06 -19.83 51.32
N VAL C 333 -33.07 -18.98 51.06
CA VAL C 333 -33.14 -17.60 51.54
C VAL C 333 -34.38 -16.92 50.98
N ALA C 334 -34.61 -17.09 49.68
CA ALA C 334 -35.75 -16.45 49.03
C ALA C 334 -37.05 -16.94 49.63
N GLN C 335 -37.21 -18.26 49.79
CA GLN C 335 -38.47 -18.80 50.27
C GLN C 335 -38.72 -18.41 51.72
N ARG C 336 -37.69 -18.56 52.57
CA ARG C 336 -37.83 -18.28 53.99
C ARG C 336 -37.93 -16.79 54.28
N SER C 337 -37.53 -15.93 53.35
CA SER C 337 -37.59 -14.49 53.62
C SER C 337 -39.03 -14.03 53.84
N THR C 338 -39.96 -14.59 53.10
CA THR C 338 -41.36 -14.20 53.23
C THR C 338 -41.87 -14.51 54.63
N GLU D 25 -5.34 -3.34 29.72
CA GLU D 25 -6.76 -3.11 29.94
C GLU D 25 -7.49 -2.82 28.64
N LEU D 26 -8.17 -3.84 28.13
CA LEU D 26 -8.91 -3.66 26.89
C LEU D 26 -10.14 -2.78 27.10
N LYS D 27 -10.68 -2.77 28.32
CA LYS D 27 -11.88 -2.01 28.63
C LYS D 27 -11.54 -0.63 29.19
N THR D 28 -10.58 0.09 28.60
CA THR D 28 -10.44 1.51 28.89
C THR D 28 -11.34 2.38 28.05
N ILE D 29 -11.61 2.01 26.79
CA ILE D 29 -12.43 2.85 25.94
C ILE D 29 -13.85 2.84 26.49
N LEU D 30 -14.37 4.02 26.83
CA LEU D 30 -15.76 4.12 27.25
C LEU D 30 -16.66 3.65 26.12
N HIS D 31 -17.66 2.85 26.48
CA HIS D 31 -18.46 2.18 25.46
C HIS D 31 -19.07 3.18 24.50
N SER D 32 -19.63 4.27 25.03
CA SER D 32 -20.30 5.22 24.17
C SER D 32 -19.33 5.90 23.22
N LYS D 33 -18.02 5.83 23.46
CA LYS D 33 -17.10 6.45 22.54
C LYS D 33 -16.46 5.46 21.58
N ARG D 34 -16.81 4.18 21.68
CA ARG D 34 -16.19 3.18 20.82
C ARG D 34 -16.66 3.34 19.39
N ALA D 35 -15.83 2.87 18.45
CA ALA D 35 -15.98 3.23 17.06
C ALA D 35 -16.96 2.34 16.31
N ASN D 36 -16.75 1.02 16.33
CA ASN D 36 -17.32 0.15 15.31
C ASN D 36 -18.43 -0.72 15.88
N LEU D 37 -19.17 -1.31 14.93
CA LEU D 37 -20.24 -2.25 15.20
C LEU D 37 -20.34 -3.12 13.95
N TYR D 38 -20.37 -4.44 14.13
CA TYR D 38 -20.13 -5.35 13.02
C TYR D 38 -21.34 -6.24 12.75
N TYR D 39 -21.58 -6.50 11.47
CA TYR D 39 -22.55 -7.47 11.00
C TYR D 39 -21.82 -8.46 10.11
N LEU D 40 -21.97 -9.75 10.39
CA LEU D 40 -21.17 -10.77 9.75
C LEU D 40 -22.05 -11.90 9.23
N GLN D 41 -21.63 -12.48 8.11
CA GLN D 41 -22.31 -13.62 7.52
C GLN D 41 -21.29 -14.53 6.86
N HIS D 42 -21.65 -15.80 6.73
CA HIS D 42 -20.85 -16.76 5.99
C HIS D 42 -19.38 -16.67 6.37
N CYS D 43 -19.12 -16.81 7.67
CA CYS D 43 -17.75 -16.73 8.16
C CYS D 43 -17.68 -17.37 9.53
N ARG D 44 -16.46 -17.68 9.95
CA ARG D 44 -16.19 -18.27 11.25
C ARG D 44 -15.38 -17.29 12.09
N VAL D 45 -15.83 -17.06 13.31
CA VAL D 45 -15.20 -16.11 14.22
C VAL D 45 -14.33 -16.91 15.20
N LEU D 46 -13.02 -16.66 15.16
CA LEU D 46 -12.08 -17.48 15.91
C LEU D 46 -10.90 -16.62 16.35
N VAL D 47 -10.10 -17.18 17.23
CA VAL D 47 -8.88 -16.54 17.69
C VAL D 47 -7.73 -17.01 16.82
N ASN D 48 -6.72 -16.16 16.65
CA ASN D 48 -5.55 -16.54 15.87
C ASN D 48 -4.39 -15.66 16.33
N GLY D 49 -3.38 -16.28 16.93
CA GLY D 49 -2.22 -15.52 17.37
C GLY D 49 -2.58 -14.41 18.33
N GLY D 50 -3.46 -14.68 19.28
CA GLY D 50 -3.90 -13.69 20.24
C GLY D 50 -4.93 -12.72 19.73
N ARG D 51 -5.08 -12.58 18.42
CA ARG D 51 -6.09 -11.70 17.86
C ARG D 51 -7.43 -12.43 17.75
N VAL D 52 -8.50 -11.66 17.71
CA VAL D 52 -9.83 -12.18 17.45
C VAL D 52 -10.18 -11.82 16.02
N GLU D 53 -10.60 -12.81 15.24
CA GLU D 53 -10.71 -12.65 13.80
C GLU D 53 -11.91 -13.43 13.28
N TYR D 54 -12.29 -13.14 12.04
CA TYR D 54 -13.30 -13.90 11.32
C TYR D 54 -12.78 -14.22 9.93
N VAL D 55 -13.09 -15.43 9.46
CA VAL D 55 -12.51 -15.98 8.25
C VAL D 55 -13.59 -16.11 7.19
N THR D 56 -13.30 -15.63 5.98
CA THR D 56 -14.22 -15.71 4.85
C THR D 56 -13.65 -16.61 3.77
N ASP D 57 -14.53 -17.36 3.10
CA ASP D 57 -14.13 -18.16 1.96
C ASP D 57 -14.10 -17.28 0.71
N GLU D 58 -12.98 -17.31 -0.01
CA GLU D 58 -12.72 -16.37 -1.10
C GLU D 58 -12.46 -17.08 -2.42
N GLY D 59 -13.02 -18.28 -2.61
CA GLY D 59 -12.72 -19.07 -3.78
C GLY D 59 -11.83 -20.25 -3.44
N ARG D 60 -10.58 -20.31 -3.94
CA ARG D 60 -9.77 -21.42 -3.48
C ARG D 60 -9.29 -21.14 -2.06
N HIS D 61 -8.94 -19.88 -1.80
CA HIS D 61 -8.30 -19.49 -0.55
C HIS D 61 -9.32 -19.13 0.51
N SER D 62 -8.82 -18.92 1.72
CA SER D 62 -9.58 -18.38 2.83
C SER D 62 -8.82 -17.21 3.40
N HIS D 63 -9.54 -16.17 3.83
CA HIS D 63 -8.93 -14.93 4.26
C HIS D 63 -9.32 -14.64 5.70
N TYR D 64 -8.34 -14.27 6.52
CA TYR D 64 -8.57 -13.85 7.88
C TYR D 64 -8.79 -12.35 7.94
N TRP D 65 -9.77 -11.92 8.72
CA TRP D 65 -10.04 -10.51 8.93
C TRP D 65 -9.97 -10.18 10.41
N ASN D 66 -9.56 -8.96 10.71
CA ASN D 66 -9.26 -8.54 12.07
C ASN D 66 -10.45 -7.82 12.67
N ILE D 67 -10.81 -8.18 13.91
CA ILE D 67 -11.85 -7.51 14.67
C ILE D 67 -11.16 -6.73 15.80
N PRO D 68 -11.13 -5.40 15.75
CA PRO D 68 -10.48 -4.65 16.84
C PRO D 68 -11.38 -4.56 18.07
N ILE D 69 -11.35 -5.62 18.88
CA ILE D 69 -12.36 -5.79 19.92
C ILE D 69 -12.41 -4.58 20.83
N ALA D 70 -11.24 -4.08 21.24
CA ALA D 70 -11.22 -2.98 22.20
C ALA D 70 -12.00 -1.77 21.69
N ASN D 71 -12.07 -1.60 20.38
CA ASN D 71 -12.73 -0.44 19.78
C ASN D 71 -14.12 -0.76 19.23
N THR D 72 -14.61 -1.98 19.41
CA THR D 72 -15.97 -2.33 19.01
C THR D 72 -16.90 -2.27 20.22
N THR D 73 -18.20 -2.25 19.93
CA THR D 73 -19.21 -2.31 20.98
C THR D 73 -20.09 -3.55 20.94
N SER D 74 -20.25 -4.19 19.79
CA SER D 74 -21.01 -5.43 19.75
C SER D 74 -20.85 -6.08 18.38
N LEU D 75 -21.27 -7.34 18.31
CA LEU D 75 -21.21 -8.14 17.09
C LEU D 75 -22.60 -8.67 16.77
N LEU D 76 -22.94 -8.66 15.48
CA LEU D 76 -24.13 -9.34 14.98
C LEU D 76 -23.69 -10.49 14.09
N LEU D 77 -24.17 -11.69 14.41
CA LEU D 77 -23.82 -12.90 13.67
C LEU D 77 -25.05 -13.40 12.94
N GLY D 78 -24.92 -13.60 11.64
CA GLY D 78 -26.07 -13.91 10.80
C GLY D 78 -26.07 -15.31 10.24
N THR D 79 -26.49 -15.44 9.00
CA THR D 79 -26.63 -16.75 8.38
C THR D 79 -25.28 -17.43 8.23
N GLY D 80 -25.24 -18.73 8.53
CA GLY D 80 -24.09 -19.55 8.22
C GLY D 80 -22.80 -19.06 8.83
N THR D 81 -22.82 -18.74 10.12
CA THR D 81 -21.62 -18.32 10.84
C THR D 81 -21.55 -19.03 12.17
N SER D 82 -20.32 -19.19 12.67
CA SER D 82 -20.08 -19.91 13.90
C SER D 82 -18.96 -19.22 14.67
N ILE D 83 -18.93 -19.45 15.98
CA ILE D 83 -17.97 -18.82 16.87
C ILE D 83 -17.33 -19.90 17.74
N THR D 84 -16.14 -19.60 18.24
CA THR D 84 -15.37 -20.52 19.05
C THR D 84 -15.22 -19.96 20.46
N GLN D 85 -15.03 -20.86 21.42
CA GLN D 85 -15.03 -20.44 22.82
C GLN D 85 -13.96 -19.40 23.09
N ALA D 86 -12.76 -19.59 22.56
CA ALA D 86 -11.67 -18.65 22.84
C ALA D 86 -12.06 -17.24 22.43
N ALA D 87 -12.65 -17.10 21.24
CA ALA D 87 -13.08 -15.79 20.80
C ALA D 87 -14.10 -15.21 21.77
N MET D 88 -15.03 -16.03 22.23
CA MET D 88 -16.03 -15.55 23.15
C MET D 88 -15.36 -15.00 24.39
N ARG D 89 -14.36 -15.72 24.89
CA ARG D 89 -13.67 -15.25 26.09
C ARG D 89 -13.01 -13.91 25.85
N GLU D 90 -12.29 -13.78 24.74
CA GLU D 90 -11.64 -12.50 24.46
C GLU D 90 -12.66 -11.38 24.36
N LEU D 91 -13.77 -11.62 23.68
CA LEU D 91 -14.81 -10.60 23.58
C LEU D 91 -15.36 -10.23 24.94
N ALA D 92 -15.56 -11.23 25.81
CA ALA D 92 -16.06 -10.94 27.14
C ALA D 92 -15.09 -10.06 27.89
N ARG D 93 -13.79 -10.33 27.80
CA ARG D 93 -12.82 -9.50 28.50
C ARG D 93 -12.92 -8.05 28.05
N ALA D 94 -13.07 -7.82 26.76
CA ALA D 94 -13.23 -6.46 26.25
C ALA D 94 -14.65 -5.94 26.43
N GLY D 95 -15.54 -6.73 27.01
CA GLY D 95 -16.90 -6.27 27.24
C GLY D 95 -17.70 -6.03 25.99
N VAL D 96 -17.53 -6.88 24.98
CA VAL D 96 -18.19 -6.71 23.70
C VAL D 96 -19.43 -7.59 23.68
N LEU D 97 -20.59 -6.96 23.52
CA LEU D 97 -21.82 -7.71 23.34
C LEU D 97 -21.71 -8.59 22.10
N VAL D 98 -22.40 -9.74 22.13
CA VAL D 98 -22.46 -10.64 21.00
C VAL D 98 -23.91 -11.01 20.77
N GLY D 99 -24.29 -11.10 19.50
CA GLY D 99 -25.67 -11.39 19.15
C GLY D 99 -25.83 -12.25 17.92
N PHE D 100 -26.70 -13.25 18.02
CA PHE D 100 -27.06 -14.09 16.90
C PHE D 100 -28.38 -13.60 16.33
N CYS D 101 -28.45 -13.41 15.01
CA CYS D 101 -29.63 -12.85 14.38
C CYS D 101 -29.85 -13.55 13.04
N GLY D 102 -31.05 -13.40 12.52
CA GLY D 102 -31.34 -13.90 11.20
C GLY D 102 -30.64 -13.09 10.13
N GLY D 103 -30.63 -13.65 8.92
CA GLY D 103 -29.95 -12.99 7.82
C GLY D 103 -30.79 -11.86 7.24
N GLY D 104 -30.17 -10.70 7.08
CA GLY D 104 -30.80 -9.60 6.37
C GLY D 104 -32.11 -9.15 6.96
N GLY D 105 -32.18 -9.02 8.28
CA GLY D 105 -33.34 -8.46 8.93
C GLY D 105 -34.36 -9.48 9.40
N THR D 106 -34.32 -10.70 8.87
CA THR D 106 -35.25 -11.71 9.35
C THR D 106 -34.93 -12.03 10.81
N PRO D 107 -35.94 -12.40 11.60
CA PRO D 107 -35.66 -12.81 12.98
C PRO D 107 -34.82 -14.07 13.01
N LEU D 108 -34.03 -14.21 14.08
CA LEU D 108 -33.29 -15.44 14.27
C LEU D 108 -34.22 -16.64 14.29
N PHE D 109 -35.39 -16.48 14.91
CA PHE D 109 -36.39 -17.54 15.00
C PHE D 109 -37.76 -16.90 14.98
N SER D 110 -38.74 -17.62 14.45
CA SER D 110 -40.12 -17.18 14.53
C SER D 110 -41.05 -18.34 14.24
N ALA D 111 -41.92 -18.65 15.18
CA ALA D 111 -43.09 -19.48 14.92
C ALA D 111 -44.19 -18.56 14.38
N ASN D 112 -45.40 -19.10 14.21
CA ASN D 112 -46.49 -18.26 13.73
C ASN D 112 -46.78 -17.08 14.65
N GLU D 113 -46.82 -17.31 15.97
CA GLU D 113 -47.08 -16.21 16.91
C GLU D 113 -45.87 -15.87 17.76
N VAL D 114 -44.69 -16.34 17.40
CA VAL D 114 -43.49 -16.16 18.22
C VAL D 114 -42.41 -15.49 17.37
N ASP D 115 -41.68 -14.57 17.99
CA ASP D 115 -40.50 -13.97 17.38
C ASP D 115 -39.38 -13.90 18.41
N VAL D 116 -38.16 -14.19 17.96
CA VAL D 116 -36.95 -13.95 18.74
C VAL D 116 -35.98 -13.25 17.79
N GLU D 117 -35.99 -11.92 17.80
CA GLU D 117 -35.20 -11.18 16.82
C GLU D 117 -33.71 -11.44 17.01
N VAL D 118 -33.24 -11.48 18.24
CA VAL D 118 -31.82 -11.66 18.51
C VAL D 118 -31.65 -12.44 19.81
N SER D 119 -30.64 -13.30 19.83
CA SER D 119 -30.24 -14.01 21.04
C SER D 119 -28.94 -13.40 21.52
N TRP D 120 -28.96 -12.81 22.71
CA TRP D 120 -27.86 -12.00 23.19
C TRP D 120 -26.99 -12.78 24.17
N LEU D 121 -25.68 -12.60 24.05
CA LEU D 121 -24.70 -13.16 24.97
C LEU D 121 -24.00 -11.99 25.66
N THR D 122 -24.30 -11.78 26.93
CA THR D 122 -23.76 -10.64 27.64
C THR D 122 -22.56 -11.05 28.48
N PRO D 123 -21.48 -10.28 28.50
CA PRO D 123 -20.37 -10.61 29.39
C PRO D 123 -20.83 -10.65 30.84
N GLN D 124 -20.29 -11.61 31.59
CA GLN D 124 -20.58 -11.75 33.00
C GLN D 124 -19.33 -11.75 33.87
N SER D 125 -18.14 -11.77 33.27
CA SER D 125 -16.92 -11.72 34.06
C SER D 125 -16.67 -10.33 34.62
N GLU D 126 -17.13 -9.30 33.93
CA GLU D 126 -16.93 -7.92 34.34
C GLU D 126 -18.15 -7.41 35.09
N TYR D 127 -17.93 -6.56 36.08
CA TYR D 127 -18.96 -6.18 37.04
C TYR D 127 -19.38 -4.73 36.80
N ARG D 128 -20.57 -4.57 36.24
CA ARG D 128 -21.27 -3.30 36.11
C ARG D 128 -21.49 -2.58 37.45
N PRO D 129 -21.48 -1.25 37.44
CA PRO D 129 -21.89 -0.49 38.62
C PRO D 129 -23.30 -0.87 39.04
N THR D 130 -23.71 -0.35 40.19
CA THR D 130 -24.92 -0.81 40.87
C THR D 130 -26.02 0.22 41.00
N GLU D 131 -25.69 1.50 41.18
CA GLU D 131 -26.72 2.47 41.56
C GLU D 131 -27.89 2.47 40.59
N TYR D 132 -27.61 2.45 39.29
CA TYR D 132 -28.69 2.48 38.32
C TYR D 132 -29.56 1.24 38.41
N LEU D 133 -28.93 0.08 38.60
CA LEU D 133 -29.70 -1.15 38.77
C LEU D 133 -30.64 -1.04 39.96
N GLN D 134 -30.12 -0.57 41.09
CA GLN D 134 -30.94 -0.50 42.28
C GLN D 134 -32.11 0.45 42.09
N ARG D 135 -31.88 1.59 41.45
CA ARG D 135 -33.00 2.48 41.18
C ARG D 135 -34.03 1.81 40.29
N TRP D 136 -33.57 1.12 39.25
CA TRP D 136 -34.50 0.53 38.30
C TRP D 136 -35.38 -0.49 38.99
N VAL D 137 -34.78 -1.43 39.70
CA VAL D 137 -35.59 -2.42 40.39
C VAL D 137 -36.46 -1.75 41.43
N GLY D 138 -35.99 -0.64 42.01
CA GLY D 138 -36.76 0.05 43.02
C GLY D 138 -38.10 0.49 42.49
N PHE D 139 -38.15 0.95 41.25
CA PHE D 139 -39.39 1.48 40.71
C PHE D 139 -40.11 0.52 39.76
N TRP D 140 -39.47 -0.57 39.33
CA TRP D 140 -40.01 -1.36 38.23
C TRP D 140 -41.23 -2.20 38.62
N PHE D 141 -41.48 -2.42 39.90
CA PHE D 141 -42.49 -3.37 40.35
C PHE D 141 -43.81 -2.71 40.69
N ASP D 142 -44.20 -1.66 39.98
CA ASP D 142 -45.53 -1.10 40.13
C ASP D 142 -45.94 -0.44 38.82
N GLU D 143 -47.23 -0.56 38.49
CA GLU D 143 -47.70 -0.14 37.18
C GLU D 143 -47.48 1.35 36.96
N GLU D 144 -47.88 2.18 37.93
CA GLU D 144 -47.88 3.62 37.71
C GLU D 144 -46.48 4.13 37.35
N LYS D 145 -45.46 3.68 38.10
CA LYS D 145 -44.12 4.17 37.85
C LYS D 145 -43.62 3.72 36.48
N ARG D 146 -43.97 2.50 36.06
CA ARG D 146 -43.65 2.08 34.70
C ARG D 146 -44.33 2.99 33.68
N LEU D 147 -45.60 3.34 33.91
CA LEU D 147 -46.29 4.28 33.04
C LEU D 147 -45.51 5.58 32.93
N VAL D 148 -45.03 6.09 34.07
CA VAL D 148 -44.26 7.34 34.07
C VAL D 148 -43.01 7.17 33.23
N ALA D 149 -42.30 6.06 33.41
CA ALA D 149 -41.09 5.83 32.63
C ALA D 149 -41.40 5.79 31.15
N ALA D 150 -42.48 5.11 30.76
CA ALA D 150 -42.86 5.04 29.36
C ALA D 150 -43.11 6.42 28.79
N ARG D 151 -43.82 7.25 29.54
CA ARG D 151 -44.07 8.62 29.08
C ARG D 151 -42.75 9.36 28.87
N HIS D 152 -41.81 9.22 29.79
CA HIS D 152 -40.52 9.87 29.62
C HIS D 152 -39.82 9.37 28.36
N PHE D 153 -39.86 8.06 28.14
CA PHE D 153 -39.25 7.49 26.94
C PHE D 153 -39.82 8.16 25.70
N GLN D 154 -41.15 8.17 25.57
CA GLN D 154 -41.77 8.71 24.37
C GLN D 154 -41.46 10.18 24.19
N ARG D 155 -41.46 10.95 25.29
CA ARG D 155 -41.14 12.35 25.18
C ARG D 155 -39.73 12.56 24.64
N ALA D 156 -38.77 11.77 25.13
CA ALA D 156 -37.42 11.84 24.59
C ALA D 156 -37.41 11.48 23.11
N ARG D 157 -38.17 10.44 22.73
CA ARG D 157 -38.25 10.05 21.33
C ARG D 157 -38.68 11.22 20.45
N LEU D 158 -39.72 11.92 20.87
CA LEU D 158 -40.19 13.08 20.12
C LEU D 158 -39.13 14.16 20.07
N GLU D 159 -38.44 14.38 21.19
CA GLU D 159 -37.42 15.43 21.22
C GLU D 159 -36.36 15.17 20.17
N ARG D 160 -35.84 13.94 20.15
CA ARG D 160 -34.76 13.63 19.23
C ARG D 160 -35.21 13.75 17.79
N ILE D 161 -36.38 13.19 17.46
CA ILE D 161 -36.78 13.23 16.06
C ILE D 161 -36.96 14.67 15.60
N ARG D 162 -37.59 15.51 16.44
CA ARG D 162 -37.73 16.92 16.08
C ARG D 162 -36.38 17.58 15.85
N HIS D 163 -35.45 17.40 16.79
CA HIS D 163 -34.16 18.06 16.66
C HIS D 163 -33.43 17.59 15.42
N SER D 164 -33.49 16.29 15.13
CA SER D 164 -32.75 15.75 14.00
C SER D 164 -33.36 16.21 12.68
N TRP D 165 -34.68 16.20 12.57
CA TRP D 165 -35.32 16.50 11.31
C TRP D 165 -35.41 17.99 11.02
N LEU D 166 -35.13 18.84 12.01
CA LEU D 166 -35.24 20.29 11.81
C LEU D 166 -33.89 20.98 11.83
N GLU D 167 -33.08 20.78 12.87
CA GLU D 167 -31.90 21.60 13.07
C GLU D 167 -30.64 21.04 12.44
N ASP D 168 -30.72 19.92 11.73
CA ASP D 168 -29.55 19.32 11.10
C ASP D 168 -29.50 19.73 9.62
N ARG D 169 -28.44 20.46 9.25
CA ARG D 169 -28.24 20.85 7.86
C ARG D 169 -27.72 19.70 7.01
N VAL D 170 -27.15 18.67 7.62
CA VAL D 170 -26.60 17.56 6.84
C VAL D 170 -27.68 16.87 6.05
N LEU D 171 -28.80 16.52 6.72
CA LEU D 171 -29.89 15.85 6.02
C LEU D 171 -30.49 16.75 4.95
N ARG D 172 -30.66 18.03 5.25
CA ARG D 172 -31.18 18.96 4.25
C ARG D 172 -30.29 18.95 3.01
N ASP D 173 -28.98 19.02 3.21
CA ASP D 173 -28.05 18.95 2.07
C ASP D 173 -28.18 17.62 1.35
N ALA D 174 -28.33 16.53 2.10
CA ALA D 174 -28.46 15.22 1.50
C ALA D 174 -29.71 15.09 0.65
N GLY D 175 -30.68 15.98 0.84
CA GLY D 175 -31.88 15.96 0.03
C GLY D 175 -33.11 15.52 0.81
N PHE D 176 -33.13 15.79 2.11
CA PHE D 176 -34.27 15.44 2.95
C PHE D 176 -35.15 16.68 3.09
N ALA D 177 -36.02 16.88 2.12
CA ALA D 177 -36.95 18.01 2.12
C ALA D 177 -38.23 17.59 2.84
N VAL D 178 -38.55 18.28 3.93
CA VAL D 178 -39.67 17.92 4.79
C VAL D 178 -40.52 19.15 5.04
N ASP D 179 -41.84 18.93 5.14
CA ASP D 179 -42.78 20.01 5.43
C ASP D 179 -42.74 20.32 6.92
N ALA D 180 -42.23 21.50 7.27
CA ALA D 180 -42.13 21.87 8.68
C ALA D 180 -43.51 21.96 9.32
N THR D 181 -44.48 22.55 8.61
CA THR D 181 -45.79 22.79 9.22
C THR D 181 -46.46 21.48 9.61
N ALA D 182 -46.54 20.53 8.68
CA ALA D 182 -47.17 19.25 8.97
C ALA D 182 -46.44 18.53 10.10
N LEU D 183 -45.12 18.55 10.08
CA LEU D 183 -44.36 17.94 11.16
C LEU D 183 -44.73 18.55 12.49
N ALA D 184 -44.79 19.89 12.55
CA ALA D 184 -45.12 20.53 13.81
C ALA D 184 -46.52 20.15 14.27
N VAL D 185 -47.47 20.09 13.34
CA VAL D 185 -48.84 19.74 13.72
C VAL D 185 -48.88 18.32 14.27
N ALA D 186 -48.25 17.39 13.57
CA ALA D 186 -48.29 15.99 13.99
C ALA D 186 -47.58 15.80 15.32
N VAL D 187 -46.39 16.39 15.48
CA VAL D 187 -45.64 16.20 16.71
C VAL D 187 -46.38 16.82 17.88
N GLU D 188 -46.91 18.03 17.71
CA GLU D 188 -47.66 18.65 18.80
C GLU D 188 -48.88 17.82 19.16
N ASP D 189 -49.60 17.32 18.15
CA ASP D 189 -50.76 16.48 18.42
C ASP D 189 -50.36 15.24 19.20
N SER D 190 -49.26 14.60 18.80
CA SER D 190 -48.80 13.42 19.51
C SER D 190 -48.43 13.76 20.94
N ALA D 191 -47.68 14.84 21.13
CA ALA D 191 -47.28 15.24 22.48
C ALA D 191 -48.50 15.44 23.36
N ARG D 192 -49.51 16.15 22.84
CA ARG D 192 -50.77 16.29 23.55
C ARG D 192 -51.37 14.91 23.83
N ALA D 193 -51.23 13.98 22.89
CA ALA D 193 -51.82 12.66 23.05
C ALA D 193 -51.17 11.91 24.21
N LEU D 194 -49.85 12.00 24.38
CA LEU D 194 -49.23 11.27 25.48
C LEU D 194 -49.86 11.65 26.81
N GLU D 195 -49.95 12.96 27.09
CA GLU D 195 -50.54 13.39 28.34
C GLU D 195 -51.95 12.86 28.45
N GLN D 196 -52.34 12.47 29.66
CA GLN D 196 -53.67 11.89 29.90
C GLN D 196 -54.00 10.85 28.82
N ALA D 197 -53.02 9.98 28.57
CA ALA D 197 -53.26 8.66 28.02
C ALA D 197 -53.39 7.67 29.17
N PRO D 198 -54.53 7.01 29.35
CA PRO D 198 -54.78 6.30 30.61
C PRO D 198 -53.86 5.13 30.89
N ASN D 199 -53.79 4.16 29.97
CA ASN D 199 -53.09 2.91 30.22
C ASN D 199 -52.19 2.57 29.04
N HIS D 200 -51.14 1.79 29.33
CA HIS D 200 -50.09 1.58 28.35
C HIS D 200 -50.65 1.04 27.04
N GLU D 201 -51.72 0.25 27.08
CA GLU D 201 -52.31 -0.22 25.83
C GLU D 201 -52.71 0.94 24.95
N HIS D 202 -53.35 1.96 25.55
CA HIS D 202 -53.61 3.20 24.82
C HIS D 202 -52.32 3.85 24.37
N LEU D 203 -51.30 3.86 25.23
CA LEU D 203 -50.06 4.55 24.91
C LEU D 203 -49.39 3.94 23.68
N LEU D 204 -49.25 2.62 23.66
CA LEU D 204 -48.64 1.97 22.52
C LEU D 204 -49.51 2.08 21.28
N THR D 205 -50.84 2.03 21.44
CA THR D 205 -51.69 2.31 20.29
C THR D 205 -51.37 3.67 19.71
N GLU D 206 -51.12 4.64 20.60
CA GLU D 206 -50.83 5.99 20.16
C GLU D 206 -49.54 6.04 19.36
N GLU D 207 -48.47 5.45 19.91
CA GLU D 207 -47.20 5.59 19.21
C GLU D 207 -47.21 4.83 17.89
N ALA D 208 -48.00 3.75 17.79
CA ALA D 208 -48.20 3.13 16.48
C ALA D 208 -48.84 4.10 15.51
N ARG D 209 -49.84 4.86 15.97
CA ARG D 209 -50.38 5.93 15.15
C ARG D 209 -49.31 6.95 14.76
N LEU D 210 -48.47 7.33 15.72
CA LEU D 210 -47.39 8.26 15.43
C LEU D 210 -46.47 7.72 14.36
N SER D 211 -46.13 6.43 14.44
CA SER D 211 -45.31 5.81 13.43
C SER D 211 -45.96 5.94 12.06
N LYS D 212 -47.27 5.68 11.97
CA LYS D 212 -47.95 5.83 10.69
C LYS D 212 -47.80 7.25 10.16
N ARG D 213 -48.01 8.24 11.04
CA ARG D 213 -47.84 9.63 10.63
C ARG D 213 -46.46 9.86 10.04
N LEU D 214 -45.43 9.38 10.75
CA LEU D 214 -44.06 9.61 10.30
C LEU D 214 -43.78 8.90 8.98
N PHE D 215 -44.28 7.67 8.83
CA PHE D 215 -44.06 6.95 7.57
C PHE D 215 -44.59 7.79 6.42
N LYS D 216 -45.84 8.24 6.54
CA LYS D 216 -46.44 9.02 5.46
C LYS D 216 -45.72 10.32 5.18
N LEU D 217 -45.47 11.13 6.20
CA LEU D 217 -44.87 12.42 5.92
C LEU D 217 -43.48 12.23 5.32
N ALA D 218 -42.71 11.28 5.82
CA ALA D 218 -41.38 11.04 5.25
C ALA D 218 -41.49 10.58 3.81
N ALA D 219 -42.42 9.68 3.50
CA ALA D 219 -42.55 9.21 2.13
C ALA D 219 -42.88 10.35 1.19
N GLN D 220 -43.93 11.12 1.51
CA GLN D 220 -44.25 12.28 0.69
C GLN D 220 -43.16 13.33 0.72
N ALA D 221 -42.28 13.27 1.73
CA ALA D 221 -41.16 14.19 1.84
C ALA D 221 -39.93 13.73 1.06
N THR D 222 -39.99 12.55 0.44
CA THR D 222 -38.85 12.03 -0.31
C THR D 222 -39.26 11.50 -1.67
N ARG D 223 -40.45 11.87 -2.15
CA ARG D 223 -40.90 11.48 -3.49
C ARG D 223 -40.90 9.97 -3.67
N TYR D 224 -41.34 9.24 -2.66
CA TYR D 224 -41.54 7.80 -2.75
C TYR D 224 -42.96 7.42 -3.09
N GLY D 225 -43.83 8.40 -3.33
CA GLY D 225 -45.21 8.08 -3.61
C GLY D 225 -45.88 7.48 -2.38
N GLU D 226 -46.89 6.67 -2.64
CA GLU D 226 -47.62 6.00 -1.56
C GLU D 226 -46.80 4.83 -1.03
N PHE D 227 -46.66 4.77 0.29
CA PHE D 227 -45.92 3.71 0.95
C PHE D 227 -46.75 3.12 2.07
N VAL D 228 -46.77 1.80 2.15
CA VAL D 228 -47.47 1.06 3.19
C VAL D 228 -46.44 0.27 3.98
N ARG D 229 -46.48 0.41 5.30
CA ARG D 229 -45.49 -0.21 6.17
C ARG D 229 -45.78 -1.70 6.30
N ALA D 230 -44.84 -2.52 5.82
CA ALA D 230 -44.95 -3.95 5.99
C ALA D 230 -44.66 -4.30 7.46
N LYS D 231 -44.60 -5.60 7.76
CA LYS D 231 -44.58 -6.06 9.13
C LYS D 231 -43.74 -7.32 9.29
N ARG D 232 -42.89 -7.29 10.32
CA ARG D 232 -41.92 -8.34 10.65
C ARG D 232 -41.32 -8.99 9.40
N GLY D 233 -40.66 -8.16 8.61
CA GLY D 233 -39.82 -8.67 7.54
C GLY D 233 -40.55 -9.22 6.34
N SER D 234 -41.86 -9.01 6.23
CA SER D 234 -42.61 -9.53 5.11
C SER D 234 -42.55 -8.64 3.87
N GLY D 235 -41.92 -7.47 3.98
CA GLY D 235 -41.91 -6.55 2.86
C GLY D 235 -41.01 -7.01 1.73
N GLY D 236 -41.26 -6.43 0.55
CA GLY D 236 -40.46 -6.72 -0.63
C GLY D 236 -39.77 -5.51 -1.20
N ASP D 237 -40.37 -4.34 -1.02
CA ASP D 237 -39.80 -3.12 -1.58
C ASP D 237 -38.50 -2.77 -0.86
N PRO D 238 -37.62 -1.99 -1.51
CA PRO D 238 -36.35 -1.66 -0.87
C PRO D 238 -36.51 -0.92 0.45
N ALA D 239 -37.49 -0.02 0.55
CA ALA D 239 -37.63 0.77 1.77
C ALA D 239 -37.89 -0.12 2.98
N ASN D 240 -38.85 -1.04 2.84
CA ASN D 240 -39.14 -1.95 3.94
C ASN D 240 -37.92 -2.78 4.30
N ARG D 241 -37.19 -3.24 3.28
CA ARG D 241 -36.02 -4.07 3.53
C ARG D 241 -34.99 -3.31 4.35
N PHE D 242 -34.61 -2.13 3.89
CA PHE D 242 -33.57 -1.37 4.58
C PHE D 242 -34.02 -1.02 5.99
N LEU D 243 -35.27 -0.58 6.17
CA LEU D 243 -35.70 -0.19 7.50
C LEU D 243 -35.77 -1.39 8.44
N ASP D 244 -36.12 -2.57 7.91
CA ASP D 244 -36.11 -3.76 8.74
C ASP D 244 -34.69 -4.12 9.14
N HIS D 245 -33.73 -3.98 8.23
CA HIS D 245 -32.35 -4.24 8.59
C HIS D 245 -31.87 -3.25 9.64
N GLY D 246 -32.19 -1.97 9.47
CA GLY D 246 -31.77 -0.96 10.43
C GLY D 246 -32.27 -1.25 11.82
N ASN D 247 -33.42 -1.91 11.92
CA ASN D 247 -33.94 -2.25 13.24
C ASN D 247 -32.89 -2.98 14.07
N TYR D 248 -32.10 -3.86 13.43
CA TYR D 248 -31.10 -4.61 14.18
C TYR D 248 -29.93 -3.75 14.59
N LEU D 249 -29.49 -2.82 13.73
CA LEU D 249 -28.47 -1.88 14.15
C LEU D 249 -28.89 -1.17 15.43
N ALA D 250 -30.14 -0.73 15.44
CA ALA D 250 -30.67 -0.09 16.65
C ALA D 250 -30.66 -1.06 17.82
N TYR D 251 -31.09 -2.30 17.59
CA TYR D 251 -31.06 -3.28 18.67
C TYR D 251 -29.67 -3.44 19.25
N GLY D 252 -28.66 -3.48 18.38
CA GLY D 252 -27.30 -3.64 18.86
C GLY D 252 -26.88 -2.52 19.79
N LEU D 253 -27.12 -1.28 19.35
CA LEU D 253 -26.71 -0.16 20.19
C LEU D 253 -27.52 -0.11 21.48
N ALA D 254 -28.80 -0.43 21.41
CA ALA D 254 -29.62 -0.43 22.62
C ALA D 254 -29.13 -1.49 23.60
N ALA D 255 -28.83 -2.68 23.10
CA ALA D 255 -28.41 -3.76 23.99
C ALA D 255 -27.12 -3.38 24.71
N THR D 256 -26.15 -2.84 23.97
CA THR D 256 -24.92 -2.44 24.64
C THR D 256 -25.17 -1.34 25.66
N ALA D 257 -26.05 -0.38 25.35
CA ALA D 257 -26.35 0.66 26.32
C ALA D 257 -26.92 0.07 27.61
N THR D 258 -27.89 -0.83 27.46
CA THR D 258 -28.52 -1.43 28.63
C THR D 258 -27.49 -2.18 29.45
N TRP D 259 -26.63 -2.96 28.80
CA TRP D 259 -25.64 -3.71 29.56
C TRP D 259 -24.67 -2.77 30.26
N VAL D 260 -24.27 -1.69 29.60
CA VAL D 260 -23.31 -0.77 30.20
C VAL D 260 -23.85 -0.22 31.50
N LEU D 261 -25.13 0.19 31.51
CA LEU D 261 -25.72 0.59 32.79
C LEU D 261 -25.80 -0.57 33.76
N GLY D 262 -25.90 -1.80 33.27
CA GLY D 262 -26.02 -2.95 34.13
C GLY D 262 -27.42 -3.41 34.43
N ILE D 263 -28.39 -3.04 33.61
CA ILE D 263 -29.78 -3.47 33.74
C ILE D 263 -30.00 -4.76 32.98
N PRO D 264 -30.66 -5.76 33.56
CA PRO D 264 -31.02 -6.95 32.77
C PRO D 264 -32.03 -6.58 31.70
N HIS D 265 -31.92 -7.27 30.57
CA HIS D 265 -32.75 -6.94 29.41
C HIS D 265 -34.23 -7.22 29.64
N GLY D 266 -34.58 -7.95 30.69
CA GLY D 266 -35.96 -8.37 30.87
C GLY D 266 -36.88 -7.29 31.40
N LEU D 267 -36.34 -6.27 32.07
CA LEU D 267 -37.18 -5.29 32.77
C LEU D 267 -37.71 -4.26 31.77
N ALA D 268 -38.58 -4.74 30.88
CA ALA D 268 -39.18 -3.87 29.89
C ALA D 268 -40.22 -2.96 30.54
N VAL D 269 -40.67 -1.96 29.77
CA VAL D 269 -41.74 -1.08 30.25
C VAL D 269 -42.93 -1.10 29.29
N LEU D 270 -42.69 -1.32 28.00
CA LEU D 270 -43.79 -1.38 27.03
C LEU D 270 -43.85 -2.70 26.30
N HIS D 271 -42.79 -3.10 25.61
CA HIS D 271 -42.88 -4.22 24.69
C HIS D 271 -42.70 -5.57 25.36
N GLY D 272 -42.51 -5.61 26.67
CA GLY D 272 -42.31 -6.89 27.32
C GLY D 272 -43.44 -7.91 27.19
N LYS D 273 -44.64 -7.53 26.76
CA LYS D 273 -45.76 -8.45 26.92
C LYS D 273 -46.11 -9.09 25.57
N THR D 274 -45.16 -9.02 24.62
CA THR D 274 -45.04 -10.03 23.58
C THR D 274 -43.58 -10.47 23.43
N ARG D 275 -42.62 -9.57 23.64
CA ARG D 275 -41.22 -9.87 23.37
C ARG D 275 -40.54 -10.52 24.57
N ARG D 276 -39.43 -11.21 24.29
CA ARG D 276 -38.48 -11.62 25.32
C ARG D 276 -37.35 -10.60 25.39
N GLY D 277 -36.90 -10.30 26.60
CA GLY D 277 -35.89 -9.28 26.77
C GLY D 277 -36.36 -7.95 26.22
N GLY D 278 -37.57 -7.56 26.61
CA GLY D 278 -38.24 -6.47 25.91
C GLY D 278 -37.50 -5.15 25.96
N LEU D 279 -36.86 -4.85 27.09
CA LEU D 279 -36.38 -3.48 27.30
C LEU D 279 -35.48 -3.02 26.17
N VAL D 280 -34.75 -3.94 25.54
CA VAL D 280 -33.88 -3.53 24.43
C VAL D 280 -34.71 -2.92 23.31
N PHE D 281 -35.88 -3.51 23.01
CA PHE D 281 -36.77 -2.89 22.05
C PHE D 281 -37.23 -1.52 22.52
N ASP D 282 -37.62 -1.43 23.79
CA ASP D 282 -38.17 -0.18 24.29
C ASP D 282 -37.15 0.95 24.19
N VAL D 283 -35.90 0.64 24.51
CA VAL D 283 -34.84 1.64 24.38
C VAL D 283 -34.58 1.95 22.91
N ALA D 284 -34.72 0.96 22.03
CA ALA D 284 -34.30 1.13 20.65
C ALA D 284 -35.08 2.24 19.95
N ASP D 285 -36.36 2.37 20.25
CA ASP D 285 -37.18 3.37 19.57
C ASP D 285 -36.59 4.77 19.68
N LEU D 286 -35.93 5.07 20.79
CA LEU D 286 -35.10 6.27 20.91
C LEU D 286 -34.27 6.53 19.67
N ILE D 287 -33.88 5.47 18.96
CA ILE D 287 -33.04 5.60 17.79
C ILE D 287 -33.86 5.52 16.50
N LYS D 288 -34.80 4.57 16.49
CA LYS D 288 -35.29 4.01 15.24
C LYS D 288 -35.86 5.09 14.33
N ASP D 289 -36.79 5.87 14.85
CA ASP D 289 -37.52 6.81 14.01
C ASP D 289 -36.66 8.01 13.68
N SER D 290 -35.82 8.45 14.60
CA SER D 290 -35.09 9.69 14.37
C SER D 290 -34.02 9.50 13.31
N LEU D 291 -33.31 8.37 13.35
CA LEU D 291 -32.13 8.21 12.50
C LEU D 291 -32.31 7.21 11.37
N ILE D 292 -32.96 6.07 11.61
CA ILE D 292 -33.03 5.05 10.56
C ILE D 292 -33.93 5.51 9.41
N LEU D 293 -35.12 6.02 9.73
CA LEU D 293 -36.12 6.30 8.69
C LEU D 293 -35.58 7.14 7.55
N PRO D 294 -34.94 8.28 7.80
CA PRO D 294 -34.45 9.08 6.66
C PRO D 294 -33.46 8.33 5.83
N GLN D 295 -32.41 7.77 6.43
CA GLN D 295 -31.39 7.11 5.63
C GLN D 295 -31.97 5.98 4.81
N ALA D 296 -32.91 5.22 5.38
CA ALA D 296 -33.54 4.14 4.65
C ALA D 296 -34.24 4.66 3.39
N PHE D 297 -35.07 5.68 3.55
CA PHE D 297 -35.78 6.19 2.37
C PHE D 297 -34.82 6.84 1.39
N LEU D 298 -33.89 7.67 1.87
CA LEU D 298 -32.94 8.33 1.00
C LEU D 298 -32.20 7.30 0.16
N SER D 299 -31.71 6.24 0.80
CA SER D 299 -31.01 5.22 0.04
C SER D 299 -31.92 4.59 -0.99
N ALA D 300 -33.18 4.35 -0.63
CA ALA D 300 -34.11 3.79 -1.62
C ALA D 300 -34.19 4.69 -2.84
N MET D 301 -34.26 6.00 -2.62
CA MET D 301 -34.24 6.96 -3.73
C MET D 301 -33.01 6.81 -4.57
N ARG D 302 -31.84 6.76 -3.93
CA ARG D 302 -30.62 6.53 -4.67
C ARG D 302 -30.51 5.11 -5.21
N GLY D 303 -31.40 4.20 -4.78
CA GLY D 303 -31.32 2.83 -5.22
C GLY D 303 -30.04 2.16 -4.78
N ASP D 304 -29.44 2.63 -3.70
CA ASP D 304 -28.17 2.09 -3.24
C ASP D 304 -28.33 0.66 -2.76
N GLU D 305 -27.21 -0.05 -2.69
CA GLU D 305 -27.22 -1.43 -2.24
C GLU D 305 -27.25 -1.49 -0.71
N GLU D 306 -27.57 -2.68 -0.19
CA GLU D 306 -27.78 -2.83 1.25
C GLU D 306 -26.53 -2.45 2.04
N GLN D 307 -25.35 -2.91 1.58
CA GLN D 307 -24.13 -2.60 2.31
C GLN D 307 -23.96 -1.10 2.46
N ASP D 308 -24.15 -0.36 1.38
CA ASP D 308 -24.02 1.10 1.45
C ASP D 308 -25.01 1.68 2.44
N PHE D 309 -26.24 1.17 2.46
CA PHE D 309 -27.22 1.67 3.41
C PHE D 309 -26.75 1.46 4.83
N ARG D 310 -26.24 0.27 5.14
CA ARG D 310 -25.75 0.02 6.48
C ARG D 310 -24.58 0.94 6.81
N GLN D 311 -23.67 1.11 5.86
CA GLN D 311 -22.51 1.96 6.11
C GLN D 311 -22.96 3.37 6.46
N ALA D 312 -23.91 3.91 5.68
CA ALA D 312 -24.40 5.25 5.95
C ALA D 312 -25.07 5.32 7.32
N CYS D 313 -25.91 4.33 7.63
CA CYS D 313 -26.62 4.36 8.90
C CYS D 313 -25.66 4.31 10.08
N LEU D 314 -24.76 3.33 10.08
CA LEU D 314 -23.60 3.31 10.97
C LEU D 314 -22.98 4.69 11.13
N ASP D 315 -22.63 5.30 10.00
CA ASP D 315 -21.90 6.56 10.04
C ASP D 315 -22.74 7.66 10.67
N ASN D 316 -24.02 7.71 10.33
CA ASN D 316 -24.90 8.69 10.96
C ASN D 316 -24.99 8.45 12.45
N LEU D 317 -25.13 7.18 12.86
CA LEU D 317 -25.28 6.88 14.27
C LEU D 317 -24.07 7.38 15.05
N SER D 318 -22.87 7.17 14.51
CA SER D 318 -21.69 7.74 15.15
C SER D 318 -21.73 9.26 15.12
N ARG D 319 -22.14 9.85 13.99
CA ARG D 319 -22.19 11.29 13.87
C ARG D 319 -23.03 11.92 14.98
N ALA D 320 -24.14 11.27 15.33
CA ALA D 320 -25.08 11.81 16.30
C ALA D 320 -24.73 11.44 17.73
N GLN D 321 -23.66 10.69 17.97
CA GLN D 321 -23.32 10.23 19.31
C GLN D 321 -24.52 9.54 19.93
N ALA D 322 -25.19 8.72 19.12
CA ALA D 322 -26.48 8.19 19.50
C ALA D 322 -26.42 7.32 20.74
N LEU D 323 -25.44 6.40 20.79
CA LEU D 323 -25.32 5.54 21.97
C LEU D 323 -25.24 6.36 23.23
N ASP D 324 -24.54 7.49 23.17
CA ASP D 324 -24.46 8.36 24.34
C ASP D 324 -25.83 8.84 24.73
N PHE D 325 -26.66 9.23 23.76
CA PHE D 325 -27.97 9.74 24.08
C PHE D 325 -28.80 8.66 24.76
N MET D 326 -28.69 7.43 24.29
CA MET D 326 -29.50 6.35 24.87
C MET D 326 -29.13 6.17 26.34
N ILE D 327 -27.84 6.24 26.61
CA ILE D 327 -27.36 6.15 27.99
C ILE D 327 -27.90 7.31 28.82
N ASP D 328 -27.75 8.53 28.30
CA ASP D 328 -28.22 9.70 29.05
C ASP D 328 -29.71 9.61 29.33
N THR D 329 -30.49 9.14 28.36
CA THR D 329 -31.92 9.02 28.56
C THR D 329 -32.22 8.05 29.70
N LEU D 330 -31.54 6.91 29.72
CA LEU D 330 -31.79 5.96 30.80
C LEU D 330 -31.42 6.55 32.15
N LYS D 331 -30.29 7.25 32.21
CA LYS D 331 -29.90 7.90 33.47
C LYS D 331 -30.97 8.88 33.92
N ASP D 332 -31.42 9.73 33.00
CA ASP D 332 -32.38 10.77 33.36
C ASP D 332 -33.69 10.16 33.85
N VAL D 333 -34.19 9.14 33.15
CA VAL D 333 -35.45 8.54 33.57
C VAL D 333 -35.29 7.88 34.92
N ALA D 334 -34.12 7.29 35.19
CA ALA D 334 -33.87 6.74 36.52
C ALA D 334 -33.98 7.81 37.58
N GLN D 335 -33.30 8.94 37.37
CA GLN D 335 -33.34 10.01 38.36
C GLN D 335 -34.76 10.52 38.56
N ARG D 336 -35.44 10.89 37.47
CA ARG D 336 -36.77 11.47 37.60
C ARG D 336 -37.75 10.49 38.22
N SER D 337 -37.57 9.20 37.99
CA SER D 337 -38.42 8.20 38.60
C SER D 337 -38.04 7.92 40.05
N THR D 338 -36.86 8.37 40.48
CA THR D 338 -36.46 8.14 41.86
C THR D 338 -37.43 8.81 42.84
N VAL D 339 -37.99 9.95 42.46
CA VAL D 339 -38.88 10.70 43.34
C VAL D 339 -40.20 10.98 42.64
N ALA E 5 33.35 -62.78 -18.26
CA ALA E 5 34.57 -62.03 -18.04
C ALA E 5 34.26 -60.55 -17.82
N LEU E 6 35.25 -59.82 -17.30
CA LEU E 6 35.03 -58.46 -16.84
C LEU E 6 35.02 -57.49 -18.01
N THR E 7 34.15 -56.49 -17.92
CA THR E 7 34.09 -55.40 -18.89
C THR E 7 33.94 -54.09 -18.16
N LYS E 8 34.12 -52.98 -18.88
CA LYS E 8 33.99 -51.67 -18.26
C LYS E 8 32.61 -51.46 -17.66
N ALA E 9 31.60 -52.16 -18.16
CA ALA E 9 30.25 -52.03 -17.60
C ALA E 9 30.19 -52.55 -16.17
N GLU E 10 30.73 -53.75 -15.94
CA GLU E 10 30.63 -54.34 -14.62
C GLU E 10 31.35 -53.47 -13.58
N ILE E 11 32.54 -52.97 -13.91
CA ILE E 11 33.26 -52.16 -12.94
C ILE E 11 32.64 -50.78 -12.82
N ALA E 12 31.88 -50.36 -13.83
CA ALA E 12 31.15 -49.11 -13.71
C ALA E 12 30.03 -49.26 -12.70
N GLU E 13 29.20 -50.29 -12.84
CA GLU E 13 28.17 -50.50 -11.83
C GLU E 13 28.75 -50.86 -10.47
N ARG E 14 29.98 -51.38 -10.43
CA ARG E 14 30.66 -51.59 -9.15
C ARG E 14 30.91 -50.26 -8.44
N LEU E 15 31.34 -49.25 -9.20
CA LEU E 15 31.42 -47.91 -8.62
C LEU E 15 30.03 -47.39 -8.31
N TYR E 16 29.07 -47.59 -9.20
CA TYR E 16 27.73 -47.03 -9.01
C TYR E 16 27.20 -47.45 -7.65
N GLU E 17 27.27 -48.76 -7.37
CA GLU E 17 26.66 -49.31 -6.16
C GLU E 17 27.50 -49.05 -4.92
N GLU E 18 28.83 -49.01 -5.04
CA GLU E 18 29.63 -48.80 -3.82
C GLU E 18 29.81 -47.32 -3.49
N LEU E 19 30.20 -46.51 -4.47
CA LEU E 19 30.57 -45.12 -4.25
C LEU E 19 29.48 -44.13 -4.66
N GLY E 20 28.41 -44.59 -5.29
CA GLY E 20 27.27 -43.74 -5.55
C GLY E 20 27.37 -42.85 -6.77
N LEU E 21 28.41 -42.99 -7.58
CA LEU E 21 28.50 -42.25 -8.83
C LEU E 21 27.40 -42.67 -9.79
N ASN E 22 26.91 -41.73 -10.58
CA ASN E 22 25.84 -42.02 -11.51
C ASN E 22 26.39 -42.84 -12.68
N LYS E 23 25.48 -43.42 -13.47
CA LYS E 23 25.90 -44.32 -14.53
C LYS E 23 26.81 -43.61 -15.52
N ARG E 24 26.47 -42.35 -15.85
CA ARG E 24 27.26 -41.61 -16.84
C ARG E 24 28.69 -41.42 -16.36
N GLU E 25 28.84 -40.86 -15.16
CA GLU E 25 30.18 -40.56 -14.66
C GLU E 25 30.98 -41.83 -14.44
N ALA E 26 30.34 -42.88 -13.94
CA ALA E 26 31.05 -44.15 -13.74
C ALA E 26 31.62 -44.69 -15.04
N LYS E 27 30.80 -44.71 -16.09
CA LYS E 27 31.31 -45.16 -17.40
C LYS E 27 32.36 -44.21 -17.95
N GLU E 28 32.11 -42.91 -17.85
CA GLU E 28 33.06 -41.94 -18.39
C GLU E 28 34.43 -42.07 -17.74
N LEU E 29 34.47 -41.98 -16.40
CA LEU E 29 35.74 -42.06 -15.71
C LEU E 29 36.40 -43.40 -15.98
N VAL E 30 35.60 -44.45 -16.15
CA VAL E 30 36.15 -45.79 -16.27
C VAL E 30 36.96 -45.87 -17.55
N GLU E 31 36.33 -45.54 -18.68
CA GLU E 31 37.01 -45.78 -19.93
C GLU E 31 38.06 -44.71 -20.19
N LEU E 32 37.89 -43.48 -19.69
CA LEU E 32 38.95 -42.52 -19.92
C LEU E 32 40.15 -42.73 -19.01
N PHE E 33 40.08 -43.61 -18.02
CA PHE E 33 41.29 -43.85 -17.23
C PHE E 33 42.20 -44.92 -17.85
N PHE E 34 41.61 -45.89 -18.55
CA PHE E 34 42.35 -46.61 -19.58
C PHE E 34 42.74 -45.73 -20.76
N GLU E 35 41.96 -44.71 -21.12
CA GLU E 35 42.43 -43.81 -22.16
C GLU E 35 43.70 -43.10 -21.72
N GLU E 36 43.76 -42.72 -20.45
CA GLU E 36 44.94 -42.06 -19.92
C GLU E 36 46.16 -43.00 -19.93
N ILE E 37 45.97 -44.25 -19.52
CA ILE E 37 47.06 -45.21 -19.62
C ILE E 37 47.44 -45.49 -21.07
N ARG E 38 46.48 -45.46 -21.99
CA ARG E 38 46.80 -45.54 -23.41
C ARG E 38 47.67 -44.38 -23.84
N GLN E 39 47.38 -43.18 -23.34
CA GLN E 39 48.20 -42.02 -23.68
C GLN E 39 49.61 -42.19 -23.13
N ALA E 40 49.72 -42.56 -21.85
CA ALA E 40 51.04 -42.69 -21.23
C ALA E 40 51.88 -43.72 -21.97
N LEU E 41 51.29 -44.87 -22.31
CA LEU E 41 52.02 -45.87 -23.08
C LEU E 41 52.38 -45.35 -24.46
N GLU E 42 51.49 -44.54 -25.05
CA GLU E 42 51.76 -43.99 -26.38
C GLU E 42 52.99 -43.08 -26.36
N HIS E 43 53.15 -42.29 -25.31
CA HIS E 43 54.30 -41.40 -25.17
C HIS E 43 55.55 -42.11 -24.67
N ASN E 44 55.56 -43.45 -24.68
CA ASN E 44 56.71 -44.23 -24.24
C ASN E 44 57.08 -43.87 -22.79
N GLU E 45 56.11 -44.06 -21.90
CA GLU E 45 56.28 -43.82 -20.48
C GLU E 45 55.66 -44.99 -19.74
N GLN E 46 56.51 -45.87 -19.19
CA GLN E 46 56.03 -47.09 -18.56
C GLN E 46 55.48 -46.80 -17.17
N VAL E 47 54.36 -47.44 -16.85
CA VAL E 47 53.51 -47.03 -15.74
C VAL E 47 53.61 -48.07 -14.63
N LYS E 48 53.56 -47.60 -13.40
CA LYS E 48 53.57 -48.45 -12.22
C LYS E 48 52.23 -48.34 -11.51
N LEU E 49 51.73 -49.47 -11.01
CA LEU E 49 50.51 -49.49 -10.21
C LEU E 49 50.81 -50.30 -8.95
N SER E 50 51.13 -49.60 -7.87
CA SER E 50 51.43 -50.29 -6.62
C SER E 50 50.25 -51.16 -6.22
N GLY E 51 50.52 -52.42 -5.89
CA GLY E 51 49.49 -53.35 -5.52
C GLY E 51 48.95 -54.19 -6.65
N PHE E 52 49.17 -53.78 -7.90
CA PHE E 52 48.77 -54.57 -9.07
C PHE E 52 49.95 -54.98 -9.93
N GLY E 53 50.78 -54.04 -10.34
CA GLY E 53 51.93 -54.34 -11.17
C GLY E 53 52.26 -53.16 -12.05
N ASN E 54 53.03 -53.43 -13.11
CA ASN E 54 53.51 -52.36 -13.98
C ASN E 54 53.47 -52.76 -15.44
N PHE E 55 52.93 -51.87 -16.25
CA PHE E 55 53.15 -51.88 -17.69
C PHE E 55 54.55 -51.37 -18.00
N ASP E 56 55.31 -52.12 -18.80
CA ASP E 56 56.59 -51.64 -19.30
C ASP E 56 56.67 -51.77 -20.81
N LEU E 57 57.41 -50.84 -21.42
CA LEU E 57 57.56 -50.74 -22.86
C LEU E 57 58.92 -51.27 -23.28
N ARG E 58 58.94 -52.11 -24.32
CA ARG E 58 60.16 -52.67 -24.87
C ARG E 58 60.21 -52.39 -26.36
N ASP E 59 61.41 -52.03 -26.84
CA ASP E 59 61.64 -51.77 -28.26
C ASP E 59 62.17 -53.05 -28.89
N LYS E 60 61.36 -53.68 -29.74
CA LYS E 60 61.75 -54.90 -30.41
C LYS E 60 62.58 -54.60 -31.65
N ARG E 61 63.07 -55.65 -32.30
CA ARG E 61 63.86 -55.52 -33.51
C ARG E 61 63.56 -56.71 -34.41
N GLN E 62 63.86 -56.54 -35.70
CA GLN E 62 63.41 -57.51 -36.71
C GLN E 62 64.03 -58.88 -36.46
N ARG E 63 63.22 -59.82 -35.99
CA ARG E 63 63.60 -61.19 -35.76
C ARG E 63 62.88 -62.12 -36.74
N PRO E 64 63.28 -63.38 -36.81
CA PRO E 64 62.72 -64.28 -37.81
C PRO E 64 61.39 -64.88 -37.36
N GLY E 65 60.76 -65.58 -38.29
CA GLY E 65 59.50 -66.25 -38.00
C GLY E 65 58.99 -66.93 -39.25
N ARG E 66 57.88 -67.64 -39.08
CA ARG E 66 57.26 -68.36 -40.18
C ARG E 66 55.75 -68.33 -40.03
N ASN E 67 55.04 -68.51 -41.13
CA ASN E 67 53.60 -68.67 -41.07
C ASN E 67 53.29 -70.05 -40.51
N PRO E 68 52.54 -70.15 -39.40
CA PRO E 68 52.39 -71.47 -38.75
C PRO E 68 51.83 -72.55 -39.67
N LYS E 69 50.84 -72.22 -40.49
CA LYS E 69 50.17 -73.26 -41.26
C LYS E 69 51.02 -73.75 -42.43
N THR E 70 51.68 -72.83 -43.14
CA THR E 70 52.44 -73.18 -44.33
C THR E 70 53.92 -73.41 -44.06
N GLY E 71 54.46 -72.85 -42.98
CA GLY E 71 55.88 -72.87 -42.75
C GLY E 71 56.66 -71.84 -43.54
N GLU E 72 55.99 -71.02 -44.34
CA GLU E 72 56.67 -69.98 -45.10
C GLU E 72 57.38 -69.02 -44.15
N GLU E 73 58.59 -68.62 -44.51
CA GLU E 73 59.42 -67.79 -43.65
C GLU E 73 59.09 -66.31 -43.88
N ILE E 74 58.76 -65.62 -42.80
CA ILE E 74 58.55 -64.17 -42.83
C ILE E 74 59.30 -63.57 -41.64
N PRO E 75 59.89 -62.39 -41.79
CA PRO E 75 60.57 -61.76 -40.65
C PRO E 75 59.61 -60.96 -39.77
N ILE E 76 59.62 -61.24 -38.46
CA ILE E 76 58.83 -60.46 -37.53
C ILE E 76 59.46 -59.09 -37.38
N THR E 77 58.70 -58.05 -37.71
CA THR E 77 59.26 -56.72 -37.81
C THR E 77 59.50 -56.11 -36.43
N ALA E 78 60.33 -55.06 -36.41
CA ALA E 78 60.56 -54.31 -35.19
C ALA E 78 59.28 -53.60 -34.76
N ARG E 79 59.12 -53.44 -33.44
CA ARG E 79 57.88 -52.91 -32.91
C ARG E 79 58.07 -52.54 -31.45
N ARG E 80 57.46 -51.42 -31.04
CA ARG E 80 57.39 -51.06 -29.64
C ARG E 80 56.27 -51.85 -28.99
N VAL E 81 56.59 -52.55 -27.89
CA VAL E 81 55.68 -53.49 -27.26
C VAL E 81 55.57 -53.17 -25.78
N VAL E 82 54.49 -53.65 -25.17
CA VAL E 82 54.19 -53.43 -23.76
C VAL E 82 54.15 -54.79 -23.06
N THR E 83 54.81 -54.86 -21.90
CA THR E 83 54.85 -56.06 -21.08
C THR E 83 54.32 -55.73 -19.70
N PHE E 84 53.87 -56.75 -18.97
CA PHE E 84 53.45 -56.57 -17.59
C PHE E 84 54.07 -57.59 -16.63
N ARG E 85 54.32 -57.09 -15.43
CA ARG E 85 55.33 -57.63 -14.51
C ARG E 85 54.75 -57.37 -13.12
N PRO E 86 53.94 -58.29 -12.60
CA PRO E 86 53.08 -57.95 -11.47
C PRO E 86 53.83 -57.54 -10.21
N GLY E 87 53.12 -56.79 -9.38
CA GLY E 87 53.59 -56.51 -8.03
C GLY E 87 53.28 -57.65 -7.08
N GLN E 88 54.16 -57.85 -6.11
CA GLN E 88 54.16 -59.10 -5.37
C GLN E 88 53.15 -59.13 -4.23
N LYS E 89 52.47 -58.01 -3.94
CA LYS E 89 51.30 -58.11 -3.09
C LYS E 89 50.14 -58.73 -3.83
N LEU E 90 49.96 -58.34 -5.10
CA LEU E 90 48.96 -59.02 -5.93
C LEU E 90 49.38 -60.46 -6.18
N LYS E 91 50.67 -60.69 -6.45
CA LYS E 91 51.18 -62.05 -6.59
C LYS E 91 50.82 -62.88 -5.37
N ALA E 92 50.93 -62.30 -4.17
CA ALA E 92 50.79 -63.06 -2.94
C ALA E 92 49.42 -63.74 -2.87
N ARG E 93 48.37 -63.05 -3.29
CA ARG E 93 47.01 -63.56 -3.17
C ARG E 93 46.52 -64.24 -4.44
N VAL E 94 46.83 -63.71 -5.62
CA VAL E 94 46.39 -64.33 -6.85
C VAL E 94 46.97 -65.73 -7.01
N GLU E 95 48.05 -66.02 -6.28
CA GLU E 95 48.78 -67.28 -6.39
C GLU E 95 47.86 -68.50 -6.44
N ALA E 96 46.80 -68.51 -5.62
CA ALA E 96 46.06 -69.73 -5.30
C ALA E 96 44.75 -69.84 -6.07
N TYR E 97 44.74 -69.44 -7.34
CA TYR E 97 43.66 -69.85 -8.23
C TYR E 97 43.61 -71.37 -8.31
N ALA E 98 42.40 -71.91 -8.32
CA ALA E 98 42.20 -73.33 -8.61
C ALA E 98 42.72 -73.68 -9.99
N GLY F 1 60.28 -40.61 -15.70
CA GLY F 1 59.07 -40.17 -14.95
C GLY F 1 57.87 -41.07 -15.19
N PRO F 2 57.97 -42.32 -14.71
CA PRO F 2 56.88 -43.28 -14.96
C PRO F 2 55.60 -42.86 -14.26
N MET F 3 54.48 -43.30 -14.84
CA MET F 3 53.20 -43.15 -14.16
C MET F 3 53.19 -44.02 -12.91
N THR F 4 52.66 -43.46 -11.82
CA THR F 4 52.75 -44.09 -10.51
C THR F 4 51.37 -44.30 -9.92
N LYS F 5 51.34 -44.75 -8.67
CA LYS F 5 50.08 -45.04 -8.00
C LYS F 5 49.23 -43.79 -7.87
N SER F 6 49.85 -42.65 -7.57
CA SER F 6 49.12 -41.42 -7.32
C SER F 6 49.15 -40.44 -8.49
N GLU F 7 50.20 -40.48 -9.31
CA GLU F 7 50.29 -39.51 -10.40
C GLU F 7 49.06 -39.57 -11.29
N LEU F 8 48.60 -40.80 -11.60
CA LEU F 8 47.42 -40.94 -12.44
C LEU F 8 46.20 -40.33 -11.78
N ILE F 9 46.12 -40.38 -10.45
CA ILE F 9 44.99 -39.76 -9.77
C ILE F 9 44.95 -38.27 -10.08
N GLU F 10 46.00 -37.56 -9.65
CA GLU F 10 46.03 -36.10 -9.77
C GLU F 10 45.91 -35.64 -11.21
N ARG F 11 46.41 -36.43 -12.17
CA ARG F 11 46.34 -36.04 -13.58
C ARG F 11 45.31 -36.81 -14.40
N ILE F 12 44.36 -37.49 -13.76
CA ILE F 12 43.04 -37.64 -14.36
C ILE F 12 42.08 -36.62 -13.73
N VAL F 13 42.33 -36.24 -12.49
CA VAL F 13 41.55 -35.18 -11.87
C VAL F 13 41.75 -33.87 -12.61
N THR F 14 42.97 -33.62 -13.07
CA THR F 14 43.26 -32.38 -13.79
C THR F 14 42.41 -32.26 -15.05
N HIS F 15 42.27 -33.35 -15.80
CA HIS F 15 41.43 -33.33 -17.00
C HIS F 15 39.97 -33.13 -16.66
N GLN F 16 39.46 -33.88 -15.68
CA GLN F 16 38.06 -33.82 -15.28
C GLN F 16 37.94 -33.00 -14.00
N GLY F 17 37.57 -31.72 -14.16
CA GLY F 17 37.30 -30.86 -13.01
C GLY F 17 35.91 -31.00 -12.44
N GLN F 18 35.02 -31.73 -13.11
CA GLN F 18 33.67 -31.99 -12.62
C GLN F 18 33.59 -33.18 -11.69
N LEU F 19 34.72 -33.84 -11.41
CA LEU F 19 34.78 -34.97 -10.50
C LEU F 19 35.66 -34.62 -9.31
N SER F 20 35.26 -35.06 -8.12
CA SER F 20 35.99 -34.80 -6.89
C SER F 20 37.24 -35.67 -6.80
N ALA F 21 38.22 -35.17 -6.04
CA ALA F 21 39.53 -35.79 -6.02
C ALA F 21 39.54 -37.09 -5.22
N LYS F 22 39.23 -37.03 -3.93
CA LYS F 22 38.58 -38.14 -3.24
C LYS F 22 37.71 -39.03 -4.13
N ASP F 23 36.64 -38.47 -4.73
CA ASP F 23 35.75 -39.37 -5.47
C ASP F 23 36.51 -40.10 -6.58
N VAL F 24 37.59 -39.49 -7.06
CA VAL F 24 38.31 -40.05 -8.20
C VAL F 24 39.29 -41.11 -7.72
N GLU F 25 40.04 -40.83 -6.68
CA GLU F 25 41.09 -41.75 -6.32
C GLU F 25 40.50 -42.92 -5.54
N LEU F 26 39.41 -42.69 -4.80
CA LEU F 26 38.75 -43.82 -4.17
C LEU F 26 38.02 -44.68 -5.20
N ALA F 27 37.55 -44.07 -6.31
CA ALA F 27 37.10 -44.87 -7.44
C ALA F 27 38.24 -45.69 -8.03
N ILE F 28 39.41 -45.09 -8.22
CA ILE F 28 40.51 -45.83 -8.82
C ILE F 28 41.05 -46.87 -7.85
N LYS F 29 40.99 -46.60 -6.54
CA LYS F 29 41.05 -47.63 -5.52
C LYS F 29 40.17 -48.78 -5.95
N THR F 30 38.87 -48.53 -6.03
CA THR F 30 37.90 -49.61 -5.97
C THR F 30 37.86 -50.37 -7.29
N MET F 31 38.26 -49.72 -8.38
CA MET F 31 38.20 -50.30 -9.72
C MET F 31 39.52 -50.89 -10.15
N LEU F 32 40.62 -50.58 -9.45
CA LEU F 32 41.76 -51.48 -9.44
C LEU F 32 41.52 -52.67 -8.51
N GLU F 33 40.95 -52.43 -7.33
CA GLU F 33 40.71 -53.49 -6.38
C GLU F 33 39.73 -54.51 -6.94
N GLN F 34 38.79 -54.06 -7.78
CA GLN F 34 37.84 -54.97 -8.39
C GLN F 34 38.54 -55.88 -9.39
N MET F 35 39.34 -55.32 -10.29
CA MET F 35 40.05 -56.16 -11.25
C MET F 35 41.05 -57.08 -10.56
N SER F 36 41.79 -56.56 -9.56
CA SER F 36 42.70 -57.42 -8.79
C SER F 36 41.95 -58.55 -8.10
N GLN F 37 40.80 -58.24 -7.51
CA GLN F 37 39.94 -59.28 -6.93
C GLN F 37 39.44 -60.23 -8.01
N ALA F 38 39.11 -59.72 -9.19
CA ALA F 38 38.62 -60.56 -10.26
C ALA F 38 39.68 -61.56 -10.70
N LEU F 39 40.88 -61.06 -11.02
CA LEU F 39 42.00 -61.93 -11.33
C LEU F 39 42.22 -62.96 -10.23
N ALA F 40 42.15 -62.52 -8.98
CA ALA F 40 42.25 -63.48 -7.87
C ALA F 40 41.12 -64.50 -7.92
N THR F 41 39.90 -64.05 -8.20
CA THR F 41 38.74 -64.92 -8.33
C THR F 41 38.82 -65.82 -9.54
N GLY F 42 39.75 -65.58 -10.45
CA GLY F 42 39.90 -66.41 -11.62
C GLY F 42 39.21 -65.92 -12.88
N ASP F 43 38.92 -64.62 -12.98
CA ASP F 43 38.13 -64.08 -14.08
C ASP F 43 39.04 -63.30 -15.04
N ARG F 44 38.97 -63.66 -16.32
CA ARG F 44 39.68 -62.91 -17.34
C ARG F 44 39.05 -61.53 -17.54
N ILE F 45 39.81 -60.64 -18.18
CA ILE F 45 39.45 -59.24 -18.30
C ILE F 45 39.76 -58.81 -19.73
N GLU F 46 38.77 -58.24 -20.42
CA GLU F 46 38.90 -57.86 -21.82
C GLU F 46 38.36 -56.45 -22.01
N ILE F 47 39.26 -55.49 -22.16
CA ILE F 47 38.95 -54.17 -22.71
C ILE F 47 39.34 -54.16 -24.18
N ARG F 48 38.36 -53.99 -25.06
CA ARG F 48 38.62 -54.03 -26.49
C ARG F 48 39.56 -52.90 -26.90
N GLY F 49 40.52 -53.23 -27.77
CA GLY F 49 41.52 -52.26 -28.19
C GLY F 49 42.68 -52.20 -27.23
N PHE F 50 42.37 -52.17 -25.93
CA PHE F 50 43.42 -52.26 -24.91
C PHE F 50 44.15 -53.59 -25.01
N GLY F 51 43.43 -54.69 -24.82
CA GLY F 51 44.03 -56.01 -24.69
C GLY F 51 43.28 -56.83 -23.68
N SER F 52 43.93 -57.81 -23.06
CA SER F 52 43.25 -58.63 -22.07
C SER F 52 44.21 -59.08 -20.99
N PHE F 53 43.64 -59.40 -19.83
CA PHE F 53 44.35 -59.63 -18.59
C PHE F 53 43.91 -61.00 -18.09
N SER F 54 44.84 -61.96 -18.04
CA SER F 54 44.47 -63.35 -17.87
C SER F 54 45.40 -64.04 -16.89
N LEU F 55 44.98 -65.21 -16.45
CA LEU F 55 45.74 -66.08 -15.56
C LEU F 55 46.28 -67.26 -16.34
N HIS F 56 47.56 -67.55 -16.17
CA HIS F 56 48.24 -68.60 -16.92
C HIS F 56 48.84 -69.59 -15.94
N TYR F 57 48.70 -70.88 -16.27
CA TYR F 57 49.11 -71.95 -15.36
C TYR F 57 50.63 -72.16 -15.41
N ARG F 58 51.17 -72.56 -14.27
CA ARG F 58 52.56 -73.00 -14.16
C ARG F 58 52.59 -74.31 -13.39
N ALA F 59 53.22 -75.32 -13.96
CA ALA F 59 53.21 -76.65 -13.37
C ALA F 59 54.16 -76.72 -12.19
N PRO F 60 53.94 -77.66 -11.27
CA PRO F 60 54.90 -77.87 -10.18
C PRO F 60 56.25 -78.30 -10.73
N ARG F 61 57.31 -77.85 -10.06
CA ARG F 61 58.67 -78.12 -10.51
C ARG F 61 59.59 -78.08 -9.30
N VAL F 62 60.87 -78.38 -9.55
CA VAL F 62 61.91 -78.29 -8.52
C VAL F 62 62.83 -77.14 -8.93
N GLY F 63 62.71 -76.02 -8.21
CA GLY F 63 63.64 -74.92 -8.34
C GLY F 63 64.72 -74.97 -7.26
N ARG F 64 65.70 -74.09 -7.40
CA ARG F 64 66.71 -73.95 -6.36
C ARG F 64 67.48 -72.66 -6.57
N ASN F 65 68.04 -72.16 -5.46
CA ASN F 65 68.12 -70.72 -5.24
C ASN F 65 69.08 -70.06 -6.21
N PRO F 66 68.81 -68.81 -6.61
CA PRO F 66 69.85 -68.01 -7.27
C PRO F 66 71.04 -67.74 -6.36
N LYS F 67 70.82 -67.60 -5.06
CA LYS F 67 71.90 -67.32 -4.13
C LYS F 67 72.65 -68.59 -3.75
N THR F 68 71.94 -69.54 -3.14
CA THR F 68 72.57 -70.75 -2.61
C THR F 68 72.46 -71.95 -3.56
N GLY F 69 71.43 -72.00 -4.40
CA GLY F 69 71.22 -73.17 -5.22
C GLY F 69 70.66 -74.37 -4.50
N GLU F 70 69.99 -74.18 -3.37
CA GLU F 70 69.45 -75.27 -2.58
C GLU F 70 68.05 -75.64 -3.05
N SER F 71 67.79 -76.93 -3.15
CA SER F 71 66.56 -77.41 -3.78
C SER F 71 65.33 -76.86 -3.06
N VAL F 72 64.33 -76.47 -3.85
CA VAL F 72 63.03 -76.06 -3.34
C VAL F 72 61.96 -76.66 -4.24
N ARG F 73 60.90 -77.18 -3.62
CA ARG F 73 59.76 -77.73 -4.34
C ARG F 73 58.70 -76.65 -4.52
N LEU F 74 58.43 -76.28 -5.76
CA LEU F 74 57.47 -75.23 -6.09
C LEU F 74 56.18 -75.87 -6.57
N ASP F 75 55.08 -75.63 -5.84
CA ASP F 75 53.79 -76.14 -6.26
C ASP F 75 53.25 -75.33 -7.44
N GLY F 76 52.45 -75.98 -8.27
CA GLY F 76 51.90 -75.31 -9.44
C GLY F 76 51.01 -74.14 -9.04
N LYS F 77 51.04 -73.10 -9.87
CA LYS F 77 50.32 -71.87 -9.58
C LYS F 77 49.72 -71.32 -10.88
N PHE F 78 48.91 -70.28 -10.73
CA PHE F 78 48.38 -69.50 -11.85
C PHE F 78 48.93 -68.09 -11.75
N VAL F 79 49.60 -67.64 -12.81
CA VAL F 79 50.30 -66.36 -12.79
C VAL F 79 49.54 -65.36 -13.65
N PRO F 80 49.54 -64.08 -13.30
CA PRO F 80 48.91 -63.08 -14.17
C PRO F 80 49.64 -62.97 -15.50
N HIS F 81 48.88 -62.62 -16.54
CA HIS F 81 49.40 -62.54 -17.89
C HIS F 81 48.65 -61.45 -18.64
N PHE F 82 49.33 -60.82 -19.58
CA PHE F 82 48.76 -59.71 -20.35
C PHE F 82 49.07 -59.87 -21.83
N LYS F 83 48.10 -59.51 -22.66
CA LYS F 83 48.29 -59.42 -24.11
C LYS F 83 47.51 -58.21 -24.60
N PRO F 84 48.10 -57.37 -25.43
CA PRO F 84 47.46 -56.12 -25.83
C PRO F 84 46.43 -56.33 -26.93
N GLY F 85 45.80 -55.23 -27.34
CA GLY F 85 44.92 -55.19 -28.47
C GLY F 85 45.49 -54.39 -29.62
N LYS F 86 44.69 -54.28 -30.69
CA LYS F 86 45.15 -53.59 -31.89
C LYS F 86 45.40 -52.12 -31.63
N GLU F 87 44.44 -51.44 -30.98
CA GLU F 87 44.54 -49.99 -30.83
C GLU F 87 45.76 -49.63 -30.01
N LEU F 88 46.02 -50.38 -28.93
CA LEU F 88 47.21 -50.13 -28.15
C LEU F 88 48.45 -50.33 -29.00
N ARG F 89 48.50 -51.47 -29.70
CA ARG F 89 49.72 -51.83 -30.42
C ARG F 89 50.09 -50.74 -31.41
N ASP F 90 49.11 -50.21 -32.15
CA ASP F 90 49.44 -49.19 -33.13
C ASP F 90 49.69 -47.83 -32.49
N ARG F 91 49.03 -47.51 -31.38
CA ARG F 91 49.28 -46.25 -30.70
C ARG F 91 50.71 -46.19 -30.16
N VAL F 92 51.10 -47.20 -29.40
CA VAL F 92 52.48 -47.33 -28.92
C VAL F 92 53.47 -47.55 -30.05
N ASN F 93 53.00 -47.88 -31.25
CA ASN F 93 53.83 -47.90 -32.44
C ASN F 93 53.73 -46.62 -33.24
N GLU F 94 53.02 -45.62 -32.74
CA GLU F 94 52.77 -44.34 -33.42
C GLU F 94 52.85 -44.45 -34.94
N ALA G 5 -39.09 30.97 -80.70
CA ALA G 5 -40.21 30.49 -79.91
C ALA G 5 -39.88 30.50 -78.43
N LEU G 6 -40.91 30.43 -77.59
CA LEU G 6 -40.69 30.07 -76.20
C LEU G 6 -40.34 28.60 -76.09
N THR G 7 -39.30 28.29 -75.34
CA THR G 7 -38.76 26.94 -75.22
C THR G 7 -38.68 26.56 -73.76
N LYS G 8 -38.84 25.26 -73.48
CA LYS G 8 -38.74 24.81 -72.09
C LYS G 8 -37.35 25.02 -71.52
N ALA G 9 -36.35 25.25 -72.39
CA ALA G 9 -35.07 25.75 -71.91
C ALA G 9 -35.25 27.16 -71.34
N GLU G 10 -36.09 27.97 -72.00
CA GLU G 10 -36.33 29.32 -71.52
C GLU G 10 -37.18 29.32 -70.26
N ILE G 11 -38.07 28.32 -70.10
CA ILE G 11 -38.74 28.12 -68.83
C ILE G 11 -37.75 27.74 -67.73
N ALA G 12 -36.84 26.81 -68.03
CA ALA G 12 -35.81 26.48 -67.05
C ALA G 12 -34.99 27.70 -66.65
N GLU G 13 -34.65 28.55 -67.62
CA GLU G 13 -33.94 29.80 -67.33
C GLU G 13 -34.79 30.73 -66.48
N ARG G 14 -36.04 30.98 -66.90
CA ARG G 14 -36.92 31.86 -66.13
C ARG G 14 -37.10 31.32 -64.71
N LEU G 15 -37.15 30.00 -64.55
CA LEU G 15 -37.38 29.44 -63.23
C LEU G 15 -36.18 29.62 -62.34
N TYR G 16 -34.98 29.44 -62.89
CA TYR G 16 -33.76 29.82 -62.18
C TYR G 16 -33.81 31.29 -61.79
N GLU G 17 -34.12 32.16 -62.75
CA GLU G 17 -33.98 33.59 -62.51
C GLU G 17 -34.97 34.08 -61.47
N GLU G 18 -36.23 33.67 -61.58
CA GLU G 18 -37.31 34.25 -60.81
C GLU G 18 -37.54 33.53 -59.49
N LEU G 19 -37.49 32.19 -59.49
CA LEU G 19 -37.62 31.45 -58.24
C LEU G 19 -36.28 31.24 -57.54
N GLY G 20 -35.19 31.09 -58.31
CA GLY G 20 -33.90 30.78 -57.76
C GLY G 20 -33.57 29.31 -57.72
N LEU G 21 -34.47 28.45 -58.16
CA LEU G 21 -34.20 27.01 -58.18
C LEU G 21 -33.23 26.68 -59.29
N ASN G 22 -32.22 25.87 -58.97
CA ASN G 22 -31.13 25.62 -59.91
C ASN G 22 -31.67 25.07 -61.22
N LYS G 23 -31.05 25.50 -62.32
CA LYS G 23 -31.57 25.16 -63.64
C LYS G 23 -31.51 23.66 -63.89
N ARG G 24 -30.54 22.96 -63.30
CA ARG G 24 -30.45 21.52 -63.49
C ARG G 24 -31.74 20.83 -63.04
N GLU G 25 -32.18 21.11 -61.82
CA GLU G 25 -33.42 20.50 -61.32
C GLU G 25 -34.65 21.19 -61.89
N ALA G 26 -34.55 22.47 -62.24
CA ALA G 26 -35.68 23.16 -62.85
C ALA G 26 -36.08 22.53 -64.18
N LYS G 27 -35.09 22.16 -65.00
CA LYS G 27 -35.39 21.52 -66.27
C LYS G 27 -36.12 20.21 -66.06
N GLU G 28 -35.69 19.42 -65.08
CA GLU G 28 -36.38 18.17 -64.79
C GLU G 28 -37.77 18.43 -64.25
N LEU G 29 -37.96 19.53 -63.52
CA LEU G 29 -39.29 19.83 -62.99
C LEU G 29 -40.26 20.13 -64.12
N VAL G 30 -39.84 20.99 -65.05
CA VAL G 30 -40.72 21.34 -66.17
C VAL G 30 -40.97 20.10 -67.02
N GLU G 31 -39.93 19.31 -67.29
CA GLU G 31 -40.10 18.18 -68.19
C GLU G 31 -40.94 17.09 -67.54
N LEU G 32 -40.92 16.98 -66.21
CA LEU G 32 -41.82 16.04 -65.53
C LEU G 32 -43.26 16.53 -65.58
N PHE G 33 -43.50 17.82 -65.34
CA PHE G 33 -44.85 18.34 -65.53
C PHE G 33 -45.33 18.15 -66.98
N PHE G 34 -44.42 18.25 -67.93
CA PHE G 34 -44.72 18.06 -69.35
C PHE G 34 -44.86 16.59 -69.72
N GLU G 35 -44.36 15.71 -68.88
CA GLU G 35 -44.49 14.27 -69.11
C GLU G 35 -45.77 13.75 -68.46
N GLU G 36 -46.09 14.22 -67.26
CA GLU G 36 -47.30 13.75 -66.59
C GLU G 36 -48.55 14.30 -67.26
N ILE G 37 -48.50 15.50 -67.83
CA ILE G 37 -49.62 15.95 -68.66
C ILE G 37 -49.86 14.96 -69.80
N ARG G 38 -48.77 14.52 -70.45
CA ARG G 38 -48.89 13.51 -71.50
C ARG G 38 -49.44 12.21 -70.95
N GLN G 39 -49.00 11.82 -69.76
CA GLN G 39 -49.48 10.58 -69.18
C GLN G 39 -50.99 10.65 -68.96
N ALA G 40 -51.48 11.82 -68.53
CA ALA G 40 -52.90 11.99 -68.29
C ALA G 40 -53.69 11.83 -69.58
N LEU G 41 -53.30 12.57 -70.62
CA LEU G 41 -54.06 12.47 -71.88
C LEU G 41 -53.89 11.09 -72.53
N GLU G 42 -52.69 10.50 -72.42
CA GLU G 42 -52.46 9.16 -72.93
C GLU G 42 -53.41 8.14 -72.30
N HIS G 43 -53.72 8.32 -71.03
CA HIS G 43 -54.70 7.48 -70.35
C HIS G 43 -56.14 7.86 -70.67
N ASN G 44 -56.35 8.82 -71.57
CA ASN G 44 -57.66 9.40 -71.83
C ASN G 44 -58.22 10.10 -70.61
N GLU G 45 -57.35 10.44 -69.64
CA GLU G 45 -57.75 11.18 -68.46
C GLU G 45 -57.82 12.65 -68.83
N GLN G 46 -59.04 13.15 -69.04
CA GLN G 46 -59.21 14.54 -69.43
C GLN G 46 -58.54 15.46 -68.42
N VAL G 47 -57.70 16.37 -68.91
CA VAL G 47 -56.95 17.29 -68.08
C VAL G 47 -57.66 18.63 -68.09
N LYS G 48 -57.88 19.19 -66.91
CA LYS G 48 -58.86 20.25 -66.70
C LYS G 48 -58.19 21.38 -65.92
N LEU G 49 -58.19 22.58 -66.48
CA LEU G 49 -57.35 23.67 -66.01
C LEU G 49 -58.16 24.94 -65.88
N SER G 50 -57.84 25.74 -64.86
CA SER G 50 -58.49 27.02 -64.63
C SER G 50 -57.42 28.09 -64.51
N GLY G 51 -57.78 29.31 -64.89
CA GLY G 51 -56.77 30.32 -65.15
C GLY G 51 -55.98 30.03 -66.39
N PHE G 52 -56.41 29.04 -67.17
CA PHE G 52 -55.74 28.54 -68.35
C PHE G 52 -56.77 27.73 -69.12
N GLY G 53 -56.61 27.65 -70.43
CA GLY G 53 -57.38 26.68 -71.18
C GLY G 53 -57.02 25.26 -70.78
N ASN G 54 -57.82 24.32 -71.26
CA ASN G 54 -57.77 22.95 -70.77
C ASN G 54 -57.75 21.97 -71.94
N PHE G 55 -57.56 20.70 -71.60
CA PHE G 55 -57.19 19.64 -72.53
C PHE G 55 -58.33 18.64 -72.62
N ASP G 56 -59.03 18.61 -73.75
CA ASP G 56 -60.03 17.60 -74.04
C ASP G 56 -59.51 16.64 -75.11
N LEU G 57 -60.16 15.49 -75.19
CA LEU G 57 -59.93 14.53 -76.28
C LEU G 57 -61.24 14.32 -77.02
N ARG G 58 -61.23 14.61 -78.32
CA ARG G 58 -62.43 14.54 -79.15
C ARG G 58 -62.35 13.33 -80.07
N ASP G 59 -63.47 12.62 -80.19
CA ASP G 59 -63.57 11.45 -81.06
C ASP G 59 -64.13 11.91 -82.40
N LYS G 60 -63.23 12.26 -83.32
CA LYS G 60 -63.65 12.77 -84.62
C LYS G 60 -64.29 11.66 -85.45
N ARG G 61 -65.32 12.03 -86.21
CA ARG G 61 -66.03 11.10 -87.08
C ARG G 61 -65.34 11.02 -88.44
N GLN G 62 -65.75 10.03 -89.24
CA GLN G 62 -65.28 9.93 -90.62
C GLN G 62 -65.52 11.23 -91.36
N ARG G 63 -64.48 11.71 -92.04
CA ARG G 63 -64.56 12.96 -92.78
C ARG G 63 -63.89 12.82 -94.13
N PRO G 64 -64.32 13.60 -95.12
CA PRO G 64 -63.62 13.59 -96.41
C PRO G 64 -62.30 14.34 -96.33
N GLY G 65 -61.26 13.75 -96.96
CA GLY G 65 -59.96 14.36 -97.05
C GLY G 65 -59.50 14.43 -98.50
N ARG G 66 -58.29 14.95 -98.67
CA ARG G 66 -57.81 15.23 -100.02
C ARG G 66 -56.29 15.22 -100.08
N ASN G 67 -55.78 15.11 -101.30
CA ASN G 67 -54.47 15.66 -101.64
C ASN G 67 -54.70 17.08 -102.14
N PRO G 68 -54.39 18.09 -101.32
CA PRO G 68 -54.68 19.47 -101.75
C PRO G 68 -53.92 19.90 -103.00
N LYS G 69 -52.75 19.32 -103.27
CA LYS G 69 -51.98 19.69 -104.44
C LYS G 69 -52.30 18.86 -105.68
N THR G 70 -53.11 17.81 -105.54
CA THR G 70 -53.63 17.07 -106.69
C THR G 70 -55.14 17.08 -106.82
N GLY G 71 -55.87 17.35 -105.74
CA GLY G 71 -57.31 17.26 -105.75
C GLY G 71 -57.85 15.86 -105.52
N GLU G 72 -56.97 14.86 -105.38
CA GLU G 72 -57.42 13.52 -105.03
C GLU G 72 -58.06 13.53 -103.65
N GLU G 73 -59.03 12.63 -103.46
CA GLU G 73 -59.77 12.55 -102.21
C GLU G 73 -59.38 11.29 -101.46
N ILE G 74 -59.09 11.45 -100.16
CA ILE G 74 -58.76 10.33 -99.28
C ILE G 74 -59.63 10.41 -98.03
N PRO G 75 -60.25 9.31 -97.61
CA PRO G 75 -61.08 9.35 -96.40
C PRO G 75 -60.23 9.60 -95.16
N ILE G 76 -60.81 10.32 -94.20
CA ILE G 76 -60.17 10.59 -92.92
C ILE G 76 -60.84 9.71 -91.89
N THR G 77 -60.09 8.75 -91.35
CA THR G 77 -60.65 7.76 -90.44
C THR G 77 -61.05 8.40 -89.11
N ALA G 78 -62.11 7.87 -88.51
CA ALA G 78 -62.50 8.31 -87.18
C ALA G 78 -61.36 8.06 -86.20
N ARG G 79 -61.13 9.02 -85.31
CA ARG G 79 -59.96 8.98 -84.45
C ARG G 79 -60.20 9.82 -83.21
N ARG G 80 -59.49 9.49 -82.14
CA ARG G 80 -59.49 10.28 -80.91
C ARG G 80 -58.21 11.10 -80.88
N VAL G 81 -58.37 12.44 -80.86
CA VAL G 81 -57.25 13.35 -80.86
C VAL G 81 -57.48 14.39 -79.78
N VAL G 82 -56.39 14.92 -79.24
CA VAL G 82 -56.46 15.86 -78.13
C VAL G 82 -56.80 17.25 -78.67
N THR G 83 -57.71 17.94 -77.99
CA THR G 83 -58.19 19.25 -78.37
C THR G 83 -58.17 20.13 -77.13
N PHE G 84 -57.50 21.29 -77.22
CA PHE G 84 -57.33 22.16 -76.08
C PHE G 84 -58.19 23.41 -76.24
N ARG G 85 -58.99 23.69 -75.21
CA ARG G 85 -59.96 24.78 -75.22
C ARG G 85 -59.41 25.95 -74.43
N PRO G 86 -59.02 27.04 -75.06
CA PRO G 86 -58.54 28.20 -74.27
C PRO G 86 -59.65 28.77 -73.40
N GLY G 87 -59.28 29.16 -72.19
CA GLY G 87 -60.23 29.79 -71.29
C GLY G 87 -60.36 31.28 -71.53
N GLN G 88 -61.45 31.84 -70.99
CA GLN G 88 -61.70 33.25 -71.18
C GLN G 88 -60.66 34.12 -70.50
N LYS G 89 -60.09 33.68 -69.38
CA LYS G 89 -58.98 34.42 -68.78
C LYS G 89 -57.78 34.48 -69.71
N LEU G 90 -57.46 33.35 -70.35
CA LEU G 90 -56.36 33.33 -71.32
C LEU G 90 -56.73 34.11 -72.58
N LYS G 91 -57.97 33.97 -73.05
CA LYS G 91 -58.38 34.74 -74.23
C LYS G 91 -58.30 36.23 -73.95
N ALA G 92 -58.80 36.66 -72.78
CA ALA G 92 -58.75 38.07 -72.42
C ALA G 92 -57.32 38.56 -72.33
N ARG G 93 -56.41 37.69 -71.89
CA ARG G 93 -54.99 38.09 -71.85
C ARG G 93 -54.41 38.17 -73.25
N VAL G 94 -54.90 37.34 -74.18
CA VAL G 94 -54.27 37.18 -75.49
C VAL G 94 -54.97 37.96 -76.59
N GLU G 95 -56.11 38.60 -76.30
CA GLU G 95 -56.98 39.10 -77.37
C GLU G 95 -56.27 40.10 -78.27
N ALA G 96 -55.45 40.98 -77.71
CA ALA G 96 -54.86 42.06 -78.47
C ALA G 96 -53.37 42.20 -78.16
N TYR G 97 -52.58 42.46 -79.20
CA TYR G 97 -51.16 42.72 -79.07
C TYR G 97 -50.62 43.08 -80.44
N ALA G 98 -49.47 43.75 -80.45
CA ALA G 98 -48.73 44.07 -81.67
C ALA G 98 -49.70 44.66 -82.70
N GLY G 99 -49.41 44.49 -83.99
CA GLY G 99 -50.25 45.03 -85.04
C GLY G 99 -50.32 44.19 -86.29
N THR G 100 -49.99 42.90 -86.20
CA THR G 100 -49.93 42.03 -87.37
C THR G 100 -50.66 40.73 -87.10
N LYS G 101 -51.23 40.16 -88.16
CA LYS G 101 -51.97 38.91 -88.05
C LYS G 101 -51.05 37.76 -87.67
N SER G 102 -51.61 36.78 -86.98
CA SER G 102 -50.86 35.59 -86.56
C SER G 102 -51.72 34.35 -86.64
N GLY H 1 -62.29 9.72 -63.86
CA GLY H 1 -62.52 11.19 -63.78
C GLY H 1 -61.37 12.00 -64.34
N PRO H 2 -61.53 13.32 -64.42
CA PRO H 2 -60.48 14.15 -65.01
C PRO H 2 -59.42 14.58 -64.02
N MET H 3 -58.23 14.82 -64.57
CA MET H 3 -57.14 15.45 -63.83
C MET H 3 -57.29 16.97 -63.82
N THR H 4 -56.92 17.59 -62.72
CA THR H 4 -56.90 19.05 -62.60
C THR H 4 -55.50 19.52 -62.31
N LYS H 5 -55.32 20.85 -62.29
CA LYS H 5 -54.06 21.42 -61.84
C LYS H 5 -53.81 21.12 -60.37
N SER H 6 -54.84 21.22 -59.53
CA SER H 6 -54.69 20.90 -58.12
C SER H 6 -54.24 19.45 -57.92
N GLU H 7 -54.60 18.56 -58.84
CA GLU H 7 -54.20 17.16 -58.72
C GLU H 7 -52.84 16.88 -59.33
N LEU H 8 -52.51 17.60 -60.40
CA LEU H 8 -51.13 17.69 -60.89
C LEU H 8 -50.16 18.06 -59.76
N ILE H 9 -50.50 19.10 -58.99
CA ILE H 9 -49.56 19.55 -57.96
C ILE H 9 -49.15 18.38 -57.07
N GLU H 10 -50.14 17.60 -56.62
CA GLU H 10 -49.86 16.52 -55.69
C GLU H 10 -49.16 15.35 -56.37
N ARG H 11 -49.51 15.08 -57.63
CA ARG H 11 -48.92 13.91 -58.28
C ARG H 11 -47.46 14.15 -58.67
N ILE H 12 -47.16 15.33 -59.22
CA ILE H 12 -45.77 15.75 -59.36
C ILE H 12 -45.04 15.69 -58.01
N VAL H 13 -45.69 16.19 -56.95
CA VAL H 13 -45.00 16.22 -55.66
C VAL H 13 -44.68 14.83 -55.17
N THR H 14 -45.51 13.85 -55.54
CA THR H 14 -45.19 12.44 -55.24
C THR H 14 -44.09 11.87 -56.13
N HIS H 15 -44.10 12.17 -57.43
CA HIS H 15 -43.06 11.63 -58.30
C HIS H 15 -41.77 12.44 -58.30
N GLN H 16 -41.74 13.62 -57.70
CA GLN H 16 -40.51 14.39 -57.54
C GLN H 16 -40.44 14.99 -56.14
N GLY H 17 -40.66 14.17 -55.12
CA GLY H 17 -40.68 14.67 -53.75
C GLY H 17 -39.37 15.29 -53.30
N GLN H 18 -38.25 14.93 -53.92
CA GLN H 18 -36.98 15.48 -53.49
C GLN H 18 -36.91 16.99 -53.67
N LEU H 19 -37.72 17.56 -54.55
CA LEU H 19 -37.91 19.00 -54.61
C LEU H 19 -38.97 19.41 -53.61
N SER H 20 -38.80 20.58 -52.99
CA SER H 20 -39.80 21.06 -52.06
C SER H 20 -41.15 21.17 -52.75
N ALA H 21 -42.21 20.71 -52.06
CA ALA H 21 -43.55 20.71 -52.63
C ALA H 21 -43.92 22.09 -53.17
N LYS H 22 -43.57 23.14 -52.41
CA LYS H 22 -43.99 24.46 -52.80
C LYS H 22 -43.04 25.07 -53.82
N ASP H 23 -41.78 24.65 -53.86
CA ASP H 23 -40.97 24.99 -55.01
C ASP H 23 -41.59 24.41 -56.27
N VAL H 24 -42.40 23.37 -56.12
CA VAL H 24 -43.01 22.69 -57.26
C VAL H 24 -44.19 23.49 -57.78
N GLU H 25 -45.14 23.81 -56.89
CA GLU H 25 -46.25 24.64 -57.31
C GLU H 25 -45.80 26.03 -57.73
N LEU H 26 -45.02 26.72 -56.90
CA LEU H 26 -44.27 27.89 -57.35
C LEU H 26 -43.75 27.77 -58.78
N ALA H 27 -42.99 26.70 -59.06
CA ALA H 27 -42.45 26.51 -60.41
C ALA H 27 -43.56 26.40 -61.43
N ILE H 28 -44.72 25.85 -61.06
CA ILE H 28 -45.54 25.22 -62.08
C ILE H 28 -46.54 26.29 -62.46
N LYS H 29 -46.92 27.12 -61.48
CA LYS H 29 -47.79 28.24 -61.76
C LYS H 29 -47.01 29.41 -62.35
N THR H 30 -45.70 29.50 -62.05
CA THR H 30 -44.90 30.51 -62.74
C THR H 30 -44.68 30.12 -64.19
N MET H 31 -44.53 28.82 -64.48
CA MET H 31 -44.32 28.40 -65.86
C MET H 31 -45.60 28.49 -66.69
N LEU H 32 -46.76 28.22 -66.07
CA LEU H 32 -48.02 28.55 -66.75
C LEU H 32 -48.16 30.05 -66.99
N GLU H 33 -47.77 30.86 -66.00
CA GLU H 33 -47.76 32.31 -66.22
C GLU H 33 -46.83 32.68 -67.36
N GLN H 34 -45.67 32.04 -67.44
CA GLN H 34 -44.69 32.38 -68.46
C GLN H 34 -45.24 32.08 -69.85
N MET H 35 -45.79 30.88 -70.04
CA MET H 35 -46.31 30.53 -71.36
C MET H 35 -47.50 31.38 -71.75
N SER H 36 -48.42 31.63 -70.81
CA SER H 36 -49.55 32.51 -71.10
C SER H 36 -49.08 33.92 -71.43
N GLN H 37 -48.04 34.41 -70.73
CA GLN H 37 -47.50 35.72 -71.03
C GLN H 37 -46.87 35.75 -72.42
N ALA H 38 -46.18 34.67 -72.79
CA ALA H 38 -45.58 34.60 -74.12
C ALA H 38 -46.65 34.69 -75.19
N LEU H 39 -47.77 34.00 -74.99
CA LEU H 39 -48.89 34.15 -75.91
C LEU H 39 -49.39 35.59 -75.93
N ALA H 40 -49.59 36.17 -74.75
CA ALA H 40 -50.09 37.54 -74.66
C ALA H 40 -49.16 38.55 -75.31
N THR H 41 -47.89 38.20 -75.49
CA THR H 41 -46.94 39.05 -76.19
C THR H 41 -46.78 38.69 -77.66
N GLY H 42 -47.56 37.74 -78.15
CA GLY H 42 -47.60 37.45 -79.57
C GLY H 42 -46.48 36.55 -80.06
N ASP H 43 -46.16 35.49 -79.31
CA ASP H 43 -45.00 34.67 -79.58
C ASP H 43 -45.43 33.22 -79.79
N ARG H 44 -44.59 32.48 -80.51
CA ARG H 44 -44.70 31.03 -80.55
C ARG H 44 -44.79 30.47 -79.13
N ILE H 45 -45.19 29.21 -79.00
CA ILE H 45 -44.66 28.34 -77.96
C ILE H 45 -44.42 26.96 -78.57
N GLU H 46 -43.17 26.70 -78.95
CA GLU H 46 -42.82 25.50 -79.70
C GLU H 46 -41.87 24.63 -78.88
N ILE H 47 -42.13 23.33 -78.90
CA ILE H 47 -41.32 22.33 -78.23
C ILE H 47 -41.25 21.10 -79.14
N ARG H 48 -40.58 20.06 -78.67
CA ARG H 48 -40.40 18.83 -79.43
C ARG H 48 -41.11 17.67 -78.74
N GLY H 49 -41.70 16.79 -79.53
CA GLY H 49 -42.44 15.66 -78.99
C GLY H 49 -43.84 16.05 -78.55
N PHE H 50 -43.92 16.91 -77.53
CA PHE H 50 -45.19 17.51 -77.14
C PHE H 50 -45.97 17.99 -78.35
N GLY H 51 -45.42 18.95 -79.08
CA GLY H 51 -46.15 19.69 -80.09
C GLY H 51 -45.77 21.15 -80.04
N SER H 52 -46.67 21.99 -80.54
CA SER H 52 -46.48 23.44 -80.55
C SER H 52 -47.79 24.10 -80.18
N PHE H 53 -47.69 25.24 -79.49
CA PHE H 53 -48.85 25.94 -78.96
C PHE H 53 -48.71 27.42 -79.25
N SER H 54 -49.69 27.98 -79.94
CA SER H 54 -49.49 29.07 -80.89
C SER H 54 -50.68 30.03 -80.79
N LEU H 55 -50.81 30.90 -81.79
CA LEU H 55 -51.83 31.95 -81.80
C LEU H 55 -52.50 31.99 -83.16
N HIS H 56 -53.76 32.44 -83.17
CA HIS H 56 -54.52 32.61 -84.39
C HIS H 56 -55.32 33.90 -84.27
N TYR H 57 -55.88 34.35 -85.40
CA TYR H 57 -56.55 35.64 -85.49
C TYR H 57 -57.99 35.47 -85.96
N ARG H 58 -58.84 36.38 -85.48
CA ARG H 58 -60.23 36.45 -85.89
C ARG H 58 -60.53 37.87 -86.36
N ALA H 59 -61.17 37.98 -87.52
CA ALA H 59 -61.48 39.28 -88.09
C ALA H 59 -62.73 39.87 -87.43
N PRO H 60 -62.89 41.18 -87.49
CA PRO H 60 -64.12 41.79 -86.97
C PRO H 60 -65.34 41.27 -87.71
N ARG H 61 -66.44 41.12 -86.99
CA ARG H 61 -67.67 40.57 -87.57
C ARG H 61 -68.86 41.02 -86.74
N VAL H 62 -70.03 40.94 -87.37
CA VAL H 62 -71.29 41.24 -86.69
C VAL H 62 -71.89 39.91 -86.24
N GLY H 63 -71.48 39.46 -85.05
CA GLY H 63 -72.16 38.39 -84.37
C GLY H 63 -73.24 38.93 -83.45
N ARG H 64 -74.02 38.03 -82.86
CA ARG H 64 -75.04 38.52 -81.95
C ARG H 64 -75.76 37.37 -81.25
N ASN H 65 -76.52 37.75 -80.22
CA ASN H 65 -76.66 36.94 -79.01
C ASN H 65 -77.39 35.63 -79.29
N PRO H 66 -76.87 34.49 -78.86
CA PRO H 66 -77.66 33.26 -78.94
C PRO H 66 -78.94 33.34 -78.11
N LYS H 67 -78.91 34.05 -76.98
CA LYS H 67 -80.09 34.19 -76.15
C LYS H 67 -81.08 35.20 -76.74
N THR H 68 -80.65 36.43 -76.94
CA THR H 68 -81.53 37.50 -77.38
C THR H 68 -81.52 37.72 -78.88
N GLY H 69 -80.45 37.36 -79.57
CA GLY H 69 -80.34 37.63 -80.99
C GLY H 69 -80.24 39.09 -81.35
N GLU H 70 -79.51 39.88 -80.56
CA GLU H 70 -79.40 41.32 -80.78
C GLU H 70 -78.00 41.64 -81.30
N SER H 71 -77.94 42.45 -82.35
CA SER H 71 -76.70 42.70 -83.07
C SER H 71 -75.59 43.14 -82.13
N VAL H 72 -74.41 42.54 -82.29
CA VAL H 72 -73.22 42.88 -81.51
C VAL H 72 -72.06 43.00 -82.48
N ARG H 73 -71.41 44.16 -82.49
CA ARG H 73 -70.19 44.35 -83.27
C ARG H 73 -68.98 43.85 -82.51
N LEU H 74 -68.04 43.27 -83.23
CA LEU H 74 -66.83 42.71 -82.64
C LEU H 74 -65.61 43.16 -83.44
N ASP H 75 -64.56 43.53 -82.71
CA ASP H 75 -63.30 43.92 -83.34
C ASP H 75 -62.38 42.73 -83.49
N GLY H 76 -61.40 42.87 -84.38
CA GLY H 76 -60.44 41.79 -84.60
C GLY H 76 -59.65 41.49 -83.34
N LYS H 77 -59.32 40.22 -83.15
CA LYS H 77 -58.66 39.77 -81.94
C LYS H 77 -57.91 38.48 -82.24
N PHE H 78 -57.05 38.09 -81.30
CA PHE H 78 -56.25 36.89 -81.40
C PHE H 78 -56.76 35.84 -80.41
N VAL H 79 -56.53 34.57 -80.75
CA VAL H 79 -56.94 33.46 -79.89
C VAL H 79 -55.85 32.41 -79.87
N PRO H 80 -55.70 31.72 -78.76
CA PRO H 80 -54.74 30.61 -78.69
C PRO H 80 -55.15 29.44 -79.55
N HIS H 81 -54.15 28.62 -79.92
CA HIS H 81 -54.37 27.41 -80.67
C HIS H 81 -53.30 26.41 -80.27
N PHE H 82 -53.59 25.13 -80.45
CA PHE H 82 -52.67 24.07 -80.04
C PHE H 82 -52.74 22.91 -81.02
N LYS H 83 -51.57 22.50 -81.52
CA LYS H 83 -51.43 21.28 -82.31
C LYS H 83 -50.60 20.28 -81.53
N PRO H 84 -51.05 19.04 -81.39
CA PRO H 84 -50.27 18.05 -80.63
C PRO H 84 -49.12 17.50 -81.45
N GLY H 85 -47.98 17.33 -80.77
CA GLY H 85 -46.81 16.76 -81.42
C GLY H 85 -46.91 15.26 -81.56
N LYS H 86 -46.31 14.74 -82.62
CA LYS H 86 -46.59 13.36 -83.04
C LYS H 86 -46.30 12.37 -81.93
N GLU H 87 -45.38 12.69 -81.00
CA GLU H 87 -45.14 11.80 -79.88
C GLU H 87 -46.35 11.76 -78.95
N LEU H 88 -46.84 12.92 -78.53
CA LEU H 88 -48.04 12.97 -77.72
C LEU H 88 -49.24 12.50 -78.53
N ARG H 89 -49.31 12.94 -79.78
CA ARG H 89 -50.33 12.49 -80.73
C ARG H 89 -50.53 10.99 -80.66
N ASP H 90 -49.45 10.23 -80.88
CA ASP H 90 -49.54 8.77 -80.89
C ASP H 90 -49.66 8.19 -79.49
N ARG H 91 -49.21 8.90 -78.46
CA ARG H 91 -49.40 8.39 -77.10
C ARG H 91 -50.87 8.43 -76.70
N VAL H 92 -51.60 9.47 -77.14
CA VAL H 92 -53.02 9.58 -76.85
C VAL H 92 -53.89 8.83 -77.85
N ASN H 93 -53.31 8.34 -78.95
CA ASN H 93 -54.06 7.58 -79.95
C ASN H 93 -54.03 6.12 -79.54
N GLU H 94 -55.15 5.63 -79.02
CA GLU H 94 -55.26 4.23 -78.59
C GLU H 94 -55.40 3.32 -79.80
N MET M 1 -9.05 18.84 1.29
CA MET M 1 -9.06 17.42 0.86
C MET M 1 -7.76 16.75 1.35
N ASN M 2 -7.92 15.70 2.14
CA ASN M 2 -6.83 15.09 2.89
C ASN M 2 -6.88 13.58 2.68
N ILE M 3 -5.76 13.00 2.24
CA ILE M 3 -5.77 11.68 1.64
C ILE M 3 -4.80 10.76 2.36
N LEU M 4 -5.14 9.48 2.37
CA LEU M 4 -4.29 8.41 2.88
C LEU M 4 -4.33 7.27 1.87
N LEU M 5 -3.16 6.89 1.36
CA LEU M 5 -3.05 5.90 0.29
C LEU M 5 -2.31 4.68 0.80
N VAL M 6 -2.76 3.50 0.36
CA VAL M 6 -2.14 2.23 0.72
C VAL M 6 -1.97 1.41 -0.54
N SER M 7 -0.89 0.64 -0.60
CA SER M 7 -0.57 -0.19 -1.75
C SER M 7 -0.43 -1.64 -1.31
N GLN M 8 -1.21 -2.52 -1.92
CA GLN M 8 -1.07 -3.96 -1.75
C GLN M 8 -0.43 -4.61 -2.96
N CYS M 9 0.20 -3.83 -3.82
CA CYS M 9 0.80 -4.36 -5.04
C CYS M 9 1.92 -5.33 -4.69
N GLU M 10 2.44 -5.98 -5.72
CA GLU M 10 3.53 -6.92 -5.54
C GLU M 10 4.30 -7.07 -6.84
N LYS M 11 5.51 -7.61 -6.72
CA LYS M 11 6.38 -7.84 -7.87
C LYS M 11 6.49 -6.56 -8.71
N ARG M 12 6.58 -6.71 -10.03
CA ARG M 12 6.95 -5.58 -10.88
C ARG M 12 6.00 -4.40 -10.68
N ALA M 13 4.73 -4.66 -10.38
CA ALA M 13 3.77 -3.57 -10.24
C ALA M 13 4.15 -2.64 -9.09
N LEU M 14 4.60 -3.21 -7.99
CA LEU M 14 4.92 -2.40 -6.81
C LEU M 14 5.92 -1.30 -7.17
N SER M 15 6.95 -1.64 -7.94
CA SER M 15 7.93 -0.63 -8.32
C SER M 15 7.29 0.50 -9.11
N GLU M 16 6.39 0.17 -10.03
CA GLU M 16 5.74 1.21 -10.82
C GLU M 16 4.88 2.10 -9.93
N THR M 17 4.10 1.50 -9.05
CA THR M 17 3.25 2.27 -8.17
C THR M 17 4.10 3.24 -7.35
N ARG M 18 5.20 2.73 -6.79
CA ARG M 18 6.08 3.62 -6.04
C ARG M 18 6.60 4.74 -6.93
N ARG M 19 6.84 4.43 -8.20
CA ARG M 19 7.35 5.47 -9.09
C ARG M 19 6.36 6.60 -9.22
N ILE M 20 5.07 6.31 -9.22
CA ILE M 20 4.07 7.36 -9.40
C ILE M 20 3.81 8.08 -8.09
N LEU M 21 3.38 7.36 -7.06
CA LEU M 21 2.94 8.00 -5.84
C LEU M 21 4.04 8.83 -5.19
N ASP M 22 5.29 8.35 -5.28
CA ASP M 22 6.38 9.08 -4.63
C ASP M 22 6.49 10.51 -5.17
N GLN M 23 5.95 10.78 -6.35
CA GLN M 23 5.99 12.11 -6.92
C GLN M 23 4.82 12.98 -6.49
N PHE M 24 3.95 12.47 -5.62
CA PHE M 24 2.79 13.23 -5.17
C PHE M 24 2.65 13.33 -3.67
N ALA M 25 3.44 12.59 -2.89
CA ALA M 25 3.29 12.60 -1.44
C ALA M 25 4.52 12.01 -0.80
N GLU M 26 4.80 12.45 0.42
CA GLU M 26 5.85 11.82 1.21
C GLU M 26 5.42 10.41 1.56
N ARG M 27 6.40 9.52 1.69
CA ARG M 27 6.13 8.15 2.08
C ARG M 27 6.15 8.03 3.59
N ARG M 28 5.12 7.39 4.15
CA ARG M 28 5.00 7.23 5.59
C ARG M 28 5.27 5.81 6.06
N GLY M 29 5.14 4.82 5.17
CA GLY M 29 5.45 3.45 5.52
C GLY M 29 6.04 2.72 4.34
N GLU M 30 6.25 1.41 4.46
CA GLU M 30 6.74 0.65 3.32
C GLU M 30 5.84 0.82 2.11
N ARG M 31 4.54 0.99 2.33
CA ARG M 31 3.58 0.94 1.23
C ARG M 31 2.48 1.99 1.35
N THR M 32 2.69 3.06 2.11
CA THR M 32 1.62 4.01 2.37
C THR M 32 2.12 5.44 2.27
N TRP M 33 1.22 6.33 1.86
CA TRP M 33 1.50 7.75 1.71
C TRP M 33 0.35 8.52 2.33
N GLN M 34 0.64 9.76 2.74
CA GLN M 34 -0.36 10.61 3.37
C GLN M 34 -0.01 12.06 3.08
N THR M 35 -0.99 12.83 2.61
CA THR M 35 -0.73 14.21 2.25
C THR M 35 -2.06 14.92 2.05
N PRO M 36 -2.08 16.25 2.17
CA PRO M 36 -3.15 17.03 1.56
C PRO M 36 -2.97 17.11 0.05
N ILE M 37 -4.08 17.29 -0.65
CA ILE M 37 -4.05 17.37 -2.10
C ILE M 37 -5.38 17.90 -2.62
N THR M 38 -5.34 18.65 -3.71
CA THR M 38 -6.55 19.19 -4.30
C THR M 38 -7.29 18.11 -5.08
N GLN M 39 -8.58 18.38 -5.34
CA GLN M 39 -9.39 17.40 -6.06
C GLN M 39 -8.83 17.15 -7.46
N ALA M 40 -8.45 18.21 -8.17
CA ALA M 40 -7.90 18.04 -9.50
C ALA M 40 -6.65 17.17 -9.45
N GLY M 41 -5.79 17.42 -8.47
CA GLY M 41 -4.60 16.60 -8.33
C GLY M 41 -4.94 15.13 -8.14
N LEU M 42 -5.90 14.85 -7.25
CA LEU M 42 -6.28 13.46 -7.02
C LEU M 42 -6.80 12.81 -8.29
N ASP M 43 -7.61 13.54 -9.05
CA ASP M 43 -8.07 13.00 -10.33
C ASP M 43 -6.89 12.66 -11.24
N THR M 44 -5.92 13.56 -11.31
CA THR M 44 -4.72 13.28 -12.10
C THR M 44 -4.00 12.05 -11.57
N LEU M 45 -3.95 11.90 -10.25
CA LEU M 45 -3.27 10.76 -9.65
C LEU M 45 -3.93 9.46 -10.09
N ARG M 46 -5.26 9.37 -9.93
CA ARG M 46 -5.94 8.15 -10.32
C ARG M 46 -5.77 7.88 -11.80
N ARG M 47 -5.88 8.91 -12.63
CA ARG M 47 -5.72 8.71 -14.06
C ARG M 47 -4.35 8.12 -14.36
N LEU M 48 -3.31 8.65 -13.71
CA LEU M 48 -1.96 8.14 -13.96
C LEU M 48 -1.84 6.68 -13.53
N LEU M 49 -2.36 6.34 -12.35
CA LEU M 49 -2.26 4.95 -11.91
C LEU M 49 -3.00 4.03 -12.88
N LYS M 50 -4.19 4.43 -13.31
CA LYS M 50 -4.93 3.60 -14.25
C LYS M 50 -4.16 3.41 -15.55
N LYS M 51 -3.49 4.45 -16.03
CA LYS M 51 -2.87 4.41 -17.35
C LYS M 51 -1.96 3.20 -17.50
N SER M 52 -1.28 2.81 -16.43
CA SER M 52 -0.30 1.73 -16.48
C SER M 52 -0.58 0.71 -15.39
N ALA M 53 -1.85 0.40 -15.17
CA ALA M 53 -2.19 -0.58 -14.15
C ALA M 53 -1.84 -1.99 -14.62
N ARG M 54 -1.67 -2.89 -13.67
CA ARG M 54 -1.40 -4.28 -13.93
C ARG M 54 -2.30 -5.14 -13.05
N ARG M 55 -2.42 -6.41 -13.41
CA ARG M 55 -3.24 -7.31 -12.61
C ARG M 55 -2.74 -7.40 -11.18
N ASN M 56 -1.48 -7.06 -10.94
CA ASN M 56 -0.93 -7.03 -9.59
C ASN M 56 -1.18 -5.71 -8.88
N THR M 57 -1.60 -4.68 -9.59
CA THR M 57 -1.82 -3.38 -8.97
C THR M 57 -2.97 -3.46 -7.97
N ALA M 58 -2.77 -2.91 -6.78
CA ALA M 58 -3.83 -2.83 -5.78
C ALA M 58 -3.54 -1.62 -4.90
N VAL M 59 -4.16 -0.50 -5.21
CA VAL M 59 -3.97 0.75 -4.49
C VAL M 59 -5.33 1.24 -4.02
N ALA M 60 -5.44 1.53 -2.73
CA ALA M 60 -6.67 2.04 -2.13
C ALA M 60 -6.43 3.46 -1.63
N CYS M 61 -7.43 4.31 -1.81
CA CYS M 61 -7.34 5.71 -1.44
C CYS M 61 -8.43 6.04 -0.44
N HIS M 62 -8.05 6.54 0.73
CA HIS M 62 -8.98 6.90 1.79
C HIS M 62 -8.99 8.41 1.95
N TRP M 63 -10.17 8.95 2.20
CA TRP M 63 -10.36 10.37 2.41
C TRP M 63 -10.77 10.57 3.86
N ILE M 64 -10.00 11.38 4.59
CA ILE M 64 -10.34 11.75 5.95
C ILE M 64 -11.25 12.96 5.85
N ARG M 65 -12.50 12.81 6.28
CA ARG M 65 -13.46 13.89 6.15
C ARG M 65 -13.32 14.89 7.27
N GLY M 66 -12.33 14.71 8.13
CA GLY M 66 -12.21 15.56 9.27
C GLY M 66 -13.12 15.13 10.39
N ARG M 67 -12.81 15.62 11.57
CA ARG M 67 -13.54 15.27 12.76
C ARG M 67 -13.51 13.74 12.90
N ASP M 68 -14.63 13.03 13.00
CA ASP M 68 -14.61 11.63 13.44
C ASP M 68 -14.70 10.63 12.28
N HIS M 69 -14.70 11.09 11.04
CA HIS M 69 -15.16 10.30 9.91
C HIS M 69 -14.14 10.21 8.80
N SER M 70 -14.07 9.05 8.15
CA SER M 70 -13.26 8.84 6.96
C SER M 70 -13.92 7.79 6.10
N GLU M 71 -13.54 7.75 4.83
CA GLU M 71 -14.21 6.87 3.88
C GLU M 71 -13.28 6.49 2.75
N LEU M 72 -13.66 5.44 2.03
CA LEU M 72 -12.90 4.93 0.89
C LEU M 72 -13.39 5.60 -0.39
N LEU M 73 -12.46 6.17 -1.14
CA LEU M 73 -12.82 6.85 -2.38
C LEU M 73 -12.85 5.89 -3.57
N TRP M 74 -11.74 5.21 -3.84
CA TRP M 74 -11.67 4.32 -4.99
C TRP M 74 -10.53 3.34 -4.81
N ILE M 75 -10.55 2.29 -5.62
CA ILE M 75 -9.48 1.31 -5.67
C ILE M 75 -9.03 1.18 -7.11
N VAL M 76 -7.72 1.08 -7.32
CA VAL M 76 -7.14 0.85 -8.64
C VAL M 76 -6.60 -0.56 -8.67
N GLY M 77 -7.04 -1.34 -9.65
CA GLY M 77 -6.56 -2.69 -9.81
C GLY M 77 -7.42 -3.74 -9.15
N ASP M 78 -6.78 -4.75 -8.55
CA ASP M 78 -7.48 -5.92 -8.03
C ASP M 78 -8.30 -5.51 -6.80
N ALA M 79 -9.62 -5.40 -6.98
CA ALA M 79 -10.48 -5.06 -5.87
C ALA M 79 -10.54 -6.15 -4.82
N SER M 80 -10.12 -7.37 -5.15
CA SER M 80 -10.25 -8.47 -4.20
C SER M 80 -9.25 -8.37 -3.07
N ARG M 81 -8.20 -7.55 -3.21
CA ARG M 81 -7.23 -7.40 -2.13
C ARG M 81 -7.75 -6.55 -0.98
N PHE M 82 -8.92 -5.94 -1.13
CA PHE M 82 -9.54 -5.18 -0.06
C PHE M 82 -11.00 -5.58 0.06
N ASN M 83 -11.58 -5.32 1.23
CA ASN M 83 -13.01 -5.50 1.41
C ASN M 83 -13.73 -4.20 1.09
N ALA M 84 -15.05 -4.19 1.28
CA ALA M 84 -15.83 -3.03 0.88
C ALA M 84 -15.37 -1.78 1.60
N GLN M 85 -15.11 -1.88 2.90
CA GLN M 85 -14.66 -0.74 3.68
C GLN M 85 -13.19 -0.44 3.48
N GLY M 86 -12.52 -1.14 2.57
CA GLY M 86 -11.13 -0.85 2.28
C GLY M 86 -10.13 -1.53 3.19
N ALA M 87 -10.56 -2.43 4.05
CA ALA M 87 -9.64 -3.16 4.90
C ALA M 87 -8.93 -4.24 4.09
N VAL M 88 -7.86 -4.78 4.69
CA VAL M 88 -7.03 -5.79 4.02
C VAL M 88 -6.99 -7.03 4.90
N PRO M 89 -7.06 -8.24 4.34
CA PRO M 89 -6.93 -9.43 5.18
C PRO M 89 -5.55 -9.51 5.79
N THR M 90 -5.49 -10.07 7.00
CA THR M 90 -4.24 -10.15 7.74
C THR M 90 -3.54 -11.49 7.57
N ASN M 91 -4.24 -12.54 7.19
CA ASN M 91 -3.63 -13.83 6.95
C ASN M 91 -4.43 -14.59 5.92
N ARG M 92 -3.74 -15.37 5.12
CA ARG M 92 -4.35 -16.09 4.01
C ARG M 92 -3.92 -17.55 4.06
N THR M 93 -4.87 -18.43 3.76
CA THR M 93 -4.59 -19.86 3.76
C THR M 93 -5.43 -20.54 2.70
N CYS M 94 -4.96 -21.69 2.23
CA CYS M 94 -5.76 -22.58 1.42
C CYS M 94 -6.18 -23.82 2.20
N ARG M 95 -5.88 -23.87 3.49
CA ARG M 95 -6.39 -24.93 4.34
C ARG M 95 -7.91 -24.78 4.48
N ASP M 96 -8.58 -25.89 4.72
CA ASP M 96 -10.04 -25.92 4.65
C ASP M 96 -10.68 -25.48 5.97
N ILE M 97 -10.39 -24.23 6.34
CA ILE M 97 -11.15 -23.62 7.41
C ILE M 97 -12.59 -23.49 6.95
N LEU M 98 -13.49 -23.26 7.92
CA LEU M 98 -14.89 -23.01 7.62
C LEU M 98 -15.50 -24.20 6.88
N ARG M 99 -15.58 -25.32 7.61
CA ARG M 99 -15.93 -26.59 7.02
C ARG M 99 -17.41 -26.63 6.63
N LYS M 100 -17.75 -25.95 5.53
CA LYS M 100 -19.15 -25.90 5.11
C LYS M 100 -19.70 -27.29 4.85
N GLU M 101 -18.84 -28.24 4.49
CA GLU M 101 -19.30 -29.56 4.11
C GLU M 101 -19.99 -30.30 5.24
N ASP M 102 -19.80 -29.86 6.49
CA ASP M 102 -20.24 -30.68 7.61
C ASP M 102 -21.74 -30.58 7.83
N GLU M 103 -22.30 -29.37 7.87
CA GLU M 103 -23.71 -29.20 8.14
C GLU M 103 -24.45 -28.67 6.92
N ASN M 104 -25.72 -29.06 6.83
CA ASN M 104 -26.55 -28.90 5.65
C ASN M 104 -27.83 -28.16 6.02
N ASP M 105 -28.57 -27.73 5.01
CA ASP M 105 -29.71 -26.85 5.20
C ASP M 105 -31.05 -27.58 5.23
N TRP M 106 -31.05 -28.91 5.21
CA TRP M 106 -32.29 -29.67 5.20
C TRP M 106 -32.93 -29.59 6.58
N HIS M 107 -33.59 -28.47 6.84
CA HIS M 107 -34.09 -28.17 8.17
C HIS M 107 -35.17 -29.14 8.62
N SER M 108 -35.82 -29.85 7.70
CA SER M 108 -36.90 -30.75 8.05
C SER M 108 -36.53 -32.22 7.89
N ALA M 109 -35.26 -32.51 7.56
CA ALA M 109 -34.88 -33.89 7.33
C ALA M 109 -35.27 -34.79 8.49
N GLU M 110 -35.09 -34.31 9.72
CA GLU M 110 -35.41 -35.13 10.87
C GLU M 110 -36.90 -35.47 10.93
N ASP M 111 -37.77 -34.48 10.73
CA ASP M 111 -39.20 -34.76 10.76
C ASP M 111 -39.56 -35.81 9.72
N ILE M 112 -38.95 -35.72 8.54
CA ILE M 112 -39.16 -36.74 7.51
C ILE M 112 -38.65 -38.08 8.01
N ARG M 113 -37.48 -38.07 8.66
CA ARG M 113 -36.87 -39.33 9.06
C ARG M 113 -37.77 -40.08 10.02
N LEU M 114 -38.26 -39.39 11.06
CA LEU M 114 -39.11 -40.07 12.02
C LEU M 114 -40.42 -40.51 11.38
N LEU M 115 -41.07 -39.63 10.60
CA LEU M 115 -42.33 -40.03 10.00
C LEU M 115 -42.15 -41.28 9.14
N THR M 116 -41.12 -41.29 8.31
CA THR M 116 -40.86 -42.46 7.47
C THR M 116 -40.60 -43.69 8.31
N VAL M 117 -39.73 -43.58 9.32
CA VAL M 117 -39.37 -44.76 10.11
C VAL M 117 -40.61 -45.33 10.78
N MET M 118 -41.42 -44.45 11.38
CA MET M 118 -42.67 -44.93 11.98
C MET M 118 -43.52 -45.64 10.94
N ALA M 119 -43.70 -45.02 9.77
CA ALA M 119 -44.51 -45.65 8.74
C ALA M 119 -43.92 -46.98 8.32
N ALA M 120 -42.60 -47.03 8.12
CA ALA M 120 -41.95 -48.29 7.79
C ALA M 120 -42.24 -49.36 8.84
N LEU M 121 -42.29 -48.95 10.10
CA LEU M 121 -42.54 -49.90 11.18
C LEU M 121 -43.96 -50.43 11.20
N PHE M 122 -44.85 -49.87 10.39
CA PHE M 122 -46.25 -50.31 10.36
C PHE M 122 -46.78 -50.51 8.94
N HIS M 123 -45.93 -50.44 7.92
CA HIS M 123 -46.44 -50.39 6.56
C HIS M 123 -47.06 -51.71 6.13
N ASP M 124 -46.42 -52.83 6.45
CA ASP M 124 -46.88 -54.15 6.00
C ASP M 124 -47.38 -55.02 7.16
N ILE M 125 -47.79 -54.41 8.27
CA ILE M 125 -48.32 -55.21 9.38
C ILE M 125 -49.57 -55.96 8.94
N GLY M 126 -50.44 -55.31 8.17
CA GLY M 126 -51.68 -55.90 7.75
C GLY M 126 -51.54 -57.26 7.10
N LYS M 127 -50.34 -57.59 6.63
CA LYS M 127 -50.09 -58.88 6.00
C LYS M 127 -50.16 -60.02 6.99
N ALA M 128 -50.25 -59.74 8.29
CA ALA M 128 -50.38 -60.80 9.29
C ALA M 128 -51.75 -61.44 9.30
N SER M 129 -52.72 -60.89 8.57
CA SER M 129 -54.08 -61.39 8.65
C SER M 129 -54.17 -62.81 8.11
N GLN M 130 -55.17 -63.55 8.61
CA GLN M 130 -55.37 -64.92 8.15
C GLN M 130 -55.56 -64.98 6.64
N ALA M 131 -56.34 -64.05 6.08
CA ALA M 131 -56.60 -64.06 4.65
C ALA M 131 -55.30 -63.91 3.87
N PHE M 132 -54.48 -62.94 4.23
CA PHE M 132 -53.24 -62.70 3.50
C PHE M 132 -52.30 -63.89 3.62
N GLN M 133 -52.12 -64.40 4.83
CA GLN M 133 -51.26 -65.57 5.02
C GLN M 133 -51.74 -66.73 4.14
N ALA M 134 -53.03 -67.02 4.19
CA ALA M 134 -53.58 -68.08 3.35
C ALA M 134 -53.24 -67.84 1.89
N LYS M 135 -53.43 -66.60 1.42
CA LYS M 135 -53.04 -66.26 0.06
C LYS M 135 -51.57 -66.57 -0.20
N LEU M 136 -50.72 -66.34 0.80
CA LEU M 136 -49.29 -66.56 0.61
C LEU M 136 -48.96 -68.05 0.55
N ARG M 137 -49.63 -68.86 1.38
CA ARG M 137 -49.36 -70.28 1.39
C ARG M 137 -49.95 -70.94 0.15
N ASN M 138 -51.05 -70.39 -0.36
CA ASN M 138 -51.83 -71.03 -1.39
C ASN M 138 -51.11 -70.89 -2.73
N ARG M 139 -50.78 -72.03 -3.34
CA ARG M 139 -50.14 -72.05 -4.65
C ARG M 139 -51.14 -72.20 -5.79
N GLY M 140 -52.44 -72.27 -5.48
CA GLY M 140 -53.45 -72.45 -6.50
C GLY M 140 -53.99 -71.14 -7.04
N LYS M 141 -55.30 -71.08 -7.25
CA LYS M 141 -55.90 -69.89 -7.81
C LYS M 141 -55.73 -68.71 -6.87
N PRO M 142 -55.17 -67.59 -7.32
CA PRO M 142 -55.21 -66.37 -6.52
C PRO M 142 -56.57 -65.68 -6.59
N MET M 143 -56.95 -65.08 -5.47
CA MET M 143 -58.20 -64.35 -5.37
C MET M 143 -57.93 -62.87 -5.13
N ALA M 144 -58.97 -62.06 -5.33
CA ALA M 144 -58.93 -60.63 -5.06
C ALA M 144 -59.63 -60.38 -3.73
N ASP M 145 -58.88 -59.96 -2.73
CA ASP M 145 -59.46 -59.67 -1.43
C ASP M 145 -60.41 -58.48 -1.54
N ALA M 146 -61.13 -58.22 -0.44
CA ALA M 146 -62.10 -57.13 -0.40
C ALA M 146 -61.44 -55.76 -0.27
N TYR M 147 -60.13 -55.69 -0.50
CA TYR M 147 -59.34 -54.49 -0.26
C TYR M 147 -57.91 -54.81 -0.68
N ARG M 148 -57.01 -53.84 -0.60
CA ARG M 148 -55.59 -54.13 -0.72
C ARG M 148 -54.98 -54.23 0.66
N HIS M 149 -53.94 -55.05 0.77
CA HIS M 149 -53.52 -55.52 2.07
C HIS M 149 -53.34 -54.37 3.05
N GLU M 150 -52.76 -53.25 2.60
CA GLU M 150 -52.35 -52.23 3.56
C GLU M 150 -53.55 -51.64 4.29
N TRP M 151 -54.72 -51.60 3.66
CA TRP M 151 -55.89 -51.06 4.34
C TRP M 151 -56.10 -51.75 5.68
N VAL M 152 -55.81 -53.05 5.73
CA VAL M 152 -55.85 -53.75 7.00
C VAL M 152 -54.88 -53.10 7.96
N SER M 153 -53.66 -52.83 7.50
CA SER M 153 -52.65 -52.21 8.33
C SER M 153 -53.14 -50.89 8.90
N LEU M 154 -53.70 -50.04 8.05
CA LEU M 154 -54.19 -48.76 8.52
C LEU M 154 -55.20 -48.95 9.64
N ARG M 155 -56.18 -49.84 9.45
CA ARG M 155 -57.18 -50.08 10.49
C ARG M 155 -56.53 -50.60 11.77
N LEU M 156 -55.58 -51.52 11.65
CA LEU M 156 -54.79 -51.98 12.79
C LEU M 156 -54.13 -50.82 13.52
N PHE M 157 -53.43 -49.96 12.79
CA PHE M 157 -52.82 -48.78 13.40
C PHE M 157 -53.88 -47.89 14.04
N GLU M 158 -54.95 -47.59 13.30
CA GLU M 158 -56.03 -46.75 13.81
C GLU M 158 -56.75 -47.39 14.98
N ALA M 159 -56.59 -48.70 15.17
CA ALA M 159 -57.14 -49.36 16.34
C ALA M 159 -56.17 -49.24 17.52
N PHE M 160 -54.88 -49.43 17.25
CA PHE M 160 -53.90 -49.30 18.32
C PHE M 160 -53.96 -47.92 18.94
N VAL M 161 -54.11 -46.89 18.10
CA VAL M 161 -54.35 -45.54 18.59
C VAL M 161 -55.82 -45.44 18.98
N GLY M 162 -56.08 -45.13 20.25
CA GLY M 162 -57.44 -44.95 20.71
C GLY M 162 -58.12 -43.81 19.99
N PRO M 163 -59.31 -44.05 19.43
CA PRO M 163 -59.99 -42.97 18.71
C PRO M 163 -60.24 -41.78 19.60
N GLY M 164 -60.00 -40.58 19.06
CA GLY M 164 -60.16 -39.36 19.81
C GLY M 164 -59.03 -39.05 20.78
N SER M 165 -58.07 -39.95 20.93
CA SER M 165 -56.96 -39.72 21.84
C SER M 165 -55.99 -38.70 21.25
N SER M 166 -55.27 -38.00 22.14
CA SER M 166 -54.28 -37.05 21.69
C SER M 166 -52.99 -37.76 21.31
N ASP M 167 -52.16 -37.07 20.53
CA ASP M 167 -50.95 -37.68 20.00
C ASP M 167 -50.07 -38.19 21.13
N GLU M 168 -49.83 -37.35 22.13
CA GLU M 168 -48.96 -37.77 23.23
C GLU M 168 -49.50 -39.03 23.89
N ASP M 169 -50.81 -39.25 23.87
CA ASP M 169 -51.37 -40.42 24.53
C ASP M 169 -50.79 -41.70 23.93
N TRP M 170 -50.89 -41.85 22.61
CA TRP M 170 -50.40 -43.06 21.99
C TRP M 170 -48.89 -43.06 21.88
N LEU M 171 -48.26 -41.89 21.77
CA LEU M 171 -46.81 -41.85 21.86
C LEU M 171 -46.33 -42.45 23.17
N ARG M 172 -46.88 -41.97 24.29
CA ARG M 172 -46.45 -42.47 25.59
C ARG M 172 -46.78 -43.95 25.72
N ARG M 173 -47.96 -44.37 25.26
CA ARG M 173 -48.32 -45.77 25.38
C ARG M 173 -47.34 -46.65 24.61
N LEU M 174 -46.97 -46.26 23.40
CA LEU M 174 -46.04 -47.07 22.61
C LEU M 174 -44.61 -46.95 23.11
N ALA M 175 -44.26 -45.83 23.76
CA ALA M 175 -42.91 -45.66 24.26
C ALA M 175 -42.61 -46.65 25.40
N ASP M 176 -43.55 -46.82 26.32
CA ASP M 176 -43.35 -47.76 27.40
C ASP M 176 -43.13 -49.16 26.83
N LYS M 177 -42.11 -49.84 27.35
CA LYS M 177 -41.67 -51.11 26.77
C LYS M 177 -42.49 -52.30 27.24
N ARG M 178 -43.35 -52.13 28.25
CA ARG M 178 -44.07 -53.26 28.84
C ARG M 178 -45.46 -53.47 28.25
N GLU M 179 -45.93 -52.59 27.37
CA GLU M 179 -47.29 -52.68 26.86
C GLU M 179 -47.36 -53.73 25.75
N THR M 180 -48.03 -54.84 26.02
CA THR M 180 -48.30 -55.85 25.02
C THR M 180 -49.74 -56.32 25.03
N GLY M 181 -50.60 -55.71 25.84
CA GLY M 181 -51.99 -56.12 25.89
C GLY M 181 -52.69 -55.90 24.57
N ASP M 182 -53.66 -56.76 24.29
CA ASP M 182 -54.40 -56.74 23.04
C ASP M 182 -55.84 -56.26 23.21
N ALA M 183 -56.11 -55.54 24.30
CA ALA M 183 -57.46 -55.02 24.52
C ALA M 183 -57.87 -54.08 23.39
N TRP M 184 -56.95 -53.22 22.95
CA TRP M 184 -57.27 -52.24 21.92
C TRP M 184 -57.85 -52.90 20.68
N LEU M 185 -57.21 -53.96 20.19
CA LEU M 185 -57.65 -54.55 18.93
C LEU M 185 -59.05 -55.13 19.03
N SER M 186 -59.56 -55.33 20.25
CA SER M 186 -60.92 -55.83 20.41
C SER M 186 -61.95 -54.91 19.75
N GLN M 187 -61.62 -53.64 19.55
CA GLN M 187 -62.56 -52.66 19.01
C GLN M 187 -62.12 -52.12 17.65
N LEU M 188 -61.26 -52.84 16.93
CA LEU M 188 -60.80 -52.33 15.65
C LEU M 188 -61.98 -52.24 14.69
N ALA M 189 -61.91 -51.27 13.78
CA ALA M 189 -63.03 -50.95 12.90
C ALA M 189 -63.03 -51.91 11.71
N ARG M 190 -63.76 -53.02 11.86
CA ARG M 190 -63.94 -53.95 10.77
C ARG M 190 -64.96 -53.41 9.78
N ASP M 191 -64.64 -53.49 8.49
CA ASP M 191 -65.59 -53.08 7.46
C ASP M 191 -66.58 -54.18 7.11
N ASP M 192 -66.41 -55.38 7.68
CA ASP M 192 -67.34 -56.47 7.41
C ASP M 192 -68.70 -56.24 8.05
N ARG M 193 -68.79 -55.37 9.05
CA ARG M 193 -70.05 -55.14 9.73
C ARG M 193 -71.05 -54.49 8.78
N GLN M 194 -72.33 -54.79 9.00
CA GLN M 194 -73.37 -54.24 8.14
C GLN M 194 -73.40 -52.72 8.22
N SER M 195 -73.29 -52.17 9.41
CA SER M 195 -73.17 -50.73 9.59
C SER M 195 -71.73 -50.31 9.31
N ALA M 196 -71.54 -49.42 8.36
CA ALA M 196 -70.19 -49.06 7.94
C ALA M 196 -69.46 -48.33 9.07
N PRO M 197 -68.19 -48.60 9.26
CA PRO M 197 -67.42 -47.88 10.28
C PRO M 197 -67.10 -46.47 9.83
N PRO M 198 -66.71 -45.59 10.75
CA PRO M 198 -66.39 -44.21 10.36
C PRO M 198 -65.07 -44.13 9.64
N GLY M 199 -64.90 -43.03 8.90
CA GLY M 199 -63.66 -42.75 8.22
C GLY M 199 -62.52 -42.51 9.20
N PRO M 200 -61.39 -43.20 9.02
CA PRO M 200 -60.30 -43.06 9.99
C PRO M 200 -59.73 -41.66 10.08
N PHE M 201 -59.88 -40.85 9.04
CA PHE M 201 -59.32 -39.50 9.01
C PHE M 201 -60.32 -38.44 9.46
N GLN M 202 -61.47 -38.84 9.98
CA GLN M 202 -62.44 -37.86 10.46
C GLN M 202 -61.89 -37.12 11.68
N LYS M 203 -62.42 -35.91 11.90
CA LYS M 203 -61.85 -35.03 12.91
C LYS M 203 -61.75 -35.72 14.27
N SER M 204 -62.86 -36.30 14.73
CA SER M 204 -62.91 -36.89 16.06
C SER M 204 -62.18 -38.22 16.15
N ARG M 205 -61.75 -38.78 15.04
CA ARG M 205 -61.22 -40.14 15.04
C ARG M 205 -59.73 -40.19 15.30
N LEU M 206 -58.94 -39.38 14.60
CA LEU M 206 -57.49 -39.53 14.61
C LEU M 206 -56.79 -38.19 14.75
N PRO M 207 -55.71 -38.12 15.53
CA PRO M 207 -54.99 -36.84 15.70
C PRO M 207 -54.07 -36.56 14.53
N PRO M 208 -53.51 -35.34 14.47
CA PRO M 208 -52.73 -34.95 13.28
C PRO M 208 -51.59 -35.90 12.92
N LEU M 209 -50.66 -36.12 13.85
CA LEU M 209 -49.52 -36.97 13.54
C LEU M 209 -49.97 -38.35 13.09
N ALA M 210 -50.94 -38.92 13.80
CA ALA M 210 -51.49 -40.20 13.41
C ALA M 210 -52.11 -40.13 12.02
N GLN M 211 -52.78 -39.03 11.71
CA GLN M 211 -53.32 -38.86 10.36
C GLN M 211 -52.21 -38.91 9.31
N ALA M 212 -51.12 -38.19 9.58
CA ALA M 212 -50.01 -38.14 8.62
C ALA M 212 -49.42 -39.52 8.40
N VAL M 213 -49.08 -40.21 9.48
CA VAL M 213 -48.52 -41.54 9.33
C VAL M 213 -49.52 -42.47 8.67
N GLY M 214 -50.80 -42.37 9.03
CA GLY M 214 -51.80 -43.21 8.42
C GLY M 214 -51.85 -43.05 6.92
N TRP M 215 -51.84 -41.80 6.45
CA TRP M 215 -51.82 -41.57 5.01
C TRP M 215 -50.57 -42.19 4.40
N LEU M 216 -49.44 -42.11 5.08
CA LEU M 216 -48.24 -42.75 4.56
C LEU M 216 -48.41 -44.26 4.45
N ILE M 217 -49.00 -44.89 5.47
CA ILE M 217 -49.25 -46.33 5.42
C ILE M 217 -50.03 -46.70 4.17
N VAL M 218 -51.24 -46.15 4.04
CA VAL M 218 -52.14 -46.60 2.98
C VAL M 218 -51.56 -46.30 1.61
N SER M 219 -50.77 -45.23 1.50
CA SER M 219 -50.34 -44.71 0.21
C SER M 219 -48.97 -45.22 -0.21
N HIS M 220 -48.59 -46.43 0.22
CA HIS M 220 -47.28 -46.96 -0.13
C HIS M 220 -47.31 -47.93 -1.30
N HIS M 221 -48.48 -48.14 -1.91
CA HIS M 221 -48.56 -48.84 -3.18
C HIS M 221 -49.39 -48.08 -4.20
N ARG M 222 -50.46 -47.41 -3.75
CA ARG M 222 -51.32 -46.63 -4.63
C ARG M 222 -51.83 -45.40 -3.90
N LEU M 223 -52.04 -44.33 -4.66
CA LEU M 223 -52.70 -43.18 -4.09
C LEU M 223 -54.19 -43.48 -3.91
N PRO M 224 -54.80 -43.02 -2.83
CA PRO M 224 -56.25 -43.16 -2.71
C PRO M 224 -56.95 -42.37 -3.81
N ASN M 225 -58.10 -42.88 -4.24
CA ASN M 225 -58.85 -42.25 -5.32
C ASN M 225 -60.34 -42.49 -5.10
N GLY M 226 -61.10 -41.40 -5.06
CA GLY M 226 -62.55 -41.48 -4.89
C GLY M 226 -63.29 -41.07 -6.14
N ASP M 227 -64.51 -40.56 -5.97
CA ASP M 227 -65.34 -40.17 -7.11
C ASP M 227 -65.95 -38.79 -6.93
N HIS M 228 -66.17 -38.37 -5.69
CA HIS M 228 -66.88 -37.12 -5.42
C HIS M 228 -65.94 -35.95 -5.67
N ARG M 229 -66.23 -35.17 -6.70
CA ARG M 229 -65.30 -34.14 -7.16
C ARG M 229 -65.37 -32.86 -6.35
N GLY M 230 -66.43 -32.66 -5.57
CA GLY M 230 -66.68 -31.39 -4.90
C GLY M 230 -65.44 -30.73 -4.34
N SER M 231 -65.25 -29.45 -4.67
CA SER M 231 -64.07 -28.74 -4.19
C SER M 231 -64.03 -28.69 -2.67
N ALA M 232 -65.18 -28.42 -2.04
CA ALA M 232 -65.22 -28.37 -0.58
C ALA M 232 -64.72 -29.66 0.03
N SER M 233 -64.98 -30.79 -0.62
CA SER M 233 -64.48 -32.06 -0.11
C SER M 233 -62.96 -32.13 -0.23
N LEU M 234 -62.41 -31.66 -1.35
CA LEU M 234 -60.96 -31.64 -1.51
C LEU M 234 -60.30 -30.79 -0.44
N ALA M 235 -60.92 -29.67 -0.10
CA ALA M 235 -60.30 -28.73 0.84
C ALA M 235 -59.97 -29.39 2.18
N ARG M 236 -60.66 -30.47 2.53
CA ARG M 236 -60.36 -31.25 3.72
C ARG M 236 -60.10 -32.71 3.32
N LEU M 237 -59.34 -32.89 2.25
CA LEU M 237 -59.34 -34.15 1.51
C LEU M 237 -59.09 -35.38 2.37
N PRO M 238 -58.12 -35.41 3.30
CA PRO M 238 -57.86 -36.68 3.99
C PRO M 238 -59.09 -37.27 4.66
N ALA M 239 -59.98 -36.44 5.19
CA ALA M 239 -61.19 -36.97 5.83
C ALA M 239 -62.09 -37.73 4.86
N PRO M 240 -62.47 -37.19 3.71
CA PRO M 240 -63.33 -37.95 2.79
C PRO M 240 -62.79 -39.32 2.41
N ILE M 241 -61.50 -39.59 2.59
CA ILE M 241 -60.95 -40.88 2.20
C ILE M 241 -61.72 -41.99 2.89
N GLN M 242 -61.90 -43.10 2.20
CA GLN M 242 -62.64 -44.24 2.74
C GLN M 242 -62.10 -45.52 2.12
N SER M 243 -62.49 -46.65 2.74
CA SER M 243 -62.05 -47.94 2.22
C SER M 243 -62.37 -48.10 0.75
N GLN M 244 -63.50 -47.54 0.32
CA GLN M 244 -63.87 -47.59 -1.09
C GLN M 244 -62.78 -47.03 -1.98
N TRP M 245 -62.01 -46.05 -1.48
CA TRP M 245 -60.97 -45.41 -2.27
C TRP M 245 -59.74 -46.28 -2.45
N CYS M 246 -59.60 -47.36 -1.69
CA CYS M 246 -58.31 -48.02 -1.54
C CYS M 246 -58.32 -49.43 -2.11
N GLY M 247 -58.86 -49.59 -3.30
CA GLY M 247 -58.87 -50.90 -3.94
C GLY M 247 -59.93 -51.83 -3.40
N ALA M 248 -61.06 -51.31 -2.96
CA ALA M 248 -62.15 -52.16 -2.52
C ALA M 248 -62.54 -53.14 -3.62
N ARG M 249 -63.17 -54.25 -3.21
CA ARG M 249 -63.47 -55.32 -4.14
C ARG M 249 -64.64 -56.13 -3.59
N ASP M 250 -65.62 -56.41 -4.44
CA ASP M 250 -66.73 -57.26 -4.04
C ASP M 250 -66.23 -58.68 -3.80
N ALA M 251 -66.54 -59.22 -2.62
CA ALA M 251 -66.00 -60.51 -2.23
C ALA M 251 -66.92 -61.15 -1.20
N ASP M 252 -66.70 -62.44 -0.96
CA ASP M 252 -67.54 -63.19 -0.03
C ASP M 252 -67.28 -62.76 1.41
N ALA M 253 -68.35 -62.78 2.20
CA ALA M 253 -68.21 -62.53 3.64
C ALA M 253 -67.32 -63.58 4.29
N LYS M 254 -67.29 -64.80 3.74
CA LYS M 254 -66.41 -65.83 4.27
C LYS M 254 -64.96 -65.37 4.24
N GLU M 255 -64.55 -64.73 3.14
CA GLU M 255 -63.21 -64.16 3.11
C GLU M 255 -63.11 -62.97 4.05
N LYS M 256 -64.17 -62.15 4.11
CA LYS M 256 -64.14 -60.97 4.99
C LYS M 256 -63.79 -61.36 6.42
N ALA M 257 -64.29 -62.50 6.88
CA ALA M 257 -63.99 -62.93 8.24
C ALA M 257 -62.49 -63.13 8.43
N ALA M 258 -61.83 -63.77 7.45
CA ALA M 258 -60.39 -63.97 7.54
C ALA M 258 -59.60 -62.68 7.38
N CYS M 259 -60.25 -61.60 6.95
CA CYS M 259 -59.55 -60.33 6.73
C CYS M 259 -59.24 -59.58 8.02
N TRP M 260 -59.77 -60.02 9.16
CA TRP M 260 -59.56 -59.32 10.41
C TRP M 260 -59.29 -60.32 11.53
N GLN M 261 -58.53 -61.37 11.23
CA GLN M 261 -58.22 -62.39 12.22
C GLN M 261 -56.75 -62.77 12.13
N PHE M 262 -56.11 -62.95 13.28
CA PHE M 262 -54.67 -63.16 13.38
C PHE M 262 -54.42 -64.35 14.30
N PRO M 263 -54.59 -65.58 13.80
CA PRO M 263 -54.36 -66.74 14.66
C PRO M 263 -52.95 -66.82 15.21
N HIS M 264 -51.96 -66.25 14.50
CA HIS M 264 -50.57 -66.34 14.90
C HIS M 264 -50.07 -65.07 15.59
N GLY M 265 -50.98 -64.16 15.94
CA GLY M 265 -50.60 -63.00 16.73
C GLY M 265 -49.92 -61.90 15.93
N LEU M 266 -50.12 -60.66 16.35
CA LEU M 266 -49.49 -59.53 15.70
C LEU M 266 -48.02 -59.42 16.12
N PRO M 267 -47.22 -58.67 15.37
CA PRO M 267 -45.78 -58.62 15.67
C PRO M 267 -45.45 -58.08 17.05
N PHE M 268 -46.38 -57.41 17.71
CA PHE M 268 -46.12 -56.76 19.00
C PHE M 268 -45.32 -57.66 19.93
N ALA M 269 -45.48 -58.98 19.80
CA ALA M 269 -44.75 -59.90 20.65
C ALA M 269 -43.25 -59.80 20.43
N SER M 270 -42.82 -59.73 19.18
CA SER M 270 -41.40 -59.78 18.87
C SER M 270 -40.67 -58.62 19.53
N ALA M 271 -39.58 -58.93 20.22
CA ALA M 271 -38.91 -57.93 21.04
C ALA M 271 -38.29 -56.83 20.19
N HIS M 272 -37.52 -57.21 19.17
CA HIS M 272 -36.82 -56.22 18.36
C HIS M 272 -37.78 -55.17 17.81
N TRP M 273 -38.90 -55.62 17.26
CA TRP M 273 -39.87 -54.69 16.68
C TRP M 273 -40.39 -53.72 17.74
N ARG M 274 -40.73 -54.23 18.91
CA ARG M 274 -41.27 -53.36 19.95
C ARG M 274 -40.20 -52.39 20.46
N ALA M 275 -38.98 -52.87 20.63
CA ALA M 275 -37.91 -52.01 21.12
C ALA M 275 -37.64 -50.88 20.14
N ARG M 276 -37.52 -51.22 18.86
CA ARG M 276 -37.19 -50.21 17.86
C ARG M 276 -38.30 -49.16 17.78
N THR M 277 -39.55 -49.62 17.74
CA THR M 277 -40.65 -48.66 17.64
C THR M 277 -40.73 -47.78 18.89
N ALA M 278 -40.54 -48.37 20.07
CA ALA M 278 -40.57 -47.58 21.30
C ALA M 278 -39.47 -46.53 21.30
N LEU M 279 -38.27 -46.91 20.86
CA LEU M 279 -37.17 -45.96 20.79
C LEU M 279 -37.52 -44.81 19.85
N CYS M 280 -38.07 -45.14 18.69
CA CYS M 280 -38.41 -44.09 17.73
C CYS M 280 -39.48 -43.17 18.30
N ALA M 281 -40.49 -43.73 18.96
CA ALA M 281 -41.52 -42.90 19.58
C ALA M 281 -40.92 -41.98 20.64
N GLN M 282 -40.02 -42.51 21.46
CA GLN M 282 -39.34 -41.68 22.45
C GLN M 282 -38.64 -40.51 21.76
N SER M 283 -37.90 -40.81 20.69
CA SER M 283 -37.22 -39.75 19.97
C SER M 283 -38.20 -38.72 19.45
N MET M 284 -39.34 -39.17 18.94
CA MET M 284 -40.32 -38.23 18.41
C MET M 284 -40.86 -37.34 19.53
N LEU M 285 -41.05 -37.90 20.71
CA LEU M 285 -41.50 -37.09 21.84
C LEU M 285 -40.45 -36.03 22.18
N GLU M 286 -39.19 -36.41 22.20
CA GLU M 286 -38.15 -35.45 22.58
C GLU M 286 -37.87 -34.40 21.52
N ARG M 287 -38.39 -34.57 20.31
CA ARG M 287 -38.20 -33.57 19.27
C ARG M 287 -38.94 -32.29 19.65
N PRO M 288 -38.29 -31.12 19.61
CA PRO M 288 -38.97 -29.90 20.03
C PRO M 288 -40.13 -29.53 19.12
N GLY M 289 -41.28 -29.25 19.74
CA GLY M 289 -42.38 -28.61 19.06
C GLY M 289 -43.03 -29.37 17.92
N LEU M 290 -42.72 -30.67 17.79
CA LEU M 290 -43.31 -31.43 16.68
C LEU M 290 -44.82 -31.47 16.81
N LEU M 291 -45.33 -31.67 18.02
CA LEU M 291 -46.78 -31.80 18.18
C LEU M 291 -47.50 -30.55 17.70
N ALA M 292 -46.95 -29.38 18.02
CA ALA M 292 -47.57 -28.15 17.56
C ALA M 292 -47.58 -28.08 16.05
N ARG M 293 -46.52 -28.54 15.39
CA ARG M 293 -46.42 -28.49 13.95
C ARG M 293 -47.24 -29.57 13.25
N GLY M 294 -47.73 -30.56 13.98
CA GLY M 294 -48.43 -31.67 13.38
C GLY M 294 -49.42 -31.26 12.30
N PRO M 295 -50.41 -30.44 12.68
CA PRO M 295 -51.38 -30.00 11.67
C PRO M 295 -50.73 -29.30 10.49
N ALA M 296 -49.69 -28.50 10.74
CA ALA M 296 -49.00 -27.85 9.64
C ALA M 296 -48.36 -28.87 8.70
N LEU M 297 -47.73 -29.90 9.28
CA LEU M 297 -47.10 -30.91 8.45
C LEU M 297 -48.12 -31.64 7.59
N LEU M 298 -49.27 -31.98 8.18
CA LEU M 298 -50.22 -32.82 7.46
C LEU M 298 -50.59 -32.23 6.12
N HIS M 299 -50.76 -30.93 6.04
CA HIS M 299 -51.16 -30.27 4.80
C HIS M 299 -49.96 -29.83 3.95
N ASP M 300 -48.74 -30.07 4.41
CA ASP M 300 -47.58 -29.73 3.60
C ASP M 300 -47.43 -30.73 2.46
N SER M 301 -46.55 -30.40 1.53
CA SER M 301 -46.27 -31.28 0.40
C SER M 301 -44.82 -31.75 0.35
N TYR M 302 -43.87 -30.89 0.69
CA TYR M 302 -42.48 -31.31 0.69
C TYR M 302 -42.25 -32.47 1.65
N VAL M 303 -42.79 -32.36 2.86
CA VAL M 303 -42.57 -33.38 3.86
C VAL M 303 -43.29 -34.67 3.51
N MET M 304 -44.58 -34.57 3.20
CA MET M 304 -45.37 -35.72 2.82
C MET M 304 -44.64 -36.43 1.68
N HIS M 305 -44.54 -35.79 0.50
CA HIS M 305 -44.16 -36.51 -0.70
C HIS M 305 -42.72 -37.01 -0.64
N VAL M 306 -41.80 -36.23 -0.06
CA VAL M 306 -40.45 -36.74 0.10
C VAL M 306 -40.45 -37.99 0.98
N SER M 307 -41.21 -37.95 2.08
CA SER M 307 -41.34 -39.13 2.92
C SER M 307 -41.89 -40.32 2.14
N ARG M 308 -42.94 -40.09 1.35
CA ARG M 308 -43.51 -41.17 0.56
C ARG M 308 -42.49 -41.75 -0.41
N LEU M 309 -41.72 -40.89 -1.07
CA LEU M 309 -40.69 -41.37 -1.98
C LEU M 309 -39.70 -42.25 -1.25
N ILE M 310 -39.20 -41.77 -0.11
CA ILE M 310 -38.25 -42.57 0.65
C ILE M 310 -38.88 -43.90 1.01
N LEU M 311 -40.16 -43.88 1.39
CA LEU M 311 -40.78 -45.08 1.91
C LEU M 311 -40.83 -46.17 0.85
N MET M 312 -41.38 -45.84 -0.33
CA MET M 312 -41.39 -46.88 -1.36
C MET M 312 -39.98 -47.28 -1.72
N LEU M 313 -39.10 -46.31 -1.98
CA LEU M 313 -37.77 -46.69 -2.43
C LEU M 313 -37.15 -47.72 -1.50
N ALA M 314 -37.29 -47.52 -0.19
CA ALA M 314 -36.82 -48.51 0.76
C ALA M 314 -37.53 -49.84 0.61
N ASP M 315 -38.87 -49.83 0.63
CA ASP M 315 -39.60 -51.10 0.52
C ASP M 315 -39.29 -51.82 -0.78
N HIS M 316 -39.24 -51.08 -1.88
CA HIS M 316 -38.94 -51.65 -3.18
C HIS M 316 -37.58 -52.33 -3.17
N HIS M 317 -36.56 -51.66 -2.63
CA HIS M 317 -35.23 -52.27 -2.65
C HIS M 317 -35.19 -53.52 -1.78
N TYR M 318 -35.71 -53.43 -0.55
CA TYR M 318 -35.58 -54.55 0.37
C TYR M 318 -36.33 -55.78 -0.13
N SER M 319 -37.50 -55.58 -0.75
CA SER M 319 -38.21 -56.71 -1.34
C SER M 319 -37.36 -57.43 -2.37
N SER M 320 -36.39 -56.74 -2.97
CA SER M 320 -35.47 -57.32 -3.93
C SER M 320 -34.23 -57.92 -3.26
N LEU M 321 -34.33 -58.31 -1.99
CA LEU M 321 -33.18 -58.75 -1.22
C LEU M 321 -33.48 -60.09 -0.57
N PRO M 322 -32.46 -60.92 -0.37
CA PRO M 322 -32.66 -62.19 0.35
C PRO M 322 -32.72 -61.98 1.87
N ALA M 323 -32.95 -63.08 2.58
CA ALA M 323 -33.30 -63.03 3.99
C ALA M 323 -32.04 -62.95 4.85
N ASP M 324 -32.24 -62.88 6.17
CA ASP M 324 -31.12 -62.78 7.11
C ASP M 324 -31.61 -62.88 8.55
N SER M 325 -31.35 -64.02 9.19
CA SER M 325 -31.72 -64.17 10.59
C SER M 325 -30.98 -63.18 11.48
N ARG M 326 -29.88 -62.60 10.97
CA ARG M 326 -29.14 -61.61 11.73
C ARG M 326 -30.06 -60.58 12.38
N LEU M 327 -31.16 -60.25 11.71
CA LEU M 327 -32.15 -59.30 12.21
C LEU M 327 -33.42 -60.03 12.60
N GLY M 328 -34.25 -59.36 13.39
CA GLY M 328 -35.50 -59.94 13.84
C GLY M 328 -35.24 -61.24 14.60
N ASP M 329 -36.31 -62.01 14.79
CA ASP M 329 -36.25 -63.29 15.49
C ASP M 329 -36.64 -64.42 14.54
N PRO M 330 -35.79 -65.43 14.35
CA PRO M 330 -36.14 -66.49 13.39
C PRO M 330 -37.35 -67.31 13.78
N ASN M 331 -37.73 -67.32 15.06
CA ASN M 331 -38.83 -68.16 15.52
C ASN M 331 -40.21 -67.61 15.19
N PHE M 332 -40.30 -66.39 14.68
CA PHE M 332 -41.60 -65.80 14.43
C PHE M 332 -42.31 -66.54 13.29
N PRO M 333 -43.60 -66.87 13.45
CA PRO M 333 -44.25 -67.70 12.43
C PRO M 333 -44.57 -66.95 11.16
N LEU M 334 -45.12 -65.74 11.25
CA LEU M 334 -45.64 -65.05 10.08
C LEU M 334 -44.52 -64.69 9.11
N HIS M 335 -44.85 -64.71 7.82
CA HIS M 335 -43.93 -64.31 6.76
C HIS M 335 -44.59 -63.26 5.88
N ALA M 336 -43.78 -62.34 5.37
CA ALA M 336 -44.29 -61.20 4.61
C ALA M 336 -44.29 -61.41 3.11
N ASN M 337 -43.39 -62.22 2.58
CA ASN M 337 -43.22 -62.31 1.14
C ASN M 337 -42.62 -63.66 0.78
N THR M 338 -42.76 -64.03 -0.49
CA THR M 338 -42.31 -65.31 -1.00
C THR M 338 -41.43 -65.07 -2.21
N ASP M 339 -40.41 -65.91 -2.37
CA ASP M 339 -39.54 -65.80 -3.52
C ASP M 339 -40.31 -66.03 -4.81
N ARG M 340 -40.00 -65.23 -5.83
CA ARG M 340 -40.81 -65.21 -7.05
C ARG M 340 -40.70 -66.52 -7.80
N ASP M 341 -39.56 -67.20 -7.70
CA ASP M 341 -39.33 -68.48 -8.36
C ASP M 341 -39.59 -69.67 -7.45
N SER M 342 -39.01 -69.66 -6.25
CA SER M 342 -39.17 -70.79 -5.35
C SER M 342 -40.63 -70.99 -4.98
N GLY M 343 -41.36 -69.90 -4.76
CA GLY M 343 -42.74 -70.00 -4.32
C GLY M 343 -42.91 -70.32 -2.85
N LYS M 344 -41.85 -70.23 -2.06
CA LYS M 344 -41.88 -70.52 -0.64
C LYS M 344 -41.74 -69.23 0.17
N LEU M 345 -41.99 -69.34 1.46
CA LEU M 345 -41.81 -68.19 2.34
C LEU M 345 -40.36 -67.74 2.30
N LYS M 346 -40.16 -66.42 2.14
CA LYS M 346 -38.84 -65.86 1.96
C LYS M 346 -38.38 -65.00 3.14
N GLN M 347 -39.23 -64.06 3.58
CA GLN M 347 -38.84 -63.14 4.64
C GLN M 347 -39.98 -63.02 5.65
N ARG M 348 -39.59 -62.75 6.88
CA ARG M 348 -40.52 -62.60 7.99
C ARG M 348 -41.00 -61.15 8.12
N LEU M 349 -42.13 -60.96 8.81
CA LEU M 349 -42.65 -59.63 9.06
C LEU M 349 -41.66 -58.75 9.79
N ASP M 350 -41.16 -59.20 10.93
CA ASP M 350 -40.18 -58.36 11.60
C ASP M 350 -38.93 -58.19 10.75
N GLU M 351 -38.53 -59.22 10.01
CA GLU M 351 -37.42 -59.08 9.08
C GLU M 351 -37.68 -58.02 8.02
N HIS M 352 -38.85 -58.08 7.38
CA HIS M 352 -39.21 -57.06 6.38
C HIS M 352 -39.35 -55.69 7.01
N LEU M 353 -40.07 -55.61 8.12
CA LEU M 353 -40.35 -54.34 8.79
C LEU M 353 -39.04 -53.66 9.17
N LEU M 354 -38.23 -54.34 9.98
CA LEU M 354 -37.03 -53.72 10.48
C LEU M 354 -36.11 -53.36 9.32
N GLY M 355 -36.00 -54.24 8.32
CA GLY M 355 -35.10 -53.97 7.22
C GLY M 355 -35.46 -52.70 6.48
N VAL M 356 -36.74 -52.58 6.12
CA VAL M 356 -37.17 -51.41 5.37
C VAL M 356 -37.01 -50.15 6.21
N ALA M 357 -37.30 -50.24 7.52
CA ALA M 357 -37.10 -49.09 8.38
C ALA M 357 -35.63 -48.66 8.40
N LEU M 358 -34.73 -49.62 8.55
CA LEU M 358 -33.31 -49.32 8.56
C LEU M 358 -32.89 -48.64 7.26
N HIS M 359 -33.31 -49.22 6.14
CA HIS M 359 -32.94 -48.63 4.85
C HIS M 359 -33.52 -47.23 4.71
N SER M 360 -34.77 -47.03 5.13
CA SER M 360 -35.36 -45.71 5.08
C SER M 360 -34.52 -44.70 5.85
N ARG M 361 -34.12 -45.06 7.07
CA ARG M 361 -33.27 -44.17 7.84
C ARG M 361 -31.97 -43.87 7.11
N LYS M 362 -31.39 -44.89 6.49
CA LYS M 362 -30.18 -44.67 5.70
C LYS M 362 -30.45 -43.69 4.56
N LEU M 363 -31.58 -43.85 3.88
CA LEU M 363 -31.92 -42.95 2.78
C LEU M 363 -32.02 -41.52 3.28
N ALA M 364 -32.82 -41.32 4.34
CA ALA M 364 -33.01 -39.97 4.85
C ALA M 364 -31.67 -39.35 5.18
N GLY M 365 -30.76 -40.13 5.74
CA GLY M 365 -29.44 -39.60 6.03
C GLY M 365 -28.68 -39.21 4.79
N THR M 366 -28.83 -40.00 3.72
CA THR M 366 -27.99 -39.80 2.54
C THR M 366 -28.52 -38.73 1.59
N LEU M 367 -29.83 -38.57 1.49
CA LEU M 367 -30.39 -37.71 0.45
C LEU M 367 -29.78 -36.33 0.41
N PRO M 368 -29.52 -35.65 1.52
CA PRO M 368 -28.88 -34.33 1.43
C PRO M 368 -27.55 -34.36 0.71
N ARG M 369 -26.87 -35.50 0.65
CA ARG M 369 -25.58 -35.57 -0.01
C ARG M 369 -25.69 -35.79 -1.51
N LEU M 370 -26.86 -36.14 -2.02
CA LEU M 370 -27.01 -36.33 -3.46
C LEU M 370 -26.61 -35.05 -4.19
N GLU M 371 -27.11 -33.92 -3.72
CA GLU M 371 -26.92 -32.63 -4.36
C GLU M 371 -25.45 -32.25 -4.40
N ARG M 372 -24.61 -33.01 -3.71
CA ARG M 372 -23.21 -32.66 -3.47
C ARG M 372 -22.33 -33.91 -3.59
N GLN M 373 -22.86 -34.99 -4.17
CA GLN M 373 -22.07 -36.17 -4.49
C GLN M 373 -22.18 -36.66 -5.93
N LEU M 374 -23.16 -36.19 -6.71
CA LEU M 374 -23.44 -36.76 -8.01
C LEU M 374 -22.53 -36.24 -9.10
N PRO M 375 -22.46 -36.92 -10.25
CA PRO M 375 -21.69 -36.39 -11.37
C PRO M 375 -22.26 -35.06 -11.86
N ARG M 376 -21.37 -34.21 -12.35
CA ARG M 376 -21.76 -32.89 -12.82
C ARG M 376 -20.90 -32.50 -14.01
N LEU M 377 -21.48 -31.71 -14.91
CA LEU M 377 -20.76 -31.19 -16.06
C LEU M 377 -19.99 -29.94 -15.65
N ALA M 378 -18.69 -29.93 -15.91
CA ALA M 378 -17.83 -28.85 -15.46
C ALA M 378 -16.75 -28.56 -16.49
N ARG M 379 -16.26 -27.32 -16.45
CA ARG M 379 -15.15 -26.89 -17.30
C ARG M 379 -15.42 -27.15 -18.77
N HIS M 380 -16.67 -26.95 -19.20
CA HIS M 380 -17.01 -27.19 -20.60
C HIS M 380 -16.65 -25.97 -21.42
N LYS M 381 -15.76 -26.16 -22.39
CA LYS M 381 -15.38 -25.06 -23.27
C LYS M 381 -16.59 -24.52 -24.02
N GLY M 382 -17.48 -25.40 -24.47
CA GLY M 382 -18.55 -24.99 -25.36
C GLY M 382 -19.43 -23.88 -24.82
N PHE M 383 -19.46 -23.69 -23.50
CA PHE M 383 -20.29 -22.65 -22.92
C PHE M 383 -19.52 -21.40 -22.53
N THR M 384 -18.26 -21.53 -22.08
CA THR M 384 -17.49 -20.36 -21.65
C THR M 384 -16.98 -19.59 -22.87
N ARG M 385 -16.33 -20.32 -23.78
CA ARG M 385 -15.99 -19.90 -25.14
C ARG M 385 -17.11 -19.38 -26.03
N ARG M 386 -16.92 -18.08 -26.30
CA ARG M 386 -17.85 -17.07 -26.75
C ARG M 386 -18.16 -17.22 -28.24
N VAL M 387 -19.19 -16.49 -28.65
CA VAL M 387 -19.70 -16.59 -30.01
C VAL M 387 -18.91 -15.67 -30.92
N GLU M 388 -18.84 -16.04 -32.19
CA GLU M 388 -18.06 -15.32 -33.19
C GLU M 388 -18.90 -14.80 -34.35
N GLN M 389 -19.87 -15.58 -34.82
CA GLN M 389 -20.69 -15.15 -35.94
C GLN M 389 -21.66 -14.07 -35.46
N PRO M 390 -21.64 -12.86 -36.03
CA PRO M 390 -22.49 -11.79 -35.49
C PRO M 390 -23.96 -12.15 -35.44
N ARG M 391 -24.44 -12.99 -36.36
CA ARG M 391 -25.85 -13.37 -36.34
C ARG M 391 -26.22 -14.09 -35.06
N PHE M 392 -25.25 -14.62 -34.32
CA PHE M 392 -25.50 -15.34 -33.08
C PHE M 392 -25.09 -14.55 -31.84
N ARG M 393 -24.86 -13.25 -31.95
CA ARG M 393 -24.32 -12.54 -30.80
C ARG M 393 -25.26 -12.57 -29.62
N TRP M 394 -26.58 -12.54 -29.87
CA TRP M 394 -27.52 -12.54 -28.75
C TRP M 394 -27.35 -13.76 -27.86
N GLN M 395 -26.75 -14.84 -28.38
CA GLN M 395 -26.42 -15.97 -27.54
C GLN M 395 -25.54 -15.55 -26.38
N ASP M 396 -24.55 -14.71 -26.65
CA ASP M 396 -23.66 -14.24 -25.59
C ASP M 396 -24.39 -13.32 -24.62
N LYS M 397 -25.15 -12.35 -25.14
CA LYS M 397 -25.83 -11.41 -24.26
C LYS M 397 -26.77 -12.13 -23.29
N ALA M 398 -27.32 -13.27 -23.69
CA ALA M 398 -28.11 -14.07 -22.76
C ALA M 398 -27.22 -14.69 -21.70
N TYR M 399 -26.09 -15.25 -22.12
CA TYR M 399 -25.19 -15.89 -21.17
C TYR M 399 -24.71 -14.88 -20.13
N ASP M 400 -24.39 -13.66 -20.57
CA ASP M 400 -23.98 -12.63 -19.64
C ASP M 400 -25.13 -12.28 -18.70
N CYS M 401 -26.36 -12.24 -19.22
CA CYS M 401 -27.50 -11.89 -18.37
C CYS M 401 -27.64 -12.89 -17.24
N ALA M 402 -27.48 -14.18 -17.54
CA ALA M 402 -27.58 -15.18 -16.48
C ALA M 402 -26.61 -14.91 -15.35
N MET M 403 -25.35 -14.59 -15.69
CA MET M 403 -24.36 -14.31 -14.67
C MET M 403 -24.82 -13.20 -13.75
N ALA M 404 -25.42 -12.15 -14.29
CA ALA M 404 -25.80 -10.98 -13.50
C ALA M 404 -26.82 -11.31 -12.43
N CYS M 405 -27.51 -12.45 -12.53
CA CYS M 405 -28.53 -12.81 -11.56
C CYS M 405 -28.32 -14.20 -10.97
N ARG M 406 -27.16 -14.82 -11.21
CA ARG M 406 -26.93 -16.18 -10.73
C ARG M 406 -27.09 -16.27 -9.22
N GLU M 407 -26.44 -15.38 -8.47
CA GLU M 407 -26.52 -15.43 -7.02
C GLU M 407 -27.97 -15.36 -6.55
N GLN M 408 -28.71 -14.38 -7.06
CA GLN M 408 -30.11 -14.24 -6.68
C GLN M 408 -30.86 -15.52 -6.97
N ALA M 409 -30.58 -16.15 -8.11
CA ALA M 409 -31.26 -17.41 -8.42
C ALA M 409 -30.86 -18.48 -7.42
N MET M 410 -29.58 -18.53 -7.06
CA MET M 410 -29.11 -19.57 -6.14
C MET M 410 -29.93 -19.49 -4.86
N GLU M 411 -30.35 -18.30 -4.47
CA GLU M 411 -30.99 -18.15 -3.17
C GLU M 411 -32.50 -18.25 -3.25
N HIS M 412 -33.13 -17.54 -4.19
CA HIS M 412 -34.58 -17.41 -4.23
C HIS M 412 -35.25 -18.38 -5.20
N GLY M 413 -34.73 -18.48 -6.41
CA GLY M 413 -35.34 -19.32 -7.43
C GLY M 413 -35.08 -18.72 -8.79
N PHE M 414 -35.67 -19.34 -9.80
CA PHE M 414 -35.48 -18.85 -11.17
C PHE M 414 -36.66 -19.24 -12.03
N PHE M 415 -37.02 -18.36 -12.97
CA PHE M 415 -38.10 -18.62 -13.92
C PHE M 415 -37.76 -17.85 -15.19
N GLY M 416 -37.10 -18.53 -16.13
CA GLY M 416 -36.67 -17.91 -17.37
C GLY M 416 -37.55 -18.32 -18.53
N LEU M 417 -37.84 -17.35 -19.40
CA LEU M 417 -38.58 -17.58 -20.64
C LEU M 417 -37.65 -17.29 -21.81
N ASN M 418 -37.52 -18.27 -22.71
CA ASN M 418 -36.81 -18.07 -23.98
C ASN M 418 -37.84 -17.77 -25.05
N LEU M 419 -37.89 -16.51 -25.49
CA LEU M 419 -38.90 -16.04 -26.43
C LEU M 419 -38.33 -15.85 -27.83
N ALA M 420 -37.14 -16.38 -28.09
CA ALA M 420 -36.44 -16.04 -29.32
C ALA M 420 -37.19 -16.56 -30.54
N SER M 421 -36.93 -15.94 -31.68
CA SER M 421 -37.51 -16.38 -32.93
C SER M 421 -37.06 -17.79 -33.25
N THR M 422 -37.98 -18.57 -33.82
CA THR M 422 -37.64 -19.94 -34.20
C THR M 422 -36.54 -19.95 -35.24
N GLY M 423 -35.75 -21.01 -35.24
CA GLY M 423 -34.68 -21.17 -36.21
C GLY M 423 -33.40 -20.43 -35.86
N CYS M 424 -33.30 -19.84 -34.68
CA CYS M 424 -32.12 -19.11 -34.27
C CYS M 424 -31.23 -19.90 -33.32
N GLY M 425 -31.46 -21.20 -33.20
CA GLY M 425 -30.62 -22.04 -32.36
C GLY M 425 -30.88 -21.84 -30.89
N LYS M 426 -32.14 -21.96 -30.48
CA LYS M 426 -32.50 -21.72 -29.10
C LYS M 426 -31.88 -22.74 -28.17
N THR M 427 -31.71 -23.98 -28.62
CA THR M 427 -31.20 -25.03 -27.74
C THR M 427 -29.84 -24.67 -27.16
N LEU M 428 -28.95 -24.14 -28.00
CA LEU M 428 -27.64 -23.74 -27.51
C LEU M 428 -27.77 -22.65 -26.46
N ALA M 429 -28.66 -21.68 -26.70
CA ALA M 429 -28.88 -20.62 -25.73
C ALA M 429 -29.34 -21.18 -24.40
N ASN M 430 -30.28 -22.12 -24.43
CA ASN M 430 -30.75 -22.73 -23.19
C ASN M 430 -29.62 -23.43 -22.46
N GLY M 431 -28.81 -24.18 -23.20
CA GLY M 431 -27.69 -24.86 -22.57
C GLY M 431 -26.74 -23.88 -21.91
N ARG M 432 -26.40 -22.79 -22.62
CA ARG M 432 -25.51 -21.80 -22.04
C ARG M 432 -26.13 -21.17 -20.80
N ILE M 433 -27.42 -20.85 -20.85
CA ILE M 433 -28.07 -20.21 -19.71
C ILE M 433 -27.98 -21.11 -18.49
N LEU M 434 -28.38 -22.37 -18.65
CA LEU M 434 -28.40 -23.27 -17.51
C LEU M 434 -27.00 -23.47 -16.96
N TYR M 435 -26.01 -23.66 -17.83
CA TYR M 435 -24.65 -23.82 -17.35
C TYR M 435 -24.21 -22.60 -16.57
N ALA M 436 -24.59 -21.40 -17.04
CA ALA M 436 -24.23 -20.19 -16.32
C ALA M 436 -24.85 -20.16 -14.94
N LEU M 437 -26.12 -20.60 -14.82
CA LEU M 437 -26.79 -20.51 -13.54
C LEU M 437 -26.19 -21.42 -12.48
N ALA M 438 -25.34 -22.37 -12.86
CA ALA M 438 -24.68 -23.21 -11.88
C ALA M 438 -23.47 -22.49 -11.29
N ASP M 439 -22.97 -23.03 -10.18
CA ASP M 439 -21.78 -22.46 -9.58
C ASP M 439 -20.57 -22.79 -10.45
N PRO M 440 -19.61 -21.88 -10.57
CA PRO M 440 -18.47 -22.15 -11.46
C PRO M 440 -17.62 -23.31 -11.02
N GLN M 441 -17.72 -23.70 -9.75
CA GLN M 441 -16.80 -24.69 -9.20
C GLN M 441 -17.26 -26.13 -9.38
N ARG M 442 -18.47 -26.45 -8.93
CA ARG M 442 -18.82 -27.86 -8.88
C ARG M 442 -19.50 -28.33 -10.17
N GLY M 443 -19.88 -27.38 -11.05
CA GLY M 443 -20.48 -27.66 -12.34
C GLY M 443 -22.00 -27.84 -12.27
N ALA M 444 -22.59 -28.11 -13.43
CA ALA M 444 -24.04 -28.03 -13.63
C ALA M 444 -24.67 -29.41 -13.78
N ARG M 445 -26.00 -29.42 -13.66
CA ARG M 445 -26.84 -30.58 -13.91
C ARG M 445 -28.21 -30.09 -14.33
N PHE M 446 -28.71 -30.55 -15.48
CA PHE M 446 -30.05 -30.16 -15.90
C PHE M 446 -30.57 -31.13 -16.93
N SER M 447 -31.87 -31.02 -17.21
CA SER M 447 -32.59 -31.93 -18.08
C SER M 447 -33.39 -31.13 -19.10
N ILE M 448 -33.63 -31.74 -20.26
CA ILE M 448 -34.36 -31.11 -21.35
C ILE M 448 -35.51 -32.03 -21.75
N ALA M 449 -36.70 -31.46 -21.86
CA ALA M 449 -37.91 -32.21 -22.18
C ALA M 449 -38.50 -31.66 -23.47
N LEU M 450 -38.67 -32.52 -24.46
CA LEU M 450 -39.32 -32.15 -25.71
C LEU M 450 -40.80 -32.50 -25.65
N GLY M 451 -41.57 -31.85 -26.51
CA GLY M 451 -43.00 -32.11 -26.60
C GLY M 451 -43.39 -33.19 -27.58
N LEU M 452 -42.42 -33.84 -28.22
CA LEU M 452 -42.74 -34.88 -29.19
C LEU M 452 -43.43 -36.04 -28.49
N ARG M 453 -44.37 -36.68 -29.20
CA ARG M 453 -45.02 -37.85 -28.65
C ARG M 453 -44.02 -38.96 -28.36
N SER M 454 -42.88 -38.96 -29.04
CA SER M 454 -41.78 -39.84 -28.72
C SER M 454 -40.50 -39.25 -29.30
N LEU M 455 -39.38 -39.57 -28.66
CA LEU M 455 -38.10 -38.98 -29.00
C LEU M 455 -37.30 -39.98 -29.83
N THR M 456 -36.90 -39.57 -31.02
CA THR M 456 -35.93 -40.33 -31.80
C THR M 456 -34.53 -39.90 -31.41
N LEU M 457 -33.62 -40.88 -31.34
CA LEU M 457 -32.29 -40.56 -30.86
C LEU M 457 -31.57 -39.55 -31.74
N GLN M 458 -32.02 -39.37 -32.98
CA GLN M 458 -31.39 -38.38 -33.85
C GLN M 458 -31.43 -36.99 -33.25
N THR M 459 -32.58 -36.59 -32.69
CA THR M 459 -32.67 -35.27 -32.07
C THR M 459 -31.64 -35.13 -30.96
N GLY M 460 -31.48 -36.18 -30.15
CA GLY M 460 -30.46 -36.16 -29.12
C GLY M 460 -29.06 -36.07 -29.70
N GLN M 461 -28.78 -36.86 -30.72
CA GLN M 461 -27.47 -36.82 -31.35
C GLN M 461 -27.16 -35.42 -31.87
N ALA M 462 -28.14 -34.80 -32.52
CA ALA M 462 -27.95 -33.44 -32.99
C ALA M 462 -27.63 -32.49 -31.84
N TYR M 463 -28.34 -32.64 -30.73
CA TYR M 463 -27.99 -31.89 -29.53
C TYR M 463 -26.53 -32.13 -29.15
N ARG M 464 -26.13 -33.39 -29.12
CA ARG M 464 -24.76 -33.74 -28.73
C ARG M 464 -23.75 -33.10 -29.67
N GLU M 465 -24.04 -33.11 -30.97
CA GLU M 465 -23.11 -32.55 -31.95
C GLU M 465 -23.00 -31.04 -31.78
N ARG M 466 -24.13 -30.33 -31.88
CA ARG M 466 -24.06 -28.88 -31.88
C ARG M 466 -23.66 -28.33 -30.51
N LEU M 467 -24.05 -29.00 -29.43
CA LEU M 467 -23.62 -28.58 -28.10
C LEU M 467 -22.19 -29.01 -27.79
N GLY M 468 -21.69 -30.05 -28.46
CA GLY M 468 -20.31 -30.45 -28.28
C GLY M 468 -20.04 -31.18 -26.98
N LEU M 469 -20.62 -32.37 -26.81
CA LEU M 469 -20.33 -33.21 -25.66
C LEU M 469 -20.23 -34.66 -26.12
N GLY M 470 -19.69 -35.49 -25.24
CA GLY M 470 -19.43 -36.89 -25.54
C GLY M 470 -20.52 -37.82 -25.05
N ASP M 471 -20.26 -39.12 -25.24
CA ASP M 471 -21.26 -40.13 -24.92
C ASP M 471 -21.42 -40.35 -23.42
N ASP M 472 -20.43 -39.95 -22.62
CA ASP M 472 -20.51 -40.05 -21.17
C ASP M 472 -20.87 -38.72 -20.54
N ASP M 473 -21.38 -37.78 -21.32
CA ASP M 473 -21.81 -36.47 -20.81
C ASP M 473 -23.32 -36.31 -20.81
N LEU M 474 -23.97 -36.57 -21.94
CA LEU M 474 -25.39 -36.27 -22.11
C LEU M 474 -26.11 -37.57 -22.46
N ALA M 475 -27.09 -37.93 -21.64
CA ALA M 475 -27.86 -39.14 -21.87
C ALA M 475 -29.06 -38.85 -22.77
N ILE M 476 -29.39 -39.82 -23.60
CA ILE M 476 -30.53 -39.74 -24.51
C ILE M 476 -31.48 -40.88 -24.19
N LEU M 477 -32.71 -40.54 -23.83
CA LEU M 477 -33.74 -41.50 -23.45
C LEU M 477 -34.76 -41.60 -24.58
N VAL M 478 -35.10 -42.82 -24.99
CA VAL M 478 -35.67 -43.05 -26.30
C VAL M 478 -37.19 -43.15 -26.17
N GLY M 479 -37.88 -42.91 -27.28
CA GLY M 479 -39.29 -43.25 -27.38
C GLY M 479 -40.14 -42.54 -26.34
N GLY M 480 -41.12 -43.28 -25.81
CA GLY M 480 -42.06 -42.73 -24.87
C GLY M 480 -42.57 -43.81 -23.92
N SER M 481 -43.27 -43.36 -22.89
CA SER M 481 -43.72 -44.26 -21.85
C SER M 481 -44.81 -45.20 -22.35
N ALA M 482 -45.03 -46.27 -21.59
CA ALA M 482 -45.98 -47.31 -21.96
C ALA M 482 -47.39 -46.97 -21.47
N ALA M 483 -48.33 -47.85 -21.76
CA ALA M 483 -49.74 -47.63 -21.44
C ALA M 483 -50.05 -48.12 -20.03
N ARG M 484 -51.19 -47.66 -19.50
CA ARG M 484 -51.55 -47.93 -18.11
C ARG M 484 -52.00 -49.37 -17.91
N GLU M 485 -52.80 -49.92 -18.83
CA GLU M 485 -53.37 -51.24 -18.62
C GLU M 485 -52.30 -52.29 -18.39
N LEU M 486 -51.15 -52.15 -19.06
CA LEU M 486 -50.05 -53.08 -18.81
C LEU M 486 -49.59 -52.97 -17.35
N PHE M 487 -49.48 -51.75 -16.84
CA PHE M 487 -49.13 -51.56 -15.45
C PHE M 487 -50.17 -52.19 -14.53
N GLU M 488 -51.45 -52.03 -14.86
CA GLU M 488 -52.51 -52.58 -14.01
C GLU M 488 -52.42 -54.11 -13.96
N LYS M 489 -52.34 -54.75 -15.13
CA LYS M 489 -52.28 -56.20 -15.17
C LYS M 489 -51.03 -56.72 -14.45
N GLN M 490 -49.88 -56.07 -14.68
CA GLN M 490 -48.67 -56.45 -13.96
C GLN M 490 -48.85 -56.28 -12.45
N GLN M 491 -49.51 -55.20 -12.04
CA GLN M 491 -49.80 -54.99 -10.62
C GLN M 491 -50.63 -56.13 -10.05
N GLU M 492 -51.65 -56.57 -10.78
CA GLU M 492 -52.46 -57.69 -10.32
C GLU M 492 -51.63 -58.96 -10.22
N ARG M 493 -50.85 -59.25 -11.25
CA ARG M 493 -50.02 -60.45 -11.25
C ARG M 493 -49.05 -60.45 -10.07
N LEU M 494 -48.39 -59.31 -9.83
CA LEU M 494 -47.45 -59.21 -8.72
C LEU M 494 -48.17 -59.28 -7.38
N GLU M 495 -49.35 -58.65 -7.28
CA GLU M 495 -50.10 -58.69 -6.03
C GLU M 495 -50.50 -60.11 -5.69
N ARG M 496 -50.71 -60.95 -6.70
CA ARG M 496 -51.00 -62.36 -6.43
C ARG M 496 -49.93 -62.96 -5.56
N SER M 497 -48.67 -62.60 -5.80
CA SER M 497 -47.54 -63.05 -5.00
C SER M 497 -46.94 -61.92 -4.15
N GLY M 498 -47.57 -60.76 -4.11
CA GLY M 498 -47.07 -59.65 -3.33
C GLY M 498 -45.73 -59.13 -3.81
N SER M 499 -45.63 -58.85 -5.11
CA SER M 499 -44.39 -58.41 -5.72
C SER M 499 -44.48 -57.00 -6.30
N GLU M 500 -45.54 -56.25 -5.98
CA GLU M 500 -45.64 -54.88 -6.48
C GLU M 500 -44.42 -54.07 -6.08
N SER M 501 -43.86 -54.34 -4.90
CA SER M 501 -42.61 -53.71 -4.50
C SER M 501 -41.46 -54.10 -5.43
N ALA M 502 -41.60 -55.18 -6.18
CA ALA M 502 -40.56 -55.63 -7.11
C ALA M 502 -40.81 -55.14 -8.53
N GLN M 503 -41.86 -54.36 -8.77
CA GLN M 503 -42.09 -53.81 -10.10
C GLN M 503 -40.95 -52.89 -10.49
N GLU M 504 -40.63 -52.88 -11.78
CA GLU M 504 -39.49 -52.11 -12.26
C GLU M 504 -39.76 -50.62 -12.12
N LEU M 505 -38.67 -49.86 -11.95
CA LEU M 505 -38.78 -48.42 -11.78
C LEU M 505 -39.14 -47.70 -13.08
N LEU M 506 -39.05 -48.37 -14.22
CA LEU M 506 -39.44 -47.79 -15.49
C LEU M 506 -40.14 -48.86 -16.32
N ALA M 507 -40.94 -48.41 -17.29
CA ALA M 507 -41.51 -49.33 -18.25
C ALA M 507 -40.40 -50.04 -19.00
N GLU M 508 -40.39 -51.37 -18.91
CA GLU M 508 -39.26 -52.14 -19.45
C GLU M 508 -39.27 -52.22 -20.96
N ASN M 509 -40.10 -51.44 -21.64
CA ASN M 509 -39.89 -51.11 -23.04
C ASN M 509 -39.28 -49.72 -23.15
N SER M 510 -38.06 -49.59 -22.61
CA SER M 510 -37.36 -48.32 -22.61
C SER M 510 -35.87 -48.59 -22.51
N HIS M 511 -35.09 -47.54 -22.81
CA HIS M 511 -33.65 -47.67 -22.95
C HIS M 511 -33.02 -46.29 -22.85
N VAL M 512 -31.82 -46.24 -22.29
CA VAL M 512 -31.06 -45.00 -22.15
C VAL M 512 -29.73 -45.15 -22.86
N HIS M 513 -29.39 -44.19 -23.71
CA HIS M 513 -28.17 -44.20 -24.49
C HIS M 513 -27.15 -43.30 -23.77
N PHE M 514 -26.16 -43.92 -23.13
CA PHE M 514 -25.22 -43.17 -22.31
C PHE M 514 -24.07 -44.08 -21.93
N ALA M 515 -22.93 -43.46 -21.61
CA ALA M 515 -21.67 -44.19 -21.44
C ALA M 515 -20.99 -43.93 -20.10
N GLY M 516 -21.66 -43.26 -19.17
CA GLY M 516 -21.08 -43.08 -17.85
C GLY M 516 -21.04 -44.36 -17.06
N THR M 517 -20.16 -44.39 -16.06
CA THR M 517 -19.94 -45.59 -15.26
C THR M 517 -21.00 -45.63 -14.16
N LEU M 518 -21.93 -46.59 -14.27
CA LEU M 518 -23.05 -46.65 -13.34
C LEU M 518 -22.63 -47.12 -11.95
N GLU M 519 -21.44 -47.71 -11.81
CA GLU M 519 -20.99 -48.19 -10.51
C GLU M 519 -20.49 -47.07 -9.60
N ASP M 520 -20.33 -45.85 -10.12
CA ASP M 520 -19.87 -44.74 -9.31
C ASP M 520 -20.97 -44.10 -8.48
N GLY M 521 -22.24 -44.43 -8.75
CA GLY M 521 -23.35 -43.75 -8.12
C GLY M 521 -23.44 -44.00 -6.63
N PRO M 522 -23.68 -42.94 -5.85
CA PRO M 522 -23.98 -43.15 -4.43
C PRO M 522 -25.22 -43.99 -4.20
N LEU M 523 -26.16 -43.97 -5.14
CA LEU M 523 -27.44 -44.64 -5.00
C LEU M 523 -27.43 -46.06 -5.53
N ARG M 524 -26.26 -46.59 -5.87
CA ARG M 524 -26.18 -47.94 -6.42
C ARG M 524 -26.83 -48.96 -5.50
N GLU M 525 -26.76 -48.73 -4.19
CA GLU M 525 -27.27 -49.72 -3.24
C GLU M 525 -28.75 -50.00 -3.46
N TRP M 526 -29.50 -49.04 -4.01
CA TRP M 526 -30.93 -49.18 -4.18
C TRP M 526 -31.37 -49.08 -5.64
N LEU M 527 -30.56 -48.52 -6.53
CA LEU M 527 -30.90 -48.41 -7.93
C LEU M 527 -30.02 -49.25 -8.84
N GLY M 528 -28.84 -49.68 -8.38
CA GLY M 528 -27.93 -50.44 -9.19
C GLY M 528 -28.62 -51.51 -10.01
N ARG M 529 -29.66 -52.12 -9.44
CA ARG M 529 -30.35 -53.21 -10.11
C ARG M 529 -30.93 -52.76 -11.45
N ASN M 530 -31.74 -51.70 -11.43
CA ASN M 530 -32.38 -51.19 -12.64
C ASN M 530 -31.42 -50.19 -13.29
N SER M 531 -30.45 -50.73 -14.03
CA SER M 531 -29.41 -49.91 -14.62
C SER M 531 -30.00 -48.71 -15.36
N ALA M 532 -31.17 -48.87 -15.97
CA ALA M 532 -31.78 -47.77 -16.70
C ALA M 532 -31.99 -46.57 -15.80
N GLY M 533 -32.61 -46.78 -14.63
CA GLY M 533 -32.81 -45.69 -13.70
C GLY M 533 -31.50 -45.07 -13.23
N ASN M 534 -30.53 -45.91 -12.88
CA ASN M 534 -29.25 -45.40 -12.41
C ASN M 534 -28.60 -44.52 -13.46
N ARG M 535 -28.57 -44.99 -14.71
CA ARG M 535 -28.01 -44.19 -15.79
C ARG M 535 -28.80 -42.90 -15.98
N LEU M 536 -30.13 -42.98 -15.90
CA LEU M 536 -30.95 -41.78 -16.04
C LEU M 536 -30.57 -40.75 -15.00
N LEU M 537 -30.33 -41.20 -13.76
CA LEU M 537 -30.01 -40.27 -12.69
C LEU M 537 -28.59 -39.74 -12.80
N GLN M 538 -27.66 -40.57 -13.30
CA GLN M 538 -26.25 -40.21 -13.24
C GLN M 538 -25.89 -39.13 -14.25
N ALA M 539 -26.38 -39.24 -15.47
CA ALA M 539 -25.87 -38.41 -16.55
C ALA M 539 -26.02 -36.93 -16.21
N PRO M 540 -24.96 -36.13 -16.30
CA PRO M 540 -25.12 -34.71 -15.98
C PRO M 540 -26.19 -34.02 -16.81
N ILE M 541 -26.26 -34.31 -18.11
CA ILE M 541 -27.28 -33.76 -18.97
C ILE M 541 -28.16 -34.87 -19.51
N LEU M 542 -29.46 -34.66 -19.46
CA LEU M 542 -30.42 -35.70 -19.85
C LEU M 542 -31.50 -35.09 -20.71
N ALA M 543 -31.61 -35.61 -21.91
CA ALA M 543 -32.62 -35.22 -22.88
C ALA M 543 -33.62 -36.34 -23.02
N CYS M 544 -34.90 -35.96 -23.02
CA CYS M 544 -35.98 -36.92 -23.02
C CYS M 544 -37.25 -36.16 -23.41
N THR M 545 -38.35 -36.88 -23.44
CA THR M 545 -39.66 -36.28 -23.62
C THR M 545 -40.22 -35.88 -22.26
N ILE M 546 -41.20 -34.98 -22.30
CA ILE M 546 -41.90 -34.62 -21.08
C ILE M 546 -42.53 -35.85 -20.45
N ASP M 547 -42.91 -36.83 -21.27
CA ASP M 547 -43.51 -38.04 -20.73
C ASP M 547 -42.56 -38.76 -19.79
N HIS M 548 -41.27 -38.82 -20.14
CA HIS M 548 -40.32 -39.51 -19.28
C HIS M 548 -40.24 -38.90 -17.90
N LEU M 549 -40.60 -37.62 -17.75
CA LEU M 549 -40.64 -36.98 -16.44
C LEU M 549 -42.04 -36.85 -15.87
N MET M 550 -43.06 -36.95 -16.72
CA MET M 550 -44.43 -36.72 -16.26
C MET M 550 -44.84 -37.57 -15.07
N PRO M 551 -44.52 -38.86 -15.02
CA PRO M 551 -45.00 -39.68 -13.90
C PRO M 551 -44.61 -39.12 -12.55
N ALA M 552 -43.62 -38.23 -12.50
CA ALA M 552 -43.17 -37.64 -11.25
C ALA M 552 -44.34 -37.22 -10.40
N SER M 553 -45.36 -36.62 -11.01
CA SER M 553 -46.57 -36.24 -10.31
C SER M 553 -47.81 -36.99 -10.78
N GLU M 554 -47.75 -37.63 -11.95
CA GLU M 554 -48.93 -38.21 -12.58
C GLU M 554 -49.04 -39.71 -12.40
N SER M 555 -48.16 -40.33 -11.64
CA SER M 555 -48.20 -41.77 -11.44
C SER M 555 -49.05 -42.10 -10.22
N LEU M 556 -50.06 -42.93 -10.40
CA LEU M 556 -50.93 -43.35 -9.32
C LEU M 556 -50.50 -44.67 -8.70
N ARG M 557 -49.55 -45.37 -9.29
CA ARG M 557 -49.24 -46.73 -8.86
C ARG M 557 -47.76 -47.00 -9.08
N GLY M 558 -47.26 -47.97 -8.34
CA GLY M 558 -45.90 -48.44 -8.51
C GLY M 558 -44.87 -47.39 -8.11
N GLY M 559 -43.62 -47.74 -8.34
CA GLY M 559 -42.50 -46.88 -8.03
C GLY M 559 -42.11 -45.94 -9.15
N HIS M 560 -43.01 -45.76 -10.13
CA HIS M 560 -42.63 -45.05 -11.35
C HIS M 560 -42.03 -43.69 -11.05
N GLN M 561 -42.56 -43.00 -10.05
CA GLN M 561 -42.17 -41.62 -9.83
C GLN M 561 -40.81 -41.47 -9.14
N ILE M 562 -40.21 -42.57 -8.68
CA ILE M 562 -38.95 -42.44 -7.95
C ILE M 562 -37.87 -41.84 -8.85
N ALA M 563 -37.70 -42.40 -10.05
CA ALA M 563 -36.62 -41.95 -10.92
C ALA M 563 -36.79 -40.48 -11.31
N PRO M 564 -37.84 -40.09 -12.01
CA PRO M 564 -37.94 -38.68 -12.41
C PRO M 564 -37.94 -37.74 -11.23
N LEU M 565 -38.60 -38.13 -10.13
CA LEU M 565 -38.65 -37.24 -8.98
C LEU M 565 -37.25 -36.97 -8.45
N LEU M 566 -36.43 -38.01 -8.33
CA LEU M 566 -35.05 -37.80 -7.92
C LEU M 566 -34.33 -36.91 -8.93
N ARG M 567 -34.60 -37.10 -10.21
CA ARG M 567 -34.01 -36.22 -11.22
C ARG M 567 -34.39 -34.78 -10.95
N LEU M 568 -35.65 -34.52 -10.61
CA LEU M 568 -36.07 -33.15 -10.33
C LEU M 568 -35.32 -32.57 -9.13
N MET M 569 -35.20 -33.35 -8.06
CA MET M 569 -34.55 -32.85 -6.85
C MET M 569 -33.06 -32.64 -7.03
N THR M 570 -32.48 -33.11 -8.14
CA THR M 570 -31.04 -33.04 -8.33
C THR M 570 -30.68 -32.48 -9.71
N SER M 571 -31.54 -31.62 -10.27
CA SER M 571 -31.26 -31.04 -11.57
C SER M 571 -32.30 -29.99 -11.88
N ASP M 572 -31.94 -29.09 -12.79
CA ASP M 572 -32.87 -28.08 -13.27
C ASP M 572 -33.75 -28.69 -14.37
N LEU M 573 -34.54 -27.85 -15.04
CA LEU M 573 -35.50 -28.35 -16.01
C LEU M 573 -35.68 -27.32 -17.11
N VAL M 574 -35.77 -27.80 -18.35
CA VAL M 574 -36.00 -26.95 -19.52
C VAL M 574 -37.09 -27.60 -20.36
N LEU M 575 -38.09 -26.81 -20.74
CA LEU M 575 -39.17 -27.26 -21.60
C LEU M 575 -39.10 -26.51 -22.92
N ASP M 576 -39.15 -27.25 -24.03
CA ASP M 576 -38.98 -26.69 -25.36
C ASP M 576 -40.29 -26.81 -26.14
N GLU M 577 -40.74 -25.70 -26.72
CA GLU M 577 -42.08 -25.59 -27.31
C GLU M 577 -43.09 -26.39 -26.50
N VAL M 578 -43.14 -26.10 -25.19
CA VAL M 578 -44.22 -26.57 -24.33
C VAL M 578 -45.59 -26.28 -24.94
N ASP M 579 -45.74 -25.14 -25.59
CA ASP M 579 -47.09 -24.64 -25.89
C ASP M 579 -47.81 -25.47 -26.93
N ASP M 580 -47.15 -26.41 -27.59
CA ASP M 580 -47.80 -27.22 -28.61
C ASP M 580 -48.55 -28.41 -28.01
N PHE M 581 -48.49 -28.60 -26.70
CA PHE M 581 -49.36 -29.57 -26.04
C PHE M 581 -50.81 -29.16 -26.21
N ASP M 582 -51.68 -30.16 -26.34
CA ASP M 582 -53.09 -29.84 -26.51
C ASP M 582 -53.64 -29.33 -25.18
N ILE M 583 -54.76 -28.61 -25.25
CA ILE M 583 -55.21 -27.82 -24.11
C ILE M 583 -55.41 -28.70 -22.88
N ASP M 584 -56.05 -29.86 -23.04
CA ASP M 584 -56.35 -30.66 -21.86
C ASP M 584 -55.11 -31.23 -21.22
N ASP M 585 -53.96 -31.15 -21.88
CA ASP M 585 -52.72 -31.65 -21.30
C ASP M 585 -52.06 -30.66 -20.37
N LEU M 586 -52.36 -29.36 -20.53
CA LEU M 586 -51.73 -28.33 -19.71
C LEU M 586 -51.85 -28.58 -18.22
N PRO M 587 -53.00 -28.96 -17.67
CA PRO M 587 -53.09 -29.14 -16.22
C PRO M 587 -52.02 -30.07 -15.66
N ALA M 588 -51.74 -31.17 -16.36
CA ALA M 588 -50.68 -32.05 -15.91
C ALA M 588 -49.34 -31.32 -15.94
N LEU M 589 -49.08 -30.58 -17.02
CA LEU M 589 -47.83 -29.83 -17.10
C LEU M 589 -47.74 -28.81 -15.99
N SER M 590 -48.85 -28.13 -15.68
CA SER M 590 -48.83 -27.17 -14.58
C SER M 590 -48.49 -27.88 -13.28
N ARG M 591 -49.04 -29.07 -13.05
CA ARG M 591 -48.69 -29.83 -11.85
C ARG M 591 -47.20 -30.11 -11.82
N LEU M 592 -46.66 -30.60 -12.93
CA LEU M 592 -45.25 -30.97 -12.96
C LEU M 592 -44.37 -29.76 -12.66
N VAL M 593 -44.65 -28.63 -13.32
CA VAL M 593 -43.81 -27.47 -13.12
C VAL M 593 -43.95 -26.95 -11.69
N HIS M 594 -45.16 -27.05 -11.12
CA HIS M 594 -45.32 -26.68 -9.72
C HIS M 594 -44.41 -27.53 -8.84
N TRP M 595 -44.35 -28.82 -9.10
CA TRP M 595 -43.44 -29.67 -8.34
C TRP M 595 -41.99 -29.28 -8.59
N ALA M 596 -41.66 -28.94 -9.82
CA ALA M 596 -40.31 -28.46 -10.12
C ALA M 596 -39.95 -27.30 -9.20
N GLY M 597 -40.91 -26.41 -8.95
CA GLY M 597 -40.68 -25.36 -7.98
C GLY M 597 -40.69 -25.85 -6.55
N LEU M 598 -41.38 -26.97 -6.30
CA LEU M 598 -41.47 -27.50 -4.94
C LEU M 598 -40.13 -28.00 -4.44
N PHE M 599 -39.31 -28.56 -5.31
CA PHE M 599 -38.08 -29.25 -4.91
C PHE M 599 -36.84 -28.49 -5.34
N GLY M 600 -36.88 -27.17 -5.28
CA GLY M 600 -35.68 -26.39 -5.49
C GLY M 600 -35.03 -26.59 -6.84
N SER M 601 -35.82 -26.72 -7.89
CA SER M 601 -35.32 -26.77 -9.25
C SER M 601 -35.56 -25.43 -9.92
N ARG M 602 -34.90 -25.24 -11.07
CA ARG M 602 -35.02 -24.00 -11.83
C ARG M 602 -35.55 -24.34 -13.22
N VAL M 603 -36.53 -23.56 -13.66
CA VAL M 603 -37.28 -23.84 -14.89
C VAL M 603 -36.97 -22.77 -15.91
N LEU M 604 -36.81 -23.18 -17.17
CA LEU M 604 -36.53 -22.28 -18.29
C LEU M 604 -37.45 -22.68 -19.44
N LEU M 605 -38.64 -22.08 -19.49
CA LEU M 605 -39.54 -22.32 -20.60
C LEU M 605 -38.95 -21.77 -21.89
N SER M 606 -39.11 -22.53 -22.97
CA SER M 606 -38.51 -22.16 -24.26
C SER M 606 -39.55 -22.41 -25.36
N SER M 607 -40.19 -21.33 -25.82
CA SER M 607 -41.12 -21.40 -26.93
C SER M 607 -41.29 -20.00 -27.49
N ALA M 608 -41.89 -19.93 -28.68
CA ALA M 608 -42.06 -18.68 -29.38
C ALA M 608 -43.50 -18.19 -29.43
N THR M 609 -44.45 -18.97 -28.94
CA THR M 609 -45.88 -18.72 -29.15
C THR M 609 -46.66 -18.88 -27.85
N LEU M 610 -46.19 -18.23 -26.78
CA LEU M 610 -46.77 -18.41 -25.47
C LEU M 610 -47.73 -17.28 -25.16
N PRO M 611 -49.03 -17.54 -25.00
CA PRO M 611 -49.94 -16.46 -24.62
C PRO M 611 -49.64 -15.98 -23.21
N PRO M 612 -49.90 -14.70 -22.90
CA PRO M 612 -49.60 -14.21 -21.55
C PRO M 612 -50.33 -14.96 -20.46
N ALA M 613 -51.58 -15.39 -20.72
CA ALA M 613 -52.32 -16.11 -19.70
C ALA M 613 -51.60 -17.39 -19.31
N LEU M 614 -51.04 -18.11 -20.29
CA LEU M 614 -50.36 -19.36 -19.99
C LEU M 614 -49.15 -19.11 -19.11
N VAL M 615 -48.28 -18.19 -19.53
CA VAL M 615 -47.03 -18.00 -18.80
C VAL M 615 -47.31 -17.50 -17.41
N GLN M 616 -48.23 -16.54 -17.26
CA GLN M 616 -48.53 -16.04 -15.92
C GLN M 616 -49.14 -17.13 -15.04
N GLY M 617 -50.01 -17.98 -15.61
CA GLY M 617 -50.56 -19.07 -14.82
C GLY M 617 -49.48 -20.03 -14.34
N LEU M 618 -48.59 -20.42 -15.25
CA LEU M 618 -47.49 -21.28 -14.83
C LEU M 618 -46.61 -20.60 -13.80
N PHE M 619 -46.32 -19.31 -14.01
CA PHE M 619 -45.51 -18.59 -13.05
C PHE M 619 -46.15 -18.60 -11.68
N GLU M 620 -47.47 -18.45 -11.62
CA GLU M 620 -48.16 -18.55 -10.33
C GLU M 620 -47.96 -19.93 -9.72
N ALA M 621 -48.05 -20.97 -10.54
CA ALA M 621 -47.80 -22.32 -10.03
C ALA M 621 -46.39 -22.42 -9.45
N TYR M 622 -45.40 -21.95 -10.21
CA TYR M 622 -44.02 -22.02 -9.75
C TYR M 622 -43.82 -21.21 -8.48
N ARG M 623 -44.39 -20.00 -8.44
CA ARG M 623 -44.25 -19.17 -7.25
C ARG M 623 -44.78 -19.89 -6.02
N SER M 624 -45.97 -20.48 -6.14
CA SER M 624 -46.51 -21.22 -5.01
C SER M 624 -45.59 -22.37 -4.61
N GLY M 625 -45.03 -23.06 -5.61
CA GLY M 625 -44.12 -24.15 -5.30
C GLY M 625 -42.90 -23.67 -4.54
N ARG M 626 -42.28 -22.59 -5.01
CA ARG M 626 -41.09 -22.09 -4.34
C ARG M 626 -41.42 -21.62 -2.94
N GLU M 627 -42.56 -20.94 -2.77
CA GLU M 627 -42.95 -20.48 -1.45
C GLU M 627 -43.03 -21.66 -0.48
N ILE M 628 -43.64 -22.76 -0.92
CA ILE M 628 -43.64 -23.94 -0.07
C ILE M 628 -42.22 -24.43 0.16
N PHE M 629 -41.40 -24.43 -0.88
CA PHE M 629 -40.06 -25.00 -0.80
C PHE M 629 -39.21 -24.28 0.23
N GLN M 630 -39.25 -22.94 0.22
CA GLN M 630 -38.33 -22.17 1.06
C GLN M 630 -38.56 -22.40 2.54
N ARG M 631 -39.71 -22.97 2.91
CA ARG M 631 -39.95 -23.27 4.32
C ARG M 631 -39.11 -24.42 4.82
N HIS M 632 -38.40 -25.13 3.94
CA HIS M 632 -37.68 -26.32 4.36
C HIS M 632 -36.26 -26.41 3.79
N ARG M 633 -35.76 -25.35 3.15
CA ARG M 633 -34.39 -25.34 2.67
C ARG M 633 -33.88 -23.91 2.72
N GLY M 634 -32.55 -23.78 2.77
CA GLY M 634 -31.95 -22.46 2.81
C GLY M 634 -32.27 -21.73 4.10
N ALA M 635 -31.92 -20.46 4.10
CA ALA M 635 -32.12 -19.62 5.28
C ALA M 635 -33.61 -19.41 5.50
N PRO M 636 -34.15 -19.75 6.67
CA PRO M 636 -35.59 -19.63 6.87
C PRO M 636 -36.04 -18.18 6.94
N GLY M 637 -37.30 -17.96 6.54
CA GLY M 637 -37.95 -16.68 6.70
C GLY M 637 -37.74 -15.71 5.56
N ARG M 638 -36.85 -16.00 4.63
CA ARG M 638 -36.61 -15.08 3.53
C ARG M 638 -37.84 -14.95 2.65
N ALA M 639 -38.04 -13.76 2.10
CA ALA M 639 -39.19 -13.50 1.26
C ALA M 639 -39.09 -14.29 -0.05
N THR M 640 -40.24 -14.66 -0.59
CA THR M 640 -40.31 -15.38 -1.85
C THR M 640 -40.34 -14.37 -2.99
N GLU M 641 -39.15 -14.01 -3.46
CA GLU M 641 -38.97 -12.99 -4.48
C GLU M 641 -38.24 -13.66 -5.65
N ILE M 642 -39.03 -14.23 -6.58
CA ILE M 642 -38.43 -15.00 -7.66
C ILE M 642 -37.62 -14.08 -8.56
N ARG M 643 -36.69 -14.69 -9.30
CA ARG M 643 -35.89 -14.00 -10.30
C ARG M 643 -36.34 -14.48 -11.67
N CYS M 644 -37.01 -13.61 -12.42
CA CYS M 644 -37.53 -13.95 -13.74
C CYS M 644 -36.62 -13.36 -14.81
N ALA M 645 -36.56 -14.05 -15.95
CA ALA M 645 -35.69 -13.65 -17.05
C ALA M 645 -36.43 -13.81 -18.37
N TRP M 646 -36.03 -13.01 -19.35
CA TRP M 646 -36.53 -13.12 -20.71
C TRP M 646 -35.37 -13.09 -21.69
N PHE M 647 -35.49 -13.87 -22.75
CA PHE M 647 -34.48 -13.89 -23.80
C PHE M 647 -35.17 -13.91 -25.15
N ASP M 648 -34.49 -13.36 -26.16
CA ASP M 648 -34.99 -13.39 -27.52
C ASP M 648 -33.87 -12.94 -28.45
N GLU M 649 -34.19 -12.85 -29.74
CA GLU M 649 -33.23 -12.39 -30.74
C GLU M 649 -32.66 -11.02 -30.35
N PHE M 650 -33.55 -10.06 -30.07
CA PHE M 650 -33.11 -8.68 -29.92
C PHE M 650 -32.39 -8.43 -28.60
N SER M 651 -32.91 -8.95 -27.49
CA SER M 651 -32.48 -8.50 -26.18
C SER M 651 -32.68 -9.61 -25.15
N SER M 652 -32.05 -9.41 -23.98
CA SER M 652 -32.20 -10.29 -22.84
C SER M 652 -32.21 -9.44 -21.57
N GLN M 653 -33.06 -9.80 -20.63
CA GLN M 653 -33.18 -9.03 -19.40
C GLN M 653 -33.78 -9.91 -18.31
N SER M 654 -33.69 -9.43 -17.08
CA SER M 654 -34.20 -10.14 -15.92
C SER M 654 -34.57 -9.14 -14.84
N SER M 655 -35.39 -9.58 -13.90
CA SER M 655 -35.81 -8.73 -12.80
C SER M 655 -36.47 -9.60 -11.75
N ALA M 656 -36.64 -9.04 -10.56
CA ALA M 656 -37.24 -9.74 -9.44
C ALA M 656 -38.73 -9.48 -9.40
N HIS M 657 -39.50 -10.51 -9.06
CA HIS M 657 -40.96 -10.39 -9.01
C HIS M 657 -41.47 -11.36 -7.96
N GLY M 658 -42.46 -10.90 -7.19
CA GLY M 658 -43.00 -11.69 -6.10
C GLY M 658 -44.49 -11.93 -6.19
N ALA M 659 -45.16 -11.20 -7.06
CA ALA M 659 -46.60 -11.32 -7.23
C ALA M 659 -46.93 -11.40 -8.71
N VAL M 660 -48.05 -12.04 -9.02
CA VAL M 660 -48.42 -12.24 -10.41
C VAL M 660 -48.60 -10.91 -11.13
N THR M 661 -49.07 -9.88 -10.43
CA THR M 661 -49.35 -8.60 -11.08
C THR M 661 -48.07 -8.01 -11.68
N SER M 662 -47.03 -7.89 -10.88
CA SER M 662 -45.78 -7.31 -11.37
C SER M 662 -45.22 -8.14 -12.51
N PHE M 663 -45.28 -9.47 -12.39
CA PHE M 663 -44.79 -10.31 -13.47
C PHE M 663 -45.56 -10.07 -14.76
N SER M 664 -46.88 -9.94 -14.66
CA SER M 664 -47.68 -9.66 -15.84
C SER M 664 -47.23 -8.34 -16.48
N GLU M 665 -47.01 -7.33 -15.67
CA GLU M 665 -46.55 -6.05 -16.21
C GLU M 665 -45.23 -6.22 -16.95
N ALA M 666 -44.28 -6.92 -16.33
CA ALA M 666 -42.98 -7.09 -16.96
C ALA M 666 -43.10 -7.87 -18.27
N HIS M 667 -43.87 -8.96 -18.25
CA HIS M 667 -44.03 -9.76 -19.46
C HIS M 667 -44.65 -8.95 -20.57
N ALA M 668 -45.70 -8.17 -20.26
CA ALA M 668 -46.30 -7.32 -21.27
C ALA M 668 -45.31 -6.31 -21.81
N THR M 669 -44.48 -5.74 -20.93
CA THR M 669 -43.50 -4.75 -21.38
C THR M 669 -42.50 -5.39 -22.34
N PHE M 670 -41.93 -6.52 -21.95
CA PHE M 670 -40.91 -7.15 -22.78
C PHE M 670 -41.49 -7.57 -24.13
N VAL M 671 -42.68 -8.16 -24.11
CA VAL M 671 -43.29 -8.57 -25.37
C VAL M 671 -43.57 -7.34 -26.23
N ALA M 672 -43.99 -6.24 -25.62
CA ALA M 672 -44.23 -5.02 -26.39
C ALA M 672 -42.98 -4.56 -27.11
N GLN M 673 -41.85 -4.53 -26.39
CA GLN M 673 -40.59 -4.15 -27.02
C GLN M 673 -40.21 -5.11 -28.15
N ARG M 674 -40.36 -6.41 -27.90
CA ARG M 674 -40.08 -7.38 -28.95
C ARG M 674 -41.02 -7.20 -30.13
N LEU M 675 -42.30 -6.91 -29.86
CA LEU M 675 -43.26 -6.70 -30.93
C LEU M 675 -42.84 -5.54 -31.81
N ALA M 676 -42.40 -4.45 -31.19
CA ALA M 676 -41.95 -3.30 -31.97
C ALA M 676 -40.76 -3.67 -32.85
N LYS M 677 -39.79 -4.36 -32.26
CA LYS M 677 -38.57 -4.63 -33.01
C LYS M 677 -38.78 -5.69 -34.08
N LEU M 678 -39.73 -6.61 -33.87
CA LEU M 678 -40.05 -7.59 -34.90
C LEU M 678 -40.94 -7.02 -35.99
N GLU M 679 -41.73 -6.00 -35.66
CA GLU M 679 -42.46 -5.28 -36.70
C GLU M 679 -41.49 -4.50 -37.58
N GLN M 680 -40.42 -3.97 -36.97
CA GLN M 680 -39.47 -3.19 -37.76
C GLN M 680 -38.76 -4.05 -38.79
N LEU M 681 -38.46 -5.29 -38.46
CA LEU M 681 -37.60 -6.09 -39.32
C LEU M 681 -38.23 -6.27 -40.70
N PRO M 682 -37.41 -6.39 -41.74
CA PRO M 682 -37.93 -6.44 -43.11
C PRO M 682 -38.90 -7.59 -43.32
N PRO M 683 -40.07 -7.34 -43.90
CA PRO M 683 -40.96 -8.45 -44.22
C PRO M 683 -40.22 -9.46 -45.09
N ARG M 684 -40.41 -10.75 -44.80
CA ARG M 684 -39.67 -11.80 -45.49
C ARG M 684 -40.56 -12.79 -46.25
N ARG M 685 -41.80 -12.99 -45.82
CA ARG M 685 -42.68 -13.98 -46.41
C ARG M 685 -44.04 -13.36 -46.68
N GLN M 686 -44.76 -13.95 -47.64
CA GLN M 686 -46.11 -13.52 -47.98
C GLN M 686 -47.02 -14.73 -48.10
N ALA M 687 -48.23 -14.61 -47.56
CA ALA M 687 -49.21 -15.69 -47.55
C ALA M 687 -50.33 -15.39 -48.53
N GLN M 688 -50.99 -16.45 -48.99
CA GLN M 688 -52.11 -16.31 -49.90
C GLN M 688 -53.02 -17.52 -49.77
N LEU M 689 -54.30 -17.32 -50.07
CA LEU M 689 -55.26 -18.40 -50.21
C LEU M 689 -55.31 -18.86 -51.67
N CYS M 690 -55.97 -19.99 -51.89
CA CYS M 690 -56.08 -20.57 -53.22
C CYS M 690 -57.50 -21.04 -53.46
N THR M 691 -57.85 -21.17 -54.74
CA THR M 691 -59.19 -21.58 -55.14
C THR M 691 -59.20 -23.09 -55.38
N VAL M 692 -59.90 -23.81 -54.52
CA VAL M 692 -60.10 -25.25 -54.67
C VAL M 692 -61.56 -25.57 -54.34
N HIS M 693 -62.17 -26.43 -55.15
CA HIS M 693 -63.58 -26.76 -55.02
C HIS M 693 -63.74 -28.24 -54.72
N ALA M 694 -64.65 -28.54 -53.79
CA ALA M 694 -64.92 -29.90 -53.34
C ALA M 694 -66.40 -30.19 -53.57
N ALA M 695 -66.73 -30.85 -54.68
CA ALA M 695 -68.10 -31.16 -55.01
C ALA M 695 -68.57 -32.45 -54.32
N GLY M 696 -67.86 -33.55 -54.58
CA GLY M 696 -68.27 -34.83 -54.02
C GLY M 696 -67.84 -34.97 -52.58
N GLU M 697 -68.77 -35.39 -51.73
CA GLU M 697 -68.45 -35.61 -50.32
C GLU M 697 -67.51 -36.79 -50.12
N ALA M 698 -67.38 -37.66 -51.12
CA ALA M 698 -66.47 -38.79 -51.01
C ALA M 698 -65.03 -38.30 -50.93
N ARG M 699 -64.26 -38.87 -50.00
CA ARG M 699 -62.90 -38.40 -49.78
C ARG M 699 -62.01 -38.62 -51.00
N PRO M 700 -61.93 -39.82 -51.59
CA PRO M 700 -60.95 -40.03 -52.66
C PRO M 700 -61.10 -39.08 -53.84
N ALA M 701 -62.34 -38.78 -54.24
CA ALA M 701 -62.54 -37.87 -55.37
C ALA M 701 -61.99 -36.49 -55.07
N LEU M 702 -62.26 -35.97 -53.87
CA LEU M 702 -61.68 -34.70 -53.47
C LEU M 702 -60.16 -34.79 -53.43
N CYS M 703 -59.63 -35.90 -52.94
CA CYS M 703 -58.18 -36.05 -52.83
C CYS M 703 -57.52 -35.97 -54.19
N ARG M 704 -58.05 -36.71 -55.16
CA ARG M 704 -57.49 -36.71 -56.51
C ARG M 704 -57.69 -35.35 -57.17
N MET M 714 -47.88 -26.46 -57.87
CA MET M 714 -46.46 -26.76 -57.74
C MET M 714 -45.72 -26.33 -59.00
N ALA M 715 -46.35 -26.53 -60.15
CA ALA M 715 -45.77 -26.04 -61.40
C ALA M 715 -45.68 -24.52 -61.42
N ASP M 716 -46.78 -23.85 -61.04
CA ASP M 716 -46.75 -22.39 -60.97
C ASP M 716 -45.70 -21.92 -59.98
N LEU M 717 -45.67 -22.53 -58.79
CA LEU M 717 -44.72 -22.12 -57.76
C LEU M 717 -43.29 -22.29 -58.25
N HIS M 718 -42.98 -23.44 -58.85
CA HIS M 718 -41.60 -23.70 -59.27
C HIS M 718 -41.23 -22.79 -60.44
N ARG M 719 -42.04 -22.78 -61.50
CA ARG M 719 -41.73 -21.97 -62.66
C ARG M 719 -41.65 -20.49 -62.33
N CYS M 720 -42.28 -20.06 -61.23
CA CYS M 720 -42.12 -18.69 -60.76
C CYS M 720 -40.97 -18.60 -59.76
N HIS M 721 -41.04 -19.38 -58.67
CA HIS M 721 -39.98 -19.44 -57.67
C HIS M 721 -39.16 -20.70 -57.90
N HIS M 722 -37.88 -20.54 -58.21
CA HIS M 722 -36.99 -21.67 -58.34
C HIS M 722 -35.53 -21.24 -58.36
N ALA M 738 -53.14 -32.24 -40.81
CA ALA M 738 -53.12 -32.56 -39.38
C ALA M 738 -53.36 -34.06 -39.16
N ASN M 739 -54.40 -34.59 -39.81
CA ASN M 739 -54.77 -35.99 -39.67
C ASN M 739 -54.18 -36.78 -40.83
N ILE M 740 -53.54 -37.92 -40.51
CA ILE M 740 -52.81 -38.67 -41.51
C ILE M 740 -53.69 -39.48 -42.44
N GLU M 741 -54.97 -39.69 -42.11
CA GLU M 741 -55.86 -40.39 -43.05
C GLU M 741 -56.01 -39.64 -44.37
N PRO M 742 -56.42 -38.37 -44.36
CA PRO M 742 -56.38 -37.59 -45.61
C PRO M 742 -54.97 -37.50 -46.18
N LEU M 743 -53.95 -37.46 -45.33
CA LEU M 743 -52.58 -37.40 -45.84
C LEU M 743 -52.26 -38.64 -46.67
N ILE M 744 -52.70 -39.81 -46.21
CA ILE M 744 -52.45 -41.05 -46.94
C ILE M 744 -53.25 -41.06 -48.24
N GLU M 745 -54.49 -40.60 -48.20
CA GLU M 745 -55.28 -40.54 -49.43
C GLU M 745 -54.61 -39.62 -50.46
N LEU M 746 -54.12 -38.47 -50.00
CA LEU M 746 -53.42 -37.56 -50.91
C LEU M 746 -52.09 -38.13 -51.37
N ALA M 747 -51.41 -38.90 -50.53
CA ALA M 747 -50.19 -39.56 -50.96
C ALA M 747 -50.46 -40.53 -52.09
N GLN M 748 -51.55 -41.30 -51.96
CA GLN M 748 -51.93 -42.23 -53.02
C GLN M 748 -52.28 -41.47 -54.30
N ALA M 749 -52.99 -40.35 -54.16
CA ALA M 749 -53.33 -39.57 -55.34
C ALA M 749 -52.07 -39.01 -56.02
N ILE M 750 -51.12 -38.50 -55.22
CA ILE M 750 -49.91 -37.92 -55.77
C ILE M 750 -49.07 -38.99 -56.47
N LEU M 751 -49.06 -40.22 -55.94
CA LEU M 751 -48.18 -41.24 -56.48
C LEU M 751 -48.83 -41.99 -57.65
N ALA M 752 -50.05 -42.48 -57.46
CA ALA M 752 -50.64 -43.42 -58.40
C ALA M 752 -50.74 -42.82 -59.80
N GLN M 753 -51.34 -41.64 -59.91
CA GLN M 753 -51.53 -41.00 -61.20
C GLN M 753 -50.38 -40.07 -61.58
N GLY M 754 -49.35 -39.98 -60.77
CA GLY M 754 -48.20 -39.18 -61.15
C GLY M 754 -48.56 -37.72 -61.34
N ALA M 755 -47.88 -37.09 -62.29
CA ALA M 755 -48.10 -35.69 -62.61
C ALA M 755 -47.71 -35.45 -64.06
N PRO M 756 -48.28 -34.43 -64.71
CA PRO M 756 -48.06 -34.25 -66.15
C PRO M 756 -46.65 -33.80 -66.50
N GLU M 757 -46.43 -33.56 -67.79
CA GLU M 757 -45.11 -33.22 -68.30
C GLU M 757 -44.49 -32.08 -67.49
N GLY M 758 -43.19 -32.19 -67.26
CA GLY M 758 -42.44 -31.12 -66.61
C GLY M 758 -42.38 -31.29 -65.11
N LEU M 759 -41.27 -30.81 -64.53
CA LEU M 759 -41.07 -30.80 -63.09
C LEU M 759 -41.11 -32.22 -62.52
N HIS M 760 -40.11 -33.01 -62.91
CA HIS M 760 -39.94 -34.34 -62.34
C HIS M 760 -39.93 -34.25 -60.82
N VAL M 761 -40.73 -35.10 -60.18
CA VAL M 761 -41.05 -34.97 -58.77
C VAL M 761 -40.32 -36.05 -57.98
N HIS M 762 -39.66 -35.64 -56.90
CA HIS M 762 -39.08 -36.55 -55.93
C HIS M 762 -39.79 -36.33 -54.60
N LEU M 763 -40.35 -37.40 -54.03
CA LEU M 763 -41.25 -37.30 -52.89
C LEU M 763 -40.73 -38.13 -51.72
N CYS M 764 -40.82 -37.54 -50.52
CA CYS M 764 -40.51 -38.26 -49.28
C CYS M 764 -41.70 -38.11 -48.33
N VAL M 765 -42.13 -39.23 -47.77
CA VAL M 765 -43.25 -39.26 -46.83
C VAL M 765 -42.69 -39.47 -45.43
N TYR M 766 -43.20 -38.71 -44.47
CA TYR M 766 -42.64 -38.66 -43.12
C TYR M 766 -43.75 -38.31 -42.15
N HIS M 767 -44.09 -39.24 -41.27
CA HIS M 767 -45.22 -39.07 -40.37
C HIS M 767 -44.94 -39.85 -39.08
N SER M 768 -45.97 -39.97 -38.24
CA SER M 768 -45.81 -40.59 -36.94
C SER M 768 -46.10 -42.08 -36.93
N ARG M 769 -46.79 -42.61 -37.94
CA ARG M 769 -47.10 -44.03 -37.96
C ARG M 769 -45.87 -44.89 -38.23
N HIS M 770 -44.82 -44.31 -38.78
CA HIS M 770 -43.63 -45.08 -39.10
C HIS M 770 -43.01 -45.64 -37.83
N PRO M 771 -42.41 -46.83 -37.90
CA PRO M 771 -41.70 -47.35 -36.73
C PRO M 771 -40.58 -46.42 -36.29
N LEU M 772 -40.30 -46.41 -34.99
CA LEU M 772 -39.47 -45.36 -34.42
C LEU M 772 -38.07 -45.38 -35.01
N LEU M 773 -37.54 -46.57 -35.30
CA LEU M 773 -36.28 -46.65 -36.02
C LEU M 773 -36.43 -46.06 -37.43
N VAL M 774 -37.58 -46.29 -38.06
CA VAL M 774 -37.82 -45.69 -39.37
C VAL M 774 -37.78 -44.17 -39.28
N ARG M 775 -38.38 -43.62 -38.22
CA ARG M 775 -38.24 -42.19 -37.97
C ARG M 775 -36.78 -41.78 -37.82
N SER M 776 -36.01 -42.57 -37.08
CA SER M 776 -34.60 -42.24 -36.89
C SER M 776 -33.87 -42.20 -38.23
N ALA M 777 -34.11 -43.19 -39.08
CA ALA M 777 -33.45 -43.25 -40.38
C ALA M 777 -33.87 -42.09 -41.27
N ILE M 778 -35.18 -41.84 -41.37
CA ILE M 778 -35.66 -40.76 -42.22
C ILE M 778 -35.13 -39.42 -41.73
N GLU M 779 -35.17 -39.19 -40.41
CA GLU M 779 -34.67 -37.94 -39.86
C GLU M 779 -33.19 -37.77 -40.16
N ARG M 780 -32.40 -38.83 -40.00
CA ARG M 780 -30.97 -38.73 -40.26
C ARG M 780 -30.72 -38.39 -41.72
N GLN M 781 -31.40 -39.08 -42.63
CA GLN M 781 -31.18 -38.84 -44.05
C GLN M 781 -31.61 -37.43 -44.43
N LEU M 782 -32.79 -37.01 -44.01
CA LEU M 782 -33.28 -35.68 -44.37
C LEU M 782 -32.38 -34.59 -43.80
N ASP M 783 -31.93 -34.76 -42.55
CA ASP M 783 -31.01 -33.78 -41.97
C ASP M 783 -29.72 -33.72 -42.78
N GLU M 784 -29.18 -34.88 -43.15
CA GLU M 784 -27.91 -34.90 -43.86
C GLU M 784 -28.02 -34.24 -45.23
N LEU M 785 -29.13 -34.50 -45.94
CA LEU M 785 -29.21 -34.11 -47.34
C LEU M 785 -29.68 -32.68 -47.53
N LEU M 786 -30.69 -32.25 -46.77
CA LEU M 786 -31.40 -31.00 -47.07
C LEU M 786 -30.90 -29.85 -46.20
N ALA M 794 -24.32 -25.23 -56.72
CA ALA M 794 -23.32 -26.25 -57.03
C ALA M 794 -23.45 -27.42 -56.08
N ALA M 795 -23.52 -27.12 -54.78
CA ALA M 795 -23.69 -28.18 -53.79
C ALA M 795 -25.02 -28.88 -53.96
N LEU M 796 -26.08 -28.13 -54.26
CA LEU M 796 -27.40 -28.73 -54.43
C LEU M 796 -27.39 -29.75 -55.57
N PHE M 797 -26.76 -29.40 -56.69
CA PHE M 797 -26.64 -30.31 -57.83
C PHE M 797 -25.49 -31.30 -57.66
N ALA M 798 -24.70 -31.21 -56.59
CA ALA M 798 -23.55 -32.06 -56.38
C ALA M 798 -23.76 -33.12 -55.31
N ARG M 799 -24.65 -32.90 -54.35
CA ARG M 799 -24.84 -33.86 -53.28
C ARG M 799 -25.29 -35.20 -53.85
N PRO M 800 -24.67 -36.32 -53.47
CA PRO M 800 -24.88 -37.59 -54.17
C PRO M 800 -26.35 -37.93 -54.39
N THR M 801 -27.11 -38.04 -53.30
CA THR M 801 -28.50 -38.46 -53.42
C THR M 801 -29.29 -37.46 -54.26
N LEU M 802 -29.14 -36.17 -53.97
CA LEU M 802 -29.81 -35.15 -54.77
C LEU M 802 -29.27 -35.15 -56.20
N ALA M 803 -27.99 -35.46 -56.37
CA ALA M 803 -27.38 -35.50 -57.69
C ALA M 803 -28.07 -36.52 -58.58
N LYS M 804 -28.11 -37.77 -58.12
CA LYS M 804 -28.79 -38.82 -58.88
C LYS M 804 -30.30 -38.56 -58.92
N ALA M 805 -30.83 -37.89 -57.90
CA ALA M 805 -32.25 -37.59 -57.83
C ALA M 805 -32.64 -36.59 -58.92
N SER M 821 -47.16 -35.00 -41.39
CA SER M 821 -48.10 -34.59 -40.35
C SER M 821 -47.47 -33.54 -39.45
N PRO M 822 -48.22 -33.07 -38.45
CA PRO M 822 -47.69 -32.03 -37.56
C PRO M 822 -46.39 -32.41 -36.86
N VAL M 823 -45.98 -33.68 -36.90
CA VAL M 823 -44.71 -34.07 -36.28
C VAL M 823 -43.56 -33.24 -36.85
N ALA M 824 -43.68 -32.82 -38.10
CA ALA M 824 -42.63 -32.01 -38.72
C ALA M 824 -42.53 -30.62 -38.12
N GLU M 825 -43.50 -30.20 -37.31
CA GLU M 825 -43.56 -28.83 -36.83
C GLU M 825 -42.56 -28.53 -35.72
N VAL M 826 -41.90 -29.54 -35.18
CA VAL M 826 -40.88 -29.33 -34.15
C VAL M 826 -39.71 -30.27 -34.38
N ASP M 831 -35.07 -25.90 -44.10
CA ASP M 831 -35.72 -24.80 -44.81
C ASP M 831 -36.61 -25.35 -45.93
N TYR M 832 -37.55 -24.52 -46.38
CA TYR M 832 -38.37 -24.84 -47.53
C TYR M 832 -38.56 -23.59 -48.37
N ASP M 833 -38.73 -23.78 -49.68
CA ASP M 833 -38.98 -22.68 -50.59
C ASP M 833 -40.46 -22.30 -50.65
N TRP M 834 -41.35 -23.25 -50.40
CA TRP M 834 -42.78 -22.99 -50.34
C TRP M 834 -43.42 -24.07 -49.47
N ALA M 835 -44.70 -23.89 -49.19
CA ALA M 835 -45.43 -24.87 -48.41
C ALA M 835 -46.91 -24.82 -48.74
N ILE M 836 -47.54 -25.99 -48.72
CA ILE M 836 -48.99 -26.14 -48.78
C ILE M 836 -49.45 -26.64 -47.41
N VAL M 837 -50.43 -25.94 -46.83
CA VAL M 837 -50.86 -26.21 -45.46
C VAL M 837 -52.37 -26.31 -45.42
N GLU M 838 -52.87 -27.37 -44.77
CA GLU M 838 -54.27 -27.42 -44.37
C GLU M 838 -54.40 -26.77 -42.99
N PRO M 839 -55.10 -25.65 -42.87
CA PRO M 839 -55.06 -24.88 -41.61
C PRO M 839 -56.01 -25.43 -40.55
N SER M 840 -55.48 -25.65 -39.35
CA SER M 840 -56.29 -26.05 -38.21
C SER M 840 -55.88 -25.40 -36.89
N SER M 841 -54.87 -24.54 -36.88
CA SER M 841 -54.49 -23.85 -35.65
C SER M 841 -53.54 -22.71 -35.97
N MET M 842 -53.71 -21.60 -35.26
CA MET M 842 -52.85 -20.44 -35.52
C MET M 842 -51.40 -20.76 -35.20
N ARG M 843 -51.15 -21.49 -34.12
CA ARG M 843 -49.77 -21.78 -33.74
C ARG M 843 -49.04 -22.48 -34.88
N SER M 844 -49.64 -23.55 -35.39
CA SER M 844 -49.01 -24.31 -36.48
C SER M 844 -48.83 -23.43 -37.71
N ILE M 845 -49.84 -22.67 -38.07
CA ILE M 845 -49.74 -21.77 -39.21
C ILE M 845 -48.54 -20.84 -39.05
N ILE M 846 -48.39 -20.27 -37.85
CA ILE M 846 -47.26 -19.37 -37.59
C ILE M 846 -45.94 -20.12 -37.71
N GLN M 847 -45.86 -21.30 -37.13
CA GLN M 847 -44.56 -21.95 -37.02
C GLN M 847 -44.12 -22.50 -38.36
N LEU M 848 -45.05 -23.06 -39.14
CA LEU M 848 -44.76 -23.43 -40.52
C LEU M 848 -44.25 -22.22 -41.30
N ALA M 849 -44.98 -21.10 -41.21
CA ALA M 849 -44.61 -19.91 -41.97
C ALA M 849 -43.16 -19.52 -41.72
N GLY M 850 -42.73 -19.62 -40.46
CA GLY M 850 -41.34 -19.30 -40.16
C GLY M 850 -40.37 -20.25 -40.82
N ARG M 851 -40.79 -21.49 -41.08
CA ARG M 851 -39.92 -22.46 -41.72
C ARG M 851 -39.53 -22.06 -43.13
N ILE M 852 -40.35 -21.22 -43.79
CA ILE M 852 -40.06 -20.83 -45.15
C ILE M 852 -38.91 -19.82 -45.16
N ARG M 853 -37.91 -20.09 -46.00
CA ARG M 853 -36.71 -19.27 -46.04
C ARG M 853 -36.05 -19.20 -44.66
N ARG M 854 -36.03 -20.34 -43.97
CA ARG M 854 -35.37 -20.41 -42.67
C ARG M 854 -33.93 -19.94 -42.75
N HIS M 855 -33.18 -20.46 -43.71
CA HIS M 855 -31.77 -20.12 -43.85
C HIS M 855 -31.55 -19.09 -44.94
N ASN M 864 -45.64 -17.40 -50.95
CA ASN M 864 -45.06 -18.73 -51.07
C ASN M 864 -45.69 -19.71 -50.09
N LEU M 865 -46.48 -19.19 -49.16
CA LEU M 865 -47.32 -20.02 -48.30
C LEU M 865 -48.72 -20.09 -48.92
N TYR M 866 -48.96 -21.13 -49.70
CA TYR M 866 -50.25 -21.33 -50.34
C TYR M 866 -51.16 -22.06 -49.35
N LEU M 867 -51.94 -21.27 -48.61
CA LEU M 867 -52.87 -21.86 -47.65
C LEU M 867 -54.03 -22.50 -48.39
N LEU M 868 -54.50 -23.63 -47.85
CA LEU M 868 -55.79 -24.18 -48.26
C LEU M 868 -56.89 -23.38 -47.58
N SER M 869 -57.76 -22.76 -48.38
CA SER M 869 -58.75 -21.83 -47.84
C SER M 869 -59.59 -22.48 -46.75
N ARG M 870 -59.81 -23.79 -46.87
CA ARG M 870 -60.65 -24.56 -45.97
C ARG M 870 -59.81 -25.67 -45.35
N ASN M 871 -60.37 -26.34 -44.35
CA ASN M 871 -59.71 -27.45 -43.69
C ASN M 871 -60.56 -28.71 -43.80
N ILE M 872 -59.88 -29.85 -43.91
CA ILE M 872 -60.55 -31.08 -44.32
C ILE M 872 -61.65 -31.44 -43.34
N ARG M 873 -61.40 -31.25 -42.04
CA ARG M 873 -62.41 -31.61 -41.04
C ARG M 873 -63.69 -30.83 -41.25
N SER M 874 -63.58 -29.55 -41.61
CA SER M 874 -64.78 -28.78 -41.95
C SER M 874 -65.43 -29.33 -43.21
N LEU M 875 -64.62 -29.72 -44.19
CA LEU M 875 -65.17 -30.29 -45.43
C LEU M 875 -65.99 -31.54 -45.15
N GLU M 876 -65.51 -32.39 -44.24
CA GLU M 876 -66.18 -33.63 -43.92
C GLU M 876 -67.35 -33.45 -42.96
N GLY M 877 -67.74 -32.21 -42.68
CA GLY M 877 -69.02 -31.95 -42.03
C GLY M 877 -69.02 -32.03 -40.52
N GLN M 878 -67.86 -32.10 -39.88
CA GLN M 878 -67.84 -32.18 -38.43
C GLN M 878 -68.18 -30.82 -37.82
N ASN M 879 -69.01 -30.84 -36.78
CA ASN M 879 -69.49 -29.59 -36.19
C ASN M 879 -68.35 -28.74 -35.65
N PRO M 880 -67.46 -29.25 -34.79
CA PRO M 880 -66.22 -28.53 -34.50
C PRO M 880 -65.19 -28.80 -35.59
N ALA M 881 -64.65 -27.73 -36.16
CA ALA M 881 -63.75 -27.86 -37.30
C ALA M 881 -62.34 -28.30 -36.90
N PHE M 882 -62.01 -28.27 -35.61
CA PHE M 882 -60.63 -28.49 -35.17
C PHE M 882 -60.57 -29.32 -33.90
N GLN M 883 -61.49 -30.27 -33.74
CA GLN M 883 -61.62 -30.96 -32.45
C GLN M 883 -60.32 -31.66 -32.06
N ARG M 884 -59.74 -32.43 -32.98
CA ARG M 884 -58.55 -33.19 -32.63
C ARG M 884 -57.34 -32.27 -32.55
N PRO M 885 -57.02 -31.55 -33.62
CA PRO M 885 -55.81 -30.71 -33.62
C PRO M 885 -55.98 -29.31 -33.05
N GLY M 886 -57.20 -28.83 -32.86
CA GLY M 886 -57.41 -27.43 -32.52
C GLY M 886 -58.30 -27.18 -31.33
N PHE M 887 -58.72 -25.93 -31.17
CA PHE M 887 -59.27 -25.44 -29.91
C PHE M 887 -60.77 -25.24 -29.91
N GLU M 888 -61.45 -25.49 -31.04
CA GLU M 888 -62.90 -25.39 -31.05
C GLU M 888 -63.50 -26.49 -30.19
N THR M 889 -64.53 -26.14 -29.42
CA THR M 889 -65.08 -27.02 -28.41
C THR M 889 -66.59 -26.97 -28.44
N PRO M 890 -67.25 -27.97 -27.86
CA PRO M 890 -68.62 -27.76 -27.37
C PRO M 890 -68.61 -26.77 -26.22
N ASP M 891 -69.73 -26.06 -26.08
CA ASP M 891 -69.97 -25.06 -25.04
C ASP M 891 -69.21 -23.77 -25.33
N PHE M 892 -68.32 -23.75 -26.31
CA PHE M 892 -67.71 -22.52 -26.82
C PHE M 892 -67.65 -22.63 -28.33
N PRO M 893 -68.81 -22.62 -28.99
CA PRO M 893 -68.86 -22.89 -30.43
C PRO M 893 -68.59 -21.62 -31.23
N LEU M 894 -68.56 -21.79 -32.55
CA LEU M 894 -68.34 -20.70 -33.49
C LEU M 894 -69.50 -20.64 -34.47
N ASP M 895 -69.85 -19.42 -34.87
CA ASP M 895 -71.00 -19.19 -35.75
C ASP M 895 -70.67 -19.38 -37.23
N SER M 896 -69.43 -19.72 -37.57
CA SER M 896 -69.07 -19.98 -38.95
C SER M 896 -67.92 -20.97 -39.00
N HIS M 897 -67.81 -21.67 -40.13
CA HIS M 897 -66.73 -22.62 -40.36
C HIS M 897 -65.49 -21.99 -40.99
N ASP M 898 -65.57 -20.76 -41.47
CA ASP M 898 -64.70 -20.28 -42.54
C ASP M 898 -63.84 -19.12 -42.06
N LEU M 899 -62.69 -18.96 -42.70
CA LEU M 899 -61.77 -17.87 -42.41
C LEU M 899 -62.36 -16.54 -42.87
N ALA M 906 -55.84 -8.70 -41.90
CA ALA M 906 -54.60 -7.92 -41.82
C ALA M 906 -53.40 -8.84 -41.71
N LEU M 907 -53.60 -10.00 -41.07
CA LEU M 907 -52.47 -10.90 -40.82
C LEU M 907 -51.84 -11.37 -42.12
N LEU M 908 -52.63 -11.47 -43.19
CA LEU M 908 -52.07 -11.84 -44.48
C LEU M 908 -50.91 -10.93 -44.87
N ALA M 909 -51.02 -9.65 -44.54
CA ALA M 909 -49.95 -8.72 -44.87
C ALA M 909 -48.64 -9.10 -44.18
N ARG M 910 -48.71 -9.47 -42.91
CA ARG M 910 -47.53 -9.85 -42.14
C ARG M 910 -47.86 -11.03 -41.25
N ILE M 911 -47.06 -12.08 -41.35
CA ILE M 911 -47.25 -13.28 -40.54
C ILE M 911 -46.38 -13.16 -39.30
N ASP M 912 -47.00 -13.20 -38.13
CA ASP M 912 -46.28 -13.07 -36.87
C ASP M 912 -47.12 -13.67 -35.75
N ALA M 913 -46.45 -13.97 -34.64
CA ALA M 913 -47.10 -14.47 -33.44
C ALA M 913 -47.90 -13.41 -32.72
N SER M 914 -48.04 -12.21 -33.29
CA SER M 914 -48.75 -11.10 -32.65
C SER M 914 -50.04 -11.57 -31.99
N PRO M 915 -50.99 -12.13 -32.74
CA PRO M 915 -52.25 -12.55 -32.10
C PRO M 915 -52.04 -13.54 -30.98
N ARG M 916 -51.14 -14.51 -31.15
CA ARG M 916 -50.88 -15.46 -30.08
C ARG M 916 -50.25 -14.78 -28.87
N ILE M 917 -49.29 -13.90 -29.11
CA ILE M 917 -48.40 -13.43 -28.04
C ILE M 917 -49.00 -12.30 -27.22
N VAL M 918 -50.07 -11.66 -27.69
CA VAL M 918 -50.77 -10.66 -26.91
C VAL M 918 -52.25 -10.72 -27.26
N GLU M 919 -53.08 -10.77 -26.23
CA GLU M 919 -54.52 -10.86 -26.42
C GLU M 919 -55.13 -9.47 -26.60
N PRO M 920 -56.34 -9.39 -27.18
CA PRO M 920 -57.01 -8.11 -27.38
C PRO M 920 -57.93 -7.72 -26.22
N ARG M 926 -66.33 -15.38 -30.39
CA ARG M 926 -67.19 -16.20 -31.24
C ARG M 926 -66.75 -16.14 -32.70
N SER M 927 -65.83 -15.21 -33.02
CA SER M 927 -65.36 -15.05 -34.40
C SER M 927 -63.89 -15.39 -34.53
N ARG M 928 -63.00 -14.69 -33.82
CA ARG M 928 -61.58 -14.87 -34.01
C ARG M 928 -61.12 -16.13 -33.29
N LEU M 929 -60.35 -16.98 -33.99
CA LEU M 929 -59.87 -18.21 -33.36
C LEU M 929 -58.85 -17.89 -32.28
N VAL M 930 -58.14 -16.77 -32.41
CA VAL M 930 -57.26 -16.30 -31.35
C VAL M 930 -58.08 -15.97 -30.12
N ASP M 931 -59.23 -15.31 -30.31
CA ASP M 931 -60.02 -14.90 -29.17
C ASP M 931 -60.47 -16.10 -28.35
N LEU M 932 -60.92 -17.15 -29.02
CA LEU M 932 -61.36 -18.34 -28.28
C LEU M 932 -60.20 -19.13 -27.72
N GLU M 933 -59.01 -19.05 -28.33
CA GLU M 933 -57.83 -19.64 -27.69
C GLU M 933 -57.56 -18.97 -26.35
N HIS M 934 -57.53 -17.64 -26.35
CA HIS M 934 -57.25 -16.92 -25.11
C HIS M 934 -58.37 -17.12 -24.10
N ARG M 935 -59.61 -17.17 -24.56
CA ARG M 935 -60.72 -17.42 -23.64
C ARG M 935 -60.56 -18.77 -22.96
N ARG M 936 -60.18 -19.80 -23.73
CA ARG M 936 -59.94 -21.11 -23.13
C ARG M 936 -58.85 -21.01 -22.09
N LEU M 937 -57.73 -20.37 -22.42
CA LEU M 937 -56.60 -20.36 -21.50
C LEU M 937 -56.98 -19.65 -20.20
N ARG M 938 -57.52 -18.43 -20.31
CA ARG M 938 -57.85 -17.68 -19.11
C ARG M 938 -58.82 -18.45 -18.23
N ALA M 939 -59.84 -19.06 -18.84
CA ALA M 939 -60.79 -19.83 -18.04
C ALA M 939 -60.10 -21.03 -17.39
N LEU M 940 -59.26 -21.75 -18.13
CA LEU M 940 -58.76 -23.03 -17.69
C LEU M 940 -57.60 -22.91 -16.71
N MET M 941 -56.98 -21.74 -16.60
CA MET M 941 -55.76 -21.62 -15.79
C MET M 941 -55.78 -20.46 -14.82
N LEU M 942 -56.66 -19.49 -15.00
CA LEU M 942 -56.64 -18.23 -14.26
C LEU M 942 -57.93 -17.95 -13.50
N ALA M 943 -59.08 -18.09 -14.16
CA ALA M 943 -60.32 -17.49 -13.69
C ALA M 943 -61.42 -18.53 -13.61
N ASP M 944 -62.51 -18.15 -12.95
CA ASP M 944 -63.70 -18.98 -12.81
C ASP M 944 -64.68 -18.75 -13.96
N ASP M 945 -64.20 -18.91 -15.19
CA ASP M 945 -65.08 -18.80 -16.35
C ASP M 945 -65.03 -20.06 -17.20
N PRO M 946 -65.10 -21.24 -16.59
CA PRO M 946 -65.23 -22.47 -17.38
C PRO M 946 -66.68 -22.86 -17.56
N PRO M 947 -66.97 -23.91 -18.32
CA PRO M 947 -68.33 -24.46 -18.35
C PRO M 947 -68.65 -25.25 -17.09
N SER M 948 -68.40 -24.66 -15.92
CA SER M 948 -68.69 -25.27 -14.63
C SER M 948 -67.94 -26.58 -14.43
N SER M 949 -66.81 -26.76 -15.12
CA SER M 949 -65.92 -27.85 -14.75
C SER M 949 -65.37 -27.63 -13.35
N LEU M 950 -65.06 -26.39 -13.01
CA LEU M 950 -64.75 -25.93 -11.66
C LEU M 950 -63.42 -26.44 -11.13
N LEU M 951 -62.72 -27.30 -11.88
CA LEU M 951 -61.43 -27.81 -11.43
C LEU M 951 -60.30 -27.02 -12.08
N GLY M 952 -60.14 -25.78 -11.59
CA GLY M 952 -59.08 -24.94 -12.07
C GLY M 952 -57.71 -25.48 -11.68
N VAL M 953 -56.71 -25.14 -12.48
CA VAL M 953 -55.36 -25.62 -12.22
C VAL M 953 -54.90 -25.27 -10.81
N PRO M 954 -55.09 -24.04 -10.32
CA PRO M 954 -54.53 -23.70 -9.00
C PRO M 954 -55.03 -24.56 -7.87
N LEU M 955 -56.16 -25.24 -8.05
CA LEU M 955 -56.64 -26.13 -6.99
C LEU M 955 -55.61 -27.18 -6.63
N TRP M 956 -54.71 -27.52 -7.55
CA TRP M 956 -53.71 -28.54 -7.27
C TRP M 956 -52.82 -28.18 -6.09
N TRP M 957 -52.60 -26.88 -5.85
CA TRP M 957 -51.78 -26.44 -4.74
C TRP M 957 -52.53 -25.63 -3.70
N GLN M 958 -53.65 -25.00 -4.06
CA GLN M 958 -54.42 -24.26 -3.07
C GLN M 958 -55.12 -25.19 -2.07
N THR M 959 -55.10 -26.49 -2.30
CA THR M 959 -55.77 -27.44 -1.43
C THR M 959 -54.87 -28.64 -1.18
N PRO M 960 -55.25 -29.57 -0.31
CA PRO M 960 -54.43 -30.76 -0.07
C PRO M 960 -54.62 -31.83 -1.13
N ALA M 961 -55.21 -31.47 -2.27
CA ALA M 961 -55.58 -32.48 -3.26
C ALA M 961 -54.40 -33.36 -3.66
N SER M 962 -53.18 -32.81 -3.63
CA SER M 962 -52.04 -33.55 -4.18
C SER M 962 -51.84 -34.88 -3.49
N LEU M 963 -52.25 -35.02 -2.23
CA LEU M 963 -52.14 -36.29 -1.54
C LEU M 963 -53.37 -37.18 -1.76
N SER M 964 -54.08 -36.96 -2.86
CA SER M 964 -55.00 -37.93 -3.43
C SER M 964 -54.69 -38.07 -4.91
N GLY M 965 -55.49 -38.85 -5.61
CA GLY M 965 -55.32 -39.02 -7.04
C GLY M 965 -56.38 -38.32 -7.86
N ALA M 966 -57.10 -37.38 -7.24
CA ALA M 966 -58.26 -36.80 -7.90
C ALA M 966 -57.87 -36.10 -9.20
N LEU M 967 -56.90 -35.19 -9.14
CA LEU M 967 -56.59 -34.36 -10.30
C LEU M 967 -56.03 -35.19 -11.44
N GLN M 968 -55.19 -36.18 -11.13
CA GLN M 968 -54.64 -37.01 -12.20
C GLN M 968 -55.74 -37.71 -12.97
N THR M 969 -56.73 -38.23 -12.27
CA THR M 969 -57.84 -38.92 -12.94
C THR M 969 -58.72 -37.93 -13.70
N SER M 970 -59.06 -36.81 -13.07
CA SER M 970 -60.02 -35.90 -13.68
C SER M 970 -59.47 -35.28 -14.96
N GLN M 971 -58.20 -34.89 -14.95
CA GLN M 971 -57.58 -34.18 -16.08
C GLN M 971 -56.30 -34.92 -16.45
N PRO M 972 -56.41 -36.08 -17.08
CA PRO M 972 -55.25 -36.93 -17.32
C PRO M 972 -54.36 -36.41 -18.43
N PHE M 973 -53.16 -36.98 -18.49
CA PHE M 973 -52.14 -36.59 -19.45
C PHE M 973 -52.19 -37.51 -20.67
N ARG M 974 -52.15 -36.90 -21.86
CA ARG M 974 -52.12 -37.65 -23.12
C ARG M 974 -53.32 -38.57 -23.29
N ALA M 975 -54.43 -38.25 -22.64
CA ALA M 975 -55.56 -39.17 -22.63
C ALA M 975 -56.30 -39.14 -23.97
N GLY M 976 -57.15 -40.13 -24.16
CA GLY M 976 -57.90 -40.27 -25.39
C GLY M 976 -58.32 -41.73 -25.56
N ALA M 977 -58.77 -42.03 -26.77
CA ALA M 977 -59.07 -43.42 -27.10
C ALA M 977 -57.81 -44.25 -26.91
N LYS M 978 -57.92 -45.28 -26.07
CA LYS M 978 -56.73 -45.95 -25.56
C LYS M 978 -55.90 -46.53 -26.71
N GLU M 979 -54.61 -46.23 -26.69
CA GLU M 979 -53.66 -46.81 -27.62
C GLU M 979 -53.05 -48.09 -27.03
N ARG M 980 -52.37 -48.84 -27.89
CA ARG M 980 -51.60 -50.00 -27.47
C ARG M 980 -50.42 -50.16 -28.40
N CYS M 981 -49.42 -50.91 -27.95
CA CYS M 981 -48.14 -50.99 -28.65
C CYS M 981 -48.10 -52.16 -29.62
N TYR M 982 -47.47 -51.94 -30.77
CA TYR M 982 -47.30 -52.97 -31.79
C TYR M 982 -45.90 -52.86 -32.36
N ALA M 983 -45.48 -53.88 -33.09
CA ALA M 983 -44.15 -53.88 -33.68
C ALA M 983 -44.09 -54.87 -34.85
N LEU M 984 -43.12 -54.65 -35.72
CA LEU M 984 -42.85 -55.51 -36.87
C LEU M 984 -41.70 -56.45 -36.51
N LEU M 985 -42.03 -57.70 -36.20
CA LEU M 985 -41.14 -58.54 -35.41
C LEU M 985 -40.54 -59.64 -36.27
N GLU M 992 -36.53 -62.70 -43.30
CA GLU M 992 -37.21 -61.89 -44.30
C GLU M 992 -38.65 -61.62 -43.89
N ARG M 993 -39.34 -62.67 -43.46
CA ARG M 993 -40.72 -62.52 -43.03
C ARG M 993 -40.79 -61.69 -41.76
N LEU M 994 -41.76 -60.78 -41.71
CA LEU M 994 -42.00 -59.94 -40.55
C LEU M 994 -43.44 -60.10 -40.11
N HIS M 995 -43.64 -60.21 -38.79
CA HIS M 995 -44.96 -60.40 -38.20
C HIS M 995 -45.39 -59.13 -37.49
N PHE M 996 -46.59 -58.66 -37.80
CA PHE M 996 -47.18 -57.48 -37.15
C PHE M 996 -47.81 -57.95 -35.85
N SER M 997 -47.01 -57.98 -34.79
CA SER M 997 -47.44 -58.47 -33.49
C SER M 997 -47.86 -57.32 -32.59
N ARG M 998 -48.72 -57.64 -31.62
CA ARG M 998 -49.14 -56.70 -30.60
C ARG M 998 -48.52 -57.08 -29.26
N TYR M 999 -48.03 -56.07 -28.54
CA TYR M 999 -47.40 -56.30 -27.25
C TYR M 999 -48.42 -56.82 -26.25
N TRP M 1004 -45.13 -61.04 -27.46
CA TRP M 1004 -45.61 -60.42 -28.69
C TRP M 1004 -46.52 -61.37 -29.46
N SER M 1005 -47.81 -61.32 -29.14
CA SER M 1005 -48.79 -62.17 -29.81
C SER M 1005 -48.80 -61.88 -31.30
N ASN M 1006 -48.76 -62.94 -32.11
CA ASN M 1006 -48.82 -62.78 -33.55
C ASN M 1006 -50.23 -62.40 -33.97
N GLN M 1007 -50.38 -61.21 -34.53
CA GLN M 1007 -51.68 -60.67 -34.91
C GLN M 1007 -51.91 -60.74 -36.41
N ASP M 1008 -51.49 -61.84 -37.05
CA ASP M 1008 -51.69 -61.98 -38.48
C ASP M 1008 -53.15 -61.81 -38.86
N ASN M 1009 -54.07 -62.17 -37.96
CA ASN M 1009 -55.49 -61.88 -38.20
C ASN M 1009 -55.70 -60.39 -38.42
N LEU M 1010 -54.95 -59.56 -37.71
CA LEU M 1010 -55.00 -58.10 -37.88
C LEU M 1010 -54.00 -57.59 -38.90
N LEU M 1011 -53.26 -58.48 -39.56
CA LEU M 1011 -52.25 -58.08 -40.53
C LEU M 1011 -52.90 -57.88 -41.90
N ARG M 1012 -52.58 -56.76 -42.54
CA ARG M 1012 -52.98 -56.50 -43.91
C ARG M 1012 -51.78 -55.97 -44.69
N ASN M 1013 -51.69 -56.38 -45.95
CA ASN M 1013 -50.53 -56.05 -46.78
C ASN M 1013 -50.95 -55.12 -47.92
N THR M 1024 -39.57 -41.68 -55.36
CA THR M 1024 -39.57 -41.47 -53.92
C THR M 1024 -38.15 -41.50 -53.37
N TRP M 1025 -37.97 -40.92 -52.18
CA TRP M 1025 -36.65 -40.87 -51.56
C TRP M 1025 -36.81 -40.79 -50.04
N GLY M 1026 -35.72 -41.10 -49.34
CA GLY M 1026 -35.70 -40.97 -47.90
C GLY M 1026 -35.83 -42.30 -47.18
N THR M 1027 -36.74 -43.15 -47.65
CA THR M 1027 -36.98 -44.43 -46.99
C THR M 1027 -35.84 -45.40 -47.27
N VAL M 1028 -35.67 -46.36 -46.35
CA VAL M 1028 -34.63 -47.38 -46.44
C VAL M 1028 -35.24 -48.73 -46.12
N ASN M 1029 -34.61 -49.78 -46.63
CA ASN M 1029 -35.10 -51.13 -46.39
C ASN M 1029 -35.10 -51.44 -44.90
N TYR M 1030 -36.17 -52.12 -44.45
CA TYR M 1030 -36.25 -52.49 -43.04
C TYR M 1030 -35.12 -53.42 -42.66
N ARG M 1031 -34.86 -54.45 -43.47
CA ARG M 1031 -33.86 -55.45 -43.13
C ARG M 1031 -32.48 -54.81 -43.03
N GLU M 1032 -32.08 -54.08 -44.08
CA GLU M 1032 -30.73 -53.52 -44.11
C GLU M 1032 -30.53 -52.53 -42.96
N GLU M 1033 -31.51 -51.65 -42.74
CA GLU M 1033 -31.37 -50.66 -41.69
C GLU M 1033 -31.32 -51.32 -40.32
N LEU M 1034 -32.17 -52.32 -40.08
CA LEU M 1034 -32.16 -53.02 -38.81
C LEU M 1034 -30.82 -53.71 -38.58
N VAL M 1035 -30.27 -54.35 -39.61
CA VAL M 1035 -28.98 -55.01 -39.47
C VAL M 1035 -27.89 -53.99 -39.17
N ALA M 1036 -27.90 -52.86 -39.88
CA ALA M 1036 -26.89 -51.84 -39.64
C ALA M 1036 -26.97 -51.29 -38.23
N MET M 1037 -28.19 -51.01 -37.76
CA MET M 1037 -28.37 -50.49 -36.41
C MET M 1037 -27.96 -51.50 -35.36
N ALA M 1038 -28.31 -52.78 -35.56
CA ALA M 1038 -27.87 -53.83 -34.64
C ALA M 1038 -26.36 -53.96 -34.62
N GLY M 1039 -25.72 -53.86 -35.79
CA GLY M 1039 -24.26 -53.92 -35.82
C GLY M 1039 -23.63 -52.76 -35.09
N ARG M 1040 -24.14 -51.54 -35.32
CA ARG M 1040 -23.59 -50.38 -34.62
C ARG M 1040 -23.78 -50.52 -33.11
N GLU M 1041 -24.96 -50.98 -32.69
CA GLU M 1041 -25.23 -51.22 -31.28
C GLU M 1041 -24.85 -52.62 -30.82
N ASP M 1042 -24.33 -53.45 -31.72
CA ASP M 1042 -23.96 -54.83 -31.41
C ASP M 1042 -25.00 -55.50 -30.53
N LEU M 1043 -26.22 -55.59 -31.06
CA LEU M 1043 -27.36 -56.18 -30.38
C LEU M 1043 -27.87 -57.38 -31.16
N ASP M 1044 -28.94 -57.98 -30.65
CA ASP M 1044 -29.70 -58.99 -31.36
C ASP M 1044 -30.75 -58.32 -32.24
N LEU M 1045 -31.04 -58.94 -33.39
CA LEU M 1045 -31.97 -58.34 -34.33
C LEU M 1045 -33.37 -58.20 -33.73
N ARG M 1046 -33.89 -59.28 -33.14
CA ARG M 1046 -35.24 -59.20 -32.58
C ARG M 1046 -35.29 -58.25 -31.39
N GLN M 1047 -34.23 -58.24 -30.57
CA GLN M 1047 -34.13 -57.27 -29.50
C GLN M 1047 -34.14 -55.85 -30.05
N CYS M 1048 -33.40 -55.62 -31.14
CA CYS M 1048 -33.42 -54.31 -31.77
C CYS M 1048 -34.82 -53.96 -32.26
N ALA M 1049 -35.53 -54.96 -32.82
CA ALA M 1049 -36.86 -54.73 -33.35
C ALA M 1049 -37.81 -54.28 -32.25
N MET M 1050 -37.70 -54.88 -31.07
CA MET M 1050 -38.55 -54.48 -29.95
C MET M 1050 -37.97 -53.32 -29.15
N ARG M 1051 -36.75 -52.87 -29.46
CA ARG M 1051 -36.19 -51.68 -28.84
C ARG M 1051 -36.47 -50.42 -29.64
N TYR M 1052 -36.54 -50.51 -30.97
CA TYR M 1052 -36.81 -49.36 -31.82
C TYR M 1052 -37.87 -49.61 -32.88
N GLY M 1053 -38.25 -50.87 -33.13
CA GLY M 1053 -39.14 -51.18 -34.22
C GLY M 1053 -40.61 -51.22 -33.84
N GLU M 1054 -40.95 -50.61 -32.71
CA GLU M 1054 -42.31 -50.62 -32.21
C GLU M 1054 -43.03 -49.33 -32.61
N VAL M 1055 -44.31 -49.25 -32.26
CA VAL M 1055 -45.19 -48.21 -32.74
C VAL M 1055 -46.50 -48.25 -31.95
N ARG M 1056 -47.07 -47.09 -31.68
CA ARG M 1056 -48.31 -46.96 -30.92
C ARG M 1056 -49.46 -46.67 -31.86
N LEU M 1057 -50.54 -47.44 -31.71
CA LEU M 1057 -51.74 -47.24 -32.50
C LEU M 1057 -52.97 -47.49 -31.63
N ARG M 1058 -54.08 -46.90 -32.03
CA ARG M 1058 -55.35 -47.16 -31.38
C ARG M 1058 -55.96 -48.45 -31.92
N GLU M 1059 -56.32 -49.36 -31.02
CA GLU M 1059 -56.78 -50.68 -31.40
C GLU M 1059 -57.89 -50.61 -32.45
N MET N 1 -9.75 13.26 18.10
CA MET N 1 -8.76 12.18 17.85
C MET N 1 -9.11 11.41 16.59
N ASN N 2 -8.16 11.37 15.65
CA ASN N 2 -8.32 10.58 14.43
C ASN N 2 -6.93 10.13 14.00
N ILE N 3 -6.64 8.85 14.16
CA ILE N 3 -5.27 8.34 14.20
C ILE N 3 -4.96 7.53 12.95
N LEU N 4 -3.70 7.63 12.53
CA LEU N 4 -3.11 6.73 11.55
C LEU N 4 -1.83 6.17 12.15
N LEU N 5 -1.71 4.85 12.17
CA LEU N 5 -0.58 4.17 12.78
C LEU N 5 0.18 3.39 11.72
N VAL N 6 1.51 3.50 11.76
CA VAL N 6 2.38 2.86 10.78
C VAL N 6 3.48 2.12 11.52
N SER N 7 3.82 0.93 11.03
CA SER N 7 4.78 0.06 11.68
C SER N 7 6.01 -0.11 10.80
N GLN N 8 7.19 -0.10 11.43
CA GLN N 8 8.44 -0.38 10.76
C GLN N 8 9.19 -1.52 11.44
N CYS N 9 8.47 -2.38 12.14
CA CYS N 9 9.08 -3.39 12.99
C CYS N 9 9.80 -4.43 12.15
N GLU N 10 10.39 -5.40 12.84
CA GLU N 10 11.23 -6.42 12.21
C GLU N 10 10.92 -7.76 12.87
N LYS N 11 11.21 -8.83 12.14
CA LYS N 11 11.23 -10.19 12.67
C LYS N 11 10.20 -10.41 13.77
N ARG N 12 10.63 -10.83 14.96
CA ARG N 12 9.71 -11.22 16.02
C ARG N 12 8.89 -10.04 16.50
N ALA N 13 9.52 -8.86 16.52
CA ALA N 13 8.83 -7.69 17.06
C ALA N 13 7.58 -7.41 16.27
N LEU N 14 7.64 -7.50 14.94
CA LEU N 14 6.48 -7.13 14.15
C LEU N 14 5.30 -8.07 14.35
N SER N 15 5.56 -9.31 14.77
CA SER N 15 4.45 -10.17 15.18
C SER N 15 3.83 -9.62 16.45
N GLU N 16 4.66 -9.14 17.36
CA GLU N 16 4.08 -8.61 18.59
C GLU N 16 3.31 -7.32 18.31
N THR N 17 3.92 -6.40 17.56
CA THR N 17 3.27 -5.14 17.24
C THR N 17 1.91 -5.38 16.60
N ARG N 18 1.83 -6.36 15.69
CA ARG N 18 0.53 -6.68 15.13
C ARG N 18 -0.43 -7.16 16.20
N ARG N 19 0.07 -7.99 17.13
CA ARG N 19 -0.83 -8.51 18.16
C ARG N 19 -1.45 -7.38 18.97
N ILE N 20 -0.67 -6.34 19.25
CA ILE N 20 -1.20 -5.22 20.03
C ILE N 20 -2.19 -4.40 19.21
N LEU N 21 -1.73 -3.85 18.09
CA LEU N 21 -2.53 -2.85 17.38
C LEU N 21 -3.83 -3.44 16.87
N ASP N 22 -3.81 -4.68 16.40
CA ASP N 22 -4.99 -5.23 15.75
C ASP N 22 -6.21 -5.20 16.65
N GLN N 23 -6.03 -5.10 17.96
CA GLN N 23 -7.16 -5.05 18.87
C GLN N 23 -7.78 -3.66 18.96
N PHE N 24 -7.11 -2.62 18.44
CA PHE N 24 -7.60 -1.26 18.57
C PHE N 24 -8.02 -0.62 17.27
N ALA N 25 -7.66 -1.18 16.13
CA ALA N 25 -7.96 -0.53 14.86
C ALA N 25 -7.98 -1.58 13.75
N GLU N 26 -8.83 -1.34 12.76
CA GLU N 26 -8.85 -2.20 11.58
C GLU N 26 -7.53 -2.06 10.84
N ARG N 27 -7.04 -3.18 10.31
CA ARG N 27 -5.82 -3.15 9.52
C ARG N 27 -6.16 -2.75 8.10
N ARG N 28 -5.54 -1.67 7.62
CA ARG N 28 -5.80 -1.15 6.29
C ARG N 28 -4.59 -1.24 5.38
N GLY N 29 -3.54 -1.94 5.82
CA GLY N 29 -2.37 -2.18 4.99
C GLY N 29 -1.55 -3.26 5.67
N GLU N 30 -0.49 -3.68 5.02
CA GLU N 30 0.30 -4.75 5.61
C GLU N 30 0.96 -4.31 6.91
N ARG N 31 1.11 -3.00 7.11
CA ARG N 31 1.72 -2.50 8.34
C ARG N 31 1.06 -1.23 8.85
N THR N 32 -0.20 -0.98 8.51
CA THR N 32 -0.83 0.28 8.85
C THR N 32 -2.24 0.08 9.37
N TRP N 33 -2.64 0.96 10.28
CA TRP N 33 -3.97 0.97 10.86
C TRP N 33 -4.50 2.39 10.88
N GLN N 34 -5.82 2.53 10.83
CA GLN N 34 -6.43 3.86 10.77
C GLN N 34 -7.85 3.78 11.29
N THR N 35 -8.13 4.47 12.40
CA THR N 35 -9.44 4.50 13.02
C THR N 35 -9.55 5.74 13.89
N PRO N 36 -10.77 6.15 14.21
CA PRO N 36 -10.98 7.07 15.33
C PRO N 36 -10.79 6.37 16.65
N ILE N 37 -10.44 7.13 17.67
CA ILE N 37 -10.26 6.56 19.00
C ILE N 37 -10.19 7.69 20.02
N THR N 38 -10.59 7.40 21.25
CA THR N 38 -10.58 8.42 22.29
C THR N 38 -9.15 8.72 22.74
N GLN N 39 -8.93 9.96 23.19
CA GLN N 39 -7.60 10.35 23.65
C GLN N 39 -7.09 9.41 24.73
N ALA N 40 -7.95 9.09 25.70
CA ALA N 40 -7.56 8.14 26.74
C ALA N 40 -7.22 6.79 26.15
N GLY N 41 -8.02 6.34 25.18
CA GLY N 41 -7.72 5.09 24.52
C GLY N 41 -6.36 5.10 23.87
N LEU N 42 -6.04 6.18 23.16
CA LEU N 42 -4.73 6.26 22.52
C LEU N 42 -3.62 6.21 23.55
N ASP N 43 -3.79 6.91 24.66
CA ASP N 43 -2.77 6.86 25.70
C ASP N 43 -2.56 5.43 26.18
N THR N 44 -3.65 4.69 26.40
CA THR N 44 -3.52 3.30 26.80
C THR N 44 -2.80 2.48 25.74
N LEU N 45 -3.13 2.72 24.47
CA LEU N 45 -2.45 2.01 23.39
C LEU N 45 -0.95 2.27 23.44
N ARG N 46 -0.56 3.53 23.61
CA ARG N 46 0.85 3.86 23.71
C ARG N 46 1.51 3.13 24.86
N ARG N 47 0.84 3.11 26.01
CA ARG N 47 1.40 2.43 27.18
C ARG N 47 1.60 0.95 26.88
N LEU N 48 0.61 0.31 26.27
CA LEU N 48 0.71 -1.12 25.99
C LEU N 48 1.86 -1.39 25.04
N LEU N 49 2.00 -0.58 24.00
CA LEU N 49 3.11 -0.80 23.07
C LEU N 49 4.44 -0.67 23.78
N LYS N 50 4.58 0.37 24.61
CA LYS N 50 5.85 0.55 25.31
C LYS N 50 6.12 -0.58 26.29
N LYS N 51 5.07 -1.21 26.82
CA LYS N 51 5.27 -2.22 27.85
C LYS N 51 6.21 -3.32 27.39
N SER N 52 6.21 -3.65 26.11
CA SER N 52 7.04 -4.72 25.57
C SER N 52 7.51 -4.28 24.19
N ALA N 53 8.68 -3.66 24.14
CA ALA N 53 9.24 -3.15 22.90
C ALA N 53 10.64 -3.70 22.71
N ARG N 54 10.85 -4.44 21.64
CA ARG N 54 12.17 -4.85 21.26
C ARG N 54 12.95 -3.64 20.74
N ARG N 55 14.28 -3.79 20.66
CA ARG N 55 15.04 -2.80 19.92
C ARG N 55 14.59 -2.74 18.48
N ASN N 56 13.96 -3.80 17.97
CA ASN N 56 13.44 -3.76 16.62
C ASN N 56 12.11 -3.02 16.51
N THR N 57 11.42 -2.80 17.61
CA THR N 57 10.11 -2.18 17.55
C THR N 57 10.23 -0.75 17.04
N ALA N 58 9.31 -0.38 16.15
CA ALA N 58 9.30 0.96 15.59
C ALA N 58 7.88 1.23 15.09
N VAL N 59 7.15 2.09 15.81
CA VAL N 59 5.78 2.44 15.47
C VAL N 59 5.63 3.96 15.54
N ALA N 60 4.98 4.53 14.54
CA ALA N 60 4.73 5.96 14.47
C ALA N 60 3.24 6.21 14.41
N CYS N 61 2.79 7.26 15.11
CA CYS N 61 1.38 7.57 15.26
C CYS N 61 1.12 8.98 14.78
N HIS N 62 0.25 9.11 13.78
CA HIS N 62 -0.06 10.40 13.17
C HIS N 62 -1.47 10.83 13.52
N TRP N 63 -1.66 12.12 13.74
CA TRP N 63 -2.96 12.70 14.06
C TRP N 63 -3.37 13.69 12.98
N ILE N 64 -4.62 13.58 12.54
CA ILE N 64 -5.19 14.54 11.60
C ILE N 64 -5.99 15.58 12.39
N ARG N 65 -5.32 16.59 12.95
CA ARG N 65 -6.06 17.64 13.66
C ARG N 65 -7.09 18.43 12.87
N GLY N 66 -7.26 18.20 11.56
CA GLY N 66 -8.43 18.77 10.91
C GLY N 66 -8.35 18.70 9.40
N ARG N 67 -9.12 19.56 8.75
CA ARG N 67 -9.06 19.70 7.30
C ARG N 67 -7.71 20.23 6.87
N ASP N 68 -7.06 19.39 6.05
CA ASP N 68 -5.81 19.70 5.37
C ASP N 68 -4.70 20.08 6.36
N HIS N 69 -4.59 19.30 7.44
CA HIS N 69 -3.40 19.35 8.26
C HIS N 69 -3.29 18.10 9.12
N SER N 70 -2.05 17.61 9.30
CA SER N 70 -1.79 16.41 10.08
C SER N 70 -0.54 16.63 10.92
N GLU N 71 -0.43 15.84 11.98
CA GLU N 71 0.60 16.04 12.99
C GLU N 71 1.13 14.68 13.45
N LEU N 72 2.33 14.71 14.02
CA LEU N 72 2.98 13.51 14.55
C LEU N 72 2.92 13.56 16.07
N LEU N 73 2.34 12.53 16.68
CA LEU N 73 2.15 12.50 18.13
C LEU N 73 3.35 11.91 18.86
N TRP N 74 3.68 10.66 18.57
CA TRP N 74 4.77 10.01 19.27
C TRP N 74 5.27 8.83 18.46
N ILE N 75 6.48 8.40 18.78
CA ILE N 75 7.10 7.21 18.20
C ILE N 75 7.46 6.27 19.34
N VAL N 76 7.14 4.99 19.15
CA VAL N 76 7.51 3.95 20.10
C VAL N 76 8.63 3.13 19.49
N GLY N 77 9.73 2.98 20.23
CA GLY N 77 10.82 2.17 19.77
C GLY N 77 11.91 2.93 19.03
N ASP N 78 12.51 2.30 18.04
CA ASP N 78 13.70 2.81 17.38
C ASP N 78 13.34 4.03 16.56
N ALA N 79 13.63 5.22 17.08
CA ALA N 79 13.31 6.45 16.37
C ALA N 79 14.13 6.62 15.10
N SER N 80 15.25 5.92 14.97
CA SER N 80 16.08 6.07 13.78
C SER N 80 15.38 5.60 12.52
N ARG N 81 14.27 4.87 12.64
CA ARG N 81 13.53 4.41 11.49
C ARG N 81 12.64 5.49 10.89
N PHE N 82 12.67 6.71 11.42
CA PHE N 82 11.87 7.80 10.89
C PHE N 82 12.66 9.10 10.97
N ASN N 83 12.27 10.05 10.14
CA ASN N 83 12.79 11.40 10.24
C ASN N 83 11.93 12.18 11.24
N ALA N 84 12.22 13.47 11.37
CA ALA N 84 11.53 14.27 12.38
C ALA N 84 10.02 14.29 12.14
N GLN N 85 9.61 14.47 10.88
CA GLN N 85 8.19 14.57 10.56
C GLN N 85 7.50 13.21 10.50
N GLY N 86 8.24 12.12 10.71
CA GLY N 86 7.64 10.81 10.68
C GLY N 86 7.61 10.14 9.33
N ALA N 87 8.41 10.62 8.38
CA ALA N 87 8.53 9.93 7.11
C ALA N 87 9.47 8.73 7.25
N VAL N 88 9.52 7.91 6.20
CA VAL N 88 10.30 6.68 6.23
C VAL N 88 11.15 6.63 4.96
N PRO N 89 12.42 6.25 5.03
CA PRO N 89 13.25 6.26 3.83
C PRO N 89 12.77 5.26 2.80
N THR N 90 12.99 5.60 1.53
CA THR N 90 12.55 4.72 0.44
C THR N 90 13.56 3.62 0.19
N ASN N 91 14.85 3.94 0.28
CA ASN N 91 15.90 2.96 0.05
C ASN N 91 17.10 3.33 0.88
N ARG N 92 17.91 2.33 1.23
CA ARG N 92 19.14 2.58 1.95
C ARG N 92 20.22 1.63 1.46
N THR N 93 21.46 2.10 1.49
CA THR N 93 22.60 1.33 1.03
C THR N 93 23.82 1.67 1.87
N CYS N 94 24.66 0.68 2.11
CA CYS N 94 25.92 0.93 2.80
C CYS N 94 26.96 1.54 1.89
N ARG N 95 26.69 1.62 0.59
CA ARG N 95 27.63 2.25 -0.34
C ARG N 95 27.76 3.73 -0.03
N ASP N 96 28.97 4.25 -0.17
CA ASP N 96 29.24 5.67 0.07
C ASP N 96 28.81 6.46 -1.15
N ILE N 97 27.59 6.97 -1.10
CA ILE N 97 27.06 7.76 -2.21
C ILE N 97 27.32 9.25 -2.01
N LEU N 98 27.46 9.70 -0.78
CA LEU N 98 27.59 11.13 -0.53
C LEU N 98 28.99 11.65 -0.85
N ARG N 99 30.02 10.85 -0.62
CA ARG N 99 31.39 11.20 -1.01
C ARG N 99 31.82 12.54 -0.40
N LYS N 100 31.53 12.73 0.88
CA LYS N 100 31.93 13.96 1.53
C LYS N 100 33.44 14.11 1.63
N GLU N 101 34.19 13.04 1.38
CA GLU N 101 35.64 13.11 1.46
C GLU N 101 36.24 14.08 0.44
N ASP N 102 35.56 14.28 -0.69
CA ASP N 102 36.22 14.90 -1.83
C ASP N 102 36.60 16.35 -1.56
N GLU N 103 35.74 17.12 -0.91
CA GLU N 103 35.99 18.54 -0.72
C GLU N 103 36.03 18.91 0.75
N ASN N 104 36.74 19.99 1.05
CA ASN N 104 37.12 20.39 2.39
C ASN N 104 36.73 21.84 2.62
N ASP N 105 36.76 22.26 3.88
CA ASP N 105 36.24 23.56 4.28
C ASP N 105 37.34 24.62 4.42
N TRP N 106 38.56 24.33 3.99
CA TRP N 106 39.66 25.29 4.12
C TRP N 106 39.43 26.41 3.10
N HIS N 107 38.55 27.33 3.46
CA HIS N 107 38.11 28.36 2.53
C HIS N 107 39.17 29.39 2.20
N SER N 108 40.40 29.24 2.71
CA SER N 108 41.48 30.14 2.35
C SER N 108 42.75 29.41 1.96
N ALA N 109 42.68 28.11 1.70
CA ALA N 109 43.88 27.37 1.36
C ALA N 109 44.53 27.94 0.11
N GLU N 110 43.73 28.32 -0.89
CA GLU N 110 44.31 28.83 -2.12
C GLU N 110 45.07 30.13 -1.90
N ASP N 111 44.54 31.02 -1.07
CA ASP N 111 45.20 32.29 -0.83
C ASP N 111 46.59 32.08 -0.21
N ILE N 112 46.65 31.25 0.83
CA ILE N 112 47.93 30.99 1.47
C ILE N 112 48.86 30.32 0.47
N ARG N 113 48.33 29.43 -0.37
CA ARG N 113 49.17 28.76 -1.34
C ARG N 113 49.82 29.77 -2.27
N LEU N 114 49.03 30.71 -2.77
CA LEU N 114 49.57 31.70 -3.70
C LEU N 114 50.60 32.60 -3.02
N LEU N 115 50.27 33.09 -1.83
CA LEU N 115 51.23 33.95 -1.12
C LEU N 115 52.52 33.21 -0.84
N THR N 116 52.41 31.97 -0.36
CA THR N 116 53.60 31.19 -0.06
C THR N 116 54.45 31.00 -1.30
N VAL N 117 53.83 30.56 -2.39
CA VAL N 117 54.61 30.28 -3.59
C VAL N 117 55.30 31.54 -4.07
N MET N 118 54.60 32.67 -4.03
CA MET N 118 55.23 33.93 -4.43
C MET N 118 56.44 34.21 -3.55
N ALA N 119 56.28 34.06 -2.24
CA ALA N 119 57.42 34.29 -1.34
C ALA N 119 58.55 33.32 -1.63
N ALA N 120 58.25 32.05 -1.85
CA ALA N 120 59.29 31.08 -2.13
C ALA N 120 60.10 31.47 -3.35
N LEU N 121 59.44 31.96 -4.39
CA LEU N 121 60.15 32.40 -5.59
C LEU N 121 61.08 33.57 -5.31
N PHE N 122 60.90 34.28 -4.21
CA PHE N 122 61.76 35.40 -3.86
C PHE N 122 62.49 35.21 -2.53
N HIS N 123 62.21 34.13 -1.80
CA HIS N 123 62.56 34.09 -0.38
C HIS N 123 64.06 34.23 -0.17
N ASP N 124 64.88 33.56 -0.98
CA ASP N 124 66.32 33.56 -0.80
C ASP N 124 67.03 34.30 -1.93
N ILE N 125 66.35 35.21 -2.62
CA ILE N 125 66.97 35.92 -3.73
C ILE N 125 68.16 36.74 -3.24
N GLY N 126 68.05 37.31 -2.03
CA GLY N 126 69.11 38.16 -1.54
C GLY N 126 70.47 37.50 -1.48
N LYS N 127 70.50 36.17 -1.51
CA LYS N 127 71.77 35.45 -1.51
C LYS N 127 72.52 35.62 -2.82
N ALA N 128 71.91 36.22 -3.84
CA ALA N 128 72.61 36.54 -5.06
C ALA N 128 73.60 37.67 -4.90
N SER N 129 73.62 38.32 -3.74
CA SER N 129 74.52 39.45 -3.53
C SER N 129 75.98 39.02 -3.65
N GLN N 130 76.81 39.93 -4.14
CA GLN N 130 78.24 39.65 -4.24
C GLN N 130 78.82 39.32 -2.88
N ALA N 131 78.44 40.08 -1.84
CA ALA N 131 78.92 39.81 -0.50
C ALA N 131 78.61 38.38 -0.08
N PHE N 132 77.36 37.96 -0.26
CA PHE N 132 76.98 36.61 0.12
C PHE N 132 77.72 35.56 -0.69
N GLN N 133 77.83 35.76 -2.00
CA GLN N 133 78.53 34.77 -2.82
C GLN N 133 79.99 34.63 -2.38
N ALA N 134 80.64 35.77 -2.12
CA ALA N 134 82.00 35.72 -1.60
C ALA N 134 82.06 34.97 -0.29
N LYS N 135 81.10 35.21 0.61
CA LYS N 135 81.07 34.46 1.86
C LYS N 135 80.89 32.97 1.58
N LEU N 136 80.08 32.64 0.59
CA LEU N 136 79.80 31.24 0.27
C LEU N 136 81.08 30.53 -0.15
N ARG N 137 81.89 31.17 -0.99
CA ARG N 137 83.06 30.51 -1.56
C ARG N 137 84.28 30.60 -0.64
N ASN N 138 84.22 31.33 0.46
CA ASN N 138 85.35 31.51 1.36
C ASN N 138 85.28 30.45 2.46
N ARG N 139 86.31 29.61 2.54
CA ARG N 139 86.41 28.59 3.58
C ARG N 139 87.29 29.01 4.74
N GLY N 140 87.84 30.22 4.72
CA GLY N 140 88.73 30.68 5.77
C GLY N 140 88.00 31.34 6.92
N LYS N 141 88.48 32.52 7.32
CA LYS N 141 87.86 33.23 8.42
C LYS N 141 86.42 33.59 8.07
N PRO N 142 85.46 33.34 8.96
CA PRO N 142 84.07 33.76 8.68
C PRO N 142 83.79 35.16 9.19
N MET N 143 83.10 35.93 8.35
CA MET N 143 82.74 37.30 8.65
C MET N 143 81.23 37.43 8.75
N ALA N 144 80.78 38.17 9.76
CA ALA N 144 79.36 38.50 9.87
C ALA N 144 79.02 39.62 8.89
N ASP N 145 77.93 39.44 8.15
CA ASP N 145 77.59 40.34 7.06
C ASP N 145 76.98 41.63 7.59
N ALA N 146 76.96 42.64 6.72
CA ALA N 146 76.35 43.92 7.08
C ALA N 146 74.86 43.75 7.35
N TYR N 147 74.17 42.99 6.51
CA TYR N 147 72.77 42.68 6.72
C TYR N 147 72.53 41.21 6.42
N ARG N 148 71.51 40.65 7.05
CA ARG N 148 71.09 39.30 6.72
C ARG N 148 70.50 39.27 5.32
N HIS N 149 70.59 38.11 4.67
CA HIS N 149 70.21 38.02 3.26
C HIS N 149 68.76 38.44 3.06
N GLU N 150 67.88 38.08 4.00
CA GLU N 150 66.46 38.35 3.81
C GLU N 150 66.18 39.83 3.67
N TRP N 151 66.82 40.67 4.47
CA TRP N 151 66.59 42.11 4.34
C TRP N 151 66.99 42.60 2.95
N VAL N 152 68.10 42.09 2.43
CA VAL N 152 68.50 42.41 1.06
C VAL N 152 67.42 41.98 0.10
N SER N 153 66.86 40.79 0.31
CA SER N 153 65.81 40.30 -0.56
C SER N 153 64.60 41.22 -0.52
N LEU N 154 64.20 41.66 0.67
CA LEU N 154 63.04 42.53 0.80
C LEU N 154 63.27 43.83 0.06
N ARG N 155 64.46 44.41 0.20
CA ARG N 155 64.75 45.64 -0.54
C ARG N 155 64.70 45.41 -2.04
N LEU N 156 65.25 44.28 -2.50
CA LEU N 156 65.12 43.93 -3.92
C LEU N 156 63.66 43.86 -4.33
N PHE N 157 62.84 43.18 -3.53
CA PHE N 157 61.42 43.04 -3.84
C PHE N 157 60.74 44.41 -3.94
N GLU N 158 61.01 45.28 -2.96
CA GLU N 158 60.41 46.60 -2.98
C GLU N 158 60.85 47.38 -4.21
N ALA N 159 62.13 47.28 -4.56
CA ALA N 159 62.62 47.97 -5.75
C ALA N 159 61.91 47.47 -6.99
N PHE N 160 61.72 46.15 -7.09
CA PHE N 160 61.03 45.60 -8.24
C PHE N 160 59.61 46.12 -8.34
N VAL N 161 58.90 46.16 -7.21
CA VAL N 161 57.52 46.63 -7.23
C VAL N 161 57.46 48.12 -7.51
N GLY N 162 58.30 48.89 -6.83
CA GLY N 162 58.32 50.33 -6.99
C GLY N 162 57.30 51.01 -6.10
N PRO N 163 57.65 52.16 -5.53
CA PRO N 163 56.74 52.83 -4.60
C PRO N 163 55.49 53.35 -5.28
N GLY N 164 54.41 53.41 -4.50
CA GLY N 164 53.16 53.97 -4.97
C GLY N 164 52.40 53.10 -5.95
N SER N 165 52.90 51.92 -6.28
CA SER N 165 52.27 51.07 -7.27
C SER N 165 51.05 50.37 -6.70
N SER N 166 50.03 50.19 -7.53
CA SER N 166 48.93 49.31 -7.18
C SER N 166 49.36 47.86 -7.32
N ASP N 167 48.67 46.99 -6.59
CA ASP N 167 49.02 45.57 -6.64
C ASP N 167 48.93 45.04 -8.06
N GLU N 168 47.95 45.53 -8.82
CA GLU N 168 47.78 45.05 -10.18
C GLU N 168 48.99 45.36 -11.02
N ASP N 169 49.58 46.55 -10.85
CA ASP N 169 50.68 46.94 -11.73
C ASP N 169 51.82 45.96 -11.66
N TRP N 170 52.31 45.68 -10.45
CA TRP N 170 53.44 44.78 -10.31
C TRP N 170 53.05 43.34 -10.62
N LEU N 171 51.83 42.94 -10.28
CA LEU N 171 51.38 41.60 -10.67
C LEU N 171 51.37 41.46 -12.19
N ARG N 172 50.85 42.45 -12.89
CA ARG N 172 50.81 42.43 -14.35
C ARG N 172 52.22 42.38 -14.93
N ARG N 173 53.09 43.26 -14.46
CA ARG N 173 54.45 43.28 -14.98
C ARG N 173 55.15 41.94 -14.75
N LEU N 174 54.98 41.37 -13.55
CA LEU N 174 55.58 40.06 -13.27
C LEU N 174 54.99 38.99 -14.18
N ALA N 175 53.69 39.06 -14.44
CA ALA N 175 53.05 38.05 -15.27
C ALA N 175 53.47 38.16 -16.73
N ASP N 176 53.75 39.37 -17.21
CA ASP N 176 54.16 39.55 -18.60
C ASP N 176 55.57 39.02 -18.76
N LYS N 177 55.69 37.76 -19.20
CA LYS N 177 56.98 37.11 -19.30
C LYS N 177 57.88 37.70 -20.37
N ARG N 178 57.40 38.67 -21.15
CA ARG N 178 58.25 39.32 -22.13
C ARG N 178 59.27 40.24 -21.47
N GLU N 179 58.91 40.84 -20.33
CA GLU N 179 59.77 41.85 -19.73
C GLU N 179 61.00 41.21 -19.09
N THR N 180 62.17 41.76 -19.39
CA THR N 180 63.41 41.34 -18.75
C THR N 180 64.32 42.51 -18.39
N GLY N 181 63.94 43.75 -18.70
CA GLY N 181 64.77 44.90 -18.43
C GLY N 181 65.12 45.06 -16.97
N ASP N 182 66.39 45.31 -16.69
CA ASP N 182 66.88 45.48 -15.32
C ASP N 182 67.07 46.95 -14.95
N ALA N 183 66.54 47.88 -15.76
CA ALA N 183 66.73 49.29 -15.46
C ALA N 183 66.17 49.65 -14.09
N TRP N 184 65.19 48.90 -13.59
CA TRP N 184 64.65 49.16 -12.26
C TRP N 184 65.70 48.99 -11.17
N LEU N 185 66.78 48.25 -11.45
CA LEU N 185 67.84 48.12 -10.46
C LEU N 185 68.36 49.47 -10.03
N SER N 186 68.44 50.43 -10.96
CA SER N 186 68.85 51.77 -10.61
C SER N 186 67.91 52.38 -9.57
N GLN N 187 66.62 52.04 -9.66
CA GLN N 187 65.66 52.55 -8.68
C GLN N 187 65.89 51.96 -7.30
N LEU N 188 66.65 50.88 -7.19
CA LEU N 188 66.79 50.18 -5.92
C LEU N 188 67.32 51.14 -4.86
N ALA N 189 66.69 51.12 -3.70
CA ALA N 189 67.04 52.03 -2.61
C ALA N 189 68.12 51.36 -1.76
N ARG N 190 69.37 51.51 -2.21
CA ARG N 190 70.50 50.98 -1.43
C ARG N 190 70.49 51.59 -0.04
N ASP N 191 70.57 50.73 0.97
CA ASP N 191 70.59 51.20 2.35
C ASP N 191 71.92 51.84 2.74
N ASP N 192 72.91 51.85 1.84
CA ASP N 192 74.27 52.25 2.17
C ASP N 192 74.56 53.71 1.83
N ARG N 193 73.54 54.56 1.80
CA ARG N 193 73.78 55.99 1.79
C ARG N 193 74.20 56.43 3.19
N GLN N 194 74.54 57.72 3.33
CA GLN N 194 74.47 58.34 4.65
C GLN N 194 73.02 58.45 5.11
N SER N 195 72.12 58.75 4.19
CA SER N 195 70.70 58.82 4.49
C SER N 195 70.08 57.43 4.47
N ALA N 196 69.12 57.21 5.37
CA ALA N 196 68.43 55.92 5.41
C ALA N 196 67.11 56.02 4.69
N PRO N 197 66.83 55.15 3.73
CA PRO N 197 65.54 55.21 3.03
C PRO N 197 64.40 54.81 3.94
N PRO N 198 63.17 55.20 3.61
CA PRO N 198 62.03 54.84 4.46
C PRO N 198 61.77 53.35 4.45
N GLY N 199 61.13 52.88 5.52
CA GLY N 199 60.76 51.49 5.64
C GLY N 199 59.87 51.05 4.49
N PRO N 200 60.15 49.87 3.92
CA PRO N 200 59.35 49.43 2.76
C PRO N 200 57.88 49.22 3.08
N PHE N 201 57.52 49.10 4.36
CA PHE N 201 56.13 48.91 4.74
C PHE N 201 55.40 50.21 4.98
N GLN N 202 56.03 51.35 4.70
CA GLN N 202 55.35 52.63 4.87
C GLN N 202 54.23 52.78 3.85
N LYS N 203 53.26 53.63 4.20
CA LYS N 203 52.04 53.72 3.40
C LYS N 203 52.34 54.01 1.94
N SER N 204 53.33 54.86 1.67
CA SER N 204 53.63 55.25 0.30
C SER N 204 54.39 54.18 -0.47
N ARG N 205 55.06 53.26 0.22
CA ARG N 205 56.01 52.38 -0.45
C ARG N 205 55.33 51.18 -1.11
N LEU N 206 54.71 50.31 -0.31
CA LEU N 206 54.25 49.04 -0.87
C LEU N 206 52.75 48.87 -0.67
N PRO N 207 52.04 48.32 -1.65
CA PRO N 207 50.61 48.06 -1.50
C PRO N 207 50.36 46.83 -0.65
N PRO N 208 49.10 46.55 -0.31
CA PRO N 208 48.80 45.46 0.63
C PRO N 208 49.41 44.12 0.24
N LEU N 209 49.08 43.60 -0.93
CA LEU N 209 49.61 42.30 -1.33
C LEU N 209 51.13 42.27 -1.27
N ALA N 210 51.76 43.34 -1.76
CA ALA N 210 53.21 43.45 -1.66
C ALA N 210 53.66 43.45 -0.21
N GLN N 211 52.95 44.18 0.65
CA GLN N 211 53.31 44.18 2.07
C GLN N 211 53.23 42.78 2.66
N ALA N 212 52.18 42.04 2.33
CA ALA N 212 52.04 40.67 2.82
C ALA N 212 53.22 39.82 2.40
N VAL N 213 53.56 39.84 1.11
CA VAL N 213 54.69 39.05 0.64
C VAL N 213 55.98 39.52 1.31
N GLY N 214 56.16 40.83 1.41
CA GLY N 214 57.37 41.36 2.02
C GLY N 214 57.56 40.87 3.44
N TRP N 215 56.50 40.93 4.23
CA TRP N 215 56.58 40.42 5.60
C TRP N 215 56.89 38.93 5.58
N LEU N 216 56.25 38.20 4.67
CA LEU N 216 56.44 36.75 4.65
C LEU N 216 57.87 36.37 4.25
N ILE N 217 58.54 37.22 3.48
CA ILE N 217 59.90 36.91 3.07
C ILE N 217 60.89 37.30 4.17
N VAL N 218 60.74 38.51 4.72
CA VAL N 218 61.69 38.95 5.72
C VAL N 218 61.58 38.13 6.99
N SER N 219 60.44 37.50 7.24
CA SER N 219 60.21 36.76 8.47
C SER N 219 60.41 35.26 8.31
N HIS N 220 61.32 34.84 7.43
CA HIS N 220 61.51 33.43 7.17
C HIS N 220 62.71 32.85 7.91
N HIS N 221 63.38 33.62 8.76
CA HIS N 221 64.30 33.07 9.72
C HIS N 221 64.06 33.58 11.14
N ARG N 222 63.72 34.85 11.30
CA ARG N 222 63.44 35.41 12.62
C ARG N 222 62.37 36.48 12.46
N LEU N 223 61.53 36.60 13.48
CA LEU N 223 60.55 37.67 13.47
C LEU N 223 61.26 39.01 13.59
N PRO N 224 60.77 40.05 12.93
CA PRO N 224 61.37 41.38 13.12
C PRO N 224 61.20 41.82 14.56
N ASN N 225 62.18 42.58 15.04
CA ASN N 225 62.18 43.02 16.45
C ASN N 225 62.95 44.34 16.52
N GLY N 226 62.23 45.42 16.84
CA GLY N 226 62.81 46.72 17.01
C GLY N 226 62.81 47.17 18.46
N ASP N 227 63.00 48.47 18.64
CA ASP N 227 63.01 49.07 19.97
C ASP N 227 61.71 49.76 20.33
N HIS N 228 61.01 50.34 19.36
CA HIS N 228 59.75 51.01 19.63
C HIS N 228 58.69 49.97 19.97
N ARG N 229 58.09 50.11 21.16
CA ARG N 229 57.14 49.11 21.65
C ARG N 229 55.94 49.77 22.30
N GLY N 230 55.60 50.99 21.89
CA GLY N 230 54.41 51.65 22.37
C GLY N 230 53.17 51.29 21.58
N SER N 231 52.01 51.52 22.20
CA SER N 231 50.75 51.14 21.56
C SER N 231 50.54 51.86 20.24
N ALA N 232 50.85 53.16 20.21
CA ALA N 232 50.61 53.94 19.00
C ALA N 232 51.33 53.34 17.80
N SER N 233 52.53 52.81 18.00
CA SER N 233 53.25 52.14 16.92
C SER N 233 52.83 50.69 16.77
N LEU N 234 52.42 50.04 17.86
CA LEU N 234 52.01 48.64 17.77
C LEU N 234 50.78 48.46 16.89
N ALA N 235 49.93 49.49 16.81
CA ALA N 235 48.70 49.38 16.02
C ALA N 235 48.95 49.45 14.53
N ARG N 236 50.09 49.99 14.11
CA ARG N 236 50.46 50.08 12.70
C ARG N 236 51.73 49.27 12.42
N LEU N 237 51.97 48.25 13.24
CA LEU N 237 53.32 47.74 13.44
C LEU N 237 54.05 47.41 12.14
N PRO N 238 53.43 46.81 11.12
CA PRO N 238 54.21 46.49 9.92
C PRO N 238 54.92 47.69 9.32
N ALA N 239 54.29 48.86 9.34
CA ALA N 239 54.94 50.04 8.77
C ALA N 239 56.19 50.45 9.53
N PRO N 240 56.18 50.57 10.86
CA PRO N 240 57.39 50.99 11.58
C PRO N 240 58.62 50.12 11.32
N ILE N 241 58.45 48.89 10.82
CA ILE N 241 59.59 48.01 10.62
C ILE N 241 60.67 48.73 9.84
N GLN N 242 61.92 48.45 10.19
CA GLN N 242 63.06 49.09 9.53
C GLN N 242 64.25 48.14 9.58
N SER N 243 65.33 48.52 8.90
CA SER N 243 66.51 47.67 8.81
C SER N 243 67.01 47.26 10.20
N GLN N 244 66.99 48.20 11.15
CA GLN N 244 67.51 47.91 12.48
C GLN N 244 66.73 46.78 13.14
N TRP N 245 65.47 46.59 12.77
CA TRP N 245 64.68 45.51 13.34
C TRP N 245 65.21 44.14 12.93
N CYS N 246 65.96 44.05 11.85
CA CYS N 246 66.25 42.78 11.18
C CYS N 246 67.74 42.45 11.22
N GLY N 247 68.37 42.66 12.36
CA GLY N 247 69.72 42.18 12.56
C GLY N 247 70.80 42.88 11.76
N ALA N 248 70.61 44.16 11.46
CA ALA N 248 71.67 44.92 10.81
C ALA N 248 72.87 45.05 11.75
N ARG N 249 74.06 45.11 11.17
CA ARG N 249 75.30 45.16 11.92
C ARG N 249 76.14 46.35 11.48
N ASP N 250 77.25 46.56 12.17
CA ASP N 250 78.21 47.60 11.85
C ASP N 250 79.37 47.00 11.09
N ALA N 251 79.77 47.65 9.99
CA ALA N 251 80.86 47.16 9.17
C ALA N 251 81.32 48.29 8.24
N ASP N 252 82.43 48.05 7.56
CA ASP N 252 82.95 49.03 6.62
C ASP N 252 81.98 49.24 5.47
N ALA N 253 82.02 50.46 4.90
CA ALA N 253 81.14 50.76 3.78
C ALA N 253 81.41 49.85 2.59
N LYS N 254 82.65 49.38 2.44
CA LYS N 254 82.99 48.55 1.30
C LYS N 254 82.15 47.27 1.28
N GLU N 255 82.03 46.62 2.44
CA GLU N 255 81.24 45.39 2.51
C GLU N 255 79.79 45.66 2.17
N LYS N 256 79.24 46.78 2.66
CA LYS N 256 77.86 47.12 2.34
C LYS N 256 77.70 47.37 0.84
N ALA N 257 78.70 47.98 0.21
CA ALA N 257 78.68 48.10 -1.24
C ALA N 257 78.66 46.72 -1.89
N ALA N 258 79.41 45.78 -1.34
CA ALA N 258 79.40 44.41 -1.85
C ALA N 258 78.02 43.77 -1.67
N CYS N 259 77.30 44.15 -0.62
CA CYS N 259 75.94 43.65 -0.43
C CYS N 259 75.04 44.11 -1.56
N TRP N 260 75.18 45.36 -1.99
CA TRP N 260 74.39 45.93 -3.07
C TRP N 260 75.03 45.74 -4.44
N GLN N 261 75.93 44.76 -4.58
CA GLN N 261 76.59 44.47 -5.84
C GLN N 261 76.11 43.11 -6.36
N PHE N 262 75.72 43.08 -7.64
CA PHE N 262 75.22 41.86 -8.28
C PHE N 262 75.93 41.70 -9.62
N PRO N 263 77.22 41.40 -9.61
CA PRO N 263 77.95 41.29 -10.88
C PRO N 263 77.41 40.22 -11.81
N HIS N 264 76.93 39.10 -11.24
CA HIS N 264 76.46 37.98 -12.04
C HIS N 264 74.99 38.10 -12.43
N GLY N 265 74.31 39.16 -12.00
CA GLY N 265 72.94 39.38 -12.38
C GLY N 265 71.96 38.63 -11.50
N LEU N 266 70.70 39.04 -11.59
CA LEU N 266 69.62 38.46 -10.81
C LEU N 266 69.18 37.14 -11.43
N PRO N 267 68.33 36.39 -10.73
CA PRO N 267 67.81 35.13 -11.31
C PRO N 267 66.93 35.34 -12.53
N PHE N 268 66.66 36.58 -12.94
CA PHE N 268 65.74 36.83 -14.05
C PHE N 268 66.19 36.12 -15.32
N ALA N 269 67.48 35.83 -15.47
CA ALA N 269 67.95 35.16 -16.67
C ALA N 269 67.35 33.76 -16.81
N SER N 270 67.22 33.04 -15.70
CA SER N 270 66.75 31.66 -15.75
C SER N 270 65.37 31.56 -16.40
N ALA N 271 65.18 30.53 -17.23
CA ALA N 271 63.92 30.38 -17.96
C ALA N 271 62.79 29.98 -17.01
N HIS N 272 62.92 28.83 -16.35
CA HIS N 272 61.93 28.44 -15.34
C HIS N 272 61.57 29.59 -14.42
N TRP N 273 62.53 30.16 -13.71
CA TRP N 273 62.15 31.13 -12.69
C TRP N 273 61.23 32.22 -13.25
N ARG N 274 61.55 32.73 -14.44
CA ARG N 274 60.66 33.72 -15.06
C ARG N 274 59.31 33.13 -15.42
N ALA N 275 59.29 31.92 -15.99
CA ALA N 275 58.02 31.32 -16.38
C ALA N 275 57.16 31.03 -15.15
N ARG N 276 57.75 30.40 -14.15
CA ARG N 276 57.00 30.00 -12.97
C ARG N 276 56.45 31.22 -12.26
N THR N 277 57.26 32.27 -12.09
CA THR N 277 56.74 33.46 -11.42
C THR N 277 55.63 34.10 -12.24
N ALA N 278 55.78 34.15 -13.57
CA ALA N 278 54.72 34.71 -14.40
C ALA N 278 53.43 33.91 -14.25
N LEU N 279 53.53 32.58 -14.26
CA LEU N 279 52.36 31.74 -14.08
C LEU N 279 51.71 31.99 -12.73
N CYS N 280 52.53 32.06 -11.67
CA CYS N 280 51.98 32.29 -10.35
C CYS N 280 51.26 33.62 -10.28
N ALA N 281 51.87 34.66 -10.84
CA ALA N 281 51.23 35.98 -10.84
C ALA N 281 49.91 35.94 -11.60
N GLN N 282 49.90 35.27 -12.75
CA GLN N 282 48.66 35.16 -13.52
C GLN N 282 47.58 34.46 -12.73
N SER N 283 47.93 33.36 -12.06
CA SER N 283 46.96 32.66 -11.24
C SER N 283 46.45 33.54 -10.11
N MET N 284 47.35 34.29 -9.48
CA MET N 284 46.92 35.19 -8.42
C MET N 284 45.97 36.25 -8.96
N LEU N 285 46.25 36.78 -10.14
CA LEU N 285 45.39 37.81 -10.71
C LEU N 285 44.02 37.25 -11.07
N GLU N 286 43.97 36.02 -11.59
CA GLU N 286 42.70 35.43 -11.97
C GLU N 286 41.86 35.03 -10.78
N ARG N 287 42.47 34.89 -9.60
CA ARG N 287 41.70 34.55 -8.42
C ARG N 287 40.65 35.64 -8.17
N PRO N 288 39.42 35.28 -7.83
CA PRO N 288 38.36 36.29 -7.75
C PRO N 288 38.52 37.17 -6.52
N GLY N 289 38.49 38.48 -6.75
CA GLY N 289 38.42 39.43 -5.65
C GLY N 289 39.55 39.36 -4.65
N LEU N 290 40.68 38.76 -5.02
CA LEU N 290 41.80 38.68 -4.08
C LEU N 290 42.34 40.07 -3.76
N LEU N 291 42.47 40.91 -4.78
CA LEU N 291 43.08 42.22 -4.57
C LEU N 291 42.30 43.02 -3.54
N ALA N 292 40.97 43.01 -3.63
CA ALA N 292 40.17 43.72 -2.65
C ALA N 292 40.36 43.16 -1.25
N ARG N 293 40.61 41.85 -1.14
CA ARG N 293 40.81 41.24 0.17
C ARG N 293 42.18 41.53 0.75
N GLY N 294 43.15 41.91 -0.07
CA GLY N 294 44.51 42.08 0.36
C GLY N 294 44.64 42.80 1.70
N PRO N 295 44.10 44.02 1.79
CA PRO N 295 44.27 44.80 3.02
C PRO N 295 43.80 44.05 4.27
N ALA N 296 42.68 43.33 4.19
CA ALA N 296 42.27 42.51 5.32
C ALA N 296 43.21 41.33 5.50
N LEU N 297 43.79 40.82 4.40
CA LEU N 297 44.69 39.67 4.50
C LEU N 297 45.95 40.02 5.26
N LEU N 298 46.42 41.26 5.15
CA LEU N 298 47.66 41.63 5.81
C LEU N 298 47.54 41.49 7.33
N HIS N 299 46.40 41.87 7.89
CA HIS N 299 46.21 41.86 9.34
C HIS N 299 45.71 40.53 9.88
N ASP N 300 45.43 39.55 9.02
CA ASP N 300 44.84 38.30 9.47
C ASP N 300 45.94 37.39 10.03
N SER N 301 45.85 37.09 11.32
CA SER N 301 46.84 36.23 11.95
C SER N 301 46.83 34.83 11.35
N TYR N 302 45.64 34.28 11.11
CA TYR N 302 45.56 32.91 10.60
C TYR N 302 46.32 32.75 9.30
N VAL N 303 46.07 33.64 8.34
CA VAL N 303 46.67 33.49 7.02
C VAL N 303 48.18 33.61 7.12
N MET N 304 48.66 34.60 7.86
CA MET N 304 50.08 34.86 7.91
C MET N 304 50.82 33.74 8.60
N HIS N 305 50.32 33.30 9.76
CA HIS N 305 51.08 32.34 10.53
C HIS N 305 51.05 30.96 9.88
N VAL N 306 49.93 30.58 9.26
CA VAL N 306 49.93 29.33 8.50
C VAL N 306 50.91 29.40 7.35
N SER N 307 50.92 30.54 6.64
CA SER N 307 51.86 30.68 5.54
C SER N 307 53.30 30.63 6.02
N ARG N 308 53.62 31.28 7.14
CA ARG N 308 54.97 31.21 7.67
C ARG N 308 55.33 29.76 8.00
N LEU N 309 54.39 29.05 8.62
CA LEU N 309 54.65 27.68 9.02
C LEU N 309 55.03 26.87 7.80
N ILE N 310 54.21 26.96 6.77
CA ILE N 310 54.42 26.18 5.56
C ILE N 310 55.70 26.62 4.86
N LEU N 311 56.05 27.90 5.01
CA LEU N 311 57.18 28.43 4.28
C LEU N 311 58.47 27.85 4.81
N MET N 312 58.77 28.06 6.09
CA MET N 312 59.95 27.36 6.59
C MET N 312 59.85 25.85 6.37
N LEU N 313 58.75 25.21 6.78
CA LEU N 313 58.78 23.75 6.69
C LEU N 313 59.27 23.29 5.32
N ALA N 314 58.91 24.03 4.27
CA ALA N 314 59.49 23.75 2.96
C ALA N 314 60.97 24.13 2.90
N ASP N 315 61.32 25.35 3.29
CA ASP N 315 62.71 25.79 3.12
C ASP N 315 63.65 24.91 3.92
N HIS N 316 63.27 24.58 5.14
CA HIS N 316 64.08 23.70 5.98
C HIS N 316 64.24 22.34 5.31
N HIS N 317 63.14 21.79 4.78
CA HIS N 317 63.27 20.45 4.19
C HIS N 317 64.20 20.47 2.99
N TYR N 318 63.97 21.39 2.05
CA TYR N 318 64.77 21.41 0.82
C TYR N 318 66.23 21.69 1.11
N SER N 319 66.53 22.60 2.04
CA SER N 319 67.91 22.87 2.38
C SER N 319 68.64 21.61 2.83
N SER N 320 67.91 20.64 3.36
CA SER N 320 68.48 19.36 3.74
C SER N 320 68.53 18.36 2.60
N LEU N 321 67.93 18.67 1.45
CA LEU N 321 67.92 17.75 0.33
C LEU N 321 69.28 17.75 -0.37
N PRO N 322 69.68 16.64 -0.98
CA PRO N 322 70.81 16.67 -1.90
C PRO N 322 70.44 17.39 -3.18
N ALA N 323 71.46 17.93 -3.84
CA ALA N 323 71.24 18.75 -5.02
C ALA N 323 70.75 17.90 -6.19
N ASP N 324 70.14 18.59 -7.15
CA ASP N 324 69.67 17.95 -8.38
C ASP N 324 69.82 18.94 -9.53
N SER N 325 69.86 18.41 -10.75
CA SER N 325 70.14 19.21 -11.93
C SER N 325 68.90 19.55 -12.75
N ARG N 326 67.90 18.66 -12.79
CA ARG N 326 66.79 18.86 -13.70
C ARG N 326 66.09 20.18 -13.46
N LEU N 327 66.05 20.65 -12.21
CA LEU N 327 65.43 21.93 -11.90
C LEU N 327 66.29 23.06 -12.45
N GLY N 328 65.65 23.99 -13.17
CA GLY N 328 66.36 25.17 -13.63
C GLY N 328 67.44 24.84 -14.63
N ASP N 329 68.34 25.82 -14.81
CA ASP N 329 69.44 25.70 -15.75
C ASP N 329 70.69 25.28 -15.00
N PRO N 330 71.28 24.13 -15.29
CA PRO N 330 72.43 23.67 -14.49
C PRO N 330 73.61 24.60 -14.54
N ASN N 331 73.76 25.40 -15.60
CA ASN N 331 74.91 26.27 -15.76
C ASN N 331 74.78 27.59 -15.00
N PHE N 332 73.87 27.67 -14.03
CA PHE N 332 73.73 28.90 -13.28
C PHE N 332 74.98 29.15 -12.45
N PRO N 333 75.50 30.39 -12.44
CA PRO N 333 76.75 30.65 -11.71
C PRO N 333 76.56 30.72 -10.20
N LEU N 334 75.45 31.30 -9.76
CA LEU N 334 75.23 31.50 -8.33
C LEU N 334 74.72 30.22 -7.69
N HIS N 335 74.97 30.10 -6.38
CA HIS N 335 74.58 28.94 -5.60
C HIS N 335 73.85 29.41 -4.35
N ALA N 336 73.21 28.46 -3.67
CA ALA N 336 72.41 28.76 -2.49
C ALA N 336 73.09 28.40 -1.19
N ASN N 337 73.86 27.31 -1.16
CA ASN N 337 74.37 26.78 0.09
C ASN N 337 75.64 25.99 -0.16
N THR N 338 76.39 25.77 0.91
CA THR N 338 77.60 24.95 0.88
C THR N 338 77.37 23.69 1.68
N ASP N 339 77.75 22.54 1.12
CA ASP N 339 77.60 21.28 1.82
C ASP N 339 78.35 21.32 3.14
N ARG N 340 77.67 20.93 4.22
CA ARG N 340 78.28 21.02 5.54
C ARG N 340 79.42 20.02 5.70
N ASP N 341 79.26 18.81 5.17
CA ASP N 341 80.28 17.78 5.32
C ASP N 341 81.46 18.03 4.40
N SER N 342 81.19 18.14 3.09
CA SER N 342 82.27 18.32 2.12
C SER N 342 82.74 19.77 2.02
N GLY N 343 81.98 20.72 2.56
CA GLY N 343 82.37 22.12 2.46
C GLY N 343 82.50 22.61 1.05
N LYS N 344 81.55 22.25 0.19
CA LYS N 344 81.55 22.66 -1.21
C LYS N 344 80.17 23.17 -1.59
N LEU N 345 80.10 23.87 -2.72
CA LEU N 345 78.82 24.34 -3.23
C LEU N 345 77.90 23.16 -3.46
N LYS N 346 76.64 23.30 -3.04
CA LYS N 346 75.70 22.19 -3.08
C LYS N 346 74.56 22.42 -4.08
N GLN N 347 73.80 23.51 -3.93
CA GLN N 347 72.62 23.75 -4.76
C GLN N 347 72.72 25.09 -5.45
N ARG N 348 72.23 25.14 -6.69
CA ARG N 348 72.13 26.40 -7.40
C ARG N 348 71.05 27.28 -6.79
N LEU N 349 71.22 28.59 -6.91
CA LEU N 349 70.29 29.52 -6.28
C LEU N 349 68.87 29.32 -6.79
N ASP N 350 68.71 29.34 -8.12
CA ASP N 350 67.37 29.14 -8.68
C ASP N 350 66.86 27.74 -8.35
N GLU N 351 67.74 26.74 -8.39
CA GLU N 351 67.35 25.41 -7.98
C GLU N 351 66.74 25.43 -6.59
N HIS N 352 67.37 26.15 -5.65
CA HIS N 352 66.86 26.23 -4.30
C HIS N 352 65.50 26.93 -4.27
N LEU N 353 65.39 28.08 -4.93
CA LEU N 353 64.14 28.81 -4.92
C LEU N 353 63.00 27.93 -5.45
N LEU N 354 63.19 27.36 -6.64
CA LEU N 354 62.15 26.57 -7.26
C LEU N 354 61.79 25.37 -6.40
N GLY N 355 62.81 24.70 -5.84
CA GLY N 355 62.52 23.54 -5.01
C GLY N 355 61.65 23.90 -3.82
N VAL N 356 62.01 24.97 -3.13
CA VAL N 356 61.22 25.40 -1.98
C VAL N 356 59.80 25.73 -2.40
N ALA N 357 59.65 26.46 -3.51
CA ALA N 357 58.31 26.78 -3.99
C ALA N 357 57.50 25.51 -4.27
N LEU N 358 58.08 24.56 -4.99
CA LEU N 358 57.40 23.32 -5.29
C LEU N 358 56.97 22.62 -4.02
N HIS N 359 57.89 22.47 -3.07
CA HIS N 359 57.56 21.75 -1.85
C HIS N 359 56.50 22.50 -1.05
N SER N 360 56.57 23.82 -1.01
CA SER N 360 55.55 24.60 -0.32
C SER N 360 54.18 24.31 -0.92
N ARG N 361 54.09 24.30 -2.24
CA ARG N 361 52.82 23.98 -2.89
C ARG N 361 52.34 22.59 -2.48
N LYS N 362 53.26 21.62 -2.44
CA LYS N 362 52.87 20.28 -2.02
C LYS N 362 52.32 20.30 -0.60
N LEU N 363 52.98 21.03 0.30
CA LEU N 363 52.48 21.14 1.66
C LEU N 363 51.09 21.75 1.67
N ALA N 364 50.90 22.83 0.91
CA ALA N 364 49.60 23.50 0.90
C ALA N 364 48.51 22.52 0.51
N GLY N 365 48.78 21.70 -0.51
CA GLY N 365 47.80 20.68 -0.87
C GLY N 365 47.64 19.63 0.22
N THR N 366 48.72 19.30 0.91
CA THR N 366 48.68 18.21 1.88
C THR N 366 48.00 18.62 3.19
N LEU N 367 48.21 19.85 3.64
CA LEU N 367 47.81 20.24 4.99
C LEU N 367 46.35 19.93 5.30
N PRO N 368 45.39 20.23 4.44
CA PRO N 368 43.99 19.95 4.78
C PRO N 368 43.73 18.48 5.06
N ARG N 369 44.55 17.58 4.55
CA ARG N 369 44.34 16.15 4.75
C ARG N 369 45.00 15.63 6.01
N LEU N 370 45.80 16.43 6.70
CA LEU N 370 46.50 15.94 7.88
C LEU N 370 45.51 15.43 8.92
N GLU N 371 44.45 16.18 9.18
CA GLU N 371 43.52 15.78 10.23
C GLU N 371 42.80 14.50 9.84
N ARG N 372 42.87 14.11 8.57
CA ARG N 372 42.25 12.91 8.01
C ARG N 372 43.21 11.73 8.10
N GLN N 373 44.51 11.96 7.94
CA GLN N 373 45.46 10.87 7.80
C GLN N 373 46.25 10.56 9.07
N LEU N 374 46.17 11.39 10.10
CA LEU N 374 47.04 11.18 11.25
C LEU N 374 46.49 10.10 12.17
N PRO N 375 47.36 9.46 12.96
CA PRO N 375 46.89 8.43 13.89
C PRO N 375 45.95 9.02 14.93
N ARG N 376 45.04 8.18 15.41
CA ARG N 376 44.06 8.60 16.40
C ARG N 376 43.75 7.43 17.31
N LEU N 377 43.27 7.74 18.50
CA LEU N 377 42.85 6.73 19.47
C LEU N 377 41.34 6.59 19.40
N ALA N 378 40.88 5.36 19.19
CA ALA N 378 39.46 5.11 18.98
C ALA N 378 39.00 3.90 19.78
N ARG N 379 37.80 3.99 20.34
CA ARG N 379 37.15 2.87 21.01
C ARG N 379 38.03 2.28 22.11
N HIS N 380 38.57 3.16 22.96
CA HIS N 380 39.27 2.72 24.15
C HIS N 380 38.25 2.45 25.25
N LYS N 381 38.23 1.21 25.76
CA LYS N 381 37.18 0.82 26.70
C LYS N 381 37.22 1.66 27.96
N GLY N 382 38.43 1.97 28.45
CA GLY N 382 38.53 2.65 29.73
C GLY N 382 37.76 3.94 29.79
N PHE N 383 37.83 4.75 28.73
CA PHE N 383 37.10 6.00 28.71
C PHE N 383 35.60 5.78 28.77
N THR N 384 35.09 4.81 28.01
CA THR N 384 33.67 4.82 27.65
C THR N 384 32.78 4.36 28.80
N ARG N 385 32.91 3.11 29.21
CA ARG N 385 31.88 2.57 30.09
C ARG N 385 32.07 3.06 31.52
N ARG N 386 31.03 2.89 32.33
CA ARG N 386 30.88 3.68 33.53
C ARG N 386 31.86 3.22 34.62
N VAL N 387 31.90 4.00 35.70
CA VAL N 387 32.72 3.71 36.86
C VAL N 387 31.81 3.19 37.97
N GLU N 388 32.37 2.32 38.81
CA GLU N 388 31.56 1.57 39.78
C GLU N 388 31.57 2.19 41.18
N GLN N 389 32.61 2.91 41.57
CA GLN N 389 32.70 3.40 42.93
C GLN N 389 32.09 4.80 43.04
N PRO N 390 31.14 5.02 43.95
CA PRO N 390 30.50 6.36 44.02
C PRO N 390 31.46 7.51 44.25
N ARG N 391 32.61 7.28 44.88
CA ARG N 391 33.59 8.34 45.10
C ARG N 391 33.91 9.09 43.81
N PHE N 392 33.79 8.42 42.67
CA PHE N 392 34.12 8.98 41.37
C PHE N 392 32.93 9.09 40.45
N ARG N 393 31.71 8.94 40.97
CA ARG N 393 30.54 8.96 40.11
C ARG N 393 30.41 10.29 39.37
N TRP N 394 30.88 11.37 39.97
CA TRP N 394 30.81 12.66 39.31
C TRP N 394 31.50 12.64 37.95
N GLN N 395 32.55 11.82 37.81
CA GLN N 395 33.23 11.72 36.53
C GLN N 395 32.29 11.26 35.43
N ASP N 396 31.36 10.36 35.76
CA ASP N 396 30.34 9.99 34.79
C ASP N 396 29.43 11.16 34.47
N LYS N 397 29.08 11.97 35.47
CA LYS N 397 28.29 13.16 35.22
C LYS N 397 28.99 14.07 34.20
N ALA N 398 30.30 14.24 34.35
CA ALA N 398 31.04 15.08 33.41
C ALA N 398 31.03 14.48 32.02
N TYR N 399 31.32 13.17 31.92
CA TYR N 399 31.37 12.55 30.61
C TYR N 399 30.03 12.69 29.90
N ASP N 400 28.94 12.49 30.61
CA ASP N 400 27.62 12.66 30.00
C ASP N 400 27.43 14.09 29.53
N CYS N 401 27.83 15.06 30.36
CA CYS N 401 27.64 16.46 29.96
C CYS N 401 28.38 16.77 28.68
N ALA N 402 29.64 16.33 28.57
CA ALA N 402 30.38 16.53 27.33
C ALA N 402 29.68 15.83 26.17
N MET N 403 29.28 14.58 26.38
CA MET N 403 28.57 13.85 25.34
C MET N 403 27.28 14.54 24.94
N ALA N 404 26.72 15.37 25.80
CA ALA N 404 25.49 16.08 25.50
C ALA N 404 25.69 17.32 24.64
N CYS N 405 26.93 17.79 24.47
CA CYS N 405 27.20 18.97 23.68
C CYS N 405 28.30 18.71 22.65
N ARG N 406 28.46 17.46 22.23
CA ARG N 406 29.55 17.12 21.32
C ARG N 406 29.48 17.93 20.03
N GLU N 407 28.43 17.73 19.23
CA GLU N 407 28.39 18.35 17.90
C GLU N 407 28.30 19.88 17.99
N GLN N 408 27.73 20.43 19.06
CA GLN N 408 27.76 21.87 19.24
C GLN N 408 29.20 22.35 19.35
N ALA N 409 30.00 21.67 20.17
CA ALA N 409 31.40 22.03 20.28
C ALA N 409 32.11 21.83 18.95
N MET N 410 31.79 20.73 18.26
CA MET N 410 32.41 20.45 16.98
C MET N 410 32.25 21.62 16.03
N GLU N 411 31.12 22.32 16.13
CA GLU N 411 30.91 23.44 15.23
C GLU N 411 31.54 24.72 15.77
N HIS N 412 31.25 25.09 17.01
CA HIS N 412 31.54 26.43 17.49
C HIS N 412 32.85 26.54 18.27
N GLY N 413 33.36 25.45 18.82
CA GLY N 413 34.50 25.50 19.72
C GLY N 413 34.08 25.30 21.16
N PHE N 414 35.09 25.10 22.01
CA PHE N 414 34.83 24.65 23.37
C PHE N 414 35.85 25.25 24.31
N PHE N 415 35.40 25.57 25.53
CA PHE N 415 36.25 26.21 26.54
C PHE N 415 35.73 25.75 27.90
N GLY N 416 36.33 24.70 28.43
CA GLY N 416 35.85 24.04 29.63
C GLY N 416 36.81 24.19 30.79
N LEU N 417 36.26 24.30 31.99
CA LEU N 417 37.03 24.40 33.23
C LEU N 417 36.74 23.18 34.08
N ASN N 418 37.76 22.39 34.37
CA ASN N 418 37.65 21.32 35.37
C ASN N 418 38.08 21.92 36.70
N LEU N 419 37.11 22.29 37.52
CA LEU N 419 37.35 23.12 38.68
C LEU N 419 37.43 22.29 39.96
N ALA N 420 37.45 20.97 39.84
CA ALA N 420 37.24 20.08 40.97
C ALA N 420 38.44 20.09 41.91
N SER N 421 38.18 19.66 43.15
CA SER N 421 39.19 19.66 44.19
C SER N 421 40.21 18.54 43.95
N THR N 422 41.33 18.64 44.66
CA THR N 422 42.40 17.67 44.51
C THR N 422 41.98 16.31 45.04
N GLY N 423 42.68 15.28 44.57
CA GLY N 423 42.47 13.93 45.06
C GLY N 423 41.28 13.20 44.47
N CYS N 424 40.54 13.82 43.56
CA CYS N 424 39.37 13.21 42.96
C CYS N 424 39.66 12.55 41.62
N GLY N 425 40.92 12.25 41.33
CA GLY N 425 41.28 11.63 40.07
C GLY N 425 40.98 12.50 38.87
N LYS N 426 41.36 13.77 38.95
CA LYS N 426 41.06 14.70 37.87
C LYS N 426 41.60 14.22 36.53
N THR N 427 42.75 13.53 36.54
CA THR N 427 43.36 13.10 35.28
C THR N 427 42.38 12.31 34.44
N LEU N 428 41.72 11.33 35.04
CA LEU N 428 40.77 10.51 34.30
C LEU N 428 39.64 11.37 33.76
N ALA N 429 39.12 12.29 34.58
CA ALA N 429 38.02 13.13 34.13
C ALA N 429 38.42 13.95 32.91
N ASN N 430 39.60 14.57 32.96
CA ASN N 430 40.05 15.38 31.84
C ASN N 430 40.17 14.54 30.58
N GLY N 431 40.81 13.37 30.70
CA GLY N 431 40.96 12.51 29.55
C GLY N 431 39.61 12.09 28.97
N ARG N 432 38.67 11.73 29.85
CA ARG N 432 37.37 11.29 29.38
C ARG N 432 36.63 12.42 28.68
N ILE N 433 36.71 13.64 29.23
CA ILE N 433 36.03 14.77 28.60
C ILE N 433 36.57 14.96 27.18
N LEU N 434 37.90 15.02 27.04
CA LEU N 434 38.46 15.25 25.72
C LEU N 434 38.09 14.12 24.77
N TYR N 435 38.18 12.87 25.24
CA TYR N 435 37.78 11.76 24.38
C TYR N 435 36.33 11.90 23.96
N ALA N 436 35.48 12.38 24.86
CA ALA N 436 34.07 12.57 24.53
C ALA N 436 33.90 13.59 23.42
N LEU N 437 34.69 14.66 23.44
CA LEU N 437 34.52 15.71 22.44
C LEU N 437 34.98 15.26 21.05
N ALA N 438 35.75 14.19 20.96
CA ALA N 438 36.18 13.72 19.66
C ALA N 438 35.01 13.07 18.93
N ASP N 439 35.12 13.05 17.61
CA ASP N 439 34.15 12.31 16.82
C ASP N 439 34.25 10.83 17.21
N PRO N 440 33.17 10.21 17.70
CA PRO N 440 33.26 8.78 18.06
C PRO N 440 33.66 7.92 16.91
N GLN N 441 33.60 8.44 15.69
CA GLN N 441 33.44 7.65 14.50
C GLN N 441 34.77 7.54 13.75
N ARG N 442 35.77 8.33 14.17
CA ARG N 442 37.17 8.15 13.77
C ARG N 442 38.17 8.21 14.92
N GLY N 443 37.82 8.74 16.08
CA GLY N 443 38.67 8.73 17.25
C GLY N 443 39.21 10.11 17.60
N ALA N 444 39.96 10.16 18.70
CA ALA N 444 40.37 11.39 19.37
C ALA N 444 41.85 11.69 19.16
N ARG N 445 42.22 12.93 19.51
CA ARG N 445 43.60 13.39 19.51
C ARG N 445 43.70 14.58 20.45
N PHE N 446 44.50 14.48 21.51
CA PHE N 446 44.62 15.60 22.43
C PHE N 446 45.93 15.50 23.19
N SER N 447 46.29 16.60 23.87
CA SER N 447 47.55 16.74 24.58
C SER N 447 47.30 17.21 26.00
N ILE N 448 48.10 16.73 26.93
CA ILE N 448 48.03 17.11 28.34
C ILE N 448 49.30 17.85 28.69
N ALA N 449 49.15 19.09 29.15
CA ALA N 449 50.29 19.96 29.45
C ALA N 449 50.16 20.50 30.87
N LEU N 450 51.31 20.61 31.55
CA LEU N 450 51.36 21.19 32.88
C LEU N 450 52.57 22.11 32.99
N GLY N 451 52.56 22.93 34.04
CA GLY N 451 53.49 24.03 34.23
C GLY N 451 54.77 23.69 34.95
N LEU N 452 55.11 22.41 35.10
CA LEU N 452 56.37 22.05 35.74
C LEU N 452 57.53 22.67 34.99
N ARG N 453 58.54 23.14 35.74
CA ARG N 453 59.73 23.68 35.11
C ARG N 453 60.36 22.65 34.18
N SER N 454 60.19 21.37 34.49
CA SER N 454 60.52 20.30 33.56
C SER N 454 59.84 19.04 34.05
N LEU N 455 59.56 18.14 33.11
CA LEU N 455 58.74 16.96 33.36
C LEU N 455 59.61 15.71 33.34
N THR N 456 59.33 14.79 34.26
CA THR N 456 60.06 13.55 34.45
C THR N 456 59.34 12.38 33.77
N LEU N 457 60.08 11.27 33.62
CA LEU N 457 59.47 10.07 33.05
C LEU N 457 58.32 9.61 33.95
N GLN N 458 58.49 9.67 35.27
CA GLN N 458 57.45 9.15 36.15
C GLN N 458 56.10 9.79 36.01
N THR N 459 56.05 11.10 35.93
CA THR N 459 54.73 11.70 35.84
C THR N 459 54.01 11.20 34.59
N GLY N 460 54.74 11.08 33.48
CA GLY N 460 54.16 10.49 32.29
C GLY N 460 53.71 9.05 32.47
N GLN N 461 54.56 8.21 33.08
CA GLN N 461 54.17 6.83 33.32
C GLN N 461 52.94 6.75 34.21
N ALA N 462 52.89 7.60 35.23
CA ALA N 462 51.71 7.66 36.08
C ALA N 462 50.48 7.99 35.25
N TYR N 463 50.58 8.96 34.34
CA TYR N 463 49.46 9.27 33.47
C TYR N 463 49.09 8.06 32.64
N ARG N 464 50.09 7.35 32.12
CA ARG N 464 49.83 6.17 31.30
C ARG N 464 49.04 5.12 32.08
N GLU N 465 49.43 4.89 33.33
CA GLU N 465 48.70 3.90 34.13
C GLU N 465 47.30 4.41 34.51
N ARG N 466 47.18 5.68 34.89
CA ARG N 466 45.87 6.24 35.21
C ARG N 466 44.91 6.13 34.04
N LEU N 467 45.39 6.35 32.82
CA LEU N 467 44.53 6.33 31.66
C LEU N 467 44.41 4.96 31.01
N GLY N 468 45.18 3.97 31.44
CA GLY N 468 45.07 2.65 30.83
C GLY N 468 45.54 2.63 29.39
N LEU N 469 46.66 3.31 29.11
CA LEU N 469 47.14 3.65 27.79
C LEU N 469 48.43 2.91 27.50
N GLY N 470 48.61 2.47 26.25
CA GLY N 470 49.82 1.78 25.87
C GLY N 470 50.92 2.72 25.44
N ASP N 471 52.12 2.16 25.27
CA ASP N 471 53.26 2.97 24.87
C ASP N 471 53.12 3.51 23.46
N ASP N 472 52.31 2.86 22.62
CA ASP N 472 52.01 3.37 21.30
C ASP N 472 50.87 4.37 21.30
N ASP N 473 50.15 4.51 22.42
CA ASP N 473 49.05 5.45 22.53
C ASP N 473 49.50 6.79 23.09
N LEU N 474 50.22 6.76 24.21
CA LEU N 474 50.59 7.97 24.93
C LEU N 474 52.10 8.18 24.80
N ALA N 475 52.48 9.34 24.29
CA ALA N 475 53.88 9.74 24.21
C ALA N 475 54.21 10.71 25.35
N ILE N 476 55.46 10.69 25.78
CA ILE N 476 55.91 11.52 26.88
C ILE N 476 57.14 12.30 26.42
N LEU N 477 57.14 13.60 26.70
CA LEU N 477 58.24 14.49 26.34
C LEU N 477 58.89 15.00 27.62
N VAL N 478 60.19 14.80 27.75
CA VAL N 478 60.90 15.03 28.99
C VAL N 478 61.64 16.36 28.93
N GLY N 479 62.07 16.85 30.10
CA GLY N 479 62.93 18.01 30.16
C GLY N 479 62.21 19.32 29.87
N GLY N 480 62.91 20.22 29.19
CA GLY N 480 62.36 21.52 28.85
C GLY N 480 63.14 22.13 27.71
N SER N 481 62.65 23.29 27.26
CA SER N 481 63.21 23.94 26.09
C SER N 481 64.62 24.48 26.38
N ALA N 482 65.38 24.71 25.32
CA ALA N 482 66.72 25.24 25.41
C ALA N 482 66.69 26.77 25.44
N ALA N 483 67.86 27.36 25.63
CA ALA N 483 68.01 28.80 25.81
C ALA N 483 68.63 29.44 24.57
N ARG N 484 68.57 30.77 24.54
CA ARG N 484 69.10 31.52 23.41
C ARG N 484 70.60 31.30 23.22
N GLU N 485 71.32 31.03 24.32
CA GLU N 485 72.78 30.94 24.24
C GLU N 485 73.21 29.91 23.21
N LEU N 486 72.64 28.70 23.28
CA LEU N 486 73.01 27.65 22.33
C LEU N 486 72.62 28.02 20.92
N PHE N 487 71.47 28.69 20.77
CA PHE N 487 71.01 29.10 19.45
C PHE N 487 71.99 30.09 18.81
N GLU N 488 72.49 31.05 19.60
CA GLU N 488 73.44 32.01 19.05
C GLU N 488 74.79 31.36 18.78
N LYS N 489 75.29 30.55 19.71
CA LYS N 489 76.41 29.65 19.43
C LYS N 489 76.27 29.00 18.04
N GLN N 490 75.11 28.42 17.80
CA GLN N 490 74.92 27.63 16.59
C GLN N 490 74.81 28.53 15.36
N GLN N 491 74.11 29.65 15.47
CA GLN N 491 74.00 30.53 14.32
C GLN N 491 75.34 31.15 13.97
N GLU N 492 76.21 31.35 14.97
CA GLU N 492 77.60 31.71 14.69
C GLU N 492 78.28 30.61 13.90
N ARG N 493 78.00 29.36 14.24
CA ARG N 493 78.60 28.24 13.49
C ARG N 493 78.03 28.16 12.06
N LEU N 494 76.71 28.27 11.92
CA LEU N 494 76.00 27.97 10.69
C LEU N 494 75.84 29.16 9.76
N GLU N 495 75.75 30.38 10.30
CA GLU N 495 75.61 31.55 9.43
C GLU N 495 76.79 31.67 8.47
N ARG N 496 77.91 31.02 8.78
CA ARG N 496 79.02 30.96 7.84
C ARG N 496 78.57 30.38 6.50
N SER N 497 77.60 29.46 6.51
CA SER N 497 77.00 28.95 5.30
C SER N 497 75.67 29.60 4.97
N GLY N 498 75.00 30.19 5.95
CA GLY N 498 73.74 30.88 5.72
C GLY N 498 72.50 30.01 5.82
N SER N 499 72.64 28.70 6.03
CA SER N 499 71.50 27.81 6.13
C SER N 499 70.98 27.77 7.57
N GLU N 500 70.62 28.94 8.07
CA GLU N 500 70.13 29.05 9.44
C GLU N 500 68.90 28.18 9.66
N SER N 501 68.15 27.91 8.61
CA SER N 501 66.98 27.04 8.72
C SER N 501 67.34 25.58 8.95
N ALA N 502 68.64 25.25 8.97
CA ALA N 502 69.07 23.88 9.27
C ALA N 502 69.02 23.56 10.76
N GLN N 503 68.86 24.56 11.62
CA GLN N 503 68.76 24.29 13.05
C GLN N 503 67.61 23.34 13.34
N GLU N 504 67.89 22.35 14.20
CA GLU N 504 66.93 21.29 14.41
C GLU N 504 65.63 21.83 14.99
N LEU N 505 64.52 21.17 14.64
CA LEU N 505 63.22 21.62 15.10
C LEU N 505 63.11 21.54 16.62
N LEU N 506 63.55 20.43 17.19
CA LEU N 506 63.55 20.21 18.63
C LEU N 506 64.99 20.08 19.10
N ALA N 507 65.36 20.87 20.11
CA ALA N 507 66.70 20.79 20.66
C ALA N 507 67.00 19.36 21.11
N GLU N 508 68.19 18.86 20.73
CA GLU N 508 68.51 17.47 20.98
C GLU N 508 68.65 17.15 22.46
N ASN N 509 68.72 18.16 23.33
CA ASN N 509 68.63 17.91 24.75
C ASN N 509 67.24 17.41 25.15
N SER N 510 66.26 17.50 24.26
CA SER N 510 64.94 16.94 24.46
C SER N 510 64.85 15.55 23.83
N HIS N 511 63.92 14.75 24.33
CA HIS N 511 63.75 13.37 23.90
C HIS N 511 62.31 12.96 24.12
N VAL N 512 61.86 12.00 23.33
CA VAL N 512 60.46 11.56 23.37
C VAL N 512 60.41 10.04 23.35
N HIS N 513 59.63 9.47 24.27
CA HIS N 513 59.32 8.05 24.30
C HIS N 513 57.95 7.82 23.66
N PHE N 514 57.90 6.92 22.68
CA PHE N 514 56.65 6.52 22.06
C PHE N 514 56.90 5.32 21.18
N ALA N 515 56.01 4.32 21.26
CA ALA N 515 56.26 3.00 20.70
C ALA N 515 55.24 2.65 19.63
N GLY N 516 54.91 3.61 18.76
CA GLY N 516 54.01 3.37 17.66
C GLY N 516 54.71 3.34 16.31
N THR N 517 53.91 3.40 15.26
CA THR N 517 54.43 3.32 13.91
C THR N 517 54.88 4.69 13.42
N LEU N 518 56.04 4.73 12.78
CA LEU N 518 56.61 5.97 12.25
C LEU N 518 56.41 6.12 10.75
N GLU N 519 56.60 5.04 9.98
CA GLU N 519 56.56 5.15 8.52
C GLU N 519 55.20 5.55 8.00
N ASP N 520 54.14 5.38 8.78
CA ASP N 520 52.80 5.78 8.34
C ASP N 520 52.63 7.29 8.32
N GLY N 521 53.59 8.04 8.86
CA GLY N 521 53.46 9.48 8.99
C GLY N 521 53.11 10.17 7.69
N PRO N 522 51.98 10.88 7.66
CA PRO N 522 51.67 11.69 6.46
C PRO N 522 52.71 12.74 6.17
N LEU N 523 53.48 13.17 7.16
CA LEU N 523 54.50 14.19 6.99
C LEU N 523 55.90 13.61 6.91
N ARG N 524 56.01 12.29 6.71
CA ARG N 524 57.33 11.66 6.68
C ARG N 524 58.24 12.32 5.66
N GLU N 525 57.67 12.79 4.56
CA GLU N 525 58.49 13.37 3.50
C GLU N 525 59.30 14.57 3.98
N TRP N 526 58.89 15.20 5.08
CA TRP N 526 59.58 16.38 5.58
C TRP N 526 59.99 16.29 7.03
N LEU N 527 59.45 15.34 7.81
CA LEU N 527 59.82 15.18 9.21
C LEU N 527 60.52 13.87 9.52
N GLY N 528 60.57 12.93 8.57
CA GLY N 528 61.30 11.70 8.82
C GLY N 528 62.76 11.93 9.13
N ARG N 529 63.31 13.05 8.65
CA ARG N 529 64.71 13.39 8.92
C ARG N 529 64.93 13.87 10.34
N ASN N 530 63.87 14.10 11.11
CA ASN N 530 63.95 14.36 12.55
C ASN N 530 62.89 13.50 13.21
N SER N 531 63.27 12.27 13.57
CA SER N 531 62.30 11.32 14.10
C SER N 531 61.60 11.85 15.35
N ALA N 532 62.26 12.73 16.11
CA ALA N 532 61.65 13.23 17.34
C ALA N 532 60.35 13.97 17.05
N GLY N 533 60.40 14.95 16.15
CA GLY N 533 59.18 15.68 15.82
C GLY N 533 58.13 14.78 15.20
N ASN N 534 58.54 13.88 14.31
CA ASN N 534 57.59 12.97 13.69
C ASN N 534 56.89 12.14 14.75
N ARG N 535 57.63 11.65 15.75
CA ARG N 535 57.02 10.93 16.85
C ARG N 535 56.06 11.83 17.63
N LEU N 536 56.46 13.08 17.84
CA LEU N 536 55.60 14.00 18.58
C LEU N 536 54.24 14.14 17.90
N LEU N 537 54.24 14.29 16.59
CA LEU N 537 52.97 14.42 15.87
C LEU N 537 52.23 13.08 15.82
N GLN N 538 52.95 11.99 15.61
CA GLN N 538 52.30 10.70 15.36
C GLN N 538 51.50 10.22 16.56
N ALA N 539 52.01 10.44 17.76
CA ALA N 539 51.38 9.89 18.94
C ALA N 539 49.95 10.41 19.06
N PRO N 540 48.95 9.54 19.15
CA PRO N 540 47.57 10.04 19.30
C PRO N 540 47.39 10.96 20.50
N ILE N 541 48.00 10.63 21.63
CA ILE N 541 47.95 11.45 22.82
C ILE N 541 49.38 11.64 23.31
N LEU N 542 49.70 12.85 23.76
CA LEU N 542 51.00 13.15 24.32
C LEU N 542 50.82 13.92 25.62
N ALA N 543 51.76 13.70 26.53
CA ALA N 543 51.84 14.45 27.78
C ALA N 543 53.20 15.12 27.82
N CYS N 544 53.21 16.38 28.25
CA CYS N 544 54.44 17.15 28.25
C CYS N 544 54.25 18.34 29.16
N THR N 545 55.32 19.11 29.33
CA THR N 545 55.22 20.41 29.98
C THR N 545 54.49 21.40 29.08
N ILE N 546 53.94 22.43 29.71
CA ILE N 546 53.44 23.57 28.95
C ILE N 546 54.60 24.20 28.21
N ASP N 547 55.82 24.05 28.75
CA ASP N 547 56.98 24.71 28.16
C ASP N 547 57.16 24.29 26.72
N HIS N 548 56.94 23.01 26.43
CA HIS N 548 57.19 22.47 25.09
C HIS N 548 56.26 23.04 24.03
N LEU N 549 55.10 23.56 24.41
CA LEU N 549 54.17 24.11 23.43
C LEU N 549 54.38 25.58 23.18
N MET N 550 54.93 26.31 24.14
CA MET N 550 55.15 27.75 23.97
C MET N 550 55.93 28.10 22.71
N PRO N 551 56.95 27.35 22.30
CA PRO N 551 57.66 27.71 21.07
C PRO N 551 56.72 28.00 19.92
N ALA N 552 55.47 27.56 20.02
CA ALA N 552 54.48 27.94 19.02
C ALA N 552 54.37 29.45 18.91
N SER N 553 54.15 30.13 20.04
CA SER N 553 54.01 31.56 20.06
C SER N 553 55.28 32.30 20.46
N GLU N 554 56.25 31.59 21.03
CA GLU N 554 57.44 32.24 21.58
C GLU N 554 58.70 32.03 20.75
N SER N 555 58.64 31.22 19.70
CA SER N 555 59.83 30.92 18.91
C SER N 555 60.17 32.15 18.06
N LEU N 556 60.84 33.11 18.69
CA LEU N 556 61.21 34.33 18.01
C LEU N 556 62.23 34.07 16.90
N ARG N 557 63.03 33.02 17.05
CA ARG N 557 64.11 32.74 16.12
C ARG N 557 64.20 31.24 15.90
N GLY N 558 64.38 30.84 14.64
CA GLY N 558 64.48 29.44 14.29
C GLY N 558 63.13 28.79 14.13
N GLY N 559 63.14 27.60 13.53
CA GLY N 559 61.90 26.92 13.19
C GLY N 559 61.36 26.05 14.30
N HIS N 560 61.48 26.50 15.55
CA HIS N 560 61.01 25.71 16.67
C HIS N 560 59.49 25.72 16.81
N GLN N 561 58.80 26.67 16.19
CA GLN N 561 57.35 26.70 16.30
C GLN N 561 56.70 25.59 15.48
N ILE N 562 57.43 24.98 14.55
CA ILE N 562 56.81 24.09 13.58
C ILE N 562 56.09 22.94 14.29
N ALA N 563 56.85 22.15 15.05
CA ALA N 563 56.26 20.96 15.68
C ALA N 563 55.08 21.31 16.58
N PRO N 564 55.24 22.12 17.63
CA PRO N 564 54.10 22.38 18.50
C PRO N 564 52.94 23.02 17.76
N LEU N 565 53.21 23.93 16.83
CA LEU N 565 52.12 24.58 16.11
C LEU N 565 51.30 23.54 15.35
N LEU N 566 51.97 22.61 14.68
CA LEU N 566 51.24 21.52 14.03
C LEU N 566 50.47 20.71 15.07
N ARG N 567 51.06 20.49 16.23
CA ARG N 567 50.36 19.75 17.27
C ARG N 567 49.05 20.44 17.66
N LEU N 568 49.11 21.76 17.87
CA LEU N 568 47.89 22.50 18.17
C LEU N 568 46.89 22.41 17.02
N MET N 569 47.38 22.55 15.79
CA MET N 569 46.50 22.58 14.63
C MET N 569 45.90 21.21 14.32
N THR N 570 46.33 20.16 15.00
CA THR N 570 45.82 18.81 14.75
C THR N 570 45.35 18.10 16.02
N SER N 571 45.29 18.77 17.16
CA SER N 571 44.91 18.09 18.39
C SER N 571 44.41 19.13 19.38
N ASP N 572 43.73 18.63 20.41
CA ASP N 572 43.15 19.46 21.46
C ASP N 572 44.10 19.57 22.64
N LEU N 573 43.84 20.55 23.50
CA LEU N 573 44.79 20.97 24.52
C LEU N 573 44.14 20.95 25.88
N VAL N 574 44.81 20.34 26.86
CA VAL N 574 44.41 20.35 28.25
C VAL N 574 45.53 21.00 29.06
N LEU N 575 45.17 21.95 29.91
CA LEU N 575 46.12 22.63 30.79
C LEU N 575 45.75 22.30 32.23
N ASP N 576 46.73 21.80 33.00
CA ASP N 576 46.49 21.29 34.34
C ASP N 576 47.46 21.95 35.32
N GLU N 577 46.98 22.25 36.51
CA GLU N 577 47.64 23.24 37.38
C GLU N 577 48.17 24.40 36.54
N VAL N 578 47.28 24.94 35.73
CA VAL N 578 47.62 26.11 34.92
C VAL N 578 47.88 27.31 35.82
N ASP N 579 47.21 27.36 36.97
CA ASP N 579 47.36 28.50 37.86
C ASP N 579 48.68 28.50 38.62
N ASP N 580 49.45 27.41 38.55
CA ASP N 580 50.71 27.36 39.28
C ASP N 580 51.74 28.34 38.75
N PHE N 581 51.49 28.94 37.59
CA PHE N 581 52.44 29.89 37.03
C PHE N 581 52.55 31.12 37.93
N ASP N 582 53.70 31.79 37.82
CA ASP N 582 53.89 33.08 38.46
C ASP N 582 53.40 34.20 37.54
N ILE N 583 53.13 35.35 38.16
CA ILE N 583 52.32 36.37 37.50
C ILE N 583 52.93 36.77 36.16
N ASP N 584 54.26 36.92 36.11
CA ASP N 584 54.88 37.37 34.87
C ASP N 584 54.75 36.36 33.75
N ASP N 585 54.30 35.14 34.04
CA ASP N 585 54.26 34.08 33.05
C ASP N 585 52.90 33.96 32.37
N LEU N 586 51.84 34.39 33.04
CA LEU N 586 50.50 34.29 32.46
C LEU N 586 50.37 34.95 31.10
N PRO N 587 50.91 36.14 30.85
CA PRO N 587 50.74 36.74 29.51
C PRO N 587 51.14 35.82 28.37
N ALA N 588 52.25 35.09 28.53
CA ALA N 588 52.62 34.12 27.51
C ALA N 588 51.57 33.02 27.43
N LEU N 589 51.08 32.57 28.58
CA LEU N 589 50.05 31.55 28.56
C LEU N 589 48.84 32.03 27.79
N SER N 590 48.44 33.28 28.01
CA SER N 590 47.31 33.83 27.29
C SER N 590 47.58 33.80 25.79
N ARG N 591 48.79 34.14 25.37
CA ARG N 591 49.11 34.06 23.95
C ARG N 591 48.90 32.64 23.43
N LEU N 592 49.40 31.65 24.16
CA LEU N 592 49.21 30.26 23.74
C LEU N 592 47.74 29.92 23.61
N VAL N 593 46.95 30.24 24.63
CA VAL N 593 45.52 29.92 24.57
C VAL N 593 44.87 30.62 23.39
N HIS N 594 45.28 31.86 23.12
CA HIS N 594 44.74 32.57 21.97
C HIS N 594 45.02 31.81 20.69
N TRP N 595 46.25 31.33 20.52
CA TRP N 595 46.52 30.62 19.28
C TRP N 595 45.78 29.30 19.24
N ALA N 596 45.65 28.63 20.39
CA ALA N 596 44.89 27.40 20.46
C ALA N 596 43.49 27.61 19.92
N GLY N 597 42.89 28.74 20.27
CA GLY N 597 41.59 29.07 19.67
C GLY N 597 41.68 29.57 18.25
N LEU N 598 42.85 30.04 17.83
CA LEU N 598 43.01 30.57 16.48
C LEU N 598 43.06 29.46 15.44
N PHE N 599 43.59 28.30 15.80
CA PHE N 599 43.80 27.21 14.85
C PHE N 599 42.81 26.06 15.06
N GLY N 600 41.72 26.29 15.77
CA GLY N 600 40.64 25.34 15.82
C GLY N 600 40.75 24.27 16.88
N SER N 601 41.69 24.40 17.82
CA SER N 601 41.75 23.45 18.90
C SER N 601 40.74 23.83 19.98
N ARG N 602 40.49 22.88 20.88
CA ARG N 602 39.58 23.07 22.00
C ARG N 602 40.34 22.95 23.30
N VAL N 603 40.02 23.81 24.26
CA VAL N 603 40.82 24.00 25.46
C VAL N 603 40.03 23.56 26.67
N LEU N 604 40.71 22.88 27.60
CA LEU N 604 40.12 22.45 28.87
C LEU N 604 41.09 22.82 29.98
N LEU N 605 40.74 23.85 30.76
CA LEU N 605 41.55 24.23 31.90
C LEU N 605 41.21 23.34 33.10
N SER N 606 42.24 22.94 33.84
CA SER N 606 42.09 22.04 34.97
C SER N 606 42.87 22.58 36.15
N SER N 607 42.21 22.67 37.30
CA SER N 607 42.86 23.10 38.54
C SER N 607 41.85 22.98 39.67
N ALA N 608 42.36 23.02 40.90
CA ALA N 608 41.52 23.03 42.09
C ALA N 608 41.04 24.43 42.46
N THR N 609 41.58 25.46 41.84
CA THR N 609 41.21 26.83 42.17
C THR N 609 41.67 27.72 41.03
N LEU N 610 40.88 28.73 40.70
CA LEU N 610 41.15 29.48 39.49
C LEU N 610 40.56 30.89 39.64
N PRO N 611 41.38 31.92 39.79
CA PRO N 611 40.84 33.26 40.04
C PRO N 611 39.93 33.70 38.91
N PRO N 612 38.79 34.35 39.22
CA PRO N 612 37.88 34.76 38.15
C PRO N 612 38.52 35.66 37.10
N ALA N 613 39.33 36.63 37.51
CA ALA N 613 39.96 37.50 36.52
C ALA N 613 40.81 36.70 35.56
N LEU N 614 41.45 35.64 36.04
CA LEU N 614 42.28 34.82 35.18
C LEU N 614 41.45 34.18 34.08
N VAL N 615 40.37 33.51 34.47
CA VAL N 615 39.57 32.81 33.47
C VAL N 615 38.92 33.80 32.52
N GLN N 616 38.53 34.98 33.01
CA GLN N 616 37.97 35.98 32.11
C GLN N 616 39.00 36.40 31.06
N GLY N 617 40.23 36.66 31.48
CA GLY N 617 41.24 37.06 30.52
C GLY N 617 41.51 35.98 29.49
N LEU N 618 41.67 34.74 29.95
CA LEU N 618 41.92 33.66 29.01
C LEU N 618 40.72 33.48 28.09
N PHE N 619 39.51 33.53 28.62
CA PHE N 619 38.33 33.33 27.79
C PHE N 619 38.27 34.37 26.69
N GLU N 620 38.45 35.65 27.04
CA GLU N 620 38.43 36.66 26.00
C GLU N 620 39.52 36.42 24.95
N ALA N 621 40.66 35.89 25.37
CA ALA N 621 41.67 35.49 24.40
C ALA N 621 41.15 34.40 23.47
N TYR N 622 40.58 33.34 24.05
CA TYR N 622 40.07 32.24 23.26
C TYR N 622 38.93 32.69 22.35
N ARG N 623 38.03 33.52 22.86
CA ARG N 623 36.94 34.04 22.06
C ARG N 623 37.49 34.77 20.84
N SER N 624 38.47 35.65 21.05
CA SER N 624 39.04 36.37 19.91
C SER N 624 39.66 35.39 18.92
N GLY N 625 40.38 34.39 19.43
CA GLY N 625 40.99 33.42 18.55
C GLY N 625 39.96 32.68 17.71
N ARG N 626 38.90 32.21 18.35
CA ARG N 626 37.87 31.48 17.62
C ARG N 626 37.22 32.38 16.57
N GLU N 627 36.94 33.63 16.94
CA GLU N 627 36.31 34.54 15.99
C GLU N 627 37.18 34.70 14.75
N ILE N 628 38.49 34.85 14.94
CA ILE N 628 39.37 34.90 13.77
C ILE N 628 39.30 33.59 13.00
N PHE N 629 39.26 32.47 13.73
CA PHE N 629 39.32 31.17 13.08
C PHE N 629 38.12 30.93 12.18
N GLN N 630 36.92 31.26 12.66
CA GLN N 630 35.72 30.91 11.91
C GLN N 630 35.59 31.64 10.60
N ARG N 631 36.48 32.57 10.28
CA ARG N 631 36.49 33.17 8.96
C ARG N 631 37.12 32.28 7.91
N HIS N 632 37.66 31.12 8.31
CA HIS N 632 38.42 30.31 7.38
C HIS N 632 38.13 28.82 7.49
N ARG N 633 37.17 28.40 8.30
CA ARG N 633 36.80 27.00 8.39
C ARG N 633 35.30 26.90 8.68
N GLY N 634 34.73 25.76 8.35
CA GLY N 634 33.32 25.54 8.59
C GLY N 634 32.45 26.43 7.70
N ALA N 635 31.19 26.55 8.10
CA ALA N 635 30.23 27.33 7.32
C ALA N 635 30.49 28.82 7.54
N PRO N 636 30.77 29.59 6.51
CA PRO N 636 31.08 31.00 6.72
C PRO N 636 29.89 31.79 7.24
N GLY N 637 30.18 32.79 8.04
CA GLY N 637 29.18 33.72 8.54
C GLY N 637 28.54 33.32 9.85
N ARG N 638 28.65 32.07 10.26
CA ARG N 638 28.03 31.64 11.50
C ARG N 638 28.55 32.46 12.67
N ALA N 639 27.65 32.79 13.60
CA ALA N 639 28.01 33.65 14.72
C ALA N 639 28.91 32.93 15.71
N THR N 640 29.73 33.70 16.42
CA THR N 640 30.61 33.18 17.45
C THR N 640 29.85 33.08 18.76
N GLU N 641 29.70 31.86 19.28
CA GLU N 641 29.38 31.68 20.69
C GLU N 641 30.00 30.37 21.13
N ILE N 642 31.02 30.46 21.98
CA ILE N 642 31.77 29.29 22.39
C ILE N 642 30.92 28.45 23.34
N ARG N 643 31.12 27.14 23.29
CA ARG N 643 30.42 26.23 24.21
C ARG N 643 31.25 26.12 25.47
N CYS N 644 30.91 26.93 26.46
CA CYS N 644 31.60 26.90 27.73
C CYS N 644 31.11 25.73 28.58
N ALA N 645 31.95 25.29 29.50
CA ALA N 645 31.60 24.14 30.35
C ALA N 645 32.31 24.28 31.69
N TRP N 646 31.72 23.63 32.70
CA TRP N 646 32.27 23.59 34.05
C TRP N 646 32.14 22.18 34.58
N PHE N 647 33.11 21.76 35.38
CA PHE N 647 33.12 20.42 35.95
C PHE N 647 33.54 20.49 37.40
N ASP N 648 33.05 19.54 38.19
CA ASP N 648 33.14 19.64 39.64
C ASP N 648 32.88 18.26 40.25
N GLU N 649 33.19 18.15 41.54
CA GLU N 649 32.73 17.00 42.30
C GLU N 649 31.21 16.96 42.37
N PHE N 650 30.60 18.13 42.56
CA PHE N 650 29.16 18.19 42.81
C PHE N 650 28.32 18.19 41.55
N SER N 651 28.83 18.74 40.45
CA SER N 651 27.96 19.01 39.30
C SER N 651 28.79 19.11 38.03
N SER N 652 28.08 19.20 36.92
CA SER N 652 28.68 19.48 35.62
C SER N 652 27.65 20.27 34.81
N GLN N 653 28.13 21.20 33.99
CA GLN N 653 27.24 22.15 33.35
C GLN N 653 27.91 22.70 32.10
N SER N 654 27.10 23.19 31.17
CA SER N 654 27.60 23.80 29.96
C SER N 654 26.58 24.81 29.45
N SER N 655 27.08 25.76 28.66
CA SER N 655 26.23 26.79 28.09
C SER N 655 27.00 27.53 27.02
N ALA N 656 26.30 27.94 25.97
CA ALA N 656 26.89 28.77 24.93
C ALA N 656 26.96 30.22 25.40
N HIS N 657 28.03 30.91 25.02
CA HIS N 657 28.21 32.30 25.40
C HIS N 657 28.89 33.05 24.26
N GLY N 658 28.47 34.30 24.07
CA GLY N 658 28.96 35.09 22.96
C GLY N 658 29.98 36.14 23.35
N ALA N 659 29.99 36.55 24.62
CA ALA N 659 30.88 37.62 25.05
C ALA N 659 31.21 37.43 26.53
N VAL N 660 32.22 38.16 26.98
CA VAL N 660 32.75 37.96 28.33
C VAL N 660 31.68 38.22 29.38
N THR N 661 30.85 39.25 29.18
CA THR N 661 29.93 39.65 30.24
C THR N 661 29.06 38.48 30.69
N SER N 662 28.40 37.80 29.74
CA SER N 662 27.55 36.68 30.09
C SER N 662 28.37 35.52 30.63
N PHE N 663 29.58 35.34 30.10
CA PHE N 663 30.40 34.22 30.56
C PHE N 663 30.72 34.39 32.03
N SER N 664 31.22 35.56 32.40
CA SER N 664 31.60 35.81 33.79
C SER N 664 30.39 35.67 34.70
N GLU N 665 29.25 36.23 34.31
CA GLU N 665 28.06 36.06 35.14
C GLU N 665 27.66 34.60 35.30
N ALA N 666 27.90 33.77 34.29
CA ALA N 666 27.68 32.34 34.45
C ALA N 666 28.74 31.69 35.33
N HIS N 667 30.00 32.08 35.12
CA HIS N 667 31.07 31.49 35.92
C HIS N 667 30.87 31.83 37.37
N ALA N 668 30.59 33.10 37.68
CA ALA N 668 30.35 33.50 39.05
C ALA N 668 29.20 32.70 39.64
N THR N 669 28.17 32.42 38.83
CA THR N 669 27.08 31.59 39.34
C THR N 669 27.60 30.22 39.75
N PHE N 670 28.44 29.62 38.91
CA PHE N 670 28.95 28.29 39.24
C PHE N 670 29.84 28.31 40.48
N VAL N 671 30.71 29.31 40.59
CA VAL N 671 31.48 29.49 41.83
C VAL N 671 30.55 29.60 43.03
N ALA N 672 29.53 30.45 42.94
CA ALA N 672 28.64 30.64 44.07
C ALA N 672 28.05 29.30 44.50
N GLN N 673 27.67 28.47 43.53
CA GLN N 673 27.13 27.16 43.88
C GLN N 673 28.20 26.28 44.51
N ARG N 674 29.41 26.29 43.95
CA ARG N 674 30.44 25.38 44.47
C ARG N 674 30.76 25.71 45.91
N LEU N 675 31.09 26.97 46.20
CA LEU N 675 31.50 27.32 47.54
C LEU N 675 30.34 27.13 48.53
N ALA N 676 29.12 27.46 48.13
CA ALA N 676 27.99 27.23 49.02
C ALA N 676 27.82 25.74 49.31
N LYS N 677 27.93 24.91 48.27
CA LYS N 677 27.82 23.47 48.45
C LYS N 677 28.97 22.92 49.28
N LEU N 678 30.17 23.47 49.10
CA LEU N 678 31.33 22.98 49.84
C LEU N 678 31.15 23.20 51.34
N GLU N 679 30.56 24.34 51.72
CA GLU N 679 30.38 24.65 53.14
C GLU N 679 29.47 23.67 53.85
N GLN N 680 28.70 22.89 53.10
CA GLN N 680 27.88 21.85 53.73
C GLN N 680 28.73 20.69 54.23
N LEU N 681 29.93 20.51 53.67
CA LEU N 681 30.69 19.30 53.97
C LEU N 681 31.68 19.55 55.10
N PRO N 682 31.82 18.59 56.01
CA PRO N 682 32.48 18.88 57.28
C PRO N 682 33.94 19.23 57.06
N PRO N 683 34.52 20.03 57.94
CA PRO N 683 35.95 20.34 57.81
C PRO N 683 36.81 19.10 57.97
N ARG N 684 37.92 19.07 57.24
CA ARG N 684 38.82 17.93 57.22
C ARG N 684 40.16 18.20 57.88
N ARG N 685 40.50 19.47 58.12
CA ARG N 685 41.84 19.84 58.57
C ARG N 685 41.73 21.06 59.46
N GLN N 686 42.79 21.30 60.24
CA GLN N 686 42.84 22.43 61.15
C GLN N 686 44.25 23.01 61.14
N ALA N 687 44.35 24.30 60.83
CA ALA N 687 45.62 25.00 60.75
C ALA N 687 46.00 25.58 62.11
N GLN N 688 47.29 25.85 62.27
CA GLN N 688 47.80 26.42 63.50
C GLN N 688 49.15 27.06 63.21
N LEU N 689 49.58 27.92 64.14
CA LEU N 689 50.90 28.55 64.05
C LEU N 689 51.60 28.49 65.40
N VAL N 692 57.53 31.13 67.60
CA VAL N 692 58.86 31.07 67.00
C VAL N 692 59.82 31.95 67.80
N HIS N 693 60.71 31.30 68.55
CA HIS N 693 61.72 32.01 69.34
C HIS N 693 63.03 32.09 68.57
N ALA N 694 62.96 32.70 67.38
CA ALA N 694 64.08 32.85 66.48
C ALA N 694 64.29 34.32 66.19
N ALA N 695 65.30 34.92 66.83
CA ALA N 695 65.63 36.32 66.63
C ALA N 695 67.01 36.52 66.00
N GLY N 696 67.77 35.45 65.79
CA GLY N 696 69.10 35.60 65.24
C GLY N 696 69.09 36.01 63.78
N GLU N 697 70.24 36.49 63.32
CA GLU N 697 70.41 36.92 61.94
C GLU N 697 71.34 36.01 61.14
N ALA N 698 72.02 35.08 61.78
CA ALA N 698 72.91 34.15 61.09
C ALA N 698 72.10 32.94 60.61
N ARG N 699 72.04 32.76 59.30
CA ARG N 699 71.22 31.68 58.73
C ARG N 699 71.55 30.32 59.32
N PRO N 700 72.82 29.92 59.48
CA PRO N 700 73.10 28.59 60.05
C PRO N 700 72.53 28.42 61.45
N ALA N 701 72.86 29.32 62.37
CA ALA N 701 72.41 29.15 63.75
C ALA N 701 70.88 29.21 63.84
N LEU N 702 70.26 30.16 63.15
CA LEU N 702 68.80 30.25 63.20
C LEU N 702 68.15 29.02 62.58
N CYS N 703 68.77 28.44 61.55
CA CYS N 703 68.29 27.16 61.06
C CYS N 703 68.42 26.09 62.13
N ARG N 704 69.53 26.09 62.86
CA ARG N 704 69.73 25.15 63.95
C ARG N 704 68.64 25.31 65.01
N MET N 714 57.24 18.21 65.95
CA MET N 714 56.95 16.84 65.57
C MET N 714 56.41 16.04 66.76
N ALA N 715 57.11 16.14 67.89
CA ALA N 715 56.67 15.43 69.08
C ALA N 715 55.27 15.86 69.50
N ASP N 716 54.99 17.16 69.44
CA ASP N 716 53.65 17.65 69.77
C ASP N 716 52.61 17.03 68.83
N LEU N 717 52.91 17.00 67.53
CA LEU N 717 51.97 16.39 66.59
C LEU N 717 51.75 14.92 66.91
N HIS N 718 52.83 14.19 67.19
CA HIS N 718 52.71 12.76 67.43
C HIS N 718 51.85 12.49 68.65
N ARG N 719 52.07 13.25 69.72
CA ARG N 719 51.23 13.11 70.90
C ARG N 719 49.78 13.48 70.59
N CYS N 720 49.59 14.48 69.73
CA CYS N 720 48.23 14.83 69.31
C CYS N 720 47.59 13.69 68.53
N HIS N 721 48.36 13.01 67.69
CA HIS N 721 47.78 12.10 66.71
C HIS N 721 48.90 11.36 65.99
N HIS N 722 48.69 10.07 65.75
CA HIS N 722 49.70 9.20 65.17
C HIS N 722 49.08 7.88 64.75
N ALA N 738 60.34 27.51 50.29
CA ALA N 738 60.13 28.38 49.14
C ALA N 738 61.25 28.25 48.12
N ASN N 739 62.43 27.83 48.58
CA ASN N 739 63.60 27.78 47.71
C ASN N 739 64.48 26.60 48.12
N ILE N 740 65.35 26.21 47.17
CA ILE N 740 66.18 25.02 47.37
C ILE N 740 67.24 25.27 48.44
N GLU N 741 67.91 26.41 48.38
CA GLU N 741 69.09 26.63 49.24
C GLU N 741 68.74 26.57 50.72
N PRO N 742 67.73 27.27 51.22
CA PRO N 742 67.39 27.11 52.64
C PRO N 742 66.96 25.68 52.96
N LEU N 743 66.35 24.98 52.01
CA LEU N 743 66.00 23.58 52.24
C LEU N 743 67.25 22.75 52.51
N ILE N 744 68.30 22.96 51.71
CA ILE N 744 69.54 22.23 51.92
C ILE N 744 70.16 22.62 53.26
N GLU N 745 70.14 23.92 53.58
CA GLU N 745 70.74 24.37 54.84
C GLU N 745 70.07 23.69 56.02
N LEU N 746 68.74 23.75 56.08
CA LEU N 746 68.03 23.12 57.20
C LEU N 746 68.19 21.61 57.18
N ALA N 747 68.28 21.00 56.00
CA ALA N 747 68.54 19.56 55.95
C ALA N 747 69.87 19.22 56.61
N GLN N 748 70.91 20.00 56.33
CA GLN N 748 72.18 19.80 57.01
C GLN N 748 72.05 20.01 58.51
N ALA N 749 71.29 21.03 58.91
CA ALA N 749 71.11 21.29 60.34
C ALA N 749 70.42 20.13 61.03
N ILE N 750 69.35 19.61 60.43
CA ILE N 750 68.62 18.48 61.00
C ILE N 750 69.52 17.25 61.08
N LEU N 751 70.28 16.99 60.02
CA LEU N 751 71.20 15.85 60.03
C LEU N 751 72.20 15.97 61.18
N ALA N 752 72.73 17.18 61.40
CA ALA N 752 73.65 17.37 62.52
C ALA N 752 72.94 17.17 63.85
N GLN N 753 71.73 17.71 64.00
CA GLN N 753 71.04 17.66 65.28
C GLN N 753 70.61 16.24 65.63
N GLY N 754 69.98 15.55 64.68
CA GLY N 754 69.43 14.23 64.96
C GLY N 754 68.07 14.32 65.62
N ALA N 755 67.55 13.14 65.97
CA ALA N 755 66.22 13.02 66.54
C ALA N 755 66.25 13.22 68.04
N PRO N 756 65.11 13.61 68.63
CA PRO N 756 65.04 13.70 70.10
C PRO N 756 64.83 12.35 70.75
N GLU N 757 64.62 12.35 72.07
CA GLU N 757 64.49 11.10 72.80
C GLU N 757 63.27 10.32 72.34
N GLY N 758 63.41 9.00 72.26
CA GLY N 758 62.30 8.14 71.91
C GLY N 758 61.69 8.44 70.56
N LEU N 759 62.51 8.78 69.58
CA LEU N 759 62.01 9.12 68.26
C LEU N 759 63.02 8.68 67.21
N HIS N 760 62.57 7.92 66.22
CA HIS N 760 63.38 7.51 65.09
C HIS N 760 62.90 8.26 63.86
N VAL N 761 63.81 8.98 63.22
CA VAL N 761 63.48 9.89 62.12
C VAL N 761 64.00 9.30 60.82
N HIS N 762 63.10 9.15 59.84
CA HIS N 762 63.45 8.76 58.48
C HIS N 762 63.20 9.97 57.58
N LEU N 763 64.27 10.45 56.94
CA LEU N 763 64.24 11.70 56.19
C LEU N 763 64.41 11.40 54.71
N CYS N 764 63.37 11.68 53.93
CA CYS N 764 63.42 11.53 52.48
C CYS N 764 63.54 12.91 51.85
N VAL N 765 64.64 13.14 51.14
CA VAL N 765 64.93 14.41 50.49
C VAL N 765 64.59 14.29 49.02
N TYR N 766 63.82 15.25 48.51
CA TYR N 766 63.42 15.25 47.10
C TYR N 766 63.23 16.71 46.68
N HIS N 767 64.22 17.28 46.02
CA HIS N 767 64.22 18.66 45.58
C HIS N 767 64.21 18.71 44.07
N SER N 768 64.19 19.93 43.53
CA SER N 768 64.07 20.12 42.09
C SER N 768 65.39 20.00 41.35
N ARG N 769 66.52 20.01 42.05
CA ARG N 769 67.83 19.97 41.42
C ARG N 769 68.45 18.59 41.39
N HIS N 770 67.69 17.56 41.80
CA HIS N 770 68.10 16.19 41.52
C HIS N 770 68.03 15.92 40.02
N PRO N 771 68.90 15.05 39.51
CA PRO N 771 68.79 14.67 38.09
C PRO N 771 67.46 14.00 37.80
N LEU N 772 66.99 14.18 36.56
CA LEU N 772 65.72 13.57 36.15
C LEU N 772 65.68 12.09 36.46
N LEU N 773 66.77 11.37 36.22
CA LEU N 773 66.83 9.96 36.60
C LEU N 773 66.47 9.77 38.07
N VAL N 774 67.09 10.57 38.93
CA VAL N 774 66.85 10.44 40.36
C VAL N 774 65.45 10.93 40.71
N ARG N 775 65.01 12.03 40.11
CA ARG N 775 63.66 12.51 40.41
C ARG N 775 62.64 11.44 40.09
N SER N 776 62.81 10.74 38.96
CA SER N 776 61.90 9.66 38.59
C SER N 776 61.94 8.54 39.62
N ALA N 777 63.14 8.15 40.05
CA ALA N 777 63.22 7.04 41.00
C ALA N 777 62.55 7.42 42.33
N ILE N 778 62.81 8.63 42.82
CA ILE N 778 62.21 9.09 44.07
C ILE N 778 60.70 9.14 43.95
N GLU N 779 60.20 9.68 42.84
CA GLU N 779 58.75 9.71 42.62
C GLU N 779 58.18 8.30 42.60
N ARG N 780 58.89 7.36 41.98
CA ARG N 780 58.41 5.98 41.95
C ARG N 780 58.30 5.40 43.35
N GLN N 781 59.34 5.59 44.16
CA GLN N 781 59.32 5.06 45.51
C GLN N 781 58.21 5.70 46.33
N LEU N 782 58.07 7.02 46.25
CA LEU N 782 57.05 7.71 47.03
C LEU N 782 55.65 7.27 46.60
N ASP N 783 55.44 7.12 45.28
CA ASP N 783 54.15 6.65 44.80
C ASP N 783 53.83 5.27 45.35
N GLU N 784 54.82 4.38 45.37
CA GLU N 784 54.57 3.02 45.83
C GLU N 784 54.28 2.99 47.33
N LEU N 785 55.03 3.76 48.12
CA LEU N 785 55.00 3.60 49.56
C LEU N 785 53.86 4.38 50.22
N LEU N 786 53.45 5.50 49.64
CA LEU N 786 52.48 6.38 50.29
C LEU N 786 51.08 6.16 49.75
N ALA N 794 47.19 -2.45 59.62
CA ALA N 794 47.60 -3.84 59.65
C ALA N 794 48.15 -4.26 58.29
N ALA N 795 47.47 -3.86 57.23
CA ALA N 795 47.97 -4.13 55.88
C ALA N 795 49.13 -3.22 55.53
N LEU N 796 49.13 -1.98 56.07
CA LEU N 796 50.21 -1.05 55.75
C LEU N 796 51.56 -1.58 56.24
N PHE N 797 51.59 -2.14 57.45
CA PHE N 797 52.85 -2.59 58.04
C PHE N 797 53.46 -3.77 57.30
N ALA N 798 52.71 -4.41 56.41
CA ALA N 798 53.22 -5.54 55.65
C ALA N 798 54.10 -5.13 54.48
N ARG N 799 54.16 -3.84 54.16
CA ARG N 799 54.97 -3.40 53.02
C ARG N 799 56.45 -3.60 53.30
N PRO N 800 57.24 -3.89 52.27
CA PRO N 800 58.64 -4.28 52.49
C PRO N 800 59.44 -3.22 53.24
N THR N 801 59.47 -2.00 52.71
CA THR N 801 60.33 -0.97 53.30
C THR N 801 59.89 -0.65 54.73
N LEU N 802 58.58 -0.55 54.97
CA LEU N 802 58.09 -0.22 56.30
C LEU N 802 58.46 -1.31 57.30
N ALA N 803 58.26 -2.57 56.92
CA ALA N 803 58.64 -3.67 57.81
C ALA N 803 60.15 -3.70 58.05
N LYS N 804 60.93 -3.47 56.99
CA LYS N 804 62.38 -3.43 57.15
C LYS N 804 62.80 -2.35 58.12
N ALA N 805 62.21 -1.16 58.02
CA ALA N 805 62.54 -0.05 58.92
C ALA N 805 62.15 -0.38 60.34
N PRO N 822 58.93 23.57 46.46
CA PRO N 822 57.56 23.82 46.00
C PRO N 822 57.11 22.88 44.89
N VAL N 823 58.07 22.20 44.25
CA VAL N 823 57.74 21.23 43.21
C VAL N 823 56.83 20.12 43.71
N ALA N 824 56.67 19.99 45.03
CA ALA N 824 55.75 19.02 45.59
C ALA N 824 54.29 19.36 45.32
N GLU N 825 54.02 20.57 44.82
CA GLU N 825 52.65 21.09 44.73
C GLU N 825 51.99 20.77 43.39
N VAL N 826 52.46 19.76 42.68
CA VAL N 826 51.92 19.44 41.36
C VAL N 826 51.88 17.93 41.15
N TYR N 832 49.37 12.44 53.87
CA TYR N 832 50.22 12.58 55.04
C TYR N 832 49.39 12.91 56.28
N ASP N 833 49.96 12.67 57.45
CA ASP N 833 49.26 12.87 58.71
C ASP N 833 49.46 14.28 59.27
N TRP N 834 50.40 15.05 58.73
CA TRP N 834 50.82 16.30 59.32
C TRP N 834 51.92 16.89 58.44
N ALA N 835 52.10 18.21 58.54
CA ALA N 835 53.09 18.89 57.71
C ALA N 835 53.49 20.20 58.37
N ILE N 836 54.68 20.68 57.98
CA ILE N 836 55.21 21.96 58.42
C ILE N 836 55.47 22.78 57.16
N VAL N 837 54.92 23.99 57.11
CA VAL N 837 54.91 24.77 55.88
C VAL N 837 55.46 26.17 56.15
N GLU N 838 56.34 26.62 55.25
CA GLU N 838 56.74 28.03 55.18
C GLU N 838 55.78 28.79 54.28
N PRO N 839 55.24 29.91 54.72
CA PRO N 839 54.20 30.59 53.93
C PRO N 839 54.75 31.15 52.64
N SER N 840 54.04 30.91 51.53
CA SER N 840 54.37 31.48 50.23
C SER N 840 53.17 32.14 49.56
N SER N 841 51.99 31.56 49.67
CA SER N 841 50.78 32.09 49.06
C SER N 841 49.61 31.20 49.46
N MET N 842 48.40 31.65 49.14
CA MET N 842 47.21 30.87 49.47
C MET N 842 47.14 29.59 48.65
N ARG N 843 47.54 29.66 47.37
CA ARG N 843 47.51 28.46 46.54
C ARG N 843 48.35 27.36 47.16
N SER N 844 49.58 27.70 47.56
CA SER N 844 50.42 26.71 48.23
C SER N 844 49.79 26.26 49.53
N ILE N 845 49.22 27.20 50.28
CA ILE N 845 48.67 26.87 51.59
C ILE N 845 47.61 25.79 51.44
N ILE N 846 46.68 25.98 50.51
CA ILE N 846 45.57 25.05 50.37
C ILE N 846 46.06 23.74 49.75
N GLN N 847 46.85 23.81 48.68
CA GLN N 847 47.16 22.59 47.95
C GLN N 847 48.07 21.69 48.78
N LEU N 848 49.04 22.28 49.48
CA LEU N 848 49.75 21.56 50.54
C LEU N 848 48.77 21.00 51.57
N ALA N 849 47.82 21.83 52.02
CA ALA N 849 46.80 21.34 52.93
C ALA N 849 46.02 20.18 52.33
N GLY N 850 45.83 20.18 51.01
CA GLY N 850 45.15 19.08 50.37
C GLY N 850 45.90 17.76 50.46
N ARG N 851 47.20 17.81 50.73
CA ARG N 851 47.99 16.59 50.89
C ARG N 851 47.69 15.86 52.18
N ILE N 852 46.94 16.46 53.10
CA ILE N 852 46.78 15.92 54.45
C ILE N 852 45.50 15.10 54.50
N ARG N 853 45.60 13.88 55.03
CA ARG N 853 44.46 12.97 55.14
C ARG N 853 43.72 12.88 53.81
N ARG N 854 44.45 12.96 52.70
CA ARG N 854 43.80 13.01 51.39
C ARG N 854 43.02 11.73 51.12
N HIS N 855 43.61 10.58 51.42
CA HIS N 855 42.99 9.29 51.07
C HIS N 855 42.32 8.66 52.28
N ASN N 864 46.51 20.02 62.56
CA ASN N 864 47.28 18.96 61.91
C ASN N 864 48.44 19.53 61.11
N LEU N 865 48.32 20.81 60.72
CA LEU N 865 49.35 21.50 59.95
C LEU N 865 49.73 22.77 60.68
N TYR N 866 51.02 23.02 60.83
CA TYR N 866 51.52 24.24 61.44
C TYR N 866 52.22 25.10 60.38
N LEU N 867 51.91 26.40 60.41
CA LEU N 867 52.47 27.36 59.46
C LEU N 867 53.45 28.28 60.17
N LEU N 868 54.62 28.48 59.56
CA LEU N 868 55.52 29.55 59.98
C LEU N 868 54.86 30.89 59.77
N SER N 869 54.91 31.74 60.81
CA SER N 869 54.22 33.02 60.77
C SER N 869 54.80 33.95 59.70
N ARG N 870 56.03 33.71 59.27
CA ARG N 870 56.66 34.55 58.26
C ARG N 870 57.57 33.66 57.40
N ASN N 871 57.88 34.15 56.21
CA ASN N 871 58.76 33.45 55.29
C ASN N 871 60.18 33.94 55.48
N ILE N 872 61.14 33.02 55.33
CA ILE N 872 62.51 33.29 55.76
C ILE N 872 63.02 34.60 55.19
N ARG N 873 62.62 34.95 53.97
CA ARG N 873 63.01 36.24 53.40
C ARG N 873 62.42 37.39 54.19
N SER N 874 61.23 37.20 54.80
CA SER N 874 60.69 38.22 55.68
C SER N 874 61.52 38.33 56.96
N LEU N 875 61.98 37.19 57.49
CA LEU N 875 62.87 37.23 58.66
C LEU N 875 64.15 38.00 58.35
N GLU N 876 64.60 37.96 57.10
CA GLU N 876 65.76 38.74 56.69
C GLU N 876 65.44 40.21 56.46
N GLY N 877 64.17 40.60 56.54
CA GLY N 877 63.78 41.99 56.46
C GLY N 877 63.60 42.53 55.07
N GLN N 878 63.66 41.69 54.04
CA GLN N 878 63.45 42.17 52.68
C GLN N 878 62.08 42.82 52.55
N ASN N 879 62.06 44.04 52.01
CA ASN N 879 60.83 44.83 52.04
C ASN N 879 59.70 44.15 51.28
N PRO N 880 59.86 43.77 50.01
CA PRO N 880 58.84 42.91 49.36
C PRO N 880 59.13 41.43 49.60
N ALA N 881 58.87 40.99 50.83
CA ALA N 881 59.35 39.67 51.26
C ALA N 881 58.81 38.56 50.36
N PHE N 882 57.56 38.68 49.92
CA PHE N 882 56.94 37.65 49.11
C PHE N 882 57.20 37.82 47.61
N GLN N 883 58.26 38.53 47.24
CA GLN N 883 58.48 38.83 45.84
C GLN N 883 58.70 37.56 45.02
N ARG N 884 59.47 36.62 45.55
CA ARG N 884 59.80 35.41 44.81
C ARG N 884 58.63 34.43 44.80
N PRO N 885 58.06 34.10 45.95
CA PRO N 885 56.94 33.15 45.96
C PRO N 885 55.63 33.77 45.54
N GLY N 886 55.38 35.01 45.97
CA GLY N 886 54.15 35.72 45.67
C GLY N 886 54.39 36.90 44.74
N PHE N 887 53.27 37.55 44.39
CA PHE N 887 53.30 38.67 43.45
C PHE N 887 53.43 40.01 44.14
N GLU N 888 54.08 40.05 45.30
CA GLU N 888 54.48 41.32 45.90
C GLU N 888 55.59 41.96 45.10
N THR N 889 55.60 43.29 45.06
CA THR N 889 56.59 44.03 44.31
C THR N 889 56.68 45.43 44.88
N PRO N 890 57.79 46.14 44.65
CA PRO N 890 57.89 47.51 45.19
C PRO N 890 56.75 48.41 44.74
N ASP N 891 56.11 48.11 43.60
CA ASP N 891 54.95 48.88 43.20
C ASP N 891 53.74 48.49 44.03
N PHE N 892 53.72 47.26 44.52
CA PHE N 892 52.52 46.62 45.05
C PHE N 892 52.89 45.87 46.31
N PRO N 893 53.20 46.59 47.39
CA PRO N 893 53.71 45.94 48.58
C PRO N 893 52.65 45.66 49.66
N LEU N 894 53.03 44.91 50.68
CA LEU N 894 52.24 44.78 51.90
C LEU N 894 52.72 45.76 52.95
N ASP N 895 51.80 46.16 53.85
CA ASP N 895 52.20 47.01 54.96
C ASP N 895 52.82 46.19 56.08
N SER N 896 52.69 44.87 56.02
CA SER N 896 53.34 44.01 56.99
C SER N 896 53.34 42.60 56.43
N HIS N 897 54.26 41.82 56.95
CA HIS N 897 54.46 40.41 56.65
C HIS N 897 54.12 39.40 57.75
N ASP N 898 53.62 39.85 58.90
CA ASP N 898 53.14 38.91 59.91
C ASP N 898 51.86 38.28 59.37
N LEU N 899 51.80 36.95 59.31
CA LEU N 899 50.61 36.27 58.77
C LEU N 899 49.35 36.65 59.56
N ALA N 906 38.95 33.58 60.31
CA ALA N 906 37.89 32.59 60.18
C ALA N 906 38.31 31.46 59.26
N LEU N 907 39.21 31.77 58.32
CA LEU N 907 39.69 30.76 57.39
C LEU N 907 40.49 29.67 58.08
N LEU N 908 40.94 29.91 59.31
CA LEU N 908 41.77 28.92 60.00
C LEU N 908 41.01 27.63 60.25
N ALA N 909 39.68 27.71 60.41
CA ALA N 909 38.89 26.52 60.67
C ALA N 909 38.72 25.70 59.39
N ARG N 910 38.13 26.30 58.36
CA ARG N 910 37.89 25.62 57.09
C ARG N 910 38.94 26.10 56.08
N ILE N 911 39.80 25.17 55.65
CA ILE N 911 40.83 25.48 54.66
C ILE N 911 40.20 25.20 53.29
N ASP N 912 39.52 26.21 52.76
CA ASP N 912 38.81 26.09 51.49
C ASP N 912 39.40 27.07 50.48
N ALA N 913 39.22 26.74 49.20
CA ALA N 913 39.66 27.61 48.12
C ALA N 913 38.83 28.88 48.02
N SER N 914 37.75 28.99 48.79
CA SER N 914 36.80 30.09 48.74
C SER N 914 37.46 31.45 48.55
N PRO N 915 38.36 31.87 49.44
CA PRO N 915 38.79 33.28 49.42
C PRO N 915 39.35 33.74 48.09
N ARG N 916 40.12 32.90 47.40
CA ARG N 916 40.67 33.27 46.10
C ARG N 916 39.88 32.73 44.93
N ILE N 917 38.93 31.83 45.16
CA ILE N 917 38.10 31.35 44.06
C ILE N 917 37.05 32.40 43.70
N VAL N 918 36.65 33.21 44.66
CA VAL N 918 35.80 34.37 44.42
C VAL N 918 36.68 35.60 44.37
N GLU N 919 36.15 36.67 43.78
CA GLU N 919 36.81 37.97 43.79
C GLU N 919 35.98 38.94 44.61
N PRO N 920 36.48 39.46 45.73
CA PRO N 920 35.72 40.43 46.51
C PRO N 920 35.65 41.80 45.84
N ARG N 926 46.82 45.98 50.73
CA ARG N 926 47.95 46.18 51.64
C ARG N 926 47.82 45.29 52.87
N SER N 927 46.57 44.95 53.24
CA SER N 927 46.28 44.17 54.44
C SER N 927 45.77 42.77 54.12
N ARG N 928 45.65 42.42 52.85
CA ARG N 928 45.14 41.11 52.47
C ARG N 928 45.87 40.68 51.19
N LEU N 929 46.81 39.75 51.33
CA LEU N 929 47.58 39.31 50.18
C LEU N 929 46.67 38.84 49.05
N VAL N 930 45.59 38.14 49.39
CA VAL N 930 44.67 37.64 48.38
C VAL N 930 44.09 38.80 47.58
N ASP N 931 43.74 39.89 48.27
CA ASP N 931 43.22 41.06 47.57
C ASP N 931 44.27 41.60 46.60
N LEU N 932 45.53 41.67 47.04
CA LEU N 932 46.57 42.22 46.19
C LEU N 932 46.74 41.36 44.94
N GLU N 933 46.70 40.05 45.09
CA GLU N 933 46.82 39.15 43.94
C GLU N 933 45.65 39.35 42.99
N HIS N 934 44.44 39.42 43.53
CA HIS N 934 43.27 39.69 42.68
C HIS N 934 43.48 40.97 41.89
N ARG N 935 43.93 42.03 42.56
CA ARG N 935 44.15 43.29 41.88
C ARG N 935 45.20 43.15 40.79
N ARG N 936 46.28 42.41 41.07
CA ARG N 936 47.33 42.23 40.07
C ARG N 936 46.78 41.53 38.83
N LEU N 937 46.07 40.42 39.01
CA LEU N 937 45.44 39.73 37.89
C LEU N 937 44.52 40.65 37.09
N ARG N 938 43.58 41.29 37.77
CA ARG N 938 42.63 42.15 37.06
C ARG N 938 43.35 43.26 36.31
N ALA N 939 44.35 43.87 36.94
CA ALA N 939 45.09 44.94 36.29
C ALA N 939 45.86 44.40 35.09
N LEU N 940 46.46 43.23 35.22
CA LEU N 940 47.44 42.78 34.24
C LEU N 940 46.74 42.38 32.96
N MET N 941 45.54 41.80 33.08
CA MET N 941 44.96 41.09 31.94
C MET N 941 43.50 41.44 31.70
N LEU N 942 42.92 42.37 32.46
CA LEU N 942 41.61 42.92 32.17
C LEU N 942 41.65 44.42 31.91
N ALA N 943 42.31 45.17 32.78
CA ALA N 943 42.34 46.62 32.66
C ALA N 943 43.11 47.05 31.42
N ASP N 944 42.69 48.18 30.85
CA ASP N 944 43.39 48.80 29.73
C ASP N 944 44.47 49.76 30.18
N ASP N 945 44.31 50.38 31.36
CA ASP N 945 45.26 51.37 31.88
C ASP N 945 45.60 51.00 33.32
N PRO N 946 46.31 49.90 33.52
CA PRO N 946 46.69 49.50 34.88
C PRO N 946 47.84 50.35 35.39
N PRO N 947 48.14 50.27 36.68
CA PRO N 947 49.29 51.01 37.20
C PRO N 947 50.60 50.50 36.62
N SER N 948 51.63 51.33 36.72
CA SER N 948 52.95 51.00 36.20
C SER N 948 52.93 50.93 34.67
N SER N 949 53.90 50.25 34.09
CA SER N 949 54.03 50.24 32.63
C SER N 949 52.80 49.62 31.99
N LEU N 950 52.44 50.15 30.82
CA LEU N 950 51.20 49.82 30.14
C LEU N 950 51.49 48.88 28.97
N LEU N 951 51.38 47.57 29.23
CA LEU N 951 51.58 46.57 28.18
C LEU N 951 50.59 45.43 28.36
N GLY N 952 49.32 45.78 28.53
CA GLY N 952 48.30 44.79 28.88
C GLY N 952 48.25 43.63 27.90
N VAL N 953 47.58 42.57 28.35
CA VAL N 953 47.52 41.34 27.57
C VAL N 953 46.84 41.53 26.21
N PRO N 954 45.64 42.09 26.13
CA PRO N 954 44.86 41.98 24.88
C PRO N 954 45.54 42.57 23.67
N LEU N 955 46.61 43.35 23.84
CA LEU N 955 47.34 43.88 22.69
C LEU N 955 47.75 42.77 21.73
N TRP N 956 47.82 41.53 22.20
CA TRP N 956 48.26 40.41 21.37
C TRP N 956 47.38 40.24 20.14
N TRP N 957 46.05 40.35 20.31
CA TRP N 957 45.12 40.13 19.21
C TRP N 957 44.40 41.39 18.76
N GLN N 958 44.43 42.46 19.55
CA GLN N 958 43.78 43.70 19.13
C GLN N 958 44.66 44.53 18.20
N THR N 959 45.86 44.06 17.90
CA THR N 959 46.76 44.78 17.00
C THR N 959 47.50 43.79 16.12
N PRO N 960 48.28 44.27 15.15
CA PRO N 960 49.10 43.35 14.35
C PRO N 960 50.35 42.87 15.07
N ALA N 961 50.37 43.06 16.39
CA ALA N 961 51.54 42.72 17.19
C ALA N 961 52.19 41.41 16.76
N SER N 962 51.38 40.38 16.52
CA SER N 962 51.91 39.06 16.24
C SER N 962 52.79 39.03 14.99
N LEU N 963 52.87 40.14 14.25
CA LEU N 963 53.82 40.24 13.15
C LEU N 963 55.26 40.47 13.60
N SER N 964 55.49 40.68 14.90
CA SER N 964 56.81 40.97 15.42
C SER N 964 57.07 40.15 16.66
N GLY N 965 58.31 40.14 17.10
CA GLY N 965 58.67 39.53 18.35
C GLY N 965 58.54 40.46 19.53
N ALA N 966 57.89 41.60 19.32
CA ALA N 966 57.85 42.64 20.33
C ALA N 966 57.23 42.12 21.63
N LEU N 967 56.04 41.53 21.54
CA LEU N 967 55.40 41.20 22.81
C LEU N 967 56.10 40.03 23.49
N GLN N 968 56.64 39.10 22.69
CA GLN N 968 57.45 38.02 23.27
C GLN N 968 58.69 38.55 23.95
N THR N 969 59.17 39.71 23.51
CA THR N 969 60.33 40.31 24.14
C THR N 969 59.95 40.99 25.45
N SER N 970 58.93 41.83 25.42
CA SER N 970 58.62 42.66 26.57
C SER N 970 57.82 41.94 27.65
N GLN N 971 57.23 40.79 27.35
CA GLN N 971 56.51 39.98 28.33
C GLN N 971 57.02 38.54 28.22
N PRO N 972 58.29 38.32 28.52
CA PRO N 972 58.90 37.02 28.19
C PRO N 972 58.43 35.93 29.14
N PHE N 973 58.70 34.70 28.72
CA PHE N 973 58.26 33.51 29.42
C PHE N 973 59.42 32.88 30.17
N ARG N 974 59.16 32.42 31.39
CA ARG N 974 60.20 31.94 32.30
C ARG N 974 61.32 32.97 32.40
N ALA N 975 60.93 34.20 32.73
CA ALA N 975 61.81 35.35 32.63
C ALA N 975 62.88 35.34 33.73
N GLY N 976 63.84 36.24 33.59
CA GLY N 976 64.81 36.51 34.63
C GLY N 976 66.10 35.74 34.52
N ALA N 977 66.75 35.51 35.67
CA ALA N 977 68.02 34.82 35.69
C ALA N 977 67.89 33.45 35.03
N LYS N 978 68.91 33.07 34.26
CA LYS N 978 68.83 31.92 33.37
C LYS N 978 69.90 30.90 33.74
N GLU N 979 69.63 29.66 33.34
CA GLU N 979 70.46 28.52 33.69
C GLU N 979 71.51 28.28 32.61
N ARG N 980 72.37 27.29 32.85
CA ARG N 980 73.20 26.68 31.82
C ARG N 980 73.22 25.18 32.08
N CYS N 981 73.04 24.40 31.02
CA CYS N 981 72.85 22.96 31.20
C CYS N 981 74.12 22.33 31.74
N TYR N 982 74.02 21.73 32.93
CA TYR N 982 75.12 20.98 33.51
C TYR N 982 74.70 19.53 33.73
N SER N 1005 81.83 20.18 27.66
CA SER N 1005 83.13 20.65 28.13
C SER N 1005 83.29 20.37 29.62
N ASN N 1006 84.30 19.57 29.96
CA ASN N 1006 84.53 19.22 31.35
C ASN N 1006 84.91 20.46 32.15
N GLN N 1007 84.28 20.61 33.32
CA GLN N 1007 84.53 21.72 34.22
C GLN N 1007 84.65 21.22 35.65
N ASP N 1008 85.45 20.15 35.83
CA ASP N 1008 85.63 19.58 37.15
C ASP N 1008 86.24 20.56 38.14
N ASN N 1009 86.96 21.57 37.65
CA ASN N 1009 87.55 22.56 38.56
C ASN N 1009 86.45 23.31 39.31
N LEU N 1010 85.34 23.60 38.64
CA LEU N 1010 84.25 24.29 39.31
C LEU N 1010 83.64 23.44 40.41
N LEU N 1011 83.70 22.11 40.26
CA LEU N 1011 83.13 21.22 41.26
C LEU N 1011 84.01 21.21 42.51
N ARG N 1012 83.37 21.28 43.68
CA ARG N 1012 84.05 21.18 44.96
C ARG N 1012 83.27 20.21 45.83
N ASN N 1013 83.92 19.12 46.22
CA ASN N 1013 83.24 18.05 46.97
C ASN N 1013 82.79 18.55 48.34
N THR N 1024 67.76 7.97 56.37
CA THR N 1024 67.11 8.43 55.15
C THR N 1024 66.34 7.29 54.48
N TRP N 1025 65.19 7.62 53.91
CA TRP N 1025 64.37 6.67 53.17
C TRP N 1025 64.05 7.24 51.79
N GLY N 1026 63.93 6.34 50.82
CA GLY N 1026 63.70 6.77 49.45
C GLY N 1026 64.93 7.28 48.74
N THR N 1027 66.12 7.04 49.28
CA THR N 1027 67.34 7.51 48.64
C THR N 1027 67.65 6.70 47.39
N VAL N 1028 68.37 7.31 46.47
CA VAL N 1028 68.70 6.72 45.19
C VAL N 1028 70.18 6.91 44.91
N ASN N 1029 70.83 5.86 44.41
CA ASN N 1029 72.22 5.94 43.99
C ASN N 1029 72.26 6.26 42.50
N TYR N 1030 72.95 7.36 42.15
CA TYR N 1030 72.97 7.80 40.75
C TYR N 1030 73.53 6.72 39.85
N ARG N 1031 74.62 6.09 40.24
CA ARG N 1031 75.26 5.08 39.40
C ARG N 1031 74.35 3.87 39.21
N GLU N 1032 73.70 3.40 40.28
CA GLU N 1032 72.92 2.17 40.19
C GLU N 1032 71.71 2.37 39.27
N GLU N 1033 70.95 3.43 39.50
CA GLU N 1033 69.80 3.71 38.66
C GLU N 1033 70.24 3.99 37.23
N LEU N 1034 71.34 4.72 37.04
CA LEU N 1034 71.81 5.01 35.71
C LEU N 1034 72.19 3.73 34.97
N VAL N 1035 72.88 2.81 35.65
CA VAL N 1035 73.26 1.54 35.03
C VAL N 1035 72.02 0.74 34.65
N ALA N 1036 71.03 0.68 35.55
CA ALA N 1036 69.81 -0.08 35.23
C ALA N 1036 69.06 0.56 34.06
N MET N 1037 68.92 1.87 34.09
CA MET N 1037 68.10 2.56 33.09
C MET N 1037 68.80 2.60 31.74
N ALA N 1038 70.13 2.59 31.72
CA ALA N 1038 70.83 2.49 30.44
C ALA N 1038 70.49 1.19 29.73
N GLY N 1039 70.41 0.10 30.48
CA GLY N 1039 69.93 -1.16 29.90
C GLY N 1039 68.49 -1.09 29.46
N ARG N 1040 67.62 -0.52 30.31
CA ARG N 1040 66.23 -0.33 29.89
C ARG N 1040 66.12 0.53 28.64
N GLU N 1041 67.02 1.50 28.49
CA GLU N 1041 67.02 2.46 27.39
C GLU N 1041 67.87 2.01 26.21
N ASP N 1042 68.74 1.01 26.38
CA ASP N 1042 69.63 0.56 25.34
C ASP N 1042 70.56 1.68 24.88
N LEU N 1043 71.39 2.14 25.80
CA LEU N 1043 72.35 3.21 25.55
C LEU N 1043 73.63 2.95 26.33
N ASP N 1044 74.70 3.60 25.89
CA ASP N 1044 75.92 3.65 26.68
C ASP N 1044 75.70 4.51 27.93
N LEU N 1045 76.44 4.18 28.99
CA LEU N 1045 76.20 4.82 30.28
C LEU N 1045 76.37 6.33 30.19
N ARG N 1046 77.46 6.78 29.55
CA ARG N 1046 77.67 8.22 29.41
C ARG N 1046 76.61 8.86 28.52
N GLN N 1047 76.23 8.19 27.42
CA GLN N 1047 75.16 8.73 26.59
C GLN N 1047 73.84 8.80 27.35
N CYS N 1048 73.54 7.76 28.13
CA CYS N 1048 72.36 7.82 28.98
C CYS N 1048 72.45 8.98 29.94
N ALA N 1049 73.65 9.26 30.46
CA ALA N 1049 73.81 10.36 31.39
C ALA N 1049 73.49 11.69 30.70
N MET N 1050 73.98 11.85 29.47
CA MET N 1050 73.68 13.08 28.75
C MET N 1050 72.19 13.21 28.52
N ARG N 1051 71.47 12.09 28.48
CA ARG N 1051 70.04 12.14 28.22
C ARG N 1051 69.23 12.45 29.47
N TYR N 1052 69.67 11.97 30.63
CA TYR N 1052 68.90 12.08 31.87
C TYR N 1052 69.65 12.68 33.04
N GLY N 1053 70.95 12.93 32.93
CA GLY N 1053 71.71 13.55 33.99
C GLY N 1053 71.64 15.06 34.04
N GLU N 1054 70.84 15.67 33.18
CA GLU N 1054 70.77 17.12 33.11
C GLU N 1054 70.22 17.69 34.42
N VAL N 1055 70.73 18.87 34.77
CA VAL N 1055 70.16 19.67 35.85
C VAL N 1055 70.25 21.13 35.45
N ARG N 1056 69.20 21.90 35.77
CA ARG N 1056 69.13 23.31 35.39
C ARG N 1056 69.77 24.17 36.49
N LEU N 1057 71.08 24.04 36.61
CA LEU N 1057 71.83 24.79 37.60
C LEU N 1057 72.09 26.21 37.10
N ARG N 1058 72.24 27.14 38.05
CA ARG N 1058 72.66 28.48 37.73
C ARG N 1058 74.16 28.53 37.49
N GLU N 1059 74.58 29.37 36.55
CA GLU N 1059 75.98 29.47 36.17
C GLU N 1059 76.78 30.20 37.23
#